data_2LZF
#
_entry.id   2LZF
#
_entity_poly.entity_id   1
_entity_poly.type   'polypeptide(L)'
_entity_poly.pdbx_seq_one_letter_code
;GSHMRMSLIGERFTEEEQKLLLNILINHEYAIELLSSEINDIETGTKNVDGTTYKKLVTLYDRFRFEN
;
_entity_poly.pdbx_strand_id   A,B
#
# COMPACT_ATOMS: atom_id res chain seq x y z
N GLY A 1 -21.40 16.41 13.56
CA GLY A 1 -20.36 15.58 12.91
C GLY A 1 -18.98 15.83 13.49
N SER A 2 -18.06 14.88 13.28
CA SER A 2 -16.66 14.94 13.73
C SER A 2 -15.71 14.19 12.79
N HIS A 3 -14.43 14.58 12.76
CA HIS A 3 -13.38 13.93 11.98
C HIS A 3 -12.72 12.75 12.72
N MET A 4 -13.08 12.48 13.98
CA MET A 4 -12.41 11.53 14.88
C MET A 4 -12.22 10.15 14.23
N ARG A 5 -10.95 9.74 14.05
CA ARG A 5 -10.54 8.62 13.18
C ARG A 5 -10.95 7.26 13.71
N MET A 6 -11.14 6.31 12.79
CA MET A 6 -11.51 4.92 13.10
C MET A 6 -10.49 3.87 12.64
N SER A 7 -9.30 4.32 12.24
CA SER A 7 -8.18 3.54 11.70
C SER A 7 -8.55 2.50 10.64
N LEU A 8 -8.88 1.25 10.96
CA LEU A 8 -9.28 0.26 9.96
C LEU A 8 -10.52 -0.54 10.37
N ILE A 9 -11.67 -0.03 9.92
CA ILE A 9 -13.01 -0.59 10.10
C ILE A 9 -13.22 -1.83 9.21
N GLY A 10 -12.59 -1.84 8.02
CA GLY A 10 -12.81 -2.84 6.95
C GLY A 10 -13.84 -2.44 5.88
N GLU A 11 -14.53 -1.31 6.02
CA GLU A 11 -15.37 -0.70 4.98
C GLU A 11 -14.91 0.72 4.69
N ARG A 12 -15.10 1.62 5.68
CA ARG A 12 -14.75 3.03 5.60
C ARG A 12 -15.36 3.79 4.42
N PHE A 13 -16.56 3.36 4.01
CA PHE A 13 -17.38 3.96 2.97
C PHE A 13 -17.67 5.44 3.24
N THR A 14 -18.13 6.22 2.27
CA THR A 14 -18.36 7.69 2.35
C THR A 14 -18.87 8.25 3.70
N GLU A 15 -19.86 7.62 4.37
CA GLU A 15 -20.32 8.06 5.71
C GLU A 15 -19.36 7.67 6.86
N GLU A 16 -18.68 6.53 6.73
CA GLU A 16 -17.63 6.01 7.61
C GLU A 16 -16.21 6.45 7.18
N GLU A 17 -16.10 7.34 6.19
CA GLU A 17 -14.83 7.78 5.58
C GLU A 17 -13.99 8.69 6.50
N GLN A 18 -14.53 9.17 7.64
CA GLN A 18 -13.86 10.12 8.55
C GLN A 18 -12.39 9.76 8.86
N LYS A 19 -12.06 8.48 8.78
CA LYS A 19 -10.69 7.97 8.72
C LYS A 19 -9.83 8.63 7.62
N LEU A 20 -10.19 8.37 6.37
CA LEU A 20 -9.47 8.74 5.15
C LEU A 20 -9.51 10.27 4.97
N LEU A 21 -10.67 10.82 5.32
CA LEU A 21 -11.02 12.22 5.52
C LEU A 21 -10.06 12.92 6.47
N LEU A 22 -9.75 12.33 7.63
CA LEU A 22 -8.92 13.07 8.59
C LEU A 22 -7.46 13.03 8.10
N ASN A 23 -7.08 11.85 7.61
CA ASN A 23 -5.79 11.56 7.04
C ASN A 23 -5.43 12.45 5.83
N ILE A 24 -6.37 12.78 4.96
CA ILE A 24 -6.14 13.76 3.87
C ILE A 24 -6.21 15.21 4.37
N LEU A 25 -6.98 15.49 5.43
CA LEU A 25 -7.16 16.83 5.98
C LEU A 25 -5.92 17.33 6.76
N ILE A 26 -5.16 16.42 7.39
CA ILE A 26 -3.89 16.73 8.10
C ILE A 26 -2.68 16.90 7.15
N ASN A 27 -1.48 17.03 7.74
CA ASN A 27 -0.21 17.38 7.11
C ASN A 27 0.14 16.56 5.85
N HIS A 28 -0.11 15.24 5.89
CA HIS A 28 0.06 14.31 4.77
C HIS A 28 -0.88 13.09 4.92
N GLU A 29 -1.15 12.39 3.81
CA GLU A 29 -1.94 11.15 3.80
C GLU A 29 -1.29 10.04 4.65
N TYR A 30 -2.14 9.20 5.26
CA TYR A 30 -1.72 8.25 6.31
C TYR A 30 -2.36 6.85 6.21
N ALA A 31 -3.57 6.72 5.65
CA ALA A 31 -4.18 5.41 5.38
C ALA A 31 -3.23 4.46 4.62
N ILE A 32 -2.44 5.04 3.73
CA ILE A 32 -1.44 4.35 2.91
C ILE A 32 -0.30 3.73 3.74
N GLU A 33 0.14 4.41 4.81
CA GLU A 33 1.12 3.86 5.75
C GLU A 33 0.61 2.54 6.36
N LEU A 34 -0.66 2.54 6.78
CA LEU A 34 -1.35 1.35 7.20
C LEU A 34 -1.41 0.32 6.06
N LEU A 35 -1.73 0.70 4.82
CA LEU A 35 -1.81 -0.24 3.69
C LEU A 35 -0.52 -1.08 3.55
N SER A 36 0.65 -0.45 3.46
CA SER A 36 1.91 -1.19 3.30
C SER A 36 2.26 -2.02 4.54
N SER A 37 1.97 -1.47 5.73
CA SER A 37 2.16 -2.21 6.99
C SER A 37 1.26 -3.47 7.03
N GLU A 38 0.02 -3.31 6.58
CA GLU A 38 -1.06 -4.30 6.60
C GLU A 38 -0.76 -5.42 5.61
N ILE A 39 -0.51 -5.07 4.34
CA ILE A 39 -0.19 -6.07 3.32
C ILE A 39 1.02 -6.92 3.72
N ASN A 40 2.06 -6.29 4.29
CA ASN A 40 3.19 -7.09 4.77
C ASN A 40 2.87 -7.91 6.04
N ASP A 41 1.91 -7.48 6.87
CA ASP A 41 1.42 -8.29 7.99
C ASP A 41 0.68 -9.57 7.52
N ILE A 42 0.09 -9.56 6.32
CA ILE A 42 -0.39 -10.80 5.66
C ILE A 42 0.77 -11.56 5.02
N GLU A 43 1.58 -10.88 4.19
CA GLU A 43 2.59 -11.50 3.30
C GLU A 43 3.73 -12.21 4.07
N THR A 44 4.22 -11.54 5.11
CA THR A 44 5.33 -12.04 5.97
C THR A 44 4.95 -12.09 7.45
N GLY A 45 4.04 -11.23 7.94
CA GLY A 45 3.51 -11.34 9.30
C GLY A 45 2.62 -12.59 9.52
N THR A 46 2.13 -13.16 8.42
CA THR A 46 1.26 -14.36 8.36
C THR A 46 0.00 -14.27 9.25
N LYS A 47 -0.65 -13.09 9.24
CA LYS A 47 -2.01 -12.91 9.78
C LYS A 47 -3.00 -13.89 9.10
N ASN A 48 -3.94 -14.41 9.88
CA ASN A 48 -4.98 -15.34 9.45
C ASN A 48 -6.23 -15.20 10.36
N VAL A 49 -7.37 -14.88 9.74
CA VAL A 49 -8.67 -14.65 10.40
C VAL A 49 -9.80 -14.75 9.35
N ASP A 50 -11.04 -14.87 9.80
CA ASP A 50 -12.26 -15.21 9.05
C ASP A 50 -12.82 -14.04 8.21
N GLY A 51 -12.00 -13.58 7.29
CA GLY A 51 -12.22 -12.48 6.34
C GLY A 51 -11.92 -11.10 6.89
N THR A 52 -11.65 -10.93 8.18
CA THR A 52 -11.36 -9.62 8.78
C THR A 52 -10.12 -8.99 8.14
N THR A 53 -8.97 -9.67 8.20
CA THR A 53 -7.70 -9.19 7.61
C THR A 53 -7.74 -9.11 6.08
N TYR A 54 -8.44 -10.05 5.44
CA TYR A 54 -8.75 -10.01 3.99
C TYR A 54 -9.43 -8.70 3.64
N LYS A 55 -10.53 -8.41 4.34
CA LYS A 55 -11.35 -7.24 4.16
C LYS A 55 -10.56 -5.96 4.40
N LYS A 56 -9.71 -5.86 5.43
CA LYS A 56 -8.82 -4.69 5.61
C LYS A 56 -7.89 -4.47 4.40
N LEU A 57 -7.28 -5.52 3.88
CA LEU A 57 -6.35 -5.44 2.75
C LEU A 57 -7.05 -5.09 1.44
N VAL A 58 -8.22 -5.69 1.19
CA VAL A 58 -8.99 -5.46 -0.04
C VAL A 58 -9.78 -4.14 0.01
N THR A 59 -10.17 -3.66 1.20
CA THR A 59 -10.84 -2.35 1.36
C THR A 59 -9.87 -1.19 1.13
N LEU A 60 -8.60 -1.34 1.56
CA LEU A 60 -7.57 -0.32 1.31
C LEU A 60 -7.55 0.06 -0.17
N TYR A 61 -7.37 -0.92 -1.08
CA TYR A 61 -7.41 -0.63 -2.54
C TYR A 61 -8.81 -0.17 -2.98
N ASP A 62 -9.86 -0.77 -2.45
CA ASP A 62 -11.25 -0.45 -2.80
C ASP A 62 -11.61 1.03 -2.55
N ARG A 63 -10.84 1.75 -1.71
CA ARG A 63 -10.91 3.24 -1.65
C ARG A 63 -9.67 3.98 -2.15
N PHE A 64 -8.47 3.47 -1.97
CA PHE A 64 -7.24 4.12 -2.45
C PHE A 64 -7.11 4.20 -3.98
N ARG A 65 -7.30 3.07 -4.69
CA ARG A 65 -7.15 2.95 -6.15
C ARG A 65 -8.25 3.69 -6.92
N PHE A 66 -9.43 3.68 -6.32
CA PHE A 66 -10.69 4.22 -6.86
C PHE A 66 -11.09 5.64 -6.36
N GLU A 67 -11.31 5.81 -5.06
CA GLU A 67 -12.07 6.93 -4.47
C GLU A 67 -11.23 8.12 -3.95
N ASN A 68 -10.15 7.81 -3.26
CA ASN A 68 -9.25 8.75 -2.55
C ASN A 68 -7.78 8.63 -3.04
N GLY B 1 23.67 10.66 -12.71
CA GLY B 1 22.96 9.40 -13.03
C GLY B 1 21.51 9.67 -13.39
N SER B 2 21.09 9.26 -14.60
CA SER B 2 19.73 9.49 -15.13
C SER B 2 18.63 8.78 -14.32
N HIS B 3 17.47 9.44 -14.18
CA HIS B 3 16.37 9.01 -13.30
C HIS B 3 15.39 8.03 -13.99
N MET B 4 15.89 7.17 -14.89
CA MET B 4 15.07 6.25 -15.69
C MET B 4 14.43 5.18 -14.80
N ARG B 5 13.11 5.25 -14.60
CA ARG B 5 12.36 4.37 -13.70
C ARG B 5 12.36 2.91 -14.15
N MET B 6 12.29 1.99 -13.19
CA MET B 6 12.28 0.54 -13.45
C MET B 6 11.06 -0.23 -12.92
N SER B 7 10.01 0.52 -12.54
CA SER B 7 8.75 0.07 -11.94
C SER B 7 8.88 -0.91 -10.75
N LEU B 8 8.97 -2.23 -10.90
CA LEU B 8 9.32 -3.11 -9.79
C LEU B 8 10.36 -4.19 -10.15
N ILE B 9 11.59 -3.99 -9.67
CA ILE B 9 12.75 -4.88 -9.90
C ILE B 9 12.73 -6.09 -8.96
N GLY B 10 12.31 -5.88 -7.71
CA GLY B 10 12.29 -6.90 -6.63
C GLY B 10 13.28 -6.66 -5.48
N GLU B 11 14.11 -5.60 -5.53
CA GLU B 11 14.93 -5.13 -4.39
C GLU B 11 14.97 -3.60 -4.37
N ARG B 12 15.34 -2.98 -5.50
CA ARG B 12 15.42 -1.53 -5.73
C ARG B 12 16.34 -0.78 -4.76
N PHE B 13 17.51 -1.33 -4.54
CA PHE B 13 18.34 -1.03 -3.40
C PHE B 13 19.43 0.02 -3.67
N THR B 14 19.19 1.25 -3.23
CA THR B 14 20.06 2.44 -3.25
C THR B 14 20.67 2.80 -4.62
N GLU B 15 21.55 1.98 -5.18
CA GLU B 15 22.00 2.05 -6.57
C GLU B 15 20.89 1.64 -7.57
N GLU B 16 19.90 0.85 -7.13
CA GLU B 16 18.72 0.43 -7.91
C GLU B 16 17.44 1.17 -7.48
N GLU B 17 17.55 2.14 -6.57
CA GLU B 17 16.43 2.94 -6.06
C GLU B 17 15.83 3.92 -7.09
N GLN B 18 16.45 4.13 -8.26
CA GLN B 18 16.05 5.16 -9.27
C GLN B 18 14.53 5.20 -9.55
N LYS B 19 13.85 4.06 -9.38
CA LYS B 19 12.40 3.96 -9.33
C LYS B 19 11.76 4.89 -8.29
N LEU B 20 12.05 4.64 -7.03
CA LEU B 20 11.48 5.28 -5.84
C LEU B 20 11.95 6.74 -5.77
N LEU B 21 13.20 6.94 -6.15
CA LEU B 21 13.91 8.19 -6.46
C LEU B 21 13.15 9.03 -7.46
N LEU B 22 12.68 8.45 -8.58
CA LEU B 22 12.05 9.29 -9.60
C LEU B 22 10.67 9.72 -9.08
N ASN B 23 9.98 8.73 -8.53
CA ASN B 23 8.66 8.84 -7.93
C ASN B 23 8.54 9.84 -6.77
N ILE B 24 9.59 9.99 -5.95
CA ILE B 24 9.63 11.05 -4.93
C ILE B 24 10.07 12.41 -5.50
N LEU B 25 10.88 12.42 -6.56
CA LEU B 25 11.40 13.63 -7.17
C LEU B 25 10.34 14.39 -8.01
N ILE B 26 9.40 13.68 -8.62
CA ILE B 26 8.27 14.26 -9.39
C ILE B 26 7.15 14.83 -8.49
N ASN B 27 6.08 15.31 -9.12
CA ASN B 27 4.99 16.09 -8.50
C ASN B 27 4.19 15.33 -7.40
N HIS B 28 4.04 14.01 -7.50
CA HIS B 28 3.37 13.16 -6.51
C HIS B 28 4.04 11.77 -6.38
N GLU B 29 4.04 11.22 -5.16
CA GLU B 29 4.55 9.86 -4.88
C GLU B 29 3.72 8.77 -5.58
N TYR B 30 4.38 7.73 -6.09
CA TYR B 30 3.79 6.82 -7.09
C TYR B 30 4.02 5.32 -6.90
N ALA B 31 5.12 4.88 -6.28
CA ALA B 31 5.39 3.46 -6.02
C ALA B 31 4.22 2.73 -5.31
N ILE B 32 3.52 3.40 -4.41
CA ILE B 32 2.38 2.79 -3.71
C ILE B 32 1.15 2.59 -4.61
N GLU B 33 0.96 3.42 -5.64
CA GLU B 33 -0.08 3.22 -6.65
C GLU B 33 0.06 1.82 -7.27
N LEU B 34 1.31 1.48 -7.65
CA LEU B 34 1.70 0.15 -8.06
C LEU B 34 1.45 -0.87 -6.96
N LEU B 35 1.98 -0.69 -5.75
CA LEU B 35 1.85 -1.62 -4.63
C LEU B 35 0.40 -2.07 -4.41
N SER B 36 -0.55 -1.14 -4.29
CA SER B 36 -1.96 -1.47 -4.02
C SER B 36 -2.63 -2.13 -5.23
N SER B 37 -2.32 -1.63 -6.43
CA SER B 37 -2.82 -2.27 -7.66
C SER B 37 -2.32 -3.74 -7.74
N GLU B 38 -1.05 -3.94 -7.37
CA GLU B 38 -0.31 -5.20 -7.49
C GLU B 38 -0.82 -6.22 -6.46
N ILE B 39 -0.87 -5.85 -5.18
CA ILE B 39 -1.38 -6.73 -4.13
C ILE B 39 -2.79 -7.18 -4.43
N ASN B 40 -3.67 -6.27 -4.88
CA ASN B 40 -5.03 -6.69 -5.22
C ASN B 40 -5.12 -7.51 -6.53
N ASP B 41 -4.19 -7.34 -7.47
CA ASP B 41 -4.15 -8.17 -8.68
C ASP B 41 -3.73 -9.62 -8.35
N ILE B 42 -3.01 -9.82 -7.25
CA ILE B 42 -2.70 -11.18 -6.74
C ILE B 42 -3.85 -11.71 -5.88
N GLU B 43 -4.38 -10.88 -4.97
CA GLU B 43 -5.42 -11.27 -4.01
C GLU B 43 -6.76 -11.64 -4.66
N THR B 44 -7.26 -10.76 -5.52
CA THR B 44 -8.58 -10.88 -6.17
C THR B 44 -8.47 -10.96 -7.70
N GLY B 45 -7.45 -10.33 -8.31
CA GLY B 45 -7.16 -10.51 -9.74
C GLY B 45 -6.61 -11.91 -10.09
N THR B 46 -6.16 -12.66 -9.08
CA THR B 46 -5.64 -14.04 -9.16
C THR B 46 -4.51 -14.27 -10.18
N LYS B 47 -3.56 -13.32 -10.26
CA LYS B 47 -2.23 -13.56 -10.86
C LYS B 47 -1.51 -14.71 -10.12
N ASN B 48 -0.72 -15.51 -10.84
CA ASN B 48 -0.04 -16.70 -10.31
C ASN B 48 1.35 -16.90 -10.96
N VAL B 49 2.38 -17.01 -10.12
CA VAL B 49 3.80 -17.22 -10.49
C VAL B 49 4.58 -17.71 -9.25
N ASP B 50 5.83 -18.14 -9.44
CA ASP B 50 6.84 -18.37 -8.40
C ASP B 50 7.18 -17.06 -7.62
N GLY B 51 8.21 -17.07 -6.76
CA GLY B 51 8.62 -15.96 -5.88
C GLY B 51 8.83 -14.59 -6.52
N THR B 52 8.79 -14.47 -7.84
CA THR B 52 8.78 -13.20 -8.57
C THR B 52 7.76 -12.22 -7.97
N THR B 53 6.45 -12.51 -8.05
CA THR B 53 5.43 -11.56 -7.55
C THR B 53 5.50 -11.37 -6.04
N TYR B 54 5.71 -12.47 -5.28
CA TYR B 54 5.94 -12.42 -3.83
C TYR B 54 6.97 -11.36 -3.48
N LYS B 55 8.14 -11.44 -4.13
CA LYS B 55 9.23 -10.54 -3.97
C LYS B 55 8.87 -9.10 -4.34
N LYS B 56 8.14 -8.84 -5.43
CA LYS B 56 7.64 -7.47 -5.72
C LYS B 56 6.73 -6.93 -4.60
N LEU B 57 5.76 -7.70 -4.11
CA LEU B 57 4.82 -7.19 -3.09
C LEU B 57 5.51 -6.99 -1.72
N VAL B 58 6.45 -7.87 -1.37
CA VAL B 58 7.20 -7.79 -0.09
C VAL B 58 8.37 -6.79 -0.17
N THR B 59 8.97 -6.55 -1.34
CA THR B 59 10.00 -5.52 -1.50
C THR B 59 9.41 -4.10 -1.43
N LEU B 60 8.17 -3.93 -1.91
CA LEU B 60 7.44 -2.66 -1.82
C LEU B 60 7.51 -2.10 -0.39
N TYR B 61 7.07 -2.87 0.61
CA TYR B 61 7.19 -2.48 2.03
C TYR B 61 8.64 -2.45 2.50
N ASP B 62 9.46 -3.40 2.05
CA ASP B 62 10.88 -3.46 2.42
C ASP B 62 11.62 -2.13 2.13
N ARG B 63 11.13 -1.31 1.17
CA ARG B 63 11.62 0.07 0.97
C ARG B 63 10.71 1.14 1.54
N PHE B 64 9.40 1.04 1.29
CA PHE B 64 8.43 2.06 1.69
C PHE B 64 8.34 2.27 3.22
N ARG B 65 8.23 1.19 4.01
CA ARG B 65 8.05 1.22 5.46
C ARG B 65 9.33 1.59 6.20
N PHE B 66 10.45 1.18 5.62
CA PHE B 66 11.81 1.29 6.16
C PHE B 66 12.70 2.42 5.57
N GLU B 67 12.98 2.40 4.27
CA GLU B 67 14.00 3.26 3.63
C GLU B 67 13.51 4.68 3.29
N ASN B 68 12.31 4.74 2.72
CA ASN B 68 11.67 5.95 2.17
C ASN B 68 11.11 6.88 3.26
N GLY A 1 -5.55 21.85 13.73
CA GLY A 1 -6.83 21.09 13.65
C GLY A 1 -6.63 19.64 14.04
N SER A 2 -7.61 19.05 14.74
CA SER A 2 -7.61 17.65 15.19
C SER A 2 -9.03 17.06 15.25
N HIS A 3 -9.14 15.74 15.19
CA HIS A 3 -10.39 14.97 15.15
C HIS A 3 -10.20 13.54 15.69
N MET A 4 -11.29 12.85 16.01
CA MET A 4 -11.32 11.41 16.32
C MET A 4 -11.01 10.56 15.08
N ARG A 5 -10.37 9.39 15.29
CA ARG A 5 -10.00 8.40 14.25
C ARG A 5 -10.49 7.01 14.61
N MET A 6 -10.76 6.17 13.61
CA MET A 6 -11.25 4.79 13.81
C MET A 6 -10.40 3.67 13.21
N SER A 7 -9.18 4.00 12.78
CA SER A 7 -8.20 3.14 12.12
C SER A 7 -8.75 2.24 11.00
N LEU A 8 -9.18 1.00 11.25
CA LEU A 8 -9.68 0.10 10.20
C LEU A 8 -11.04 -0.48 10.57
N ILE A 9 -12.11 0.19 10.15
CA ILE A 9 -13.51 -0.23 10.34
C ILE A 9 -13.90 -1.33 9.36
N GLY A 10 -13.32 -1.29 8.15
CA GLY A 10 -13.64 -2.19 7.02
C GLY A 10 -14.61 -1.60 5.98
N GLU A 11 -15.01 -0.32 6.11
CA GLU A 11 -15.62 0.46 5.03
C GLU A 11 -15.03 1.87 4.98
N ARG A 12 -15.11 2.62 6.10
CA ARG A 12 -14.63 4.01 6.25
C ARG A 12 -15.07 4.95 5.12
N PHE A 13 -16.30 4.73 4.64
CA PHE A 13 -16.98 5.51 3.60
C PHE A 13 -17.19 6.97 4.02
N THR A 14 -17.64 7.86 3.13
CA THR A 14 -17.75 9.33 3.35
C THR A 14 -18.26 9.79 4.73
N GLU A 15 -19.28 9.15 5.33
CA GLU A 15 -19.74 9.47 6.71
C GLU A 15 -18.83 8.90 7.81
N GLU A 16 -18.25 7.72 7.57
CA GLU A 16 -17.22 7.06 8.39
C GLU A 16 -15.78 7.48 8.04
N GLU A 17 -15.60 8.49 7.19
CA GLU A 17 -14.28 8.90 6.67
C GLU A 17 -13.37 9.57 7.71
N GLN A 18 -13.87 9.92 8.91
CA GLN A 18 -13.14 10.61 9.99
C GLN A 18 -11.72 10.09 10.21
N LYS A 19 -11.52 8.80 9.98
CA LYS A 19 -10.22 8.13 9.85
C LYS A 19 -9.29 8.84 8.86
N LEU A 20 -9.66 8.80 7.59
CA LEU A 20 -8.90 9.28 6.43
C LEU A 20 -8.84 10.82 6.45
N LEU A 21 -9.94 11.44 6.90
CA LEU A 21 -10.00 12.86 7.24
C LEU A 21 -8.90 13.17 8.25
N LEU A 22 -8.79 12.41 9.35
CA LEU A 22 -7.94 12.90 10.44
C LEU A 22 -6.49 12.84 9.92
N ASN A 23 -6.21 11.71 9.28
CA ASN A 23 -4.97 11.34 8.62
C ASN A 23 -4.51 12.26 7.48
N ILE A 24 -5.39 13.01 6.81
CA ILE A 24 -4.96 14.11 5.90
C ILE A 24 -4.88 15.48 6.58
N LEU A 25 -5.67 15.69 7.64
CA LEU A 25 -5.76 16.95 8.38
C LEU A 25 -4.51 17.22 9.26
N ILE A 26 -3.86 16.17 9.75
CA ILE A 26 -2.61 16.24 10.54
C ILE A 26 -1.35 16.55 9.68
N ASN A 27 -0.19 16.56 10.33
CA ASN A 27 1.09 17.02 9.78
C ASN A 27 1.64 16.22 8.57
N HIS A 28 1.28 14.93 8.44
CA HIS A 28 1.59 14.09 7.28
C HIS A 28 0.45 13.13 6.90
N GLU A 29 0.33 12.81 5.61
CA GLU A 29 -0.72 11.93 5.08
C GLU A 29 -0.54 10.46 5.52
N TYR A 30 -1.65 9.76 5.78
CA TYR A 30 -1.65 8.42 6.41
C TYR A 30 -2.66 7.44 5.75
N ALA A 31 -3.40 6.61 6.50
CA ALA A 31 -4.00 5.31 6.15
C ALA A 31 -3.05 4.26 5.50
N ILE A 32 -2.22 4.69 4.57
CA ILE A 32 -1.46 3.84 3.66
C ILE A 32 -0.20 3.21 4.28
N GLU A 33 0.42 3.89 5.25
CA GLU A 33 1.45 3.23 6.05
C GLU A 33 0.87 2.01 6.78
N LEU A 34 -0.40 2.11 7.23
CA LEU A 34 -1.14 0.97 7.77
C LEU A 34 -1.33 -0.09 6.70
N LEU A 35 -1.76 0.26 5.48
CA LEU A 35 -1.90 -0.72 4.39
C LEU A 35 -0.66 -1.61 4.23
N SER A 36 0.55 -1.03 4.05
CA SER A 36 1.75 -1.86 3.81
C SER A 36 2.12 -2.69 5.06
N SER A 37 1.94 -2.10 6.25
CA SER A 37 2.14 -2.83 7.51
C SER A 37 1.17 -4.04 7.62
N GLU A 38 -0.09 -3.82 7.22
CA GLU A 38 -1.21 -4.75 7.32
C GLU A 38 -1.04 -5.91 6.34
N ILE A 39 -0.84 -5.60 5.06
CA ILE A 39 -0.65 -6.63 4.04
C ILE A 39 0.54 -7.53 4.39
N ASN A 40 1.65 -6.96 4.86
CA ASN A 40 2.78 -7.82 5.25
C ASN A 40 2.52 -8.60 6.55
N ASP A 41 1.70 -8.10 7.48
CA ASP A 41 1.32 -8.85 8.68
C ASP A 41 0.43 -10.06 8.33
N ILE A 42 -0.26 -10.04 7.19
CA ILE A 42 -1.01 -11.19 6.66
C ILE A 42 -0.08 -12.09 5.82
N GLU A 43 0.70 -11.50 4.93
CA GLU A 43 1.56 -12.21 3.95
C GLU A 43 2.68 -13.03 4.61
N THR A 44 3.37 -12.42 5.57
CA THR A 44 4.54 -13.01 6.27
C THR A 44 4.39 -13.00 7.80
N GLY A 45 3.65 -12.06 8.39
CA GLY A 45 3.29 -12.11 9.82
C GLY A 45 2.31 -13.24 10.16
N THR A 46 1.58 -13.74 9.15
CA THR A 46 0.62 -14.85 9.22
C THR A 46 -0.51 -14.65 10.25
N LYS A 47 -1.10 -13.44 10.27
CA LYS A 47 -2.42 -13.19 10.88
C LYS A 47 -3.48 -14.09 10.22
N ASN A 48 -4.45 -14.58 11.00
CA ASN A 48 -5.48 -15.52 10.55
C ASN A 48 -6.82 -15.27 11.28
N VAL A 49 -7.88 -15.07 10.50
CA VAL A 49 -9.27 -14.78 10.92
C VAL A 49 -10.22 -15.00 9.73
N ASP A 50 -11.53 -14.95 9.96
CA ASP A 50 -12.58 -14.81 8.93
C ASP A 50 -12.45 -13.48 8.15
N GLY A 51 -13.42 -13.11 7.31
CA GLY A 51 -13.43 -11.94 6.42
C GLY A 51 -13.09 -10.58 7.04
N THR A 52 -12.96 -10.46 8.36
CA THR A 52 -12.42 -9.28 9.04
C THR A 52 -11.13 -8.78 8.39
N THR A 53 -10.03 -9.54 8.43
CA THR A 53 -8.73 -9.05 7.92
C THR A 53 -8.73 -8.82 6.41
N TYR A 54 -9.44 -9.68 5.66
CA TYR A 54 -9.72 -9.53 4.24
C TYR A 54 -10.33 -8.16 3.97
N LYS A 55 -11.44 -7.86 4.66
CA LYS A 55 -12.18 -6.64 4.51
C LYS A 55 -11.37 -5.40 4.89
N LYS A 56 -10.60 -5.40 5.98
CA LYS A 56 -9.64 -4.31 6.29
C LYS A 56 -8.70 -4.03 5.10
N LEU A 57 -8.00 -5.04 4.59
CA LEU A 57 -6.97 -4.78 3.58
C LEU A 57 -7.52 -4.61 2.15
N VAL A 58 -8.72 -5.12 1.85
CA VAL A 58 -9.42 -4.85 0.60
C VAL A 58 -10.20 -3.53 0.65
N THR A 59 -10.62 -3.06 1.84
CA THR A 59 -11.22 -1.72 1.97
C THR A 59 -10.21 -0.60 1.76
N LEU A 60 -8.95 -0.85 2.18
CA LEU A 60 -7.83 0.07 1.94
C LEU A 60 -7.84 0.56 0.49
N TYR A 61 -7.78 -0.38 -0.47
CA TYR A 61 -7.84 -0.02 -1.91
C TYR A 61 -9.23 0.48 -2.32
N ASP A 62 -10.31 -0.12 -1.77
CA ASP A 62 -11.69 0.24 -2.08
C ASP A 62 -11.97 1.74 -1.89
N ARG A 63 -11.20 2.46 -1.03
CA ARG A 63 -11.23 3.94 -1.06
C ARG A 63 -9.93 4.65 -1.42
N PHE A 64 -8.74 4.09 -1.22
CA PHE A 64 -7.50 4.74 -1.64
C PHE A 64 -7.37 4.88 -3.17
N ARG A 65 -7.61 3.79 -3.91
CA ARG A 65 -7.47 3.72 -5.38
C ARG A 65 -8.57 4.49 -6.11
N PHE A 66 -9.76 4.47 -5.51
CA PHE A 66 -10.99 5.11 -6.02
C PHE A 66 -11.29 6.52 -5.49
N GLU A 67 -11.51 6.70 -4.18
CA GLU A 67 -12.23 7.84 -3.59
C GLU A 67 -11.38 8.94 -2.93
N ASN A 68 -10.37 8.54 -2.16
CA ASN A 68 -9.57 9.41 -1.29
C ASN A 68 -8.61 10.33 -2.06
N GLY B 1 18.30 11.99 -20.09
CA GLY B 1 17.38 11.02 -19.45
C GLY B 1 18.08 10.27 -18.33
N SER B 2 17.50 10.27 -17.12
CA SER B 2 18.11 9.74 -15.89
C SER B 2 17.08 8.98 -15.02
N HIS B 3 17.58 8.16 -14.09
CA HIS B 3 16.78 7.45 -13.06
C HIS B 3 15.64 6.57 -13.61
N MET B 4 15.82 5.98 -14.81
CA MET B 4 14.75 5.29 -15.54
C MET B 4 14.13 4.15 -14.73
N ARG B 5 12.81 4.23 -14.47
CA ARG B 5 12.09 3.36 -13.53
C ARG B 5 12.01 1.91 -13.99
N MET B 6 11.96 0.99 -13.01
CA MET B 6 11.91 -0.46 -13.25
C MET B 6 10.68 -1.18 -12.65
N SER B 7 9.67 -0.39 -12.30
CA SER B 7 8.42 -0.78 -11.62
C SER B 7 8.59 -1.76 -10.46
N LEU B 8 8.48 -3.08 -10.65
CA LEU B 8 8.63 -4.07 -9.57
C LEU B 8 9.56 -5.20 -10.00
N ILE B 9 10.84 -5.06 -9.64
CA ILE B 9 11.91 -6.04 -9.93
C ILE B 9 11.84 -7.25 -8.98
N GLY B 10 11.36 -7.02 -7.76
CA GLY B 10 11.26 -8.00 -6.67
C GLY B 10 12.36 -7.90 -5.60
N GLU B 11 13.36 -7.02 -5.77
CA GLU B 11 14.30 -6.63 -4.70
C GLU B 11 14.34 -5.11 -4.60
N ARG B 12 14.77 -4.43 -5.67
CA ARG B 12 14.92 -2.97 -5.77
C ARG B 12 15.83 -2.36 -4.68
N PHE B 13 16.87 -3.11 -4.32
CA PHE B 13 17.92 -2.71 -3.39
C PHE B 13 18.63 -1.43 -3.84
N THR B 14 19.36 -0.75 -2.95
CA THR B 14 20.03 0.55 -3.18
C THR B 14 20.61 0.84 -4.58
N GLU B 15 21.29 -0.12 -5.24
CA GLU B 15 21.81 0.04 -6.62
C GLU B 15 20.71 -0.05 -7.70
N GLU B 16 19.66 -0.83 -7.44
CA GLU B 16 18.43 -1.02 -8.23
C GLU B 16 17.26 -0.14 -7.76
N GLU B 17 17.50 0.77 -6.80
CA GLU B 17 16.47 1.58 -6.13
C GLU B 17 15.89 2.70 -7.02
N GLN B 18 16.46 2.99 -8.19
CA GLN B 18 16.05 4.06 -9.13
C GLN B 18 14.55 4.16 -9.33
N LYS B 19 13.84 3.05 -9.17
CA LYS B 19 12.39 2.98 -9.02
C LYS B 19 11.86 3.91 -7.91
N LEU B 20 12.19 3.58 -6.67
CA LEU B 20 11.73 4.18 -5.43
C LEU B 20 12.29 5.60 -5.32
N LEU B 21 13.53 5.74 -5.76
CA LEU B 21 14.23 7.00 -5.99
C LEU B 21 13.43 7.86 -6.97
N LEU B 22 12.97 7.33 -8.12
CA LEU B 22 12.46 8.25 -9.13
C LEU B 22 11.13 8.81 -8.58
N ASN B 23 10.37 7.88 -7.99
CA ASN B 23 9.09 8.05 -7.34
C ASN B 23 9.10 9.03 -6.15
N ILE B 24 10.16 9.10 -5.34
CA ILE B 24 10.27 10.17 -4.32
C ILE B 24 10.76 11.50 -4.90
N LEU B 25 11.51 11.46 -6.01
CA LEU B 25 12.11 12.63 -6.65
C LEU B 25 11.09 13.46 -7.45
N ILE B 26 10.07 12.81 -8.03
CA ILE B 26 8.93 13.44 -8.72
C ILE B 26 7.86 14.00 -7.75
N ASN B 27 6.71 14.39 -8.29
CA ASN B 27 5.60 15.09 -7.62
C ASN B 27 5.15 14.47 -6.28
N HIS B 28 5.00 13.15 -6.22
CA HIS B 28 4.63 12.39 -5.02
C HIS B 28 5.05 10.91 -5.12
N GLU B 29 5.13 10.22 -3.97
CA GLU B 29 5.36 8.77 -3.88
C GLU B 29 4.33 7.98 -4.72
N TYR B 30 4.77 6.88 -5.31
CA TYR B 30 4.07 6.14 -6.35
C TYR B 30 4.23 4.61 -6.27
N ALA B 31 5.40 4.11 -5.82
CA ALA B 31 5.64 2.74 -5.44
C ALA B 31 4.52 2.13 -4.59
N ILE B 32 4.04 2.84 -3.57
CA ILE B 32 2.94 2.34 -2.75
C ILE B 32 1.57 2.51 -3.42
N GLU B 33 1.40 3.47 -4.32
CA GLU B 33 0.21 3.45 -5.18
C GLU B 33 0.16 2.14 -6.01
N LEU B 34 1.33 1.71 -6.51
CA LEU B 34 1.50 0.38 -7.10
C LEU B 34 1.08 -0.69 -6.10
N LEU B 35 1.63 -0.70 -4.88
CA LEU B 35 1.34 -1.69 -3.83
C LEU B 35 -0.18 -1.95 -3.68
N SER B 36 -0.99 -0.90 -3.47
CA SER B 36 -2.44 -1.05 -3.28
C SER B 36 -3.13 -1.59 -4.54
N SER B 37 -2.74 -1.05 -5.70
CA SER B 37 -3.25 -1.55 -6.99
C SER B 37 -2.94 -3.06 -7.17
N GLU B 38 -1.73 -3.44 -6.78
CA GLU B 38 -1.10 -4.74 -7.00
C GLU B 38 -1.66 -5.79 -6.04
N ILE B 39 -1.70 -5.52 -4.74
CA ILE B 39 -2.31 -6.41 -3.76
C ILE B 39 -3.77 -6.67 -4.11
N ASN B 40 -4.53 -5.64 -4.51
CA ASN B 40 -5.92 -5.90 -4.92
C ASN B 40 -6.03 -6.64 -6.27
N ASP B 41 -5.05 -6.52 -7.18
CA ASP B 41 -5.03 -7.34 -8.40
C ASP B 41 -4.85 -8.84 -8.05
N ILE B 42 -4.15 -9.16 -6.96
CA ILE B 42 -4.01 -10.55 -6.49
C ILE B 42 -5.23 -10.99 -5.69
N GLU B 43 -5.69 -10.13 -4.76
CA GLU B 43 -6.76 -10.44 -3.80
C GLU B 43 -8.13 -10.65 -4.44
N THR B 44 -8.49 -9.75 -5.37
CA THR B 44 -9.79 -9.75 -6.07
C THR B 44 -9.66 -9.81 -7.60
N GLY B 45 -8.59 -9.24 -8.19
CA GLY B 45 -8.30 -9.39 -9.62
C GLY B 45 -7.93 -10.83 -10.02
N THR B 46 -7.55 -11.65 -9.03
CA THR B 46 -7.26 -13.09 -9.15
C THR B 46 -6.14 -13.41 -10.16
N LYS B 47 -5.04 -12.66 -10.09
CA LYS B 47 -3.75 -13.02 -10.72
C LYS B 47 -3.21 -14.34 -10.13
N ASN B 48 -2.50 -15.14 -10.93
CA ASN B 48 -1.89 -16.43 -10.52
C ASN B 48 -0.49 -16.59 -11.14
N VAL B 49 0.50 -16.87 -10.28
CA VAL B 49 1.91 -17.15 -10.61
C VAL B 49 2.62 -17.79 -9.38
N ASP B 50 3.82 -18.34 -9.58
CA ASP B 50 4.78 -18.71 -8.53
C ASP B 50 5.24 -17.49 -7.69
N GLY B 51 6.26 -17.64 -6.84
CA GLY B 51 6.80 -16.62 -5.92
C GLY B 51 7.14 -15.25 -6.50
N THR B 52 7.10 -15.05 -7.81
CA THR B 52 7.19 -13.74 -8.46
C THR B 52 6.25 -12.74 -7.80
N THR B 53 4.92 -12.94 -7.83
CA THR B 53 3.99 -11.94 -7.29
C THR B 53 4.12 -11.78 -5.78
N TYR B 54 4.28 -12.90 -5.05
CA TYR B 54 4.59 -12.90 -3.61
C TYR B 54 5.73 -11.94 -3.31
N LYS B 55 6.85 -12.12 -4.02
CA LYS B 55 8.05 -11.34 -3.89
C LYS B 55 7.83 -9.87 -4.23
N LYS B 56 7.14 -9.51 -5.31
CA LYS B 56 6.71 -8.10 -5.57
C LYS B 56 6.00 -7.50 -4.35
N LEU B 57 4.92 -8.11 -3.85
CA LEU B 57 4.07 -7.50 -2.81
C LEU B 57 4.76 -7.49 -1.44
N VAL B 58 5.64 -8.46 -1.15
CA VAL B 58 6.43 -8.49 0.10
C VAL B 58 7.69 -7.62 0.02
N THR B 59 8.27 -7.41 -1.17
CA THR B 59 9.41 -6.49 -1.32
C THR B 59 9.01 -5.02 -1.16
N LEU B 60 7.78 -4.69 -1.57
CA LEU B 60 7.16 -3.37 -1.35
C LEU B 60 7.38 -2.92 0.09
N TYR B 61 6.91 -3.69 1.07
CA TYR B 61 7.10 -3.36 2.50
C TYR B 61 8.56 -3.53 2.94
N ASP B 62 9.26 -4.53 2.39
CA ASP B 62 10.67 -4.80 2.71
C ASP B 62 11.59 -3.59 2.43
N ARG B 63 11.16 -2.62 1.59
CA ARG B 63 11.83 -1.30 1.53
C ARG B 63 11.00 -0.09 1.97
N PHE B 64 9.69 -0.08 1.76
CA PHE B 64 8.86 1.06 2.20
C PHE B 64 8.78 1.21 3.74
N ARG B 65 8.44 0.14 4.48
CA ARG B 65 8.23 0.18 5.93
C ARG B 65 9.53 0.40 6.71
N PHE B 66 10.60 -0.14 6.14
CA PHE B 66 11.97 -0.11 6.67
C PHE B 66 12.85 1.08 6.21
N GLU B 67 13.08 1.23 4.90
CA GLU B 67 14.18 2.03 4.32
C GLU B 67 13.77 3.41 3.79
N ASN B 68 12.67 3.45 3.03
CA ASN B 68 12.13 4.62 2.33
C ASN B 68 10.82 5.13 2.95
N GLY A 1 -15.99 21.10 10.76
CA GLY A 1 -15.29 21.33 12.04
C GLY A 1 -14.19 20.32 12.27
N SER A 2 -14.07 19.80 13.49
CA SER A 2 -13.06 18.80 13.88
C SER A 2 -13.36 17.40 13.31
N HIS A 3 -12.32 16.58 13.13
CA HIS A 3 -12.38 15.22 12.58
C HIS A 3 -11.69 14.21 13.52
N MET A 4 -12.21 12.98 13.55
CA MET A 4 -11.77 11.89 14.43
C MET A 4 -11.74 10.57 13.64
N ARG A 5 -10.80 9.66 13.96
CA ARG A 5 -10.49 8.48 13.15
C ARG A 5 -11.18 7.20 13.63
N MET A 6 -11.54 6.33 12.67
CA MET A 6 -12.11 5.01 12.93
C MET A 6 -11.29 3.96 12.17
N SER A 7 -10.02 3.83 12.54
CA SER A 7 -9.02 3.04 11.81
C SER A 7 -9.52 1.63 11.43
N LEU A 8 -9.62 1.42 10.11
CA LEU A 8 -9.96 0.18 9.40
C LEU A 8 -11.26 -0.49 9.88
N ILE A 9 -12.38 0.17 9.59
CA ILE A 9 -13.74 -0.37 9.81
C ILE A 9 -14.02 -1.59 8.91
N GLY A 10 -13.39 -1.60 7.72
CA GLY A 10 -13.54 -2.62 6.66
C GLY A 10 -14.51 -2.23 5.53
N GLU A 11 -15.09 -1.01 5.54
CA GLU A 11 -15.75 -0.39 4.37
C GLU A 11 -15.30 1.07 4.23
N ARG A 12 -15.51 1.86 5.29
CA ARG A 12 -15.14 3.28 5.39
C ARG A 12 -15.76 4.15 4.29
N PHE A 13 -17.05 3.91 4.05
CA PHE A 13 -17.79 4.33 2.88
C PHE A 13 -18.32 5.76 2.98
N THR A 14 -17.59 6.71 2.39
CA THR A 14 -17.91 8.14 2.17
C THR A 14 -18.35 8.92 3.43
N GLU A 15 -19.53 8.65 3.99
CA GLU A 15 -19.93 9.08 5.35
C GLU A 15 -19.08 8.42 6.45
N GLU A 16 -18.52 7.23 6.19
CA GLU A 16 -17.63 6.48 7.09
C GLU A 16 -16.15 6.65 6.69
N GLU A 17 -15.86 7.51 5.71
CA GLU A 17 -14.51 7.81 5.25
C GLU A 17 -13.66 8.62 6.25
N GLN A 18 -14.20 9.14 7.36
CA GLN A 18 -13.51 10.01 8.34
C GLN A 18 -12.10 9.57 8.73
N LYS A 19 -11.84 8.27 8.67
CA LYS A 19 -10.50 7.66 8.76
C LYS A 19 -9.54 8.23 7.72
N LEU A 20 -9.86 7.98 6.46
CA LEU A 20 -9.09 8.29 5.26
C LEU A 20 -9.08 9.80 5.03
N LEU A 21 -10.20 10.45 5.33
CA LEU A 21 -10.34 11.90 5.41
C LEU A 21 -9.36 12.44 6.45
N LEU A 22 -9.33 11.91 7.69
CA LEU A 22 -8.66 12.68 8.75
C LEU A 22 -7.16 12.64 8.41
N ASN A 23 -6.75 11.45 8.02
CA ASN A 23 -5.44 11.10 7.49
C ASN A 23 -4.95 11.96 6.33
N ILE A 24 -5.75 12.27 5.30
CA ILE A 24 -5.28 13.19 4.24
C ILE A 24 -5.26 14.65 4.69
N LEU A 25 -6.10 15.01 5.67
CA LEU A 25 -6.28 16.37 6.15
C LEU A 25 -5.14 16.82 7.10
N ILE A 26 -4.53 15.89 7.84
CA ILE A 26 -3.37 16.13 8.71
C ILE A 26 -2.04 16.24 7.93
N ASN A 27 -0.91 16.26 8.67
CA ASN A 27 0.45 16.54 8.20
C ASN A 27 0.85 15.78 6.90
N HIS A 28 0.52 14.49 6.81
CA HIS A 28 0.65 13.67 5.61
C HIS A 28 -0.35 12.51 5.63
N GLU A 29 -0.65 11.95 4.46
CA GLU A 29 -1.51 10.76 4.32
C GLU A 29 -0.95 9.54 5.08
N TYR A 30 -1.85 8.70 5.63
CA TYR A 30 -1.50 7.70 6.65
C TYR A 30 -2.16 6.33 6.48
N ALA A 31 -3.36 6.23 5.89
CA ALA A 31 -4.01 4.94 5.62
C ALA A 31 -3.10 3.97 4.85
N ILE A 32 -2.29 4.49 3.94
CA ILE A 32 -1.33 3.71 3.15
C ILE A 32 -0.18 3.10 3.98
N GLU A 33 0.27 3.80 5.03
CA GLU A 33 1.23 3.22 5.97
C GLU A 33 0.64 1.94 6.61
N LEU A 34 -0.66 1.98 6.95
CA LEU A 34 -1.38 0.81 7.40
C LEU A 34 -1.47 -0.22 6.28
N LEU A 35 -1.70 0.12 5.01
CA LEU A 35 -1.74 -0.87 3.93
C LEU A 35 -0.46 -1.71 3.90
N SER A 36 0.73 -1.10 3.80
CA SER A 36 1.96 -1.90 3.67
C SER A 36 2.25 -2.71 4.94
N SER A 37 1.97 -2.10 6.11
CA SER A 37 2.11 -2.79 7.40
C SER A 37 1.16 -4.01 7.48
N GLU A 38 -0.08 -3.82 7.02
CA GLU A 38 -1.19 -4.79 7.06
C GLU A 38 -0.90 -5.96 6.13
N ILE A 39 -0.64 -5.70 4.85
CA ILE A 39 -0.36 -6.74 3.87
C ILE A 39 0.82 -7.60 4.30
N ASN A 40 1.89 -6.99 4.84
CA ASN A 40 2.98 -7.83 5.35
C ASN A 40 2.61 -8.58 6.65
N ASP A 41 1.69 -8.06 7.46
CA ASP A 41 1.18 -8.79 8.64
C ASP A 41 0.37 -10.04 8.24
N ILE A 42 -0.23 -10.07 7.05
CA ILE A 42 -0.80 -11.33 6.48
C ILE A 42 0.31 -12.18 5.84
N GLU A 43 1.12 -11.59 4.95
CA GLU A 43 2.06 -12.32 4.07
C GLU A 43 3.19 -13.02 4.83
N THR A 44 3.73 -12.34 5.84
CA THR A 44 4.81 -12.86 6.71
C THR A 44 4.43 -12.85 8.21
N GLY A 45 3.58 -11.92 8.66
CA GLY A 45 3.09 -11.92 10.06
C GLY A 45 2.12 -13.07 10.36
N THR A 46 1.55 -13.68 9.30
CA THR A 46 0.59 -14.79 9.34
C THR A 46 -0.66 -14.54 10.22
N LYS A 47 -1.20 -13.32 10.18
CA LYS A 47 -2.54 -13.00 10.71
C LYS A 47 -3.62 -13.87 10.04
N ASN A 48 -4.62 -14.30 10.80
CA ASN A 48 -5.75 -15.09 10.34
C ASN A 48 -6.99 -14.85 11.22
N VAL A 49 -8.12 -14.53 10.59
CA VAL A 49 -9.43 -14.25 11.22
C VAL A 49 -10.54 -14.39 10.16
N ASP A 50 -11.78 -14.44 10.65
CA ASP A 50 -13.07 -14.60 9.97
C ASP A 50 -13.48 -13.47 9.00
N GLY A 51 -12.64 -13.27 7.99
CA GLY A 51 -12.74 -12.22 6.96
C GLY A 51 -12.40 -10.82 7.43
N THR A 52 -12.17 -10.57 8.72
CA THR A 52 -11.85 -9.23 9.24
C THR A 52 -10.57 -8.69 8.62
N THR A 53 -9.44 -9.39 8.77
CA THR A 53 -8.14 -9.00 8.19
C THR A 53 -8.15 -8.92 6.66
N TYR A 54 -8.87 -9.84 6.01
CA TYR A 54 -9.15 -9.83 4.57
C TYR A 54 -9.83 -8.52 4.17
N LYS A 55 -10.97 -8.24 4.80
CA LYS A 55 -11.78 -7.08 4.55
C LYS A 55 -11.02 -5.78 4.80
N LYS A 56 -10.25 -5.64 5.89
CA LYS A 56 -9.33 -4.51 6.08
C LYS A 56 -8.41 -4.31 4.86
N LEU A 57 -7.71 -5.34 4.38
CA LEU A 57 -6.73 -5.12 3.32
C LEU A 57 -7.32 -4.99 1.91
N VAL A 58 -8.49 -5.57 1.65
CA VAL A 58 -9.22 -5.37 0.39
C VAL A 58 -10.01 -4.06 0.39
N THR A 59 -10.42 -3.55 1.56
CA THR A 59 -11.05 -2.21 1.66
C THR A 59 -10.04 -1.07 1.44
N LEU A 60 -8.77 -1.30 1.83
CA LEU A 60 -7.67 -0.38 1.53
C LEU A 60 -7.70 0.02 0.05
N TYR A 61 -7.65 -0.96 -0.86
CA TYR A 61 -7.73 -0.68 -2.31
C TYR A 61 -9.11 -0.14 -2.70
N ASP A 62 -10.18 -0.66 -2.08
CA ASP A 62 -11.56 -0.21 -2.35
C ASP A 62 -11.72 1.31 -2.15
N ARG A 63 -10.89 1.98 -1.33
CA ARG A 63 -10.86 3.46 -1.23
C ARG A 63 -9.64 4.12 -1.87
N PHE A 64 -8.45 3.54 -1.72
CA PHE A 64 -7.19 4.08 -2.24
C PHE A 64 -7.14 4.12 -3.78
N ARG A 65 -7.44 2.99 -4.46
CA ARG A 65 -7.38 2.86 -5.92
C ARG A 65 -8.49 3.64 -6.62
N PHE A 66 -9.64 3.66 -5.98
CA PHE A 66 -10.88 4.30 -6.46
C PHE A 66 -11.06 5.77 -6.03
N GLU A 67 -11.15 6.06 -4.73
CA GLU A 67 -11.75 7.30 -4.22
C GLU A 67 -10.76 8.40 -3.80
N ASN A 68 -9.61 8.00 -3.24
CA ASN A 68 -8.54 8.87 -2.75
C ASN A 68 -7.21 8.68 -3.53
N GLY B 1 14.61 15.00 -18.17
CA GLY B 1 14.24 13.62 -18.57
C GLY B 1 14.21 12.68 -17.37
N SER B 2 13.30 11.70 -17.38
CA SER B 2 13.13 10.72 -16.29
C SER B 2 14.30 9.73 -16.19
N HIS B 3 14.53 9.21 -14.97
CA HIS B 3 15.50 8.14 -14.71
C HIS B 3 15.04 6.78 -15.27
N MET B 4 15.94 5.79 -15.32
CA MET B 4 15.58 4.38 -15.47
C MET B 4 14.81 3.89 -14.23
N ARG B 5 13.79 3.04 -14.42
CA ARG B 5 12.95 2.45 -13.37
C ARG B 5 12.70 0.97 -13.66
N MET B 6 12.65 0.14 -12.62
CA MET B 6 12.37 -1.28 -12.77
C MET B 6 11.17 -1.68 -11.90
N SER B 7 9.99 -1.23 -12.31
CA SER B 7 8.73 -1.57 -11.63
C SER B 7 8.32 -3.00 -12.02
N LEU B 8 8.46 -4.07 -11.23
CA LEU B 8 9.01 -4.35 -9.90
C LEU B 8 9.88 -5.60 -10.03
N ILE B 9 11.02 -5.66 -9.32
CA ILE B 9 11.99 -6.76 -9.48
C ILE B 9 11.76 -7.93 -8.50
N GLY B 10 11.46 -7.60 -7.23
CA GLY B 10 11.40 -8.54 -6.10
C GLY B 10 12.51 -8.39 -5.04
N GLU B 11 13.42 -7.42 -5.20
CA GLU B 11 14.39 -7.01 -4.16
C GLU B 11 14.55 -5.49 -4.15
N ARG B 12 15.01 -4.93 -5.28
CA ARG B 12 15.23 -3.48 -5.48
C ARG B 12 16.12 -2.84 -4.41
N PHE B 13 17.13 -3.59 -3.96
CA PHE B 13 18.16 -3.18 -3.00
C PHE B 13 18.88 -1.91 -3.47
N THR B 14 19.59 -1.19 -2.60
CA THR B 14 20.24 0.13 -2.87
C THR B 14 20.83 0.36 -4.28
N GLU B 15 21.53 -0.62 -4.89
CA GLU B 15 22.04 -0.52 -6.28
C GLU B 15 20.97 -0.75 -7.37
N GLU B 16 19.95 -1.55 -7.06
CA GLU B 16 18.73 -1.85 -7.83
C GLU B 16 17.53 -0.96 -7.42
N GLU B 17 17.75 0.05 -6.57
CA GLU B 17 16.71 0.95 -6.04
C GLU B 17 16.14 1.93 -7.09
N GLN B 18 16.74 2.03 -8.28
CA GLN B 18 16.33 2.99 -9.34
C GLN B 18 14.81 3.06 -9.58
N LYS B 19 14.12 1.96 -9.30
CA LYS B 19 12.68 1.85 -9.08
C LYS B 19 12.13 2.92 -8.12
N LEU B 20 12.43 2.75 -6.83
CA LEU B 20 11.93 3.51 -5.69
C LEU B 20 12.47 4.95 -5.75
N LEU B 21 13.70 5.06 -6.23
CA LEU B 21 14.43 6.26 -6.64
C LEU B 21 13.63 7.07 -7.65
N LEU B 22 13.10 6.47 -8.74
CA LEU B 22 12.43 7.35 -9.71
C LEU B 22 11.11 7.80 -9.09
N ASN B 23 10.49 6.85 -8.41
CA ASN B 23 9.19 6.98 -7.76
C ASN B 23 9.13 7.98 -6.61
N ILE B 24 10.25 8.27 -5.92
CA ILE B 24 10.35 9.42 -5.00
C ILE B 24 10.75 10.72 -5.73
N LEU B 25 11.51 10.62 -6.82
CA LEU B 25 11.99 11.77 -7.59
C LEU B 25 10.87 12.48 -8.38
N ILE B 26 9.81 11.74 -8.77
CA ILE B 26 8.60 12.26 -9.43
C ILE B 26 7.56 12.79 -8.41
N ASN B 27 6.27 12.56 -8.65
CA ASN B 27 5.11 12.88 -7.80
C ASN B 27 5.07 12.18 -6.41
N HIS B 28 6.17 11.54 -6.01
CA HIS B 28 6.42 10.79 -4.77
C HIS B 28 5.65 9.46 -4.60
N GLU B 29 6.28 8.52 -3.89
CA GLU B 29 5.69 7.26 -3.36
C GLU B 29 5.04 6.32 -4.41
N TYR B 30 5.37 6.42 -5.70
CA TYR B 30 4.64 5.72 -6.78
C TYR B 30 4.59 4.19 -6.64
N ALA B 31 5.62 3.56 -6.06
CA ALA B 31 5.62 2.13 -5.74
C ALA B 31 4.34 1.68 -5.03
N ILE B 32 3.75 2.50 -4.15
CA ILE B 32 2.54 2.15 -3.43
C ILE B 32 1.28 2.08 -4.32
N GLU B 33 1.22 2.86 -5.40
CA GLU B 33 0.13 2.70 -6.37
C GLU B 33 0.13 1.28 -6.95
N LEU B 34 1.33 0.79 -7.30
CA LEU B 34 1.55 -0.59 -7.69
C LEU B 34 1.19 -1.52 -6.54
N LEU B 35 1.66 -1.31 -5.30
CA LEU B 35 1.34 -2.19 -4.17
C LEU B 35 -0.16 -2.48 -4.09
N SER B 36 -1.00 -1.46 -4.03
CA SER B 36 -2.44 -1.65 -3.83
C SER B 36 -3.10 -2.31 -5.04
N SER B 37 -2.72 -1.88 -6.26
CA SER B 37 -3.25 -2.53 -7.47
C SER B 37 -2.83 -4.02 -7.53
N GLU B 38 -1.59 -4.32 -7.12
CA GLU B 38 -0.93 -5.63 -7.18
C GLU B 38 -1.53 -6.59 -6.16
N ILE B 39 -1.56 -6.20 -4.88
CA ILE B 39 -2.14 -7.02 -3.82
C ILE B 39 -3.60 -7.35 -4.12
N ASN B 40 -4.40 -6.39 -4.60
CA ASN B 40 -5.78 -6.72 -4.93
C ASN B 40 -5.92 -7.57 -6.22
N ASP B 41 -5.01 -7.46 -7.18
CA ASP B 41 -5.03 -8.32 -8.38
C ASP B 41 -4.69 -9.79 -8.03
N ILE B 42 -3.98 -10.02 -6.92
CA ILE B 42 -3.71 -11.38 -6.41
C ILE B 42 -4.86 -11.84 -5.50
N GLU B 43 -5.28 -10.98 -4.57
CA GLU B 43 -6.28 -11.30 -3.54
C GLU B 43 -7.68 -11.60 -4.09
N THR B 44 -8.15 -10.73 -4.98
CA THR B 44 -9.49 -10.81 -5.61
C THR B 44 -9.43 -10.95 -7.13
N GLY B 45 -8.43 -10.37 -7.80
CA GLY B 45 -8.18 -10.59 -9.23
C GLY B 45 -7.67 -12.01 -9.58
N THR B 46 -7.20 -12.76 -8.56
CA THR B 46 -6.71 -14.15 -8.64
C THR B 46 -5.58 -14.41 -9.65
N LYS B 47 -4.64 -13.46 -9.81
CA LYS B 47 -3.32 -13.71 -10.40
C LYS B 47 -2.54 -14.74 -9.57
N ASN B 48 -1.68 -15.54 -10.23
CA ASN B 48 -0.84 -16.55 -9.58
C ASN B 48 0.45 -16.83 -10.37
N VAL B 49 1.59 -16.98 -9.66
CA VAL B 49 2.91 -17.36 -10.18
C VAL B 49 3.79 -17.87 -9.01
N ASP B 50 4.86 -18.61 -9.34
CA ASP B 50 5.72 -19.36 -8.43
C ASP B 50 6.72 -18.50 -7.62
N GLY B 51 6.15 -17.75 -6.68
CA GLY B 51 6.80 -16.82 -5.75
C GLY B 51 7.20 -15.48 -6.35
N THR B 52 7.16 -15.30 -7.67
CA THR B 52 7.50 -14.03 -8.32
C THR B 52 6.58 -12.93 -7.79
N THR B 53 5.27 -13.05 -7.97
CA THR B 53 4.31 -12.05 -7.48
C THR B 53 4.35 -11.89 -5.97
N TYR B 54 4.40 -12.99 -5.20
CA TYR B 54 4.59 -12.98 -3.74
C TYR B 54 5.72 -12.07 -3.33
N LYS B 55 6.89 -12.29 -3.93
CA LYS B 55 8.09 -11.54 -3.72
C LYS B 55 7.95 -10.06 -4.08
N LYS B 56 7.27 -9.70 -5.18
CA LYS B 56 6.86 -8.30 -5.44
C LYS B 56 6.02 -7.72 -4.27
N LEU B 57 4.96 -8.39 -3.81
CA LEU B 57 4.06 -7.83 -2.76
C LEU B 57 4.77 -7.67 -1.41
N VAL B 58 5.69 -8.58 -1.08
CA VAL B 58 6.45 -8.55 0.18
C VAL B 58 7.71 -7.68 0.10
N THR B 59 8.30 -7.51 -1.09
CA THR B 59 9.45 -6.57 -1.25
C THR B 59 9.01 -5.10 -1.15
N LEU B 60 7.76 -4.83 -1.58
CA LEU B 60 7.10 -3.52 -1.39
C LEU B 60 7.30 -3.02 0.05
N TYR B 61 6.88 -3.81 1.05
CA TYR B 61 7.10 -3.45 2.47
C TYR B 61 8.58 -3.52 2.86
N ASP B 62 9.31 -4.50 2.30
CA ASP B 62 10.75 -4.67 2.55
C ASP B 62 11.58 -3.42 2.23
N ARG B 63 11.07 -2.47 1.40
CA ARG B 63 11.65 -1.11 1.35
C ARG B 63 10.77 0.06 1.78
N PHE B 64 9.46 0.00 1.64
CA PHE B 64 8.57 1.08 2.07
C PHE B 64 8.53 1.27 3.62
N ARG B 65 8.39 0.17 4.38
CA ARG B 65 8.27 0.19 5.85
C ARG B 65 9.60 0.47 6.54
N PHE B 66 10.66 -0.06 5.94
CA PHE B 66 12.04 0.02 6.44
C PHE B 66 12.89 1.20 5.91
N GLU B 67 13.06 1.31 4.59
CA GLU B 67 14.16 2.07 3.96
C GLU B 67 13.78 3.44 3.36
N ASN B 68 12.57 3.55 2.81
CA ASN B 68 12.02 4.73 2.13
C ASN B 68 10.66 5.17 2.71
N GLY A 1 -6.77 23.51 12.69
CA GLY A 1 -7.94 22.65 13.02
C GLY A 1 -7.52 21.20 13.28
N SER A 2 -8.46 20.40 13.80
CA SER A 2 -8.27 18.97 14.10
C SER A 2 -9.58 18.18 13.97
N HIS A 3 -9.51 16.86 13.91
CA HIS A 3 -10.65 15.94 13.80
C HIS A 3 -10.37 14.58 14.51
N MET A 4 -11.41 13.77 14.70
CA MET A 4 -11.29 12.37 15.14
C MET A 4 -10.96 11.42 13.98
N ARG A 5 -10.30 10.29 14.30
CA ARG A 5 -9.92 9.21 13.36
C ARG A 5 -10.45 7.85 13.84
N MET A 6 -10.71 6.94 12.91
CA MET A 6 -11.22 5.59 13.21
C MET A 6 -10.35 4.42 12.71
N SER A 7 -9.13 4.74 12.27
CA SER A 7 -8.12 3.85 11.71
C SER A 7 -8.60 2.87 10.61
N LEU A 8 -9.09 1.67 10.93
CA LEU A 8 -9.57 0.70 9.92
C LEU A 8 -10.97 0.21 10.27
N ILE A 9 -12.00 0.88 9.75
CA ILE A 9 -13.41 0.53 9.99
C ILE A 9 -13.83 -0.70 9.15
N GLY A 10 -13.34 -0.76 7.91
CA GLY A 10 -13.73 -1.76 6.90
C GLY A 10 -14.70 -1.25 5.82
N GLU A 11 -15.09 0.03 5.85
CA GLU A 11 -15.81 0.72 4.75
C GLU A 11 -15.28 2.14 4.49
N ARG A 12 -15.20 2.95 5.57
CA ARG A 12 -14.68 4.34 5.59
C ARG A 12 -15.26 5.28 4.52
N PHE A 13 -16.54 5.12 4.23
CA PHE A 13 -17.14 5.60 3.00
C PHE A 13 -17.83 6.96 3.17
N THR A 14 -17.19 8.01 2.65
CA THR A 14 -17.64 9.43 2.60
C THR A 14 -18.08 10.02 3.94
N GLU A 15 -19.23 9.62 4.48
CA GLU A 15 -19.65 9.91 5.87
C GLU A 15 -18.72 9.25 6.91
N GLU A 16 -18.13 8.09 6.60
CA GLU A 16 -17.20 7.37 7.49
C GLU A 16 -15.72 7.61 7.10
N GLU A 17 -15.49 8.51 6.14
CA GLU A 17 -14.14 8.88 5.65
C GLU A 17 -13.28 9.68 6.64
N GLN A 18 -13.79 10.15 7.79
CA GLN A 18 -13.08 10.99 8.77
C GLN A 18 -11.65 10.58 9.08
N LYS A 19 -11.38 9.28 8.99
CA LYS A 19 -10.04 8.68 8.99
C LYS A 19 -9.12 9.30 7.93
N LEU A 20 -9.50 9.10 6.68
CA LEU A 20 -8.79 9.43 5.46
C LEU A 20 -8.77 10.96 5.27
N LEU A 21 -9.87 11.60 5.67
CA LEU A 21 -9.98 13.05 5.84
C LEU A 21 -8.90 13.50 6.81
N LEU A 22 -8.80 12.91 8.01
CA LEU A 22 -8.03 13.60 9.04
C LEU A 22 -6.56 13.56 8.60
N ASN A 23 -6.18 12.37 8.16
CA ASN A 23 -4.91 12.00 7.58
C ASN A 23 -4.44 12.88 6.42
N ILE A 24 -5.33 13.25 5.49
CA ILE A 24 -4.93 14.19 4.41
C ILE A 24 -4.91 15.65 4.87
N LEU A 25 -5.71 16.00 5.88
CA LEU A 25 -5.88 17.36 6.38
C LEU A 25 -4.69 17.81 7.26
N ILE A 26 -4.04 16.88 7.96
CA ILE A 26 -2.81 17.13 8.74
C ILE A 26 -1.55 17.30 7.87
N ASN A 27 -0.39 17.46 8.51
CA ASN A 27 0.87 17.91 7.89
C ASN A 27 1.43 16.99 6.78
N HIS A 28 1.18 15.68 6.83
CA HIS A 28 1.36 14.75 5.71
C HIS A 28 0.31 13.62 5.72
N GLU A 29 0.04 13.03 4.55
CA GLU A 29 -0.85 11.87 4.41
C GLU A 29 -0.33 10.61 5.13
N TYR A 30 -1.23 9.75 5.60
CA TYR A 30 -0.90 8.61 6.47
C TYR A 30 -1.47 7.27 6.01
N ALA A 31 -2.79 7.14 5.76
CA ALA A 31 -3.54 5.91 5.48
C ALA A 31 -2.81 4.82 4.66
N ILE A 32 -2.11 5.22 3.60
CA ILE A 32 -1.41 4.31 2.68
C ILE A 32 -0.18 3.62 3.33
N GLU A 33 0.52 4.34 4.22
CA GLU A 33 1.60 3.75 5.02
C GLU A 33 1.07 2.55 5.84
N LEU A 34 -0.11 2.73 6.44
CA LEU A 34 -0.82 1.67 7.14
C LEU A 34 -1.14 0.53 6.17
N LEU A 35 -1.66 0.81 4.95
CA LEU A 35 -1.97 -0.22 3.93
C LEU A 35 -0.77 -1.16 3.71
N SER A 36 0.43 -0.66 3.39
CA SER A 36 1.57 -1.56 3.15
C SER A 36 2.01 -2.32 4.41
N SER A 37 1.97 -1.63 5.56
CA SER A 37 2.25 -2.25 6.86
C SER A 37 1.28 -3.42 7.15
N GLU A 38 0.00 -3.19 6.85
CA GLU A 38 -1.15 -4.05 7.14
C GLU A 38 -1.16 -5.27 6.22
N ILE A 39 -1.08 -5.07 4.90
CA ILE A 39 -1.02 -6.18 3.95
C ILE A 39 0.15 -7.10 4.26
N ASN A 40 1.33 -6.55 4.59
CA ASN A 40 2.45 -7.42 4.97
C ASN A 40 2.28 -8.08 6.35
N ASP A 41 1.54 -7.47 7.29
CA ASP A 41 1.24 -8.12 8.58
C ASP A 41 0.33 -9.35 8.37
N ILE A 42 -0.46 -9.38 7.28
CA ILE A 42 -1.23 -10.58 6.90
C ILE A 42 -0.37 -11.54 6.06
N GLU A 43 0.35 -11.03 5.07
CA GLU A 43 1.11 -11.81 4.07
C GLU A 43 2.26 -12.62 4.69
N THR A 44 3.02 -11.98 5.58
CA THR A 44 4.21 -12.56 6.25
C THR A 44 4.16 -12.45 7.78
N GLY A 45 3.52 -11.42 8.35
CA GLY A 45 3.27 -11.33 9.79
C GLY A 45 2.29 -12.39 10.31
N THR A 46 1.51 -12.99 9.40
CA THR A 46 0.58 -14.10 9.64
C THR A 46 -0.50 -13.79 10.70
N LYS A 47 -1.08 -12.58 10.64
CA LYS A 47 -2.40 -12.30 11.22
C LYS A 47 -3.47 -13.22 10.61
N ASN A 48 -4.41 -13.70 11.40
CA ASN A 48 -5.42 -14.70 10.99
C ASN A 48 -6.77 -14.47 11.68
N VAL A 49 -7.84 -14.34 10.88
CA VAL A 49 -9.24 -14.08 11.29
C VAL A 49 -10.16 -14.36 10.09
N ASP A 50 -11.49 -14.36 10.31
CA ASP A 50 -12.54 -14.27 9.28
C ASP A 50 -12.44 -12.97 8.45
N GLY A 51 -13.45 -12.66 7.62
CA GLY A 51 -13.47 -11.51 6.69
C GLY A 51 -13.19 -10.12 7.27
N THR A 52 -13.07 -9.96 8.58
CA THR A 52 -12.59 -8.75 9.25
C THR A 52 -11.32 -8.21 8.58
N THR A 53 -10.21 -8.95 8.64
CA THR A 53 -8.92 -8.45 8.10
C THR A 53 -8.94 -8.30 6.58
N TYR A 54 -9.57 -9.23 5.87
CA TYR A 54 -9.83 -9.15 4.43
C TYR A 54 -10.45 -7.81 4.08
N LYS A 55 -11.54 -7.47 4.76
CA LYS A 55 -12.29 -6.26 4.59
C LYS A 55 -11.45 -5.01 4.90
N LYS A 56 -10.62 -4.99 5.95
CA LYS A 56 -9.65 -3.90 6.21
C LYS A 56 -8.67 -3.68 5.03
N LEU A 57 -8.06 -4.73 4.48
CA LEU A 57 -7.08 -4.58 3.38
C LEU A 57 -7.74 -4.23 2.05
N VAL A 58 -8.93 -4.77 1.77
CA VAL A 58 -9.67 -4.49 0.53
C VAL A 58 -10.42 -3.14 0.60
N THR A 59 -10.81 -2.68 1.80
CA THR A 59 -11.37 -1.31 1.96
C THR A 59 -10.31 -0.23 1.77
N LEU A 60 -9.07 -0.51 2.19
CA LEU A 60 -7.93 0.39 1.93
C LEU A 60 -7.92 0.85 0.47
N TYR A 61 -7.94 -0.10 -0.49
CA TYR A 61 -8.04 0.22 -1.95
C TYR A 61 -9.41 0.78 -2.35
N ASP A 62 -10.48 0.29 -1.70
CA ASP A 62 -11.86 0.78 -1.91
C ASP A 62 -12.01 2.29 -1.64
N ARG A 63 -11.08 2.94 -0.90
CA ARG A 63 -10.90 4.41 -1.02
C ARG A 63 -9.59 4.88 -1.65
N PHE A 64 -8.45 4.22 -1.46
CA PHE A 64 -7.15 4.74 -1.93
C PHE A 64 -7.03 4.81 -3.45
N ARG A 65 -7.37 3.71 -4.16
CA ARG A 65 -7.22 3.59 -5.62
C ARG A 65 -8.23 4.43 -6.39
N PHE A 66 -9.38 4.62 -5.75
CA PHE A 66 -10.59 5.28 -6.25
C PHE A 66 -10.83 6.73 -5.79
N GLU A 67 -10.93 6.96 -4.47
CA GLU A 67 -11.60 8.12 -3.85
C GLU A 67 -10.65 9.20 -3.28
N ASN A 68 -9.59 8.77 -2.60
CA ASN A 68 -8.63 9.63 -1.89
C ASN A 68 -7.67 10.38 -2.83
N GLY B 1 10.33 8.09 -18.72
CA GLY B 1 10.04 9.45 -18.20
C GLY B 1 11.33 10.21 -17.91
N SER B 2 11.43 10.84 -16.74
CA SER B 2 12.65 11.54 -16.29
C SER B 2 13.86 10.60 -16.06
N HIS B 3 13.59 9.31 -15.86
CA HIS B 3 14.55 8.21 -15.80
C HIS B 3 13.93 6.92 -16.39
N MET B 4 14.68 5.82 -16.43
CA MET B 4 14.17 4.48 -16.74
C MET B 4 13.57 3.81 -15.49
N ARG B 5 12.52 2.98 -15.67
CA ARG B 5 11.83 2.23 -14.60
C ARG B 5 11.70 0.75 -14.95
N MET B 6 11.62 -0.10 -13.94
CA MET B 6 11.48 -1.56 -14.10
C MET B 6 10.21 -2.17 -13.48
N SER B 7 9.28 -1.32 -13.06
CA SER B 7 8.02 -1.63 -12.39
C SER B 7 8.14 -2.64 -11.23
N LEU B 8 7.94 -3.95 -11.41
CA LEU B 8 8.02 -4.93 -10.31
C LEU B 8 8.98 -6.06 -10.68
N ILE B 9 10.25 -5.94 -10.24
CA ILE B 9 11.29 -6.94 -10.47
C ILE B 9 11.12 -8.15 -9.52
N GLY B 10 10.79 -7.85 -8.25
CA GLY B 10 10.76 -8.81 -7.13
C GLY B 10 11.94 -8.66 -6.15
N GLU B 11 12.86 -7.72 -6.38
CA GLU B 11 13.93 -7.31 -5.45
C GLU B 11 13.97 -5.79 -5.37
N ARG B 12 14.37 -5.13 -6.46
CA ARG B 12 14.54 -3.67 -6.57
C ARG B 12 15.46 -3.05 -5.51
N PHE B 13 16.50 -3.81 -5.12
CA PHE B 13 17.57 -3.40 -4.20
C PHE B 13 18.27 -2.12 -4.67
N THR B 14 19.04 -1.45 -3.82
CA THR B 14 19.74 -0.16 -4.11
C THR B 14 20.31 0.01 -5.53
N GLU B 15 20.96 -1.00 -6.14
CA GLU B 15 21.45 -0.94 -7.53
C GLU B 15 20.34 -1.10 -8.60
N GLU B 16 19.31 -1.89 -8.29
CA GLU B 16 18.08 -2.13 -9.04
C GLU B 16 16.92 -1.19 -8.66
N GLU B 17 17.20 -0.16 -7.83
CA GLU B 17 16.21 0.76 -7.25
C GLU B 17 15.65 1.79 -8.25
N GLN B 18 16.22 1.91 -9.46
CA GLN B 18 15.83 2.92 -10.48
C GLN B 18 14.32 3.09 -10.67
N LYS B 19 13.57 2.01 -10.40
CA LYS B 19 12.13 2.00 -10.17
C LYS B 19 11.66 3.04 -9.15
N LEU B 20 12.01 2.80 -7.88
CA LEU B 20 11.58 3.53 -6.69
C LEU B 20 12.17 4.94 -6.70
N LEU B 21 13.39 5.03 -7.19
CA LEU B 21 14.15 6.21 -7.61
C LEU B 21 13.32 7.09 -8.54
N LEU B 22 12.70 6.53 -9.59
CA LEU B 22 12.00 7.43 -10.51
C LEU B 22 10.70 7.89 -9.85
N ASN B 23 10.05 6.95 -9.19
CA ASN B 23 8.79 7.10 -8.49
C ASN B 23 8.82 8.08 -7.31
N ILE B 24 9.97 8.29 -6.68
CA ILE B 24 10.18 9.38 -5.71
C ILE B 24 10.64 10.69 -6.36
N LEU B 25 11.33 10.62 -7.50
CA LEU B 25 11.82 11.78 -8.25
C LEU B 25 10.67 12.56 -8.92
N ILE B 26 9.59 11.89 -9.31
CA ILE B 26 8.37 12.50 -9.88
C ILE B 26 7.40 13.05 -8.82
N ASN B 27 6.23 13.52 -9.27
CA ASN B 27 5.23 14.25 -8.49
C ASN B 27 4.58 13.47 -7.32
N HIS B 28 4.40 12.15 -7.44
CA HIS B 28 3.82 11.28 -6.40
C HIS B 28 4.50 9.90 -6.32
N GLU B 29 4.53 9.31 -5.12
CA GLU B 29 5.25 8.06 -4.77
C GLU B 29 4.57 6.81 -5.36
N TYR B 30 4.81 6.58 -6.65
CA TYR B 30 3.96 5.74 -7.51
C TYR B 30 3.92 4.24 -7.17
N ALA B 31 5.06 3.61 -6.88
CA ALA B 31 5.22 2.25 -6.39
C ALA B 31 4.09 1.72 -5.49
N ILE B 32 3.62 2.47 -4.48
CA ILE B 32 2.54 1.96 -3.61
C ILE B 32 1.15 1.99 -4.27
N GLU B 33 0.90 2.89 -5.21
CA GLU B 33 -0.31 2.77 -6.03
C GLU B 33 -0.33 1.43 -6.76
N LEU B 34 0.85 1.00 -7.25
CA LEU B 34 1.05 -0.36 -7.75
C LEU B 34 0.74 -1.39 -6.66
N LEU B 35 1.42 -1.33 -5.51
CA LEU B 35 1.30 -2.28 -4.39
C LEU B 35 -0.18 -2.58 -4.05
N SER B 36 -1.03 -1.57 -3.85
CA SER B 36 -2.44 -1.81 -3.54
C SER B 36 -3.16 -2.39 -4.75
N SER B 37 -2.99 -1.79 -5.93
CA SER B 37 -3.70 -2.31 -7.11
C SER B 37 -3.36 -3.82 -7.32
N GLU B 38 -2.11 -4.17 -7.02
CA GLU B 38 -1.48 -5.47 -7.21
C GLU B 38 -1.94 -6.49 -6.17
N ILE B 39 -1.88 -6.17 -4.87
CA ILE B 39 -2.38 -7.09 -3.84
C ILE B 39 -3.84 -7.45 -4.09
N ASN B 40 -4.63 -6.47 -4.53
CA ASN B 40 -6.03 -6.74 -4.90
C ASN B 40 -6.19 -7.49 -6.21
N ASP B 41 -5.28 -7.35 -7.19
CA ASP B 41 -5.31 -8.19 -8.39
C ASP B 41 -5.08 -9.67 -8.04
N ILE B 42 -4.35 -9.97 -6.96
CA ILE B 42 -4.17 -11.34 -6.45
C ILE B 42 -5.37 -11.75 -5.57
N GLU B 43 -5.75 -10.90 -4.62
CA GLU B 43 -6.76 -11.22 -3.58
C GLU B 43 -8.18 -11.37 -4.13
N THR B 44 -8.59 -10.43 -4.99
CA THR B 44 -9.94 -10.36 -5.59
C THR B 44 -9.91 -10.47 -7.12
N GLY B 45 -8.86 -9.99 -7.80
CA GLY B 45 -8.67 -10.22 -9.24
C GLY B 45 -8.27 -11.67 -9.59
N THR B 46 -7.88 -12.47 -8.59
CA THR B 46 -7.50 -13.89 -8.67
C THR B 46 -6.36 -14.20 -9.67
N LYS B 47 -5.37 -13.30 -9.78
CA LYS B 47 -4.05 -13.63 -10.33
C LYS B 47 -3.33 -14.64 -9.41
N ASN B 48 -2.60 -15.59 -10.00
CA ASN B 48 -1.73 -16.53 -9.28
C ASN B 48 -0.68 -17.18 -10.22
N VAL B 49 0.57 -17.29 -9.74
CA VAL B 49 1.67 -18.06 -10.35
C VAL B 49 2.49 -18.74 -9.24
N ASP B 50 3.74 -19.11 -9.52
CA ASP B 50 4.80 -19.39 -8.53
C ASP B 50 5.06 -18.22 -7.54
N GLY B 51 6.08 -18.33 -6.68
CA GLY B 51 6.50 -17.27 -5.76
C GLY B 51 6.88 -15.93 -6.40
N THR B 52 6.95 -15.82 -7.73
CA THR B 52 7.13 -14.55 -8.44
C THR B 52 6.13 -13.50 -7.94
N THR B 53 4.81 -13.75 -8.01
CA THR B 53 3.82 -12.72 -7.62
C THR B 53 3.86 -12.43 -6.12
N TYR B 54 3.97 -13.45 -5.27
CA TYR B 54 4.22 -13.32 -3.83
C TYR B 54 5.36 -12.35 -3.55
N LYS B 55 6.49 -12.60 -4.19
CA LYS B 55 7.70 -11.84 -4.09
C LYS B 55 7.52 -10.38 -4.53
N LYS B 56 6.81 -10.07 -5.63
CA LYS B 56 6.40 -8.69 -5.97
C LYS B 56 5.67 -7.99 -4.78
N LEU B 57 4.63 -8.62 -4.23
CA LEU B 57 3.79 -8.00 -3.20
C LEU B 57 4.53 -7.82 -1.87
N VAL B 58 5.41 -8.76 -1.51
CA VAL B 58 6.18 -8.72 -0.26
C VAL B 58 7.47 -7.89 -0.40
N THR B 59 8.05 -7.79 -1.60
CA THR B 59 9.22 -6.91 -1.84
C THR B 59 8.83 -5.43 -1.77
N LEU B 60 7.60 -5.12 -2.22
CA LEU B 60 7.03 -3.75 -2.13
C LEU B 60 7.25 -3.16 -0.74
N TYR B 61 6.75 -3.82 0.30
CA TYR B 61 6.93 -3.38 1.69
C TYR B 61 8.39 -3.56 2.16
N ASP B 62 9.04 -4.64 1.72
CA ASP B 62 10.44 -4.94 2.08
C ASP B 62 11.41 -3.79 1.71
N ARG B 63 11.02 -2.88 0.79
CA ARG B 63 11.72 -1.58 0.63
C ARG B 63 10.93 -0.33 1.00
N PHE B 64 9.63 -0.27 0.78
CA PHE B 64 8.82 0.90 1.15
C PHE B 64 8.78 1.18 2.67
N ARG B 65 8.48 0.16 3.49
CA ARG B 65 8.30 0.30 4.95
C ARG B 65 9.63 0.51 5.68
N PHE B 66 10.66 -0.14 5.16
CA PHE B 66 12.03 -0.13 5.69
C PHE B 66 12.95 0.98 5.14
N GLU B 67 13.15 1.05 3.82
CA GLU B 67 14.26 1.77 3.17
C GLU B 67 13.90 3.14 2.56
N ASN B 68 12.78 3.18 1.85
CA ASN B 68 12.25 4.34 1.10
C ASN B 68 10.96 4.91 1.74
N GLY A 1 -8.93 22.42 15.41
CA GLY A 1 -7.95 21.65 14.62
C GLY A 1 -7.90 20.18 15.05
N SER A 2 -7.36 19.31 14.18
CA SER A 2 -7.33 17.84 14.33
C SER A 2 -8.72 17.17 14.45
N HIS A 3 -8.74 15.85 14.54
CA HIS A 3 -9.95 15.00 14.59
C HIS A 3 -9.67 13.65 15.30
N MET A 4 -10.71 12.85 15.53
CA MET A 4 -10.61 11.43 15.90
C MET A 4 -10.42 10.53 14.67
N ARG A 5 -9.77 9.37 14.86
CA ARG A 5 -9.46 8.36 13.81
C ARG A 5 -9.90 6.96 14.23
N MET A 6 -10.15 6.10 13.25
CA MET A 6 -10.58 4.71 13.49
C MET A 6 -9.65 3.61 12.91
N SER A 7 -8.51 4.02 12.39
CA SER A 7 -7.50 3.19 11.71
C SER A 7 -8.04 2.22 10.65
N LEU A 8 -8.48 0.99 10.98
CA LEU A 8 -9.00 0.05 9.99
C LEU A 8 -10.38 -0.49 10.43
N ILE A 9 -11.46 0.10 9.91
CA ILE A 9 -12.84 -0.35 10.18
C ILE A 9 -13.21 -1.56 9.31
N GLY A 10 -12.73 -1.56 8.07
CA GLY A 10 -13.13 -2.52 7.02
C GLY A 10 -14.20 -1.98 6.04
N GLU A 11 -14.52 -0.68 6.12
CA GLU A 11 -15.32 0.07 5.14
C GLU A 11 -14.76 1.48 4.95
N ARG A 12 -14.81 2.30 6.01
CA ARG A 12 -14.35 3.70 6.02
C ARG A 12 -14.94 4.59 4.90
N PHE A 13 -16.19 4.30 4.53
CA PHE A 13 -16.97 5.04 3.54
C PHE A 13 -17.22 6.49 3.98
N THR A 14 -17.70 7.38 3.12
CA THR A 14 -17.92 8.83 3.38
C THR A 14 -18.35 9.25 4.81
N GLU A 15 -19.31 8.57 5.46
CA GLU A 15 -19.72 8.86 6.85
C GLU A 15 -18.73 8.32 7.92
N GLU A 16 -18.06 7.22 7.62
CA GLU A 16 -17.00 6.55 8.39
C GLU A 16 -15.56 6.95 7.95
N GLU A 17 -15.44 7.94 7.05
CA GLU A 17 -14.19 8.39 6.45
C GLU A 17 -13.25 9.11 7.42
N GLN A 18 -13.71 9.48 8.63
CA GLN A 18 -12.94 10.29 9.62
C GLN A 18 -11.47 9.85 9.80
N LYS A 19 -11.22 8.56 9.59
CA LYS A 19 -9.90 7.97 9.38
C LYS A 19 -9.06 8.71 8.31
N LEU A 20 -9.46 8.58 7.06
CA LEU A 20 -8.78 9.08 5.86
C LEU A 20 -8.79 10.61 5.84
N LEU A 21 -9.90 11.16 6.31
CA LEU A 21 -10.15 12.56 6.68
C LEU A 21 -9.06 13.09 7.61
N LEU A 22 -8.70 12.36 8.68
CA LEU A 22 -7.69 12.93 9.60
C LEU A 22 -6.33 12.87 8.92
N ASN A 23 -6.09 11.73 8.29
CA ASN A 23 -4.88 11.39 7.55
C ASN A 23 -4.57 12.26 6.32
N ILE A 24 -5.53 13.04 5.81
CA ILE A 24 -5.28 14.14 4.86
C ILE A 24 -5.27 15.53 5.52
N LEU A 25 -5.97 15.70 6.64
CA LEU A 25 -6.07 16.96 7.38
C LEU A 25 -4.75 17.33 8.10
N ILE A 26 -3.97 16.34 8.52
CA ILE A 26 -2.64 16.53 9.14
C ILE A 26 -1.52 16.89 8.12
N ASN A 27 -0.28 17.01 8.62
CA ASN A 27 0.88 17.51 7.89
C ASN A 27 1.31 16.69 6.65
N HIS A 28 1.03 15.38 6.63
CA HIS A 28 1.40 14.47 5.54
C HIS A 28 0.36 13.33 5.37
N GLU A 29 0.21 12.83 4.14
CA GLU A 29 -0.77 11.79 3.77
C GLU A 29 -0.49 10.43 4.45
N TYR A 30 -1.57 9.70 4.82
CA TYR A 30 -1.48 8.42 5.54
C TYR A 30 -2.45 7.35 4.98
N ALA A 31 -3.17 6.55 5.80
CA ALA A 31 -3.74 5.22 5.55
C ALA A 31 -2.80 4.16 4.97
N ILE A 32 -2.01 4.51 3.98
CA ILE A 32 -1.18 3.58 3.19
C ILE A 32 0.02 3.03 3.96
N GLU A 33 0.57 3.79 4.90
CA GLU A 33 1.55 3.24 5.86
C GLU A 33 0.96 2.01 6.58
N LEU A 34 -0.32 2.09 6.95
CA LEU A 34 -1.05 0.95 7.50
C LEU A 34 -1.19 -0.17 6.46
N LEU A 35 -1.63 0.12 5.23
CA LEU A 35 -1.81 -0.87 4.15
C LEU A 35 -0.56 -1.74 3.96
N SER A 36 0.62 -1.14 3.77
CA SER A 36 1.85 -1.89 3.55
C SER A 36 2.32 -2.66 4.81
N SER A 37 2.15 -2.03 5.98
CA SER A 37 2.45 -2.71 7.24
C SER A 37 1.55 -3.96 7.42
N GLU A 38 0.27 -3.81 7.08
CA GLU A 38 -0.80 -4.80 7.22
C GLU A 38 -0.58 -5.97 6.29
N ILE A 39 -0.42 -5.69 4.99
CA ILE A 39 -0.22 -6.74 3.98
C ILE A 39 1.00 -7.58 4.31
N ASN A 40 2.11 -6.94 4.73
CA ASN A 40 3.29 -7.73 5.11
C ASN A 40 3.13 -8.47 6.46
N ASP A 41 2.31 -7.96 7.40
CA ASP A 41 2.03 -8.67 8.66
C ASP A 41 1.21 -9.96 8.41
N ILE A 42 0.45 -10.01 7.32
CA ILE A 42 -0.25 -11.24 6.89
C ILE A 42 0.69 -12.13 6.06
N GLU A 43 1.40 -11.53 5.10
CA GLU A 43 2.24 -12.26 4.13
C GLU A 43 3.44 -12.97 4.77
N THR A 44 4.18 -12.25 5.60
CA THR A 44 5.40 -12.73 6.29
C THR A 44 5.28 -12.69 7.82
N GLY A 45 4.54 -11.72 8.39
CA GLY A 45 4.24 -11.70 9.83
C GLY A 45 3.32 -12.84 10.31
N THR A 46 2.66 -13.53 9.36
CA THR A 46 1.81 -14.71 9.55
C THR A 46 0.65 -14.53 10.57
N LYS A 47 0.04 -13.33 10.56
CA LYS A 47 -1.30 -13.10 11.14
C LYS A 47 -2.35 -13.98 10.43
N ASN A 48 -3.35 -14.46 11.17
CA ASN A 48 -4.44 -15.30 10.64
C ASN A 48 -5.76 -15.08 11.41
N VAL A 49 -6.86 -14.97 10.67
CA VAL A 49 -8.23 -14.72 11.16
C VAL A 49 -9.24 -15.02 10.03
N ASP A 50 -10.54 -15.03 10.36
CA ASP A 50 -11.69 -14.93 9.44
C ASP A 50 -11.67 -13.62 8.61
N GLY A 51 -12.75 -13.31 7.88
CA GLY A 51 -12.89 -12.15 6.98
C GLY A 51 -12.53 -10.77 7.51
N THR A 52 -12.24 -10.61 8.81
CA THR A 52 -11.69 -9.40 9.41
C THR A 52 -10.49 -8.87 8.61
N THR A 53 -9.37 -9.59 8.57
CA THR A 53 -8.15 -9.09 7.91
C THR A 53 -8.30 -8.99 6.38
N TYR A 54 -9.07 -9.90 5.79
CA TYR A 54 -9.47 -9.84 4.38
C TYR A 54 -10.11 -8.49 4.07
N LYS A 55 -11.14 -8.14 4.85
CA LYS A 55 -11.89 -6.92 4.71
C LYS A 55 -11.05 -5.66 4.96
N LYS A 56 -10.19 -5.63 5.98
CA LYS A 56 -9.21 -4.52 6.18
C LYS A 56 -8.34 -4.32 4.92
N LEU A 57 -7.76 -5.39 4.39
CA LEU A 57 -6.83 -5.35 3.25
C LEU A 57 -7.53 -4.99 1.94
N VAL A 58 -8.73 -5.52 1.72
CA VAL A 58 -9.51 -5.26 0.50
C VAL A 58 -10.26 -3.92 0.58
N THR A 59 -10.56 -3.40 1.77
CA THR A 59 -11.13 -2.06 1.93
C THR A 59 -10.11 -0.95 1.64
N LEU A 60 -8.83 -1.21 2.00
CA LEU A 60 -7.73 -0.28 1.70
C LEU A 60 -7.78 0.15 0.24
N TYR A 61 -7.79 -0.81 -0.70
CA TYR A 61 -7.95 -0.49 -2.14
C TYR A 61 -9.36 -0.01 -2.48
N ASP A 62 -10.40 -0.56 -1.84
CA ASP A 62 -11.80 -0.17 -2.07
C ASP A 62 -12.01 1.34 -1.89
N ARG A 63 -11.17 2.07 -1.13
CA ARG A 63 -11.17 3.54 -1.19
C ARG A 63 -9.89 4.21 -1.67
N PHE A 64 -8.71 3.64 -1.54
CA PHE A 64 -7.48 4.25 -2.08
C PHE A 64 -7.47 4.32 -3.62
N ARG A 65 -7.81 3.22 -4.31
CA ARG A 65 -7.78 3.10 -5.76
C ARG A 65 -8.94 3.86 -6.42
N PHE A 66 -10.08 3.83 -5.76
CA PHE A 66 -11.35 4.46 -6.18
C PHE A 66 -11.56 5.91 -5.72
N GLU A 67 -11.56 6.18 -4.40
CA GLU A 67 -12.08 7.41 -3.79
C GLU A 67 -11.01 8.41 -3.33
N ASN A 68 -10.26 8.05 -2.28
CA ASN A 68 -9.34 8.90 -1.52
C ASN A 68 -8.11 8.13 -0.99
N GLY B 1 20.91 5.75 -14.68
CA GLY B 1 20.10 6.20 -15.83
C GLY B 1 19.06 7.23 -15.42
N SER B 2 19.32 8.52 -15.68
CA SER B 2 18.47 9.65 -15.27
C SER B 2 17.36 9.93 -16.30
N HIS B 3 16.08 9.65 -16.05
CA HIS B 3 15.47 8.98 -14.90
C HIS B 3 14.55 7.84 -15.39
N MET B 4 15.13 6.66 -15.61
CA MET B 4 14.41 5.49 -16.10
C MET B 4 13.54 4.85 -15.00
N ARG B 5 12.58 4.00 -15.37
CA ARG B 5 11.74 3.22 -14.44
C ARG B 5 11.63 1.76 -14.85
N MET B 6 11.51 0.87 -13.85
CA MET B 6 11.40 -0.58 -14.07
C MET B 6 10.15 -1.25 -13.48
N SER B 7 9.21 -0.44 -12.99
CA SER B 7 7.98 -0.83 -12.30
C SER B 7 8.18 -1.81 -11.13
N LEU B 8 8.12 -3.13 -11.31
CA LEU B 8 8.32 -4.09 -10.22
C LEU B 8 9.35 -5.15 -10.62
N ILE B 9 10.61 -4.93 -10.22
CA ILE B 9 11.72 -5.88 -10.44
C ILE B 9 11.61 -7.08 -9.48
N GLY B 10 11.13 -6.82 -8.26
CA GLY B 10 11.12 -7.77 -7.13
C GLY B 10 12.28 -7.55 -6.14
N GLU B 11 13.16 -6.57 -6.40
CA GLU B 11 14.23 -6.11 -5.49
C GLU B 11 14.17 -4.60 -5.39
N ARG B 12 14.57 -3.90 -6.46
CA ARG B 12 14.63 -2.43 -6.54
C ARG B 12 15.52 -1.77 -5.48
N PHE B 13 16.58 -2.48 -5.10
CA PHE B 13 17.63 -2.03 -4.16
C PHE B 13 18.29 -0.73 -4.61
N THR B 14 19.03 -0.03 -3.75
CA THR B 14 19.68 1.28 -4.02
C THR B 14 20.26 1.50 -5.44
N GLU B 15 20.95 0.51 -6.04
CA GLU B 15 21.45 0.62 -7.44
C GLU B 15 20.35 0.40 -8.52
N GLU B 16 19.35 -0.42 -8.20
CA GLU B 16 18.14 -0.73 -8.98
C GLU B 16 16.94 0.17 -8.60
N GLU B 17 17.15 1.19 -7.77
CA GLU B 17 16.11 2.04 -7.19
C GLU B 17 15.49 3.02 -8.20
N GLN B 18 16.06 3.18 -9.41
CA GLN B 18 15.61 4.15 -10.43
C GLN B 18 14.09 4.22 -10.60
N LYS B 19 13.41 3.10 -10.38
CA LYS B 19 11.96 3.00 -10.19
C LYS B 19 11.41 4.03 -9.18
N LEU B 20 11.78 3.86 -7.92
CA LEU B 20 11.31 4.59 -6.76
C LEU B 20 11.80 6.05 -6.82
N LEU B 21 13.02 6.19 -7.31
CA LEU B 21 13.72 7.42 -7.72
C LEU B 21 12.89 8.23 -8.71
N LEU B 22 12.34 7.60 -9.76
CA LEU B 22 11.62 8.39 -10.77
C LEU B 22 10.30 8.83 -10.15
N ASN B 23 9.65 7.88 -9.51
CA ASN B 23 8.37 8.01 -8.85
C ASN B 23 8.32 9.06 -7.74
N ILE B 24 9.40 9.26 -6.98
CA ILE B 24 9.50 10.35 -6.00
C ILE B 24 9.90 11.68 -6.64
N LEU B 25 10.67 11.65 -7.75
CA LEU B 25 11.13 12.86 -8.43
C LEU B 25 10.02 13.59 -9.21
N ILE B 26 9.03 12.85 -9.74
CA ILE B 26 7.87 13.42 -10.47
C ILE B 26 6.78 14.00 -9.53
N ASN B 27 5.64 14.39 -10.12
CA ASN B 27 4.52 15.12 -9.51
C ASN B 27 4.05 14.58 -8.14
N HIS B 28 3.93 13.25 -8.03
CA HIS B 28 3.59 12.54 -6.79
C HIS B 28 4.10 11.08 -6.83
N GLU B 29 4.23 10.46 -5.65
CA GLU B 29 4.62 9.06 -5.49
C GLU B 29 3.66 8.09 -6.23
N TYR B 30 4.20 6.98 -6.74
CA TYR B 30 3.50 6.10 -7.70
C TYR B 30 3.70 4.60 -7.44
N ALA B 31 4.89 4.17 -6.98
CA ALA B 31 5.15 2.86 -6.41
C ALA B 31 4.03 2.38 -5.47
N ILE B 32 3.53 3.27 -4.61
CA ILE B 32 2.41 3.01 -3.70
C ILE B 32 1.12 2.68 -4.45
N GLU B 33 0.81 3.44 -5.50
CA GLU B 33 -0.33 3.14 -6.37
C GLU B 33 -0.21 1.72 -6.96
N LEU B 34 1.02 1.32 -7.30
CA LEU B 34 1.31 -0.05 -7.69
C LEU B 34 1.00 -1.02 -6.55
N LEU B 35 1.41 -0.74 -5.30
CA LEU B 35 1.15 -1.61 -4.15
C LEU B 35 -0.34 -1.92 -3.98
N SER B 36 -1.21 -0.90 -3.88
CA SER B 36 -2.64 -1.15 -3.63
C SER B 36 -3.32 -1.86 -4.82
N SER B 37 -2.91 -1.48 -6.04
CA SER B 37 -3.37 -2.14 -7.26
C SER B 37 -2.95 -3.63 -7.26
N GLU B 38 -1.71 -3.89 -6.88
CA GLU B 38 -1.07 -5.21 -6.87
C GLU B 38 -1.71 -6.12 -5.83
N ILE B 39 -1.80 -5.67 -4.58
CA ILE B 39 -2.38 -6.46 -3.49
C ILE B 39 -3.83 -6.84 -3.78
N ASN B 40 -4.61 -5.93 -4.34
CA ASN B 40 -5.97 -6.30 -4.76
C ASN B 40 -5.98 -7.23 -6.01
N ASP B 41 -4.97 -7.17 -6.88
CA ASP B 41 -4.84 -8.13 -7.99
C ASP B 41 -4.53 -9.55 -7.46
N ILE B 42 -3.93 -9.70 -6.28
CA ILE B 42 -3.79 -11.00 -5.60
C ILE B 42 -5.10 -11.38 -4.88
N GLU B 43 -5.66 -10.46 -4.09
CA GLU B 43 -6.79 -10.74 -3.18
C GLU B 43 -8.10 -11.06 -3.93
N THR B 44 -8.42 -10.24 -4.93
CA THR B 44 -9.65 -10.34 -5.73
C THR B 44 -9.38 -10.54 -7.23
N GLY B 45 -8.25 -10.07 -7.77
CA GLY B 45 -7.83 -10.41 -9.14
C GLY B 45 -7.42 -11.88 -9.30
N THR B 46 -7.06 -12.54 -8.18
CA THR B 46 -6.62 -13.94 -8.10
C THR B 46 -5.36 -14.24 -8.95
N LYS B 47 -4.39 -13.32 -8.94
CA LYS B 47 -3.01 -13.59 -9.37
C LYS B 47 -2.37 -14.61 -8.42
N ASN B 48 -1.77 -15.66 -8.97
CA ASN B 48 -1.00 -16.67 -8.22
C ASN B 48 -0.09 -17.46 -9.19
N VAL B 49 1.22 -17.39 -9.00
CA VAL B 49 2.25 -18.13 -9.76
C VAL B 49 3.33 -18.65 -8.78
N ASP B 50 4.55 -18.89 -9.27
CA ASP B 50 5.76 -18.97 -8.46
C ASP B 50 6.00 -17.71 -7.57
N GLY B 51 7.09 -17.67 -6.80
CA GLY B 51 7.47 -16.53 -5.93
C GLY B 51 7.59 -15.17 -6.60
N THR B 52 7.51 -15.05 -7.93
CA THR B 52 7.42 -13.78 -8.66
C THR B 52 6.45 -12.79 -8.01
N THR B 53 5.14 -13.09 -7.99
CA THR B 53 4.11 -12.14 -7.51
C THR B 53 4.20 -11.88 -6.00
N TYR B 54 4.55 -12.93 -5.24
CA TYR B 54 4.89 -12.86 -3.82
C TYR B 54 5.97 -11.81 -3.58
N LYS B 55 7.09 -11.95 -4.30
CA LYS B 55 8.25 -11.10 -4.21
C LYS B 55 7.96 -9.65 -4.57
N LYS B 56 7.20 -9.36 -5.64
CA LYS B 56 6.71 -8.00 -5.95
C LYS B 56 5.96 -7.37 -4.75
N LEU B 57 5.03 -8.12 -4.15
CA LEU B 57 4.18 -7.63 -3.06
C LEU B 57 4.94 -7.45 -1.74
N VAL B 58 5.89 -8.34 -1.43
CA VAL B 58 6.70 -8.26 -0.21
C VAL B 58 7.93 -7.33 -0.37
N THR B 59 8.43 -7.14 -1.60
CA THR B 59 9.50 -6.16 -1.87
C THR B 59 8.98 -4.72 -1.73
N LEU B 60 7.70 -4.50 -2.11
CA LEU B 60 7.02 -3.21 -1.90
C LEU B 60 7.28 -2.71 -0.48
N TYR B 61 6.89 -3.47 0.55
CA TYR B 61 7.12 -3.08 1.95
C TYR B 61 8.60 -3.10 2.32
N ASP B 62 9.36 -4.06 1.79
CA ASP B 62 10.79 -4.20 2.06
C ASP B 62 11.60 -2.93 1.69
N ARG B 63 11.05 -2.04 0.82
CA ARG B 63 11.57 -0.66 0.68
C ARG B 63 10.64 0.47 1.12
N PHE B 64 9.32 0.34 0.96
CA PHE B 64 8.36 1.39 1.34
C PHE B 64 8.32 1.66 2.86
N ARG B 65 8.21 0.62 3.69
CA ARG B 65 8.09 0.72 5.16
C ARG B 65 9.40 1.14 5.82
N PHE B 66 10.49 0.67 5.23
CA PHE B 66 11.87 0.85 5.69
C PHE B 66 12.63 2.07 5.12
N GLU B 67 12.76 2.17 3.79
CA GLU B 67 13.77 2.98 3.09
C GLU B 67 13.25 4.28 2.45
N ASN B 68 12.09 4.20 1.78
CA ASN B 68 11.54 5.28 0.94
C ASN B 68 10.97 6.45 1.76
N GLY A 1 -6.60 18.43 19.28
CA GLY A 1 -6.66 18.34 17.80
C GLY A 1 -8.10 18.27 17.31
N SER A 2 -8.39 18.93 16.18
CA SER A 2 -9.75 19.07 15.62
C SER A 2 -10.31 17.81 14.94
N HIS A 3 -9.44 16.84 14.60
CA HIS A 3 -9.77 15.60 13.89
C HIS A 3 -9.21 14.37 14.64
N MET A 4 -9.92 13.24 14.53
CA MET A 4 -9.67 11.98 15.27
C MET A 4 -9.53 10.80 14.30
N ARG A 5 -9.06 9.64 14.80
CA ARG A 5 -8.75 8.45 13.98
C ARG A 5 -9.31 7.15 14.55
N MET A 6 -9.62 6.22 13.65
CA MET A 6 -10.14 4.88 13.98
C MET A 6 -9.30 3.70 13.43
N SER A 7 -8.09 4.02 12.98
CA SER A 7 -7.12 3.13 12.32
C SER A 7 -7.69 2.26 11.18
N LEU A 8 -8.22 1.06 11.41
CA LEU A 8 -8.95 0.30 10.39
C LEU A 8 -10.27 -0.30 10.89
N ILE A 9 -11.37 0.20 10.33
CA ILE A 9 -12.76 -0.16 10.70
C ILE A 9 -13.29 -1.32 9.82
N GLY A 10 -12.89 -1.34 8.54
CA GLY A 10 -13.37 -2.30 7.53
C GLY A 10 -14.32 -1.73 6.47
N GLU A 11 -14.68 -0.44 6.52
CA GLU A 11 -15.25 0.31 5.38
C GLU A 11 -14.61 1.70 5.30
N ARG A 12 -14.61 2.43 6.42
CA ARG A 12 -14.10 3.81 6.53
C ARG A 12 -14.67 4.76 5.48
N PHE A 13 -15.93 4.56 5.16
CA PHE A 13 -16.64 5.31 4.14
C PHE A 13 -16.84 6.76 4.56
N THR A 14 -17.22 7.65 3.65
CA THR A 14 -17.39 9.11 3.85
C THR A 14 -17.73 9.62 5.28
N GLU A 15 -18.73 9.05 5.97
CA GLU A 15 -19.09 9.43 7.36
C GLU A 15 -18.11 8.89 8.44
N GLU A 16 -17.48 7.76 8.17
CA GLU A 16 -16.41 7.09 8.92
C GLU A 16 -14.99 7.42 8.40
N GLU A 17 -14.85 8.38 7.48
CA GLU A 17 -13.59 8.65 6.78
C GLU A 17 -12.56 9.41 7.65
N GLN A 18 -12.95 9.88 8.84
CA GLN A 18 -12.11 10.66 9.78
C GLN A 18 -10.69 10.13 9.91
N LYS A 19 -10.53 8.82 9.79
CA LYS A 19 -9.25 8.13 9.62
C LYS A 19 -8.40 8.73 8.50
N LEU A 20 -8.87 8.55 7.27
CA LEU A 20 -8.20 8.86 6.01
C LEU A 20 -8.12 10.38 5.84
N LEU A 21 -9.15 11.09 6.30
CA LEU A 21 -9.17 12.53 6.49
C LEU A 21 -7.99 12.91 7.37
N LEU A 22 -7.83 12.31 8.56
CA LEU A 22 -6.94 12.95 9.53
C LEU A 22 -5.52 12.84 8.95
N ASN A 23 -5.27 11.64 8.42
CA ASN A 23 -4.09 11.16 7.74
C ASN A 23 -3.66 11.91 6.47
N ILE A 24 -4.57 12.50 5.71
CA ILE A 24 -4.18 13.44 4.63
C ILE A 24 -3.93 14.85 5.16
N LEU A 25 -4.61 15.24 6.24
CA LEU A 25 -4.61 16.61 6.76
C LEU A 25 -3.32 16.94 7.54
N ILE A 26 -2.75 15.95 8.24
CA ILE A 26 -1.54 16.06 9.06
C ILE A 26 -0.30 16.55 8.27
N ASN A 27 0.01 15.86 7.18
CA ASN A 27 1.14 16.14 6.28
C ASN A 27 0.80 15.67 4.85
N HIS A 28 0.65 14.35 4.62
CA HIS A 28 0.10 13.81 3.38
C HIS A 28 -0.47 12.38 3.47
N GLU A 29 0.14 11.47 4.22
CA GLU A 29 -0.21 10.04 4.20
C GLU A 29 0.15 9.31 5.52
N TYR A 30 -0.66 8.32 5.90
CA TYR A 30 -0.40 7.42 7.04
C TYR A 30 -1.21 6.10 7.00
N ALA A 31 -2.47 6.13 6.54
CA ALA A 31 -3.27 4.95 6.20
C ALA A 31 -2.49 3.90 5.42
N ILE A 32 -1.65 4.33 4.47
CA ILE A 32 -0.80 3.42 3.70
C ILE A 32 0.36 2.81 4.49
N GLU A 33 0.95 3.55 5.43
CA GLU A 33 1.87 2.98 6.43
C GLU A 33 1.20 1.79 7.13
N LEU A 34 -0.08 1.99 7.49
CA LEU A 34 -0.92 0.94 8.06
C LEU A 34 -1.11 -0.21 7.05
N LEU A 35 -1.47 0.07 5.79
CA LEU A 35 -1.70 -0.96 4.76
C LEU A 35 -0.48 -1.88 4.64
N SER A 36 0.72 -1.34 4.39
CA SER A 36 1.91 -2.15 4.13
C SER A 36 2.31 -2.97 5.36
N SER A 37 2.20 -2.33 6.55
CA SER A 37 2.45 -3.05 7.80
C SER A 37 1.46 -4.20 7.98
N GLU A 38 0.18 -3.96 7.68
CA GLU A 38 -0.95 -4.88 7.84
C GLU A 38 -0.82 -6.07 6.88
N ILE A 39 -0.66 -5.82 5.58
CA ILE A 39 -0.53 -6.88 4.59
C ILE A 39 0.65 -7.79 4.91
N ASN A 40 1.80 -7.22 5.30
CA ASN A 40 2.93 -8.09 5.67
C ASN A 40 2.74 -8.81 7.03
N ASP A 41 1.93 -8.26 7.95
CA ASP A 41 1.56 -8.97 9.19
C ASP A 41 0.71 -10.22 8.88
N ILE A 42 -0.09 -10.20 7.82
CA ILE A 42 -0.88 -11.37 7.39
C ILE A 42 -0.01 -12.32 6.57
N GLU A 43 0.77 -11.79 5.63
CA GLU A 43 1.58 -12.56 4.68
C GLU A 43 2.72 -13.35 5.33
N THR A 44 3.48 -12.68 6.21
CA THR A 44 4.68 -13.25 6.89
C THR A 44 4.60 -13.17 8.41
N GLY A 45 3.92 -12.17 9.00
CA GLY A 45 3.66 -12.10 10.44
C GLY A 45 2.71 -13.19 10.96
N THR A 46 2.04 -13.92 10.05
CA THR A 46 1.16 -15.09 10.31
C THR A 46 0.00 -14.82 11.29
N LYS A 47 -0.59 -13.61 11.19
CA LYS A 47 -1.89 -13.29 11.78
C LYS A 47 -3.00 -14.17 11.18
N ASN A 48 -4.00 -14.55 11.97
CA ASN A 48 -5.07 -15.48 11.57
C ASN A 48 -6.41 -15.15 12.28
N VAL A 49 -7.46 -14.97 11.48
CA VAL A 49 -8.86 -14.67 11.89
C VAL A 49 -9.79 -14.93 10.68
N ASP A 50 -11.11 -14.91 10.92
CA ASP A 50 -12.17 -14.82 9.89
C ASP A 50 -12.06 -13.51 9.07
N GLY A 51 -13.06 -13.22 8.21
CA GLY A 51 -13.10 -12.07 7.28
C GLY A 51 -12.82 -10.67 7.85
N THR A 52 -12.70 -10.51 9.16
CA THR A 52 -12.24 -9.29 9.83
C THR A 52 -10.99 -8.73 9.17
N THR A 53 -9.85 -9.44 9.23
CA THR A 53 -8.56 -8.90 8.72
C THR A 53 -8.52 -8.79 7.19
N TYR A 54 -9.17 -9.73 6.51
CA TYR A 54 -9.43 -9.69 5.07
C TYR A 54 -10.07 -8.36 4.70
N LYS A 55 -11.19 -8.04 5.36
CA LYS A 55 -11.95 -6.84 5.15
C LYS A 55 -11.14 -5.58 5.46
N LYS A 56 -10.37 -5.52 6.55
CA LYS A 56 -9.46 -4.38 6.81
C LYS A 56 -8.49 -4.15 5.62
N LEU A 57 -7.80 -5.18 5.15
CA LEU A 57 -6.78 -4.99 4.12
C LEU A 57 -7.31 -4.89 2.68
N VAL A 58 -8.52 -5.40 2.41
CA VAL A 58 -9.20 -5.18 1.12
C VAL A 58 -9.98 -3.84 1.12
N THR A 59 -10.42 -3.34 2.27
CA THR A 59 -11.00 -1.99 2.35
C THR A 59 -9.96 -0.88 2.14
N LEU A 60 -8.71 -1.16 2.56
CA LEU A 60 -7.58 -0.27 2.30
C LEU A 60 -7.55 0.19 0.85
N TYR A 61 -7.54 -0.76 -0.10
CA TYR A 61 -7.64 -0.44 -1.55
C TYR A 61 -9.02 0.11 -1.92
N ASP A 62 -10.09 -0.45 -1.32
CA ASP A 62 -11.47 -0.04 -1.60
C ASP A 62 -11.72 1.46 -1.34
N ARG A 63 -10.84 2.17 -0.58
CA ARG A 63 -10.80 3.65 -0.65
C ARG A 63 -9.50 4.28 -1.15
N PHE A 64 -8.33 3.72 -0.92
CA PHE A 64 -7.07 4.30 -1.44
C PHE A 64 -7.04 4.39 -2.98
N ARG A 65 -7.43 3.31 -3.69
CA ARG A 65 -7.38 3.19 -5.15
C ARG A 65 -8.49 3.97 -5.85
N PHE A 66 -9.67 3.95 -5.23
CA PHE A 66 -10.91 4.55 -5.75
C PHE A 66 -11.24 5.97 -5.26
N GLU A 67 -11.34 6.18 -3.95
CA GLU A 67 -12.05 7.31 -3.33
C GLU A 67 -11.17 8.46 -2.81
N ASN A 68 -10.05 8.12 -2.19
CA ASN A 68 -9.13 9.05 -1.50
C ASN A 68 -8.30 9.91 -2.48
N GLY B 1 14.26 17.02 -14.58
CA GLY B 1 15.05 15.78 -14.47
C GLY B 1 14.15 14.55 -14.47
N SER B 2 14.59 13.47 -15.12
CA SER B 2 13.86 12.20 -15.26
C SER B 2 14.81 10.99 -15.32
N HIS B 3 14.26 9.79 -15.12
CA HIS B 3 14.99 8.51 -15.10
C HIS B 3 14.10 7.33 -15.56
N MET B 4 14.72 6.20 -15.89
CA MET B 4 14.03 4.92 -16.14
C MET B 4 13.45 4.33 -14.85
N ARG B 5 12.33 3.59 -14.96
CA ARG B 5 11.64 2.86 -13.87
C ARG B 5 11.50 1.38 -14.24
N MET B 6 11.40 0.51 -13.22
CA MET B 6 11.25 -0.94 -13.41
C MET B 6 10.01 -1.59 -12.77
N SER B 7 9.08 -0.75 -12.31
CA SER B 7 7.84 -1.10 -11.62
C SER B 7 7.98 -2.05 -10.42
N LEU B 8 7.98 -3.38 -10.56
CA LEU B 8 8.31 -4.27 -9.45
C LEU B 8 9.18 -5.48 -9.88
N ILE B 9 10.44 -5.46 -9.44
CA ILE B 9 11.50 -6.43 -9.77
C ILE B 9 11.48 -7.64 -8.84
N GLY B 10 11.14 -7.41 -7.56
CA GLY B 10 11.20 -8.42 -6.48
C GLY B 10 12.31 -8.20 -5.43
N GLU B 11 13.14 -7.18 -5.59
CA GLU B 11 14.12 -6.72 -4.59
C GLU B 11 14.20 -5.19 -4.54
N ARG B 12 14.56 -4.58 -5.68
CA ARG B 12 14.69 -3.12 -5.85
C ARG B 12 15.61 -2.43 -4.83
N PHE B 13 16.67 -3.12 -4.41
CA PHE B 13 17.68 -2.57 -3.51
C PHE B 13 18.44 -1.41 -4.15
N THR B 14 19.20 -0.62 -3.38
CA THR B 14 19.92 0.61 -3.79
C THR B 14 20.42 0.70 -5.26
N GLU B 15 21.07 -0.34 -5.80
CA GLU B 15 21.54 -0.39 -7.20
C GLU B 15 20.41 -0.61 -8.23
N GLU B 16 19.35 -1.32 -7.83
CA GLU B 16 18.10 -1.60 -8.55
C GLU B 16 16.95 -0.67 -8.11
N GLU B 17 17.24 0.41 -7.36
CA GLU B 17 16.24 1.28 -6.72
C GLU B 17 15.62 2.31 -7.67
N GLN B 18 16.14 2.44 -8.90
CA GLN B 18 15.72 3.42 -9.93
C GLN B 18 14.20 3.58 -10.04
N LYS B 19 13.46 2.52 -9.75
CA LYS B 19 12.01 2.52 -9.53
C LYS B 19 11.58 3.56 -8.48
N LEU B 20 11.98 3.32 -7.23
CA LEU B 20 11.63 4.04 -6.02
C LEU B 20 12.24 5.45 -6.06
N LEU B 21 13.44 5.55 -6.61
CA LEU B 21 14.09 6.81 -6.99
C LEU B 21 13.17 7.58 -7.92
N LEU B 22 12.71 6.96 -9.02
CA LEU B 22 12.19 7.79 -10.11
C LEU B 22 10.88 8.41 -9.60
N ASN B 23 10.10 7.53 -8.98
CA ASN B 23 8.85 7.76 -8.27
C ASN B 23 8.90 8.83 -7.18
N ILE B 24 9.91 8.84 -6.32
CA ILE B 24 10.01 9.91 -5.31
C ILE B 24 10.41 11.25 -5.96
N LEU B 25 11.14 11.21 -7.07
CA LEU B 25 11.65 12.38 -7.75
C LEU B 25 10.58 13.13 -8.58
N ILE B 26 9.60 12.42 -9.15
CA ILE B 26 8.60 12.97 -10.08
C ILE B 26 7.48 13.79 -9.40
N ASN B 27 6.64 13.12 -8.60
CA ASN B 27 5.45 13.67 -7.92
C ASN B 27 5.29 13.09 -6.49
N HIS B 28 6.35 12.41 -6.00
CA HIS B 28 6.46 11.68 -4.74
C HIS B 28 5.59 10.41 -4.58
N GLU B 29 6.08 9.47 -3.77
CA GLU B 29 5.35 8.32 -3.21
C GLU B 29 4.61 7.39 -4.22
N TYR B 30 5.06 7.28 -5.47
CA TYR B 30 4.29 6.57 -6.51
C TYR B 30 4.31 5.03 -6.39
N ALA B 31 5.37 4.41 -5.85
CA ALA B 31 5.45 2.96 -5.63
C ALA B 31 4.25 2.39 -4.85
N ILE B 32 3.70 3.18 -3.94
CA ILE B 32 2.54 2.83 -3.13
C ILE B 32 1.27 2.63 -3.99
N GLU B 33 1.12 3.40 -5.07
CA GLU B 33 0.04 3.25 -6.05
C GLU B 33 0.03 1.80 -6.58
N LEU B 34 1.22 1.34 -6.96
CA LEU B 34 1.49 -0.04 -7.32
C LEU B 34 1.21 -0.97 -6.14
N LEU B 35 1.68 -0.70 -4.92
CA LEU B 35 1.48 -1.57 -3.74
C LEU B 35 -0.01 -1.90 -3.54
N SER B 36 -0.90 -0.90 -3.45
CA SER B 36 -2.32 -1.15 -3.16
C SER B 36 -3.03 -1.81 -4.37
N SER B 37 -2.63 -1.43 -5.59
CA SER B 37 -3.15 -2.11 -6.78
C SER B 37 -2.72 -3.59 -6.80
N GLU B 38 -1.47 -3.86 -6.41
CA GLU B 38 -0.81 -5.17 -6.40
C GLU B 38 -1.43 -6.07 -5.34
N ILE B 39 -1.50 -5.62 -4.08
CA ILE B 39 -2.09 -6.41 -3.00
C ILE B 39 -3.53 -6.79 -3.32
N ASN B 40 -4.32 -5.87 -3.86
CA ASN B 40 -5.68 -6.26 -4.29
C ASN B 40 -5.69 -7.17 -5.54
N ASP B 41 -4.67 -7.12 -6.41
CA ASP B 41 -4.53 -8.09 -7.51
C ASP B 41 -4.25 -9.52 -7.00
N ILE B 42 -3.63 -9.68 -5.83
CA ILE B 42 -3.54 -11.00 -5.16
C ILE B 42 -4.87 -11.33 -4.46
N GLU B 43 -5.39 -10.41 -3.64
CA GLU B 43 -6.50 -10.67 -2.70
C GLU B 43 -7.84 -10.93 -3.39
N THR B 44 -8.12 -10.15 -4.44
CA THR B 44 -9.35 -10.27 -5.25
C THR B 44 -9.08 -10.47 -6.75
N GLY B 45 -7.95 -9.98 -7.29
CA GLY B 45 -7.57 -10.26 -8.69
C GLY B 45 -7.18 -11.73 -8.92
N THR B 46 -6.85 -12.45 -7.83
CA THR B 46 -6.47 -13.87 -7.81
C THR B 46 -5.26 -14.19 -8.69
N LYS B 47 -4.20 -13.37 -8.61
CA LYS B 47 -2.86 -13.72 -9.10
C LYS B 47 -2.36 -15.00 -8.42
N ASN B 48 -1.67 -15.86 -9.19
CA ASN B 48 -1.12 -17.14 -8.74
C ASN B 48 0.09 -17.52 -9.60
N VAL B 49 1.28 -17.58 -8.98
CA VAL B 49 2.59 -17.87 -9.61
C VAL B 49 3.59 -18.29 -8.53
N ASP B 50 4.70 -18.89 -8.95
CA ASP B 50 5.72 -19.59 -8.15
C ASP B 50 6.68 -18.66 -7.36
N GLY B 51 6.07 -17.88 -6.48
CA GLY B 51 6.70 -16.87 -5.61
C GLY B 51 6.93 -15.52 -6.24
N THR B 52 6.71 -15.34 -7.55
CA THR B 52 6.89 -14.05 -8.23
C THR B 52 5.95 -13.00 -7.63
N THR B 53 4.63 -13.22 -7.70
CA THR B 53 3.63 -12.27 -7.16
C THR B 53 3.75 -12.07 -5.63
N TYR B 54 4.09 -13.13 -4.90
CA TYR B 54 4.43 -13.10 -3.48
C TYR B 54 5.57 -12.13 -3.21
N LYS B 55 6.69 -12.32 -3.91
CA LYS B 55 7.89 -11.54 -3.79
C LYS B 55 7.67 -10.07 -4.14
N LYS B 56 6.90 -9.72 -5.18
CA LYS B 56 6.58 -8.30 -5.47
C LYS B 56 5.75 -7.66 -4.33
N LEU B 57 4.79 -8.38 -3.79
CA LEU B 57 3.95 -7.91 -2.67
C LEU B 57 4.75 -7.72 -1.37
N VAL B 58 5.63 -8.67 -1.06
CA VAL B 58 6.43 -8.64 0.17
C VAL B 58 7.68 -7.76 0.03
N THR B 59 8.20 -7.55 -1.19
CA THR B 59 9.30 -6.59 -1.43
C THR B 59 8.87 -5.13 -1.30
N LEU B 60 7.61 -4.83 -1.70
CA LEU B 60 7.02 -3.49 -1.45
C LEU B 60 7.26 -3.07 0.01
N TYR B 61 6.83 -3.87 0.99
CA TYR B 61 7.11 -3.59 2.42
C TYR B 61 8.61 -3.68 2.75
N ASP B 62 9.32 -4.63 2.14
CA ASP B 62 10.76 -4.86 2.39
C ASP B 62 11.62 -3.62 2.08
N ARG B 63 11.13 -2.63 1.29
CA ARG B 63 11.71 -1.27 1.35
C ARG B 63 10.79 -0.13 1.81
N PHE B 64 9.50 -0.16 1.55
CA PHE B 64 8.58 0.90 1.99
C PHE B 64 8.55 1.09 3.53
N ARG B 65 8.45 0.01 4.31
CA ARG B 65 8.35 0.02 5.78
C ARG B 65 9.69 0.32 6.46
N PHE B 66 10.73 -0.25 5.88
CA PHE B 66 12.12 -0.19 6.38
C PHE B 66 12.94 1.03 5.91
N GLU B 67 13.04 1.23 4.59
CA GLU B 67 13.95 2.18 3.92
C GLU B 67 13.24 3.44 3.40
N ASN B 68 12.55 3.29 2.27
CA ASN B 68 11.90 4.34 1.48
C ASN B 68 10.81 3.78 0.54
N GLY A 1 -10.88 16.24 21.30
CA GLY A 1 -10.29 16.53 19.98
C GLY A 1 -11.30 16.32 18.86
N SER A 2 -11.13 17.02 17.73
CA SER A 2 -12.11 17.06 16.62
C SER A 2 -11.86 16.04 15.50
N HIS A 3 -10.72 15.34 15.51
CA HIS A 3 -10.25 14.46 14.42
C HIS A 3 -9.84 13.06 14.92
N MET A 4 -10.40 12.59 16.04
CA MET A 4 -9.95 11.37 16.75
C MET A 4 -9.98 10.13 15.84
N ARG A 5 -8.79 9.58 15.55
CA ARG A 5 -8.58 8.53 14.53
C ARG A 5 -9.15 7.18 14.95
N MET A 6 -9.52 6.36 13.96
CA MET A 6 -10.09 5.02 14.19
C MET A 6 -9.31 3.85 13.59
N SER A 7 -8.13 4.12 13.07
CA SER A 7 -7.21 3.19 12.38
C SER A 7 -7.86 2.37 11.25
N LEU A 8 -8.39 1.17 11.48
CA LEU A 8 -8.98 0.34 10.42
C LEU A 8 -10.36 -0.19 10.84
N ILE A 9 -11.41 0.51 10.42
CA ILE A 9 -12.81 0.18 10.73
C ILE A 9 -13.36 -0.90 9.78
N GLY A 10 -12.88 -0.89 8.52
CA GLY A 10 -13.31 -1.78 7.44
C GLY A 10 -14.30 -1.16 6.42
N GLU A 11 -14.66 0.12 6.55
CA GLU A 11 -15.21 0.93 5.45
C GLU A 11 -14.57 2.32 5.42
N ARG A 12 -14.55 2.99 6.58
CA ARG A 12 -14.00 4.36 6.77
C ARG A 12 -14.56 5.37 5.77
N PHE A 13 -15.83 5.21 5.44
CA PHE A 13 -16.52 6.04 4.47
C PHE A 13 -16.69 7.47 4.95
N THR A 14 -17.08 8.40 4.09
CA THR A 14 -17.21 9.86 4.34
C THR A 14 -17.52 10.32 5.79
N GLU A 15 -18.52 9.75 6.47
CA GLU A 15 -18.86 10.07 7.87
C GLU A 15 -17.90 9.46 8.92
N GLU A 16 -17.32 8.31 8.59
CA GLU A 16 -16.27 7.57 9.32
C GLU A 16 -14.84 7.89 8.85
N GLU A 17 -14.67 8.90 7.96
CA GLU A 17 -13.39 9.16 7.28
C GLU A 17 -12.34 9.82 8.18
N GLN A 18 -12.72 10.26 9.39
CA GLN A 18 -11.84 10.99 10.35
C GLN A 18 -10.43 10.37 10.51
N LYS A 19 -10.34 9.06 10.29
CA LYS A 19 -9.10 8.32 10.04
C LYS A 19 -8.22 8.97 8.95
N LEU A 20 -8.67 8.86 7.71
CA LEU A 20 -7.98 9.22 6.48
C LEU A 20 -7.80 10.74 6.41
N LEU A 21 -8.82 11.44 6.90
CA LEU A 21 -8.91 12.86 7.25
C LEU A 21 -7.76 13.29 8.15
N LEU A 22 -7.48 12.55 9.23
CA LEU A 22 -6.44 13.06 10.14
C LEU A 22 -5.08 12.85 9.47
N ASN A 23 -4.95 11.68 8.84
CA ASN A 23 -3.78 11.20 8.15
C ASN A 23 -3.36 12.07 6.93
N ILE A 24 -4.31 12.65 6.20
CA ILE A 24 -4.01 13.66 5.15
C ILE A 24 -3.77 15.05 5.75
N LEU A 25 -4.38 15.38 6.90
CA LEU A 25 -4.23 16.68 7.55
C LEU A 25 -2.85 16.87 8.20
N ILE A 26 -2.24 15.79 8.70
CA ILE A 26 -0.88 15.78 9.29
C ILE A 26 0.25 15.69 8.24
N ASN A 27 1.49 15.54 8.72
CA ASN A 27 2.74 15.62 7.93
C ASN A 27 2.92 14.52 6.86
N HIS A 28 2.35 13.33 7.05
CA HIS A 28 2.43 12.21 6.10
C HIS A 28 1.17 11.33 6.12
N GLU A 29 0.83 10.75 4.96
CA GLU A 29 -0.40 9.99 4.69
C GLU A 29 -0.40 8.60 5.35
N TYR A 30 -0.57 8.58 6.67
CA TYR A 30 -0.31 7.45 7.56
C TYR A 30 -1.12 6.17 7.28
N ALA A 31 -2.35 6.26 6.75
CA ALA A 31 -3.12 5.15 6.22
C ALA A 31 -2.30 4.21 5.31
N ILE A 32 -1.44 4.76 4.45
CA ILE A 32 -0.61 3.98 3.53
C ILE A 32 0.49 3.20 4.29
N GLU A 33 1.08 3.82 5.30
CA GLU A 33 1.98 3.12 6.24
C GLU A 33 1.28 1.91 6.86
N LEU A 34 -0.02 2.06 7.18
CA LEU A 34 -0.86 0.96 7.63
C LEU A 34 -1.02 -0.08 6.53
N LEU A 35 -1.32 0.30 5.28
CA LEU A 35 -1.50 -0.66 4.16
C LEU A 35 -0.31 -1.61 4.04
N SER A 36 0.92 -1.07 3.90
CA SER A 36 2.10 -1.92 3.69
C SER A 36 2.41 -2.78 4.92
N SER A 37 2.25 -2.19 6.11
CA SER A 37 2.41 -2.94 7.36
C SER A 37 1.40 -4.11 7.43
N GLU A 38 0.14 -3.84 7.07
CA GLU A 38 -1.02 -4.75 7.14
C GLU A 38 -0.86 -5.90 6.16
N ILE A 39 -0.65 -5.59 4.89
CA ILE A 39 -0.51 -6.60 3.85
C ILE A 39 0.64 -7.55 4.16
N ASN A 40 1.79 -7.02 4.62
CA ASN A 40 2.88 -7.94 4.99
C ASN A 40 2.61 -8.73 6.28
N ASP A 41 1.84 -8.20 7.23
CA ASP A 41 1.48 -8.92 8.47
C ASP A 41 0.51 -10.08 8.18
N ILE A 42 -0.23 -10.03 7.07
CA ILE A 42 -1.09 -11.13 6.60
C ILE A 42 -0.26 -12.10 5.74
N GLU A 43 0.52 -11.55 4.80
CA GLU A 43 1.27 -12.33 3.80
C GLU A 43 2.38 -13.19 4.39
N THR A 44 3.19 -12.58 5.27
CA THR A 44 4.37 -13.22 5.91
C THR A 44 4.30 -13.21 7.43
N GLY A 45 3.62 -12.24 8.05
CA GLY A 45 3.35 -12.25 9.50
C GLY A 45 2.33 -13.32 9.92
N THR A 46 1.53 -13.81 8.97
CA THR A 46 0.52 -14.88 9.12
C THR A 46 -0.54 -14.59 10.21
N LYS A 47 -1.08 -13.36 10.22
CA LYS A 47 -2.36 -13.07 10.88
C LYS A 47 -3.48 -13.94 10.30
N ASN A 48 -4.43 -14.38 11.13
CA ASN A 48 -5.49 -15.32 10.75
C ASN A 48 -6.82 -15.01 11.47
N VAL A 49 -7.88 -14.76 10.69
CA VAL A 49 -9.25 -14.45 11.11
C VAL A 49 -10.20 -14.62 9.91
N ASP A 50 -11.51 -14.56 10.15
CA ASP A 50 -12.57 -14.34 9.14
C ASP A 50 -12.37 -13.04 8.31
N GLY A 51 -13.37 -12.65 7.50
CA GLY A 51 -13.34 -11.48 6.60
C GLY A 51 -12.97 -10.13 7.22
N THR A 52 -12.82 -10.02 8.55
CA THR A 52 -12.27 -8.86 9.23
C THR A 52 -10.96 -8.39 8.60
N THR A 53 -9.89 -9.19 8.61
CA THR A 53 -8.57 -8.73 8.10
C THR A 53 -8.56 -8.49 6.60
N TYR A 54 -9.29 -9.33 5.85
CA TYR A 54 -9.57 -9.14 4.43
C TYR A 54 -10.14 -7.76 4.17
N LYS A 55 -11.24 -7.43 4.87
CA LYS A 55 -11.95 -6.19 4.76
C LYS A 55 -11.09 -4.99 5.12
N LYS A 56 -10.31 -5.01 6.21
CA LYS A 56 -9.32 -3.94 6.52
C LYS A 56 -8.38 -3.68 5.32
N LEU A 57 -7.73 -4.71 4.79
CA LEU A 57 -6.71 -4.49 3.77
C LEU A 57 -7.25 -4.31 2.34
N VAL A 58 -8.50 -4.70 2.07
CA VAL A 58 -9.20 -4.37 0.82
C VAL A 58 -9.96 -3.03 0.93
N THR A 59 -10.39 -2.61 2.12
CA THR A 59 -10.96 -1.26 2.32
C THR A 59 -9.92 -0.16 2.12
N LEU A 60 -8.65 -0.48 2.43
CA LEU A 60 -7.52 0.37 2.04
C LEU A 60 -7.67 0.82 0.59
N TYR A 61 -7.79 -0.10 -0.36
CA TYR A 61 -8.01 0.26 -1.78
C TYR A 61 -9.40 0.86 -2.02
N ASP A 62 -10.44 0.38 -1.33
CA ASP A 62 -11.79 0.96 -1.41
C ASP A 62 -11.86 2.47 -1.11
N ARG A 63 -10.86 3.08 -0.44
CA ARG A 63 -10.71 4.56 -0.48
C ARG A 63 -9.39 5.15 -0.96
N PHE A 64 -8.26 4.47 -0.84
CA PHE A 64 -6.98 4.96 -1.36
C PHE A 64 -6.95 5.04 -2.91
N ARG A 65 -7.45 4.01 -3.63
CA ARG A 65 -7.44 3.95 -5.10
C ARG A 65 -8.48 4.88 -5.72
N PHE A 66 -9.61 4.95 -5.05
CA PHE A 66 -10.81 5.68 -5.47
C PHE A 66 -10.94 7.13 -4.96
N GLU A 67 -10.98 7.33 -3.64
CA GLU A 67 -11.54 8.52 -2.98
C GLU A 67 -10.52 9.55 -2.47
N ASN A 68 -9.39 9.07 -1.95
CA ASN A 68 -8.29 9.85 -1.34
C ASN A 68 -6.93 9.58 -2.02
N GLY B 1 16.61 16.10 -15.48
CA GLY B 1 15.20 15.95 -15.88
C GLY B 1 14.60 14.65 -15.36
N SER B 2 14.03 13.84 -16.27
CA SER B 2 13.48 12.51 -15.96
C SER B 2 14.56 11.44 -15.76
N HIS B 3 14.15 10.26 -15.26
CA HIS B 3 15.02 9.10 -15.02
C HIS B 3 14.32 7.78 -15.41
N MET B 4 15.08 6.69 -15.53
CA MET B 4 14.57 5.33 -15.82
C MET B 4 13.72 4.77 -14.66
N ARG B 5 12.76 3.89 -14.98
CA ARG B 5 11.92 3.16 -14.00
C ARG B 5 11.70 1.72 -14.44
N MET B 6 11.61 0.81 -13.46
CA MET B 6 11.45 -0.63 -13.72
C MET B 6 10.16 -1.26 -13.16
N SER B 7 9.25 -0.43 -12.66
CA SER B 7 7.99 -0.78 -12.00
C SER B 7 8.15 -1.81 -10.87
N LEU B 8 8.01 -3.13 -11.12
CA LEU B 8 8.13 -4.14 -10.07
C LEU B 8 9.11 -5.24 -10.49
N ILE B 9 10.37 -5.14 -10.09
CA ILE B 9 11.41 -6.15 -10.32
C ILE B 9 11.23 -7.35 -9.35
N GLY B 10 10.77 -7.07 -8.13
CA GLY B 10 10.72 -8.02 -7.01
C GLY B 10 11.90 -7.91 -6.04
N GLU B 11 12.75 -6.89 -6.21
CA GLU B 11 13.81 -6.48 -5.28
C GLU B 11 13.88 -4.95 -5.19
N ARG B 12 14.26 -4.28 -6.29
CA ARG B 12 14.43 -2.81 -6.40
C ARG B 12 15.27 -2.17 -5.26
N PHE B 13 16.28 -2.91 -4.81
CA PHE B 13 17.20 -2.53 -3.73
C PHE B 13 18.06 -1.31 -4.09
N THR B 14 18.83 -0.74 -3.16
CA THR B 14 19.55 0.56 -3.31
C THR B 14 20.20 0.85 -4.69
N GLU B 15 20.85 -0.12 -5.35
CA GLU B 15 21.40 0.04 -6.72
C GLU B 15 20.34 -0.07 -7.84
N GLU B 16 19.32 -0.91 -7.63
CA GLU B 16 18.13 -1.10 -8.49
C GLU B 16 16.94 -0.21 -8.08
N GLU B 17 17.17 0.77 -7.21
CA GLU B 17 16.16 1.67 -6.64
C GLU B 17 15.60 2.69 -7.64
N GLN B 18 16.18 2.83 -8.84
CA GLN B 18 15.81 3.81 -9.88
C GLN B 18 14.29 3.97 -10.07
N LYS B 19 13.56 2.87 -9.87
CA LYS B 19 12.11 2.81 -9.71
C LYS B 19 11.58 3.83 -8.68
N LEU B 20 11.89 3.58 -7.41
CA LEU B 20 11.41 4.31 -6.24
C LEU B 20 11.99 5.73 -6.25
N LEU B 21 13.24 5.85 -6.69
CA LEU B 21 13.91 7.11 -7.00
C LEU B 21 13.04 7.89 -7.99
N LEU B 22 12.63 7.28 -9.11
CA LEU B 22 12.09 8.12 -10.19
C LEU B 22 10.76 8.67 -9.67
N ASN B 23 10.00 7.76 -9.07
CA ASN B 23 8.71 7.94 -8.43
C ASN B 23 8.68 9.00 -7.31
N ILE B 24 9.73 9.14 -6.50
CA ILE B 24 9.81 10.23 -5.52
C ILE B 24 10.29 11.55 -6.14
N LEU B 25 11.08 11.48 -7.23
CA LEU B 25 11.68 12.62 -7.89
C LEU B 25 10.67 13.41 -8.76
N ILE B 26 9.68 12.73 -9.32
CA ILE B 26 8.57 13.33 -10.10
C ILE B 26 7.50 14.00 -9.22
N ASN B 27 6.43 14.51 -9.85
CA ASN B 27 5.38 15.34 -9.26
C ASN B 27 4.58 14.68 -8.11
N HIS B 28 4.43 13.35 -8.12
CA HIS B 28 3.71 12.58 -7.10
C HIS B 28 4.27 11.17 -6.92
N GLU B 29 4.28 10.66 -5.69
CA GLU B 29 4.72 9.29 -5.35
C GLU B 29 3.79 8.22 -5.97
N TYR B 30 4.36 7.07 -6.36
CA TYR B 30 3.71 6.16 -7.32
C TYR B 30 3.88 4.66 -7.04
N ALA B 31 5.05 4.20 -6.54
CA ALA B 31 5.26 2.86 -6.01
C ALA B 31 4.10 2.37 -5.10
N ILE B 32 3.63 3.23 -4.21
CA ILE B 32 2.50 2.96 -3.31
C ILE B 32 1.17 2.78 -4.09
N GLU B 33 0.95 3.60 -5.11
CA GLU B 33 -0.17 3.43 -6.06
C GLU B 33 -0.16 2.00 -6.64
N LEU B 34 1.05 1.53 -6.98
CA LEU B 34 1.26 0.16 -7.44
C LEU B 34 0.90 -0.83 -6.34
N LEU B 35 1.35 -0.63 -5.08
CA LEU B 35 1.04 -1.52 -3.96
C LEU B 35 -0.47 -1.77 -3.82
N SER B 36 -1.29 -0.72 -3.68
CA SER B 36 -2.72 -0.92 -3.41
C SER B 36 -3.44 -1.53 -4.61
N SER B 37 -3.05 -1.09 -5.82
CA SER B 37 -3.59 -1.68 -7.04
C SER B 37 -3.24 -3.19 -7.13
N GLU B 38 -2.00 -3.54 -6.80
CA GLU B 38 -1.42 -4.88 -6.87
C GLU B 38 -2.10 -5.81 -5.88
N ILE B 39 -2.10 -5.44 -4.60
CA ILE B 39 -2.68 -6.26 -3.54
C ILE B 39 -4.15 -6.53 -3.80
N ASN B 40 -4.92 -5.52 -4.20
CA ASN B 40 -6.34 -5.79 -4.49
C ASN B 40 -6.55 -6.61 -5.78
N ASP B 41 -5.66 -6.52 -6.78
CA ASP B 41 -5.78 -7.31 -8.01
C ASP B 41 -5.50 -8.81 -7.74
N ILE B 42 -4.74 -9.12 -6.68
CA ILE B 42 -4.51 -10.50 -6.24
C ILE B 42 -5.65 -10.95 -5.30
N GLU B 43 -6.01 -10.10 -4.33
CA GLU B 43 -6.96 -10.43 -3.26
C GLU B 43 -8.41 -10.62 -3.76
N THR B 44 -8.86 -9.68 -4.59
CA THR B 44 -10.24 -9.65 -5.14
C THR B 44 -10.26 -9.70 -6.68
N GLY B 45 -9.25 -9.16 -7.36
CA GLY B 45 -9.10 -9.31 -8.82
C GLY B 45 -8.71 -10.73 -9.27
N THR B 46 -8.29 -11.59 -8.32
CA THR B 46 -7.95 -13.01 -8.48
C THR B 46 -6.94 -13.33 -9.60
N LYS B 47 -5.91 -12.49 -9.76
CA LYS B 47 -4.66 -12.87 -10.45
C LYS B 47 -4.04 -14.12 -9.80
N ASN B 48 -3.40 -14.98 -10.60
CA ASN B 48 -2.83 -16.26 -10.14
C ASN B 48 -1.54 -16.61 -10.92
N VAL B 49 -0.47 -16.89 -10.18
CA VAL B 49 0.88 -17.24 -10.66
C VAL B 49 1.69 -17.87 -9.50
N ASP B 50 2.86 -18.42 -9.79
CA ASP B 50 3.91 -18.77 -8.81
C ASP B 50 4.44 -17.53 -8.05
N GLY B 51 5.52 -17.67 -7.27
CA GLY B 51 6.12 -16.63 -6.41
C GLY B 51 6.43 -15.27 -7.05
N THR B 52 6.29 -15.11 -8.37
CA THR B 52 6.35 -13.83 -9.07
C THR B 52 5.51 -12.74 -8.37
N THR B 53 4.18 -12.86 -8.35
CA THR B 53 3.31 -11.82 -7.79
C THR B 53 3.46 -11.65 -6.28
N TYR B 54 3.69 -12.78 -5.57
CA TYR B 54 4.04 -12.81 -4.16
C TYR B 54 5.23 -11.90 -3.90
N LYS B 55 6.33 -12.12 -4.62
CA LYS B 55 7.56 -11.38 -4.51
C LYS B 55 7.39 -9.90 -4.85
N LYS B 56 6.66 -9.53 -5.91
CA LYS B 56 6.31 -8.12 -6.18
C LYS B 56 5.62 -7.44 -4.97
N LEU B 57 4.57 -8.05 -4.42
CA LEU B 57 3.80 -7.38 -3.37
C LEU B 57 4.39 -7.51 -1.95
N VAL B 58 5.27 -8.49 -1.71
CA VAL B 58 6.06 -8.58 -0.47
C VAL B 58 7.37 -7.76 -0.57
N THR B 59 7.91 -7.53 -1.78
CA THR B 59 9.04 -6.60 -1.95
C THR B 59 8.62 -5.16 -1.69
N LEU B 60 7.36 -4.82 -2.02
CA LEU B 60 6.78 -3.50 -1.72
C LEU B 60 7.10 -3.08 -0.29
N TYR B 61 6.72 -3.90 0.69
CA TYR B 61 7.06 -3.63 2.10
C TYR B 61 8.56 -3.79 2.37
N ASP B 62 9.21 -4.78 1.75
CA ASP B 62 10.64 -5.05 1.90
C ASP B 62 11.53 -3.84 1.56
N ARG B 63 11.04 -2.80 0.84
CA ARG B 63 11.68 -1.47 0.87
C ARG B 63 10.83 -0.28 1.31
N PHE B 64 9.50 -0.28 1.16
CA PHE B 64 8.65 0.82 1.64
C PHE B 64 8.71 0.99 3.17
N ARG B 65 8.57 -0.10 3.94
CA ARG B 65 8.56 -0.11 5.40
C ARG B 65 9.94 0.14 6.01
N PHE B 66 10.94 -0.40 5.32
CA PHE B 66 12.36 -0.38 5.71
C PHE B 66 13.17 0.87 5.26
N GLU B 67 13.27 1.12 3.95
CA GLU B 67 14.29 2.02 3.35
C GLU B 67 13.76 3.35 2.80
N ASN B 68 12.60 3.31 2.14
CA ASN B 68 12.06 4.43 1.34
C ASN B 68 11.48 5.58 2.20
N GLY A 1 -4.71 16.79 16.24
CA GLY A 1 -5.11 16.36 14.88
C GLY A 1 -6.23 17.23 14.33
N SER A 2 -6.24 17.44 13.01
CA SER A 2 -7.19 18.35 12.31
C SER A 2 -8.64 17.84 12.24
N HIS A 3 -8.86 16.54 12.46
CA HIS A 3 -10.18 15.88 12.48
C HIS A 3 -10.16 14.65 13.41
N MET A 4 -11.33 14.05 13.66
CA MET A 4 -11.43 12.70 14.21
C MET A 4 -11.10 11.64 13.15
N ARG A 5 -10.44 10.55 13.55
CA ARG A 5 -10.01 9.44 12.67
C ARG A 5 -10.44 8.10 13.25
N MET A 6 -10.83 7.15 12.38
CA MET A 6 -11.23 5.81 12.83
C MET A 6 -10.39 4.77 12.08
N SER A 7 -9.12 4.67 12.48
CA SER A 7 -8.16 3.82 11.79
C SER A 7 -8.64 2.36 11.64
N LEU A 8 -8.68 1.90 10.38
CA LEU A 8 -9.03 0.57 9.87
C LEU A 8 -10.15 -0.19 10.60
N ILE A 9 -11.36 0.37 10.46
CA ILE A 9 -12.65 -0.23 10.85
C ILE A 9 -12.97 -1.53 10.07
N GLY A 10 -12.48 -1.64 8.82
CA GLY A 10 -12.91 -2.67 7.86
C GLY A 10 -13.96 -2.21 6.83
N GLU A 11 -14.32 -0.92 6.84
CA GLU A 11 -15.24 -0.29 5.88
C GLU A 11 -14.76 1.12 5.49
N ARG A 12 -14.90 2.09 6.40
CA ARG A 12 -14.38 3.47 6.30
C ARG A 12 -14.81 4.26 5.06
N PHE A 13 -16.10 4.27 4.73
CA PHE A 13 -16.60 4.88 3.50
C PHE A 13 -17.79 5.84 3.64
N THR A 14 -17.68 6.94 2.87
CA THR A 14 -18.54 8.13 2.79
C THR A 14 -18.85 8.73 4.16
N GLU A 15 -19.86 8.22 4.87
CA GLU A 15 -20.15 8.58 6.27
C GLU A 15 -19.03 8.15 7.23
N GLU A 16 -18.29 7.08 6.90
CA GLU A 16 -17.18 6.55 7.70
C GLU A 16 -15.80 6.87 7.10
N GLU A 17 -15.73 7.68 6.04
CA GLU A 17 -14.46 8.09 5.40
C GLU A 17 -13.52 8.93 6.30
N GLN A 18 -13.99 9.50 7.42
CA GLN A 18 -13.21 10.44 8.27
C GLN A 18 -11.77 10.00 8.55
N LYS A 19 -11.54 8.69 8.55
CA LYS A 19 -10.22 8.04 8.47
C LYS A 19 -9.34 8.58 7.32
N LEU A 20 -9.72 8.27 6.09
CA LEU A 20 -9.00 8.56 4.85
C LEU A 20 -8.98 10.07 4.58
N LEU A 21 -10.08 10.71 4.97
CA LEU A 21 -10.31 12.15 5.06
C LEU A 21 -9.24 12.82 5.91
N LEU A 22 -8.89 12.29 7.10
CA LEU A 22 -7.87 13.00 7.88
C LEU A 22 -6.51 12.78 7.22
N ASN A 23 -6.32 11.54 6.77
CA ASN A 23 -5.11 11.07 6.13
C ASN A 23 -4.77 11.74 4.77
N ILE A 24 -5.74 12.32 4.06
CA ILE A 24 -5.49 13.21 2.91
C ILE A 24 -5.39 14.69 3.31
N LEU A 25 -6.05 15.08 4.42
CA LEU A 25 -6.03 16.46 4.93
C LEU A 25 -4.66 16.84 5.55
N ILE A 26 -3.92 15.86 6.08
CA ILE A 26 -2.54 16.01 6.58
C ILE A 26 -1.46 15.95 5.48
N ASN A 27 -0.19 15.96 5.89
CA ASN A 27 1.00 16.06 5.03
C ASN A 27 1.18 14.93 3.99
N HIS A 28 0.84 13.68 4.32
CA HIS A 28 0.99 12.52 3.43
C HIS A 28 -0.13 11.48 3.62
N GLU A 29 -0.45 10.73 2.55
CA GLU A 29 -1.58 9.78 2.46
C GLU A 29 -1.36 8.53 3.34
N TYR A 30 -1.81 8.60 4.59
CA TYR A 30 -1.36 7.70 5.66
C TYR A 30 -1.95 6.28 5.64
N ALA A 31 -3.21 6.10 5.21
CA ALA A 31 -3.89 4.81 5.23
C ALA A 31 -3.10 3.65 4.59
N ILE A 32 -2.38 3.89 3.48
CA ILE A 32 -1.60 2.82 2.84
C ILE A 32 -0.32 2.45 3.61
N GLU A 33 0.20 3.35 4.45
CA GLU A 33 1.31 2.97 5.32
C GLU A 33 0.87 1.83 6.27
N LEU A 34 -0.35 1.95 6.81
CA LEU A 34 -1.03 0.90 7.55
C LEU A 34 -1.27 -0.33 6.69
N LEU A 35 -1.71 -0.18 5.42
CA LEU A 35 -1.88 -1.34 4.52
C LEU A 35 -0.60 -2.20 4.45
N SER A 36 0.57 -1.59 4.17
CA SER A 36 1.84 -2.31 4.00
C SER A 36 2.29 -2.99 5.31
N SER A 37 2.17 -2.26 6.43
CA SER A 37 2.51 -2.86 7.73
C SER A 37 1.58 -4.06 8.03
N GLU A 38 0.30 -3.94 7.66
CA GLU A 38 -0.78 -4.90 7.94
C GLU A 38 -0.64 -6.16 7.07
N ILE A 39 -0.54 -5.99 5.76
CA ILE A 39 -0.36 -7.10 4.83
C ILE A 39 0.88 -7.92 5.18
N ASN A 40 2.00 -7.26 5.53
CA ASN A 40 3.17 -8.04 5.95
C ASN A 40 3.02 -8.67 7.35
N ASP A 41 2.22 -8.09 8.25
CA ASP A 41 1.91 -8.72 9.55
C ASP A 41 1.05 -9.98 9.38
N ILE A 42 0.31 -10.11 8.27
CA ILE A 42 -0.42 -11.34 7.91
C ILE A 42 0.51 -12.31 7.15
N GLU A 43 1.23 -11.81 6.16
CA GLU A 43 2.05 -12.62 5.24
C GLU A 43 3.23 -13.34 5.94
N THR A 44 3.97 -12.58 6.75
CA THR A 44 5.15 -13.06 7.49
C THR A 44 4.98 -12.95 9.01
N GLY A 45 4.26 -11.94 9.51
CA GLY A 45 3.95 -11.84 10.95
C GLY A 45 2.97 -12.92 11.44
N THR A 46 2.23 -13.55 10.51
CA THR A 46 1.28 -14.66 10.75
C THR A 46 0.13 -14.31 11.72
N LYS A 47 -0.43 -13.10 11.60
CA LYS A 47 -1.75 -12.77 12.16
C LYS A 47 -2.87 -13.57 11.47
N ASN A 48 -3.91 -13.97 12.21
CA ASN A 48 -5.03 -14.77 11.69
C ASN A 48 -6.36 -14.48 12.45
N VAL A 49 -7.46 -14.37 11.70
CA VAL A 49 -8.84 -14.16 12.18
C VAL A 49 -9.84 -14.49 11.04
N ASP A 50 -11.12 -14.67 11.37
CA ASP A 50 -12.14 -15.31 10.51
C ASP A 50 -12.54 -14.54 9.24
N GLY A 51 -12.33 -13.23 9.25
CA GLY A 51 -12.56 -12.34 8.11
C GLY A 51 -12.34 -10.87 8.42
N THR A 52 -12.19 -10.50 9.69
CA THR A 52 -11.79 -9.17 10.13
C THR A 52 -10.54 -8.70 9.38
N THR A 53 -9.43 -9.44 9.45
CA THR A 53 -8.19 -9.04 8.77
C THR A 53 -8.32 -9.05 7.25
N TYR A 54 -8.94 -10.09 6.68
CA TYR A 54 -9.28 -10.17 5.24
C TYR A 54 -9.94 -8.87 4.79
N LYS A 55 -11.00 -8.49 5.51
CA LYS A 55 -11.76 -7.31 5.29
C LYS A 55 -10.93 -6.03 5.43
N LYS A 56 -10.05 -5.90 6.43
CA LYS A 56 -9.12 -4.75 6.50
C LYS A 56 -8.24 -4.66 5.24
N LEU A 57 -7.55 -5.73 4.83
CA LEU A 57 -6.59 -5.64 3.73
C LEU A 57 -7.30 -5.44 2.37
N VAL A 58 -8.50 -6.02 2.20
CA VAL A 58 -9.30 -5.86 0.98
C VAL A 58 -10.06 -4.53 0.95
N THR A 59 -10.47 -3.96 2.09
CA THR A 59 -11.14 -2.65 2.12
C THR A 59 -10.18 -1.50 1.80
N LEU A 60 -8.92 -1.63 2.26
CA LEU A 60 -7.84 -0.66 2.01
C LEU A 60 -7.82 -0.27 0.53
N TYR A 61 -7.63 -1.25 -0.37
CA TYR A 61 -7.67 -1.01 -1.82
C TYR A 61 -9.10 -0.66 -2.29
N ASP A 62 -10.12 -1.33 -1.76
CA ASP A 62 -11.51 -1.14 -2.20
C ASP A 62 -12.00 0.31 -2.01
N ARG A 63 -11.31 1.16 -1.22
CA ARG A 63 -11.46 2.63 -1.35
C ARG A 63 -10.23 3.38 -1.88
N PHE A 64 -9.00 2.96 -1.61
CA PHE A 64 -7.81 3.69 -2.10
C PHE A 64 -7.64 3.66 -3.62
N ARG A 65 -7.79 2.50 -4.26
CA ARG A 65 -7.62 2.29 -5.70
C ARG A 65 -8.76 2.88 -6.53
N PHE A 66 -9.94 2.88 -5.92
CA PHE A 66 -11.23 3.31 -6.50
C PHE A 66 -11.73 4.72 -6.09
N GLU A 67 -12.05 4.94 -4.81
CA GLU A 67 -12.85 6.09 -4.33
C GLU A 67 -12.06 7.32 -3.87
N ASN A 68 -10.96 7.11 -3.16
CA ASN A 68 -10.17 8.15 -2.48
C ASN A 68 -9.36 9.02 -3.47
N GLY B 1 16.39 15.40 -17.54
CA GLY B 1 15.43 14.38 -18.03
C GLY B 1 15.18 13.30 -16.97
N SER B 2 14.04 12.60 -17.08
CA SER B 2 13.62 11.54 -16.14
C SER B 2 14.52 10.29 -16.20
N HIS B 3 14.64 9.60 -15.07
CA HIS B 3 15.38 8.32 -14.96
C HIS B 3 14.61 7.14 -15.57
N MET B 4 15.29 6.00 -15.76
CA MET B 4 14.67 4.70 -16.09
C MET B 4 14.08 4.02 -14.84
N ARG B 5 13.04 3.20 -15.05
CA ARG B 5 12.31 2.43 -14.00
C ARG B 5 12.19 0.96 -14.36
N MET B 6 12.09 0.09 -13.35
CA MET B 6 11.96 -1.37 -13.55
C MET B 6 10.69 -2.00 -12.95
N SER B 7 9.75 -1.17 -12.54
CA SER B 7 8.46 -1.51 -11.90
C SER B 7 8.55 -2.51 -10.74
N LEU B 8 8.45 -3.83 -10.93
CA LEU B 8 8.52 -4.81 -9.86
C LEU B 8 9.41 -6.01 -10.21
N ILE B 9 10.69 -5.85 -9.86
CA ILE B 9 11.76 -6.85 -10.00
C ILE B 9 11.58 -7.99 -8.97
N GLY B 10 11.01 -7.67 -7.79
CA GLY B 10 10.94 -8.60 -6.65
C GLY B 10 12.11 -8.48 -5.64
N GLU B 11 13.01 -7.51 -5.81
CA GLU B 11 14.03 -7.13 -4.83
C GLU B 11 14.15 -5.61 -4.71
N ARG B 12 14.57 -4.95 -5.80
CA ARG B 12 14.71 -3.49 -5.92
C ARG B 12 15.56 -2.83 -4.83
N PHE B 13 16.56 -3.56 -4.33
CA PHE B 13 17.55 -3.08 -3.35
C PHE B 13 18.38 -1.93 -3.91
N THR B 14 19.15 -1.22 -3.09
CA THR B 14 19.91 0.01 -3.42
C THR B 14 20.49 0.13 -4.85
N GLU B 15 21.15 -0.90 -5.38
CA GLU B 15 21.68 -0.92 -6.77
C GLU B 15 20.58 -1.05 -7.85
N GLU B 16 19.53 -1.80 -7.53
CA GLU B 16 18.31 -2.04 -8.32
C GLU B 16 17.16 -1.07 -7.95
N GLU B 17 17.44 -0.02 -7.17
CA GLU B 17 16.44 0.87 -6.58
C GLU B 17 15.89 1.91 -7.57
N GLN B 18 16.48 2.04 -8.76
CA GLN B 18 16.12 3.04 -9.80
C GLN B 18 14.60 3.18 -10.04
N LYS B 19 13.87 2.10 -9.77
CA LYS B 19 12.42 2.10 -9.60
C LYS B 19 11.91 3.13 -8.59
N LEU B 20 12.22 2.92 -7.32
CA LEU B 20 11.73 3.64 -6.14
C LEU B 20 12.30 5.07 -6.16
N LEU B 21 13.57 5.14 -6.57
CA LEU B 21 14.34 6.32 -6.99
C LEU B 21 13.57 7.18 -7.98
N LEU B 22 13.00 6.61 -9.04
CA LEU B 22 12.34 7.48 -10.03
C LEU B 22 11.03 7.99 -9.43
N ASN B 23 10.32 7.06 -8.81
CA ASN B 23 9.03 7.25 -8.19
C ASN B 23 9.02 8.29 -7.07
N ILE B 24 10.11 8.42 -6.31
CA ILE B 24 10.31 9.52 -5.34
C ILE B 24 10.84 10.81 -5.98
N LEU B 25 11.59 10.71 -7.08
CA LEU B 25 12.17 11.86 -7.79
C LEU B 25 11.10 12.69 -8.53
N ILE B 26 10.05 12.04 -9.07
CA ILE B 26 8.92 12.70 -9.74
C ILE B 26 7.91 13.34 -8.77
N ASN B 27 6.85 13.93 -9.33
CA ASN B 27 5.91 14.82 -8.64
C ASN B 27 5.10 14.18 -7.49
N HIS B 28 4.81 12.88 -7.54
CA HIS B 28 4.28 12.09 -6.42
C HIS B 28 4.77 10.63 -6.44
N GLU B 29 4.76 9.98 -5.27
CA GLU B 29 5.13 8.57 -5.08
C GLU B 29 4.20 7.62 -5.87
N TYR B 30 4.73 6.47 -6.30
CA TYR B 30 4.03 5.56 -7.23
C TYR B 30 4.13 4.07 -6.89
N ALA B 31 5.31 3.58 -6.50
CA ALA B 31 5.52 2.26 -5.91
C ALA B 31 4.41 1.80 -4.94
N ILE B 32 3.95 2.71 -4.08
CA ILE B 32 2.90 2.45 -3.09
C ILE B 32 1.52 2.19 -3.76
N GLU B 33 1.20 2.95 -4.82
CA GLU B 33 0.03 2.67 -5.64
C GLU B 33 0.10 1.25 -6.21
N LEU B 34 1.31 0.81 -6.61
CA LEU B 34 1.56 -0.57 -7.00
C LEU B 34 1.30 -1.54 -5.83
N LEU B 35 1.76 -1.27 -4.60
CA LEU B 35 1.49 -2.12 -3.42
C LEU B 35 0.00 -2.41 -3.26
N SER B 36 -0.87 -1.39 -3.24
CA SER B 36 -2.31 -1.64 -3.09
C SER B 36 -2.90 -2.42 -4.27
N SER B 37 -2.46 -2.09 -5.49
CA SER B 37 -2.87 -2.79 -6.71
C SER B 37 -2.47 -4.29 -6.67
N GLU B 38 -1.25 -4.53 -6.20
CA GLU B 38 -0.59 -5.84 -6.11
C GLU B 38 -1.26 -6.70 -5.06
N ILE B 39 -1.41 -6.22 -3.83
CA ILE B 39 -2.04 -6.99 -2.76
C ILE B 39 -3.47 -7.39 -3.12
N ASN B 40 -4.22 -6.48 -3.75
CA ASN B 40 -5.56 -6.89 -4.19
C ASN B 40 -5.53 -7.86 -5.39
N ASP B 41 -4.49 -7.85 -6.23
CA ASP B 41 -4.30 -8.88 -7.26
C ASP B 41 -4.08 -10.28 -6.64
N ILE B 42 -3.47 -10.38 -5.46
CA ILE B 42 -3.41 -11.65 -4.71
C ILE B 42 -4.77 -11.94 -4.03
N GLU B 43 -5.30 -10.98 -3.27
CA GLU B 43 -6.44 -11.16 -2.35
C GLU B 43 -7.76 -11.47 -3.06
N THR B 44 -8.00 -10.80 -4.19
CA THR B 44 -9.22 -10.92 -4.99
C THR B 44 -8.97 -11.09 -6.50
N GLY B 45 -7.81 -10.67 -7.03
CA GLY B 45 -7.39 -11.05 -8.39
C GLY B 45 -7.07 -12.54 -8.50
N THR B 46 -6.77 -13.19 -7.37
CA THR B 46 -6.44 -14.61 -7.23
C THR B 46 -5.22 -15.02 -8.06
N LYS B 47 -4.12 -14.24 -7.95
CA LYS B 47 -2.78 -14.69 -8.38
C LYS B 47 -2.44 -16.05 -7.75
N ASN B 48 -1.97 -16.97 -8.58
CA ASN B 48 -1.84 -18.41 -8.27
C ASN B 48 -0.53 -19.03 -8.81
N VAL B 49 0.52 -18.21 -8.81
CA VAL B 49 1.90 -18.53 -9.18
C VAL B 49 2.69 -19.02 -7.95
N ASP B 50 3.90 -19.52 -8.20
CA ASP B 50 4.99 -19.72 -7.24
C ASP B 50 5.41 -18.42 -6.53
N GLY B 51 6.52 -18.43 -5.77
CA GLY B 51 7.02 -17.30 -4.99
C GLY B 51 7.21 -15.96 -5.70
N THR B 52 7.07 -15.86 -7.02
CA THR B 52 7.06 -14.61 -7.79
C THR B 52 6.14 -13.56 -7.16
N THR B 53 4.83 -13.78 -7.11
CA THR B 53 3.86 -12.79 -6.60
C THR B 53 3.99 -12.54 -5.09
N TYR B 54 4.35 -13.59 -4.33
CA TYR B 54 4.70 -13.50 -2.91
C TYR B 54 5.82 -12.50 -2.70
N LYS B 55 6.92 -12.69 -3.45
CA LYS B 55 8.09 -11.88 -3.42
C LYS B 55 7.81 -10.43 -3.80
N LYS B 56 7.00 -10.15 -4.82
CA LYS B 56 6.58 -8.76 -5.14
C LYS B 56 5.83 -8.10 -3.96
N LEU B 57 4.93 -8.82 -3.32
CA LEU B 57 4.13 -8.30 -2.19
C LEU B 57 4.98 -8.08 -0.93
N VAL B 58 5.87 -9.01 -0.61
CA VAL B 58 6.72 -8.94 0.58
C VAL B 58 7.93 -8.01 0.36
N THR B 59 8.43 -7.88 -0.87
CA THR B 59 9.51 -6.92 -1.20
C THR B 59 9.04 -5.47 -1.15
N LEU B 60 7.76 -5.22 -1.50
CA LEU B 60 7.14 -3.89 -1.38
C LEU B 60 7.41 -3.29 0.00
N TYR B 61 6.99 -3.97 1.06
CA TYR B 61 7.28 -3.54 2.45
C TYR B 61 8.77 -3.62 2.78
N ASP B 62 9.48 -4.63 2.25
CA ASP B 62 10.92 -4.81 2.46
C ASP B 62 11.78 -3.61 1.97
N ARG B 63 11.25 -2.73 1.10
CA ARG B 63 11.83 -1.36 0.96
C ARG B 63 10.92 -0.20 1.38
N PHE B 64 9.61 -0.30 1.38
CA PHE B 64 8.73 0.84 1.70
C PHE B 64 8.70 1.18 3.21
N ARG B 65 8.50 0.16 4.07
CA ARG B 65 8.44 0.30 5.53
C ARG B 65 9.78 0.69 6.14
N PHE B 66 10.83 0.24 5.47
CA PHE B 66 12.25 0.40 5.83
C PHE B 66 13.02 1.55 5.14
N GLU B 67 13.14 1.53 3.81
CA GLU B 67 14.20 2.20 3.04
C GLU B 67 13.80 3.44 2.23
N ASN B 68 12.63 3.40 1.60
CA ASN B 68 12.04 4.45 0.75
C ASN B 68 10.70 4.96 1.31
N GLY A 1 -3.78 21.38 12.82
CA GLY A 1 -5.11 20.76 12.92
C GLY A 1 -5.03 19.29 13.33
N SER A 2 -6.00 18.81 14.10
CA SER A 2 -6.10 17.42 14.57
C SER A 2 -7.56 16.95 14.70
N HIS A 3 -7.78 15.63 14.72
CA HIS A 3 -9.10 14.98 14.71
C HIS A 3 -9.05 13.58 15.34
N MET A 4 -10.21 12.93 15.50
CA MET A 4 -10.32 11.48 15.76
C MET A 4 -10.08 10.66 14.48
N ARG A 5 -9.51 9.45 14.63
CA ARG A 5 -9.24 8.47 13.54
C ARG A 5 -9.81 7.10 13.88
N MET A 6 -10.09 6.29 12.85
CA MET A 6 -10.65 4.93 13.02
C MET A 6 -9.83 3.80 12.37
N SER A 7 -8.62 4.13 11.92
CA SER A 7 -7.65 3.27 11.23
C SER A 7 -8.20 2.45 10.04
N LEU A 8 -8.84 1.29 10.20
CA LEU A 8 -9.52 0.60 9.10
C LEU A 8 -10.89 0.01 9.50
N ILE A 9 -11.95 0.63 8.99
CA ILE A 9 -13.36 0.32 9.26
C ILE A 9 -13.92 -0.75 8.30
N GLY A 10 -13.45 -0.72 7.05
CA GLY A 10 -13.90 -1.61 5.95
C GLY A 10 -14.68 -0.95 4.80
N GLU A 11 -15.01 0.35 4.89
CA GLU A 11 -15.51 1.15 3.75
C GLU A 11 -14.91 2.56 3.74
N ARG A 12 -14.87 3.19 4.93
CA ARG A 12 -14.35 4.54 5.21
C ARG A 12 -14.83 5.63 4.24
N PHE A 13 -16.10 5.57 3.88
CA PHE A 13 -16.70 6.50 2.93
C PHE A 13 -16.99 7.86 3.57
N THR A 14 -17.37 8.86 2.78
CA THR A 14 -17.62 10.27 3.17
C THR A 14 -17.99 10.57 4.66
N GLU A 15 -19.00 9.92 5.25
CA GLU A 15 -19.40 10.14 6.66
C GLU A 15 -18.50 9.39 7.68
N GLU A 16 -17.83 8.33 7.24
CA GLU A 16 -16.84 7.49 7.94
C GLU A 16 -15.38 7.85 7.56
N GLU A 17 -15.16 8.94 6.82
CA GLU A 17 -13.86 9.30 6.22
C GLU A 17 -12.85 9.85 7.22
N GLN A 18 -13.28 10.19 8.45
CA GLN A 18 -12.47 10.88 9.50
C GLN A 18 -11.05 10.32 9.66
N LYS A 19 -10.89 9.04 9.36
CA LYS A 19 -9.60 8.36 9.10
C LYS A 19 -8.72 9.10 8.08
N LEU A 20 -9.13 9.05 6.82
CA LEU A 20 -8.41 9.54 5.63
C LEU A 20 -8.31 11.08 5.70
N LEU A 21 -9.36 11.68 6.23
CA LEU A 21 -9.50 13.08 6.67
C LEU A 21 -8.39 13.47 7.64
N LEU A 22 -8.08 12.67 8.66
CA LEU A 22 -7.02 13.12 9.57
C LEU A 22 -5.67 12.99 8.89
N ASN A 23 -5.53 11.89 8.16
CA ASN A 23 -4.35 11.48 7.44
C ASN A 23 -3.97 12.39 6.25
N ILE A 24 -4.90 13.20 5.75
CA ILE A 24 -4.61 14.32 4.83
C ILE A 24 -4.45 15.67 5.55
N LEU A 25 -5.09 15.84 6.72
CA LEU A 25 -5.01 17.05 7.53
C LEU A 25 -3.63 17.22 8.20
N ILE A 26 -2.93 16.11 8.50
CA ILE A 26 -1.56 16.08 9.02
C ILE A 26 -0.48 16.20 7.92
N ASN A 27 0.79 16.06 8.31
CA ASN A 27 1.98 16.35 7.50
C ASN A 27 2.19 15.45 6.26
N HIS A 28 1.74 14.19 6.28
CA HIS A 28 1.78 13.28 5.12
C HIS A 28 0.64 12.24 5.10
N GLU A 29 0.34 11.70 3.92
CA GLU A 29 -0.74 10.74 3.67
C GLU A 29 -0.49 9.38 4.37
N TYR A 30 -1.10 9.19 5.54
CA TYR A 30 -0.69 8.15 6.49
C TYR A 30 -1.31 6.75 6.26
N ALA A 31 -2.56 6.64 5.78
CA ALA A 31 -3.30 5.40 5.52
C ALA A 31 -2.47 4.30 4.82
N ILE A 32 -1.56 4.68 3.94
CA ILE A 32 -0.69 3.76 3.21
C ILE A 32 0.33 3.05 4.15
N GLU A 33 0.83 3.74 5.17
CA GLU A 33 1.72 3.11 6.17
C GLU A 33 1.00 1.91 6.81
N LEU A 34 -0.27 2.11 7.15
CA LEU A 34 -1.16 1.07 7.63
C LEU A 34 -1.27 -0.04 6.59
N LEU A 35 -1.57 0.28 5.32
CA LEU A 35 -1.72 -0.71 4.24
C LEU A 35 -0.53 -1.67 4.18
N SER A 36 0.71 -1.16 4.08
CA SER A 36 1.89 -2.01 3.91
C SER A 36 2.16 -2.87 5.16
N SER A 37 2.00 -2.25 6.34
CA SER A 37 2.13 -2.97 7.60
C SER A 37 1.10 -4.11 7.69
N GLU A 38 -0.13 -3.82 7.26
CA GLU A 38 -1.30 -4.67 7.38
C GLU A 38 -1.22 -5.84 6.39
N ILE A 39 -0.99 -5.58 5.11
CA ILE A 39 -0.84 -6.64 4.10
C ILE A 39 0.29 -7.60 4.45
N ASN A 40 1.43 -7.09 4.95
CA ASN A 40 2.48 -8.01 5.40
C ASN A 40 2.14 -8.75 6.71
N ASP A 41 1.29 -8.18 7.58
CA ASP A 41 0.77 -8.91 8.75
C ASP A 41 -0.16 -10.06 8.33
N ILE A 42 -0.77 -9.99 7.14
CA ILE A 42 -1.52 -11.14 6.56
C ILE A 42 -0.56 -12.09 5.86
N GLU A 43 0.30 -11.58 4.98
CA GLU A 43 1.15 -12.40 4.08
C GLU A 43 2.19 -13.24 4.82
N THR A 44 2.89 -12.62 5.77
CA THR A 44 3.94 -13.25 6.58
C THR A 44 3.61 -13.27 8.08
N GLY A 45 2.87 -12.28 8.61
CA GLY A 45 2.38 -12.30 10.00
C GLY A 45 1.27 -13.32 10.26
N THR A 46 0.64 -13.84 9.19
CA THR A 46 -0.45 -14.85 9.19
C THR A 46 -1.66 -14.50 10.06
N LYS A 47 -2.14 -13.25 9.99
CA LYS A 47 -3.51 -12.88 10.40
C LYS A 47 -4.54 -13.53 9.46
N ASN A 48 -5.66 -14.01 10.02
CA ASN A 48 -6.78 -14.63 9.29
C ASN A 48 -8.11 -14.41 10.07
N VAL A 49 -9.18 -14.07 9.35
CA VAL A 49 -10.55 -13.83 9.88
C VAL A 49 -11.58 -13.84 8.72
N ASP A 50 -12.86 -14.02 9.06
CA ASP A 50 -13.99 -14.30 8.16
C ASP A 50 -14.52 -13.09 7.35
N GLY A 51 -13.66 -12.60 6.48
CA GLY A 51 -13.86 -11.46 5.56
C GLY A 51 -13.51 -10.11 6.15
N THR A 52 -13.31 -9.99 7.46
CA THR A 52 -12.93 -8.73 8.10
C THR A 52 -11.61 -8.23 7.52
N THR A 53 -10.53 -9.01 7.62
CA THR A 53 -9.21 -8.63 7.09
C THR A 53 -9.19 -8.48 5.57
N TYR A 54 -9.90 -9.36 4.85
CA TYR A 54 -10.15 -9.24 3.41
C TYR A 54 -10.67 -7.85 3.08
N LYS A 55 -11.78 -7.47 3.72
CA LYS A 55 -12.43 -6.20 3.56
C LYS A 55 -11.53 -5.02 3.93
N LYS A 56 -10.78 -5.05 5.04
CA LYS A 56 -9.87 -3.94 5.38
C LYS A 56 -8.78 -3.71 4.30
N LEU A 57 -8.16 -4.76 3.80
CA LEU A 57 -7.08 -4.60 2.80
C LEU A 57 -7.61 -4.41 1.36
N VAL A 58 -8.81 -4.90 1.03
CA VAL A 58 -9.46 -4.60 -0.25
C VAL A 58 -10.11 -3.19 -0.25
N THR A 59 -10.54 -2.67 0.91
CA THR A 59 -11.04 -1.28 1.01
C THR A 59 -9.92 -0.25 0.91
N LEU A 60 -8.72 -0.59 1.42
CA LEU A 60 -7.51 0.27 1.28
C LEU A 60 -7.39 0.77 -0.18
N TYR A 61 -7.36 -0.16 -1.15
CA TYR A 61 -7.33 0.21 -2.58
C TYR A 61 -8.66 0.81 -3.05
N ASP A 62 -9.79 0.26 -2.58
CA ASP A 62 -11.12 0.74 -2.98
C ASP A 62 -11.34 2.23 -2.66
N ARG A 63 -10.52 2.86 -1.79
CA ARG A 63 -10.40 4.34 -1.75
C ARG A 63 -9.07 4.92 -2.23
N PHE A 64 -7.93 4.29 -1.98
CA PHE A 64 -6.63 4.84 -2.37
C PHE A 64 -6.46 4.98 -3.90
N ARG A 65 -6.85 3.95 -4.66
CA ARG A 65 -6.72 3.87 -6.12
C ARG A 65 -7.76 4.75 -6.83
N PHE A 66 -8.93 4.84 -6.22
CA PHE A 66 -10.13 5.52 -6.75
C PHE A 66 -10.49 6.90 -6.13
N GLU A 67 -10.80 6.95 -4.82
CA GLU A 67 -11.47 8.07 -4.15
C GLU A 67 -10.54 9.19 -3.62
N ASN A 68 -9.44 8.80 -2.99
CA ASN A 68 -8.52 9.68 -2.25
C ASN A 68 -7.60 10.51 -3.19
N GLY B 1 14.95 15.28 -17.01
CA GLY B 1 15.70 14.05 -17.34
C GLY B 1 14.85 12.80 -17.17
N SER B 2 15.06 11.79 -18.01
CA SER B 2 14.35 10.49 -17.95
C SER B 2 14.91 9.55 -16.86
N HIS B 3 14.11 8.58 -16.45
CA HIS B 3 14.47 7.60 -15.41
C HIS B 3 15.35 6.44 -15.93
N MET B 4 16.08 5.82 -15.00
CA MET B 4 16.60 4.45 -15.11
C MET B 4 16.02 3.49 -14.05
N ARG B 5 14.77 3.76 -13.64
CA ARG B 5 13.94 3.01 -12.68
C ARG B 5 13.74 1.56 -13.09
N MET B 6 13.58 0.66 -12.10
CA MET B 6 13.33 -0.77 -12.36
C MET B 6 12.08 -1.28 -11.64
N SER B 7 10.93 -0.67 -11.93
CA SER B 7 9.64 -1.10 -11.37
C SER B 7 9.27 -2.51 -11.90
N LEU B 8 9.28 -3.63 -11.16
CA LEU B 8 9.69 -3.99 -9.81
C LEU B 8 10.58 -5.24 -9.92
N ILE B 9 11.67 -5.29 -9.17
CA ILE B 9 12.67 -6.38 -9.27
C ILE B 9 12.36 -7.56 -8.35
N GLY B 10 11.71 -7.28 -7.21
CA GLY B 10 11.47 -8.25 -6.12
C GLY B 10 12.56 -8.24 -5.02
N GLU B 11 13.49 -7.29 -5.07
CA GLU B 11 14.44 -6.97 -3.99
C GLU B 11 14.57 -5.46 -3.82
N ARG B 12 15.11 -4.78 -4.85
CA ARG B 12 15.30 -3.33 -4.90
C ARG B 12 16.08 -2.75 -3.69
N PHE B 13 17.02 -3.53 -3.19
CA PHE B 13 17.91 -3.19 -2.07
C PHE B 13 18.75 -1.94 -2.35
N THR B 14 19.41 -1.35 -1.36
CA THR B 14 20.15 -0.06 -1.47
C THR B 14 20.91 0.22 -2.79
N GLU B 15 21.64 -0.75 -3.37
CA GLU B 15 22.31 -0.59 -4.68
C GLU B 15 21.36 -0.72 -5.88
N GLU B 16 20.31 -1.54 -5.76
CA GLU B 16 19.20 -1.74 -6.69
C GLU B 16 17.99 -0.82 -6.43
N GLU B 17 18.14 0.16 -5.52
CA GLU B 17 17.07 1.05 -5.07
C GLU B 17 16.62 2.07 -6.13
N GLN B 18 17.32 2.22 -7.26
CA GLN B 18 17.02 3.20 -8.33
C GLN B 18 15.54 3.27 -8.71
N LYS B 19 14.81 2.18 -8.55
CA LYS B 19 13.36 2.11 -8.53
C LYS B 19 12.73 3.18 -7.60
N LEU B 20 12.91 2.97 -6.31
CA LEU B 20 12.35 3.73 -5.19
C LEU B 20 12.95 5.13 -5.16
N LEU B 21 14.24 5.22 -5.48
CA LEU B 21 14.97 6.45 -5.71
C LEU B 21 14.27 7.22 -6.83
N LEU B 22 13.99 6.62 -8.01
CA LEU B 22 13.65 7.53 -9.12
C LEU B 22 12.25 8.08 -8.82
N ASN B 23 11.40 7.20 -8.28
CA ASN B 23 10.09 7.47 -7.75
C ASN B 23 10.00 8.54 -6.65
N ILE B 24 10.98 8.72 -5.75
CA ILE B 24 10.98 9.90 -4.86
C ILE B 24 11.54 11.16 -5.53
N LEU B 25 12.42 10.99 -6.53
CA LEU B 25 13.14 12.08 -7.20
C LEU B 25 12.28 12.81 -8.25
N ILE B 26 11.34 12.11 -8.91
CA ILE B 26 10.40 12.68 -9.90
C ILE B 26 9.22 13.44 -9.24
N ASN B 27 8.22 13.78 -10.06
CA ASN B 27 7.06 14.64 -9.75
C ASN B 27 6.32 14.29 -8.45
N HIS B 28 6.10 13.00 -8.19
CA HIS B 28 5.48 12.46 -6.98
C HIS B 28 5.90 11.01 -6.71
N GLU B 29 5.71 10.55 -5.47
CA GLU B 29 5.97 9.17 -5.05
C GLU B 29 5.13 8.16 -5.84
N TYR B 30 5.69 6.98 -6.13
CA TYR B 30 5.11 6.03 -7.09
C TYR B 30 5.18 4.55 -6.73
N ALA B 31 6.22 4.07 -6.01
CA ALA B 31 6.25 2.69 -5.52
C ALA B 31 4.97 2.30 -4.76
N ILE B 32 4.46 3.22 -3.95
CA ILE B 32 3.23 3.08 -3.18
C ILE B 32 2.00 2.86 -4.08
N GLU B 33 1.93 3.57 -5.21
CA GLU B 33 0.85 3.38 -6.19
C GLU B 33 0.84 1.94 -6.71
N LEU B 34 2.04 1.38 -6.96
CA LEU B 34 2.18 -0.02 -7.28
C LEU B 34 1.79 -0.91 -6.12
N LEU B 35 2.11 -0.59 -4.86
CA LEU B 35 1.70 -1.41 -3.70
C LEU B 35 0.19 -1.61 -3.69
N SER B 36 -0.61 -0.54 -3.71
CA SER B 36 -2.08 -0.69 -3.62
C SER B 36 -2.67 -1.39 -4.84
N SER B 37 -2.09 -1.08 -6.02
CA SER B 37 -2.49 -1.75 -7.26
C SER B 37 -2.20 -3.28 -7.18
N GLU B 38 -1.01 -3.63 -6.69
CA GLU B 38 -0.48 -5.00 -6.59
C GLU B 38 -1.21 -5.83 -5.55
N ILE B 39 -1.38 -5.31 -4.33
CA ILE B 39 -2.12 -6.00 -3.27
C ILE B 39 -3.55 -6.30 -3.72
N ASN B 40 -4.20 -5.35 -4.41
CA ASN B 40 -5.52 -5.67 -4.97
C ASN B 40 -5.46 -6.63 -6.18
N ASP B 41 -4.36 -6.68 -6.92
CA ASP B 41 -4.11 -7.69 -7.97
C ASP B 41 -4.05 -9.12 -7.37
N ILE B 42 -3.64 -9.27 -6.10
CA ILE B 42 -3.75 -10.55 -5.38
C ILE B 42 -5.16 -10.72 -4.78
N GLU B 43 -5.65 -9.72 -4.04
CA GLU B 43 -6.86 -9.81 -3.21
C GLU B 43 -8.15 -10.03 -4.02
N THR B 44 -8.23 -9.37 -5.17
CA THR B 44 -9.37 -9.47 -6.11
C THR B 44 -8.95 -9.79 -7.55
N GLY B 45 -7.78 -9.33 -8.02
CA GLY B 45 -7.29 -9.63 -9.37
C GLY B 45 -6.94 -11.11 -9.57
N THR B 46 -6.69 -11.83 -8.48
CA THR B 46 -6.30 -13.24 -8.43
C THR B 46 -5.08 -13.56 -9.31
N LYS B 47 -4.02 -12.73 -9.20
CA LYS B 47 -2.70 -12.84 -9.86
C LYS B 47 -2.19 -14.29 -9.99
N ASN B 48 -1.91 -14.87 -8.83
CA ASN B 48 -1.73 -16.31 -8.58
C ASN B 48 -0.74 -17.02 -9.55
N VAL B 49 0.43 -16.41 -9.78
CA VAL B 49 1.56 -17.02 -10.50
C VAL B 49 2.51 -17.74 -9.51
N ASP B 50 3.73 -18.05 -9.94
CA ASP B 50 4.87 -18.38 -9.06
C ASP B 50 5.19 -17.26 -8.04
N GLY B 51 6.23 -17.44 -7.21
CA GLY B 51 6.67 -16.44 -6.22
C GLY B 51 7.00 -15.04 -6.73
N THR B 52 7.01 -14.77 -8.03
CA THR B 52 7.11 -13.44 -8.62
C THR B 52 6.16 -12.44 -7.95
N THR B 53 4.84 -12.64 -8.04
CA THR B 53 3.86 -11.66 -7.54
C THR B 53 3.88 -11.54 -6.01
N TYR B 54 4.14 -12.66 -5.32
CA TYR B 54 4.38 -12.72 -3.88
C TYR B 54 5.55 -11.82 -3.49
N LYS B 55 6.69 -12.03 -4.13
CA LYS B 55 7.92 -11.32 -3.91
C LYS B 55 7.79 -9.83 -4.20
N LYS B 56 7.13 -9.40 -5.28
CA LYS B 56 6.81 -7.97 -5.50
C LYS B 56 5.99 -7.37 -4.33
N LEU B 57 4.97 -8.08 -3.83
CA LEU B 57 4.12 -7.58 -2.74
C LEU B 57 4.83 -7.56 -1.38
N VAL B 58 5.66 -8.56 -1.08
CA VAL B 58 6.39 -8.64 0.19
C VAL B 58 7.68 -7.81 0.16
N THR B 59 8.26 -7.57 -1.02
CA THR B 59 9.42 -6.66 -1.16
C THR B 59 9.02 -5.18 -0.98
N LEU B 60 7.79 -4.83 -1.43
CA LEU B 60 7.22 -3.49 -1.20
C LEU B 60 7.43 -3.09 0.26
N TYR B 61 6.90 -3.88 1.21
CA TYR B 61 7.10 -3.61 2.66
C TYR B 61 8.56 -3.80 3.09
N ASP B 62 9.26 -4.80 2.54
CA ASP B 62 10.67 -5.08 2.87
C ASP B 62 11.57 -3.85 2.70
N ARG B 63 11.19 -2.87 1.85
CA ARG B 63 11.86 -1.54 1.87
C ARG B 63 10.99 -0.34 2.25
N PHE B 64 9.69 -0.32 1.99
CA PHE B 64 8.80 0.80 2.36
C PHE B 64 8.66 0.97 3.88
N ARG B 65 8.48 -0.12 4.64
CA ARG B 65 8.29 -0.10 6.10
C ARG B 65 9.60 0.15 6.85
N PHE B 66 10.68 -0.36 6.27
CA PHE B 66 12.05 -0.35 6.83
C PHE B 66 12.99 0.75 6.30
N GLU B 67 13.32 0.76 5.01
CA GLU B 67 14.49 1.45 4.44
C GLU B 67 14.23 2.82 3.79
N ASN B 68 13.15 2.92 3.01
CA ASN B 68 12.76 4.09 2.22
C ASN B 68 11.29 4.52 2.47
N GLY A 1 -6.95 20.32 13.57
CA GLY A 1 -6.25 19.45 14.54
C GLY A 1 -6.68 18.00 14.42
N SER A 2 -6.61 17.25 15.52
CA SER A 2 -6.97 15.82 15.59
C SER A 2 -8.48 15.57 15.40
N HIS A 3 -8.83 14.34 14.99
CA HIS A 3 -10.22 13.87 14.83
C HIS A 3 -10.37 12.40 15.30
N MET A 4 -11.61 11.93 15.46
CA MET A 4 -11.95 10.53 15.76
C MET A 4 -11.75 9.63 14.53
N ARG A 5 -10.49 9.30 14.20
CA ARG A 5 -10.12 8.33 13.16
C ARG A 5 -10.65 6.94 13.49
N MET A 6 -10.93 6.14 12.45
CA MET A 6 -11.48 4.78 12.61
C MET A 6 -10.58 3.66 12.08
N SER A 7 -9.34 3.99 11.73
CA SER A 7 -8.30 3.15 11.13
C SER A 7 -8.78 2.24 9.98
N LEU A 8 -9.28 1.01 10.23
CA LEU A 8 -9.73 0.10 9.17
C LEU A 8 -11.16 -0.38 9.44
N ILE A 9 -12.16 0.35 8.94
CA ILE A 9 -13.57 -0.05 9.07
C ILE A 9 -13.88 -1.24 8.14
N GLY A 10 -13.31 -1.22 6.94
CA GLY A 10 -13.64 -2.14 5.83
C GLY A 10 -14.59 -1.54 4.78
N GLU A 11 -14.89 -0.24 4.87
CA GLU A 11 -15.56 0.57 3.84
C GLU A 11 -14.93 1.96 3.73
N ARG A 12 -15.04 2.76 4.80
CA ARG A 12 -14.53 4.13 4.90
C ARG A 12 -14.98 5.07 3.76
N PHE A 13 -16.20 4.85 3.29
CA PHE A 13 -16.84 5.65 2.23
C PHE A 13 -17.03 7.10 2.67
N THR A 14 -17.32 8.04 1.76
CA THR A 14 -17.40 9.51 2.01
C THR A 14 -17.91 9.99 3.39
N GLU A 15 -18.99 9.43 3.95
CA GLU A 15 -19.47 9.79 5.30
C GLU A 15 -18.63 9.19 6.46
N GLU A 16 -18.06 8.00 6.23
CA GLU A 16 -17.12 7.26 7.08
C GLU A 16 -15.64 7.55 6.74
N GLU A 17 -15.37 8.47 5.82
CA GLU A 17 -14.03 8.80 5.30
C GLU A 17 -13.13 9.52 6.32
N GLN A 18 -13.66 9.99 7.46
CA GLN A 18 -12.93 10.74 8.51
C GLN A 18 -11.55 10.18 8.85
N LYS A 19 -11.37 8.87 8.67
CA LYS A 19 -10.09 8.19 8.61
C LYS A 19 -9.11 8.84 7.63
N LEU A 20 -9.43 8.72 6.35
CA LEU A 20 -8.63 9.12 5.19
C LEU A 20 -8.56 10.64 5.13
N LEU A 21 -9.65 11.30 5.50
CA LEU A 21 -9.73 12.74 5.76
C LEU A 21 -8.69 13.10 6.82
N LEU A 22 -8.64 12.41 7.97
CA LEU A 22 -7.88 13.02 9.07
C LEU A 22 -6.40 12.94 8.67
N ASN A 23 -6.05 11.75 8.19
CA ASN A 23 -4.76 11.36 7.62
C ASN A 23 -4.24 12.29 6.51
N ILE A 24 -5.08 12.77 5.57
CA ILE A 24 -4.62 13.75 4.57
C ILE A 24 -4.52 15.16 5.15
N LEU A 25 -5.33 15.47 6.17
CA LEU A 25 -5.44 16.81 6.75
C LEU A 25 -4.25 17.15 7.67
N ILE A 26 -3.66 16.14 8.34
CA ILE A 26 -2.57 16.33 9.30
C ILE A 26 -1.24 16.80 8.66
N ASN A 27 -0.70 16.00 7.74
CA ASN A 27 0.58 16.22 7.05
C ASN A 27 0.54 15.76 5.57
N HIS A 28 -0.66 15.42 5.06
CA HIS A 28 -0.89 14.73 3.78
C HIS A 28 -0.14 13.39 3.65
N GLU A 29 -0.44 12.46 4.56
CA GLU A 29 0.19 11.13 4.67
C GLU A 29 -0.86 10.02 4.95
N TYR A 30 -0.38 8.82 5.33
CA TYR A 30 -1.16 7.79 6.02
C TYR A 30 -2.29 7.12 5.18
N ALA A 31 -3.24 6.42 5.83
CA ALA A 31 -3.90 5.17 5.44
C ALA A 31 -2.98 4.04 4.94
N ILE A 32 -2.08 4.38 4.03
CA ILE A 32 -1.17 3.46 3.33
C ILE A 32 -0.08 2.88 4.25
N GLU A 33 0.30 3.61 5.30
CA GLU A 33 1.17 3.07 6.35
C GLU A 33 0.54 1.78 6.92
N LEU A 34 -0.78 1.87 7.18
CA LEU A 34 -1.58 0.74 7.60
C LEU A 34 -1.62 -0.33 6.52
N LEU A 35 -1.85 0.03 5.23
CA LEU A 35 -1.86 -0.95 4.13
C LEU A 35 -0.60 -1.83 4.12
N SER A 36 0.59 -1.24 4.08
CA SER A 36 1.84 -2.02 3.95
C SER A 36 2.10 -2.87 5.21
N SER A 37 1.80 -2.29 6.38
CA SER A 37 1.89 -3.03 7.64
C SER A 37 0.92 -4.24 7.63
N GLU A 38 -0.30 -4.03 7.18
CA GLU A 38 -1.41 -4.98 7.14
C GLU A 38 -1.10 -6.13 6.18
N ILE A 39 -0.79 -5.81 4.92
CA ILE A 39 -0.51 -6.81 3.89
C ILE A 39 0.67 -7.69 4.28
N ASN A 40 1.73 -7.12 4.86
CA ASN A 40 2.82 -7.97 5.35
C ASN A 40 2.42 -8.78 6.61
N ASP A 41 1.48 -8.31 7.44
CA ASP A 41 0.96 -9.09 8.56
C ASP A 41 0.13 -10.31 8.08
N ILE A 42 -0.45 -10.25 6.88
CA ILE A 42 -1.09 -11.41 6.24
C ILE A 42 -0.03 -12.29 5.56
N GLU A 43 0.86 -11.70 4.76
CA GLU A 43 1.81 -12.42 3.89
C GLU A 43 2.89 -13.18 4.66
N THR A 44 3.48 -12.54 5.66
CA THR A 44 4.54 -13.10 6.52
C THR A 44 4.14 -13.17 8.00
N GLY A 45 3.31 -12.24 8.50
CA GLY A 45 2.77 -12.33 9.87
C GLY A 45 1.77 -13.49 10.05
N THR A 46 1.23 -14.00 8.94
CA THR A 46 0.27 -15.11 8.87
C THR A 46 -1.04 -14.86 9.66
N LYS A 47 -1.57 -13.63 9.61
CA LYS A 47 -2.96 -13.33 9.97
C LYS A 47 -3.92 -13.98 8.97
N ASN A 48 -4.99 -14.60 9.47
CA ASN A 48 -6.05 -15.22 8.67
C ASN A 48 -7.32 -15.44 9.52
N VAL A 49 -8.46 -14.86 9.10
CA VAL A 49 -9.79 -15.03 9.70
C VAL A 49 -10.87 -15.13 8.59
N ASP A 50 -12.14 -14.90 8.94
CA ASP A 50 -13.24 -14.59 8.02
C ASP A 50 -12.98 -13.36 7.11
N GLY A 51 -13.96 -12.95 6.29
CA GLY A 51 -13.89 -11.79 5.39
C GLY A 51 -13.52 -10.44 6.01
N THR A 52 -13.43 -10.33 7.34
CA THR A 52 -12.86 -9.16 8.03
C THR A 52 -11.53 -8.73 7.41
N THR A 53 -10.48 -9.57 7.47
CA THR A 53 -9.13 -9.18 7.01
C THR A 53 -9.06 -8.95 5.50
N TYR A 54 -9.78 -9.78 4.74
CA TYR A 54 -10.02 -9.60 3.30
C TYR A 54 -10.53 -8.19 3.02
N LYS A 55 -11.64 -7.82 3.68
CA LYS A 55 -12.32 -6.56 3.51
C LYS A 55 -11.47 -5.35 3.90
N LYS A 56 -10.72 -5.38 5.00
CA LYS A 56 -9.73 -4.32 5.33
C LYS A 56 -8.72 -4.12 4.16
N LEU A 57 -8.11 -5.20 3.68
CA LEU A 57 -7.04 -5.16 2.67
C LEU A 57 -7.58 -4.76 1.28
N VAL A 58 -8.79 -5.20 0.93
CA VAL A 58 -9.42 -4.86 -0.35
C VAL A 58 -10.11 -3.48 -0.30
N THR A 59 -10.55 -3.00 0.88
CA THR A 59 -11.09 -1.64 1.01
C THR A 59 -10.02 -0.56 0.85
N LEU A 60 -8.79 -0.88 1.30
CA LEU A 60 -7.63 0.02 1.14
C LEU A 60 -7.57 0.55 -0.30
N TYR A 61 -7.52 -0.35 -1.29
CA TYR A 61 -7.54 0.03 -2.72
C TYR A 61 -8.91 0.57 -3.15
N ASP A 62 -10.00 0.00 -2.63
CA ASP A 62 -11.37 0.42 -2.96
C ASP A 62 -11.63 1.91 -2.66
N ARG A 63 -10.80 2.58 -1.82
CA ARG A 63 -10.77 4.08 -1.84
C ARG A 63 -9.44 4.75 -2.15
N PHE A 64 -8.28 4.13 -1.95
CA PHE A 64 -7.00 4.74 -2.35
C PHE A 64 -6.86 4.90 -3.89
N ARG A 65 -7.11 3.83 -4.65
CA ARG A 65 -6.95 3.78 -6.11
C ARG A 65 -8.00 4.62 -6.83
N PHE A 66 -9.18 4.65 -6.24
CA PHE A 66 -10.38 5.38 -6.70
C PHE A 66 -10.49 6.85 -6.25
N GLU A 67 -10.50 7.12 -4.93
CA GLU A 67 -11.03 8.37 -4.34
C GLU A 67 -10.01 9.27 -3.62
N ASN A 68 -9.13 8.67 -2.82
CA ASN A 68 -8.14 9.32 -1.94
C ASN A 68 -6.69 9.05 -2.37
N GLY B 1 14.51 16.69 -17.26
CA GLY B 1 15.46 15.60 -16.95
C GLY B 1 15.02 14.82 -15.72
N SER B 2 15.10 13.48 -15.78
CA SER B 2 14.65 12.55 -14.73
C SER B 2 15.61 11.35 -14.59
N HIS B 3 15.69 10.77 -13.39
CA HIS B 3 16.51 9.58 -13.12
C HIS B 3 15.88 8.28 -13.66
N MET B 4 16.69 7.22 -13.78
CA MET B 4 16.25 5.87 -14.15
C MET B 4 15.32 5.25 -13.09
N ARG B 5 14.45 4.31 -13.51
CA ARG B 5 13.55 3.54 -12.63
C ARG B 5 13.41 2.10 -13.10
N MET B 6 13.20 1.18 -12.16
CA MET B 6 13.07 -0.26 -12.46
C MET B 6 11.74 -0.91 -12.04
N SER B 7 10.76 -0.09 -11.67
CA SER B 7 9.45 -0.47 -11.14
C SER B 7 9.47 -1.51 -10.01
N LEU B 8 9.34 -2.81 -10.27
CA LEU B 8 9.34 -3.83 -9.20
C LEU B 8 10.32 -4.96 -9.54
N ILE B 9 11.58 -4.82 -9.11
CA ILE B 9 12.63 -5.85 -9.24
C ILE B 9 12.36 -7.04 -8.30
N GLY B 10 11.73 -6.77 -7.15
CA GLY B 10 11.56 -7.73 -6.05
C GLY B 10 12.66 -7.65 -4.98
N GLU B 11 13.53 -6.64 -5.06
CA GLU B 11 14.56 -6.29 -4.07
C GLU B 11 14.70 -4.77 -3.93
N ARG B 12 15.13 -4.09 -5.01
CA ARG B 12 15.31 -2.63 -5.12
C ARG B 12 16.16 -2.02 -3.99
N PHE B 13 17.23 -2.71 -3.62
CA PHE B 13 17.86 -2.52 -2.32
C PHE B 13 19.10 -1.62 -2.37
N THR B 14 18.96 -0.40 -1.84
CA THR B 14 19.98 0.67 -1.68
C THR B 14 20.78 1.00 -2.94
N GLU B 15 21.69 0.13 -3.39
CA GLU B 15 22.31 0.17 -4.73
C GLU B 15 21.28 0.03 -5.86
N GLU B 16 20.19 -0.73 -5.65
CA GLU B 16 19.10 -0.90 -6.62
C GLU B 16 17.86 -0.06 -6.27
N GLU B 17 17.96 0.84 -5.29
CA GLU B 17 16.88 1.73 -4.86
C GLU B 17 16.46 2.79 -5.89
N GLN B 18 17.19 2.98 -6.99
CA GLN B 18 16.94 4.06 -8.00
C GLN B 18 15.45 4.22 -8.39
N LYS B 19 14.70 3.12 -8.32
CA LYS B 19 13.24 3.08 -8.33
C LYS B 19 12.60 4.08 -7.35
N LEU B 20 12.77 3.80 -6.06
CA LEU B 20 12.16 4.47 -4.91
C LEU B 20 12.72 5.89 -4.78
N LEU B 21 14.01 6.01 -5.09
CA LEU B 21 14.80 7.22 -5.32
C LEU B 21 14.13 8.13 -6.35
N LEU B 22 13.69 7.59 -7.51
CA LEU B 22 13.14 8.49 -8.54
C LEU B 22 11.77 8.96 -8.07
N ASN B 23 11.01 7.99 -7.57
CA ASN B 23 9.65 8.12 -7.06
C ASN B 23 9.49 9.08 -5.88
N ILE B 24 10.51 9.24 -5.05
CA ILE B 24 10.54 10.28 -4.00
C ILE B 24 11.10 11.62 -4.50
N LEU B 25 11.98 11.60 -5.52
CA LEU B 25 12.57 12.79 -6.12
C LEU B 25 11.56 13.60 -6.96
N ILE B 26 10.58 12.92 -7.58
CA ILE B 26 9.47 13.53 -8.33
C ILE B 26 8.33 14.06 -7.42
N ASN B 27 7.24 14.53 -8.05
CA ASN B 27 6.15 15.25 -7.38
C ASN B 27 5.24 14.37 -6.49
N HIS B 28 5.09 13.09 -6.82
CA HIS B 28 4.24 12.11 -6.12
C HIS B 28 4.96 10.79 -5.81
N GLU B 29 4.74 10.23 -4.62
CA GLU B 29 5.40 9.03 -4.10
C GLU B 29 4.88 7.74 -4.77
N TYR B 30 5.40 7.45 -5.97
CA TYR B 30 4.75 6.57 -6.95
C TYR B 30 4.79 5.06 -6.62
N ALA B 31 5.85 4.56 -5.97
CA ALA B 31 5.95 3.21 -5.42
C ALA B 31 4.69 2.77 -4.64
N ILE B 32 4.14 3.65 -3.82
CA ILE B 32 2.91 3.40 -3.05
C ILE B 32 1.69 3.15 -3.95
N GLU B 33 1.57 3.91 -5.04
CA GLU B 33 0.55 3.66 -6.05
C GLU B 33 0.69 2.23 -6.61
N LEU B 34 1.95 1.80 -6.79
CA LEU B 34 2.26 0.44 -7.20
C LEU B 34 1.82 -0.56 -6.12
N LEU B 35 2.05 -0.30 -4.83
CA LEU B 35 1.62 -1.17 -3.72
C LEU B 35 0.11 -1.44 -3.76
N SER B 36 -0.74 -0.41 -3.76
CA SER B 36 -2.19 -0.62 -3.69
C SER B 36 -2.74 -1.30 -4.97
N SER B 37 -2.17 -0.91 -6.11
CA SER B 37 -2.50 -1.55 -7.38
C SER B 37 -2.11 -3.04 -7.36
N GLU B 38 -0.92 -3.35 -6.85
CA GLU B 38 -0.33 -4.69 -6.78
C GLU B 38 -1.12 -5.58 -5.83
N ILE B 39 -1.34 -5.15 -4.59
CA ILE B 39 -2.07 -5.94 -3.59
C ILE B 39 -3.48 -6.27 -4.06
N ASN B 40 -4.16 -5.33 -4.70
CA ASN B 40 -5.46 -5.68 -5.29
C ASN B 40 -5.34 -6.58 -6.54
N ASP B 41 -4.23 -6.54 -7.27
CA ASP B 41 -3.94 -7.51 -8.35
C ASP B 41 -3.81 -8.95 -7.80
N ILE B 42 -3.33 -9.14 -6.56
CA ILE B 42 -3.36 -10.46 -5.89
C ILE B 42 -4.78 -10.76 -5.39
N GLU B 43 -5.39 -9.83 -4.65
CA GLU B 43 -6.64 -10.07 -3.89
C GLU B 43 -7.87 -10.30 -4.75
N THR B 44 -7.98 -9.54 -5.83
CA THR B 44 -9.10 -9.57 -6.79
C THR B 44 -8.67 -9.72 -8.25
N GLY B 45 -7.46 -9.28 -8.64
CA GLY B 45 -6.90 -9.58 -9.96
C GLY B 45 -6.56 -11.07 -10.14
N THR B 46 -6.36 -11.79 -9.02
CA THR B 46 -5.98 -13.21 -8.95
C THR B 46 -4.65 -13.52 -9.67
N LYS B 47 -3.63 -12.68 -9.44
CA LYS B 47 -2.22 -12.94 -9.79
C LYS B 47 -1.76 -14.27 -9.18
N ASN B 48 -1.05 -15.09 -9.95
CA ASN B 48 -0.53 -16.39 -9.53
C ASN B 48 0.74 -16.74 -10.32
N VAL B 49 1.88 -16.82 -9.64
CA VAL B 49 3.22 -17.08 -10.18
C VAL B 49 4.16 -17.55 -9.05
N ASP B 50 5.30 -18.15 -9.41
CA ASP B 50 6.23 -18.89 -8.56
C ASP B 50 7.15 -18.00 -7.69
N GLY B 51 6.50 -17.25 -6.81
CA GLY B 51 7.08 -16.29 -5.87
C GLY B 51 7.35 -14.91 -6.44
N THR B 52 7.21 -14.70 -7.75
CA THR B 52 7.42 -13.37 -8.37
C THR B 52 6.46 -12.34 -7.78
N THR B 53 5.14 -12.53 -7.94
CA THR B 53 4.11 -11.60 -7.41
C THR B 53 4.16 -11.46 -5.88
N TYR B 54 4.44 -12.57 -5.18
CA TYR B 54 4.71 -12.61 -3.74
C TYR B 54 5.82 -11.63 -3.38
N LYS B 55 6.99 -11.81 -4.01
CA LYS B 55 8.17 -11.02 -3.80
C LYS B 55 7.96 -9.54 -4.10
N LYS B 56 7.31 -9.15 -5.20
CA LYS B 56 6.93 -7.74 -5.47
C LYS B 56 6.11 -7.13 -4.29
N LEU B 57 5.11 -7.86 -3.80
CA LEU B 57 4.22 -7.40 -2.73
C LEU B 57 4.91 -7.33 -1.36
N VAL B 58 5.78 -8.28 -1.05
CA VAL B 58 6.51 -8.32 0.23
C VAL B 58 7.79 -7.46 0.21
N THR B 59 8.37 -7.20 -0.97
CA THR B 59 9.47 -6.23 -1.11
C THR B 59 9.00 -4.79 -0.90
N LEU B 60 7.76 -4.48 -1.34
CA LEU B 60 7.13 -3.18 -1.05
C LEU B 60 7.32 -2.81 0.41
N TYR B 61 6.85 -3.64 1.35
CA TYR B 61 7.06 -3.39 2.80
C TYR B 61 8.55 -3.49 3.19
N ASP B 62 9.30 -4.42 2.57
CA ASP B 62 10.73 -4.60 2.83
C ASP B 62 11.57 -3.32 2.59
N ARG B 63 11.06 -2.31 1.85
CA ARG B 63 11.61 -0.93 1.97
C ARG B 63 10.68 0.20 2.37
N PHE B 64 9.38 0.14 2.07
CA PHE B 64 8.43 1.18 2.49
C PHE B 64 8.29 1.30 4.02
N ARG B 65 8.14 0.18 4.74
CA ARG B 65 7.96 0.15 6.21
C ARG B 65 9.25 0.48 6.96
N PHE B 66 10.34 -0.02 6.40
CA PHE B 66 11.70 0.05 6.97
C PHE B 66 12.51 1.31 6.61
N GLU B 67 12.67 1.60 5.31
CA GLU B 67 13.76 2.44 4.77
C GLU B 67 13.32 3.76 4.13
N ASN B 68 12.17 3.78 3.47
CA ASN B 68 11.59 4.92 2.74
C ASN B 68 10.17 5.29 3.25
N GLY A 1 -15.49 19.90 10.77
CA GLY A 1 -14.41 20.28 11.72
C GLY A 1 -14.22 19.23 12.81
N SER A 2 -13.18 19.39 13.63
CA SER A 2 -12.85 18.51 14.78
C SER A 2 -12.76 17.02 14.42
N HIS A 3 -12.10 16.72 13.30
CA HIS A 3 -12.05 15.39 12.68
C HIS A 3 -11.29 14.37 13.56
N MET A 4 -12.02 13.38 14.07
CA MET A 4 -11.48 12.22 14.80
C MET A 4 -11.07 11.10 13.83
N ARG A 5 -10.37 10.07 14.31
CA ARG A 5 -9.93 8.91 13.51
C ARG A 5 -10.35 7.59 14.12
N MET A 6 -10.80 6.67 13.28
CA MET A 6 -11.21 5.32 13.69
C MET A 6 -10.46 4.27 12.87
N SER A 7 -9.15 4.20 13.08
CA SER A 7 -8.24 3.39 12.28
C SER A 7 -8.73 1.94 12.06
N LEU A 8 -9.01 1.65 10.78
CA LEU A 8 -9.46 0.40 10.18
C LEU A 8 -10.65 -0.24 10.91
N ILE A 9 -11.84 0.33 10.68
CA ILE A 9 -13.14 -0.23 11.09
C ILE A 9 -13.47 -1.52 10.32
N GLY A 10 -13.02 -1.59 9.05
CA GLY A 10 -13.31 -2.66 8.09
C GLY A 10 -14.41 -2.34 7.07
N GLU A 11 -15.00 -1.13 7.13
CA GLU A 11 -15.90 -0.59 6.09
C GLU A 11 -15.55 0.87 5.79
N ARG A 12 -15.59 1.72 6.82
CA ARG A 12 -15.22 3.16 6.77
C ARG A 12 -16.00 3.97 5.74
N PHE A 13 -17.30 3.73 5.68
CA PHE A 13 -18.14 4.08 4.56
C PHE A 13 -18.77 5.47 4.68
N THR A 14 -18.19 6.45 3.99
CA THR A 14 -18.63 7.85 3.80
C THR A 14 -18.94 8.63 5.10
N GLU A 15 -20.00 8.30 5.82
CA GLU A 15 -20.23 8.75 7.20
C GLU A 15 -19.18 8.17 8.18
N GLU A 16 -18.62 6.99 7.90
CA GLU A 16 -17.58 6.33 8.73
C GLU A 16 -16.17 6.53 8.14
N GLU A 17 -16.05 7.35 7.09
CA GLU A 17 -14.79 7.67 6.42
C GLU A 17 -13.84 8.57 7.23
N GLN A 18 -14.24 9.14 8.37
CA GLN A 18 -13.45 10.09 9.19
C GLN A 18 -11.98 9.69 9.39
N LYS A 19 -11.73 8.38 9.42
CA LYS A 19 -10.39 7.78 9.34
C LYS A 19 -9.58 8.33 8.16
N LEU A 20 -10.04 8.01 6.96
CA LEU A 20 -9.44 8.28 5.67
C LEU A 20 -9.48 9.77 5.36
N LEU A 21 -10.59 10.41 5.76
CA LEU A 21 -10.74 11.87 5.76
C LEU A 21 -9.61 12.48 6.58
N LEU A 22 -9.37 12.01 7.83
CA LEU A 22 -8.53 12.82 8.72
C LEU A 22 -7.12 12.76 8.11
N ASN A 23 -6.77 11.52 7.75
CA ASN A 23 -5.55 11.12 7.09
C ASN A 23 -5.25 11.85 5.77
N ILE A 24 -6.20 12.05 4.86
CA ILE A 24 -5.92 12.82 3.62
C ILE A 24 -5.83 14.34 3.89
N LEU A 25 -6.50 14.81 4.94
CA LEU A 25 -6.57 16.23 5.31
C LEU A 25 -5.27 16.71 5.99
N ILE A 26 -4.61 15.84 6.76
CA ILE A 26 -3.30 16.11 7.40
C ILE A 26 -2.11 16.00 6.42
N ASN A 27 -0.89 15.99 6.98
CA ASN A 27 0.40 16.06 6.26
C ASN A 27 0.56 15.04 5.12
N HIS A 28 0.09 13.80 5.30
CA HIS A 28 0.15 12.74 4.29
C HIS A 28 -0.93 11.66 4.50
N GLU A 29 -1.32 10.98 3.42
CA GLU A 29 -2.42 10.01 3.31
C GLU A 29 -2.17 8.70 4.10
N TYR A 30 -2.21 8.80 5.42
CA TYR A 30 -1.66 7.82 6.37
C TYR A 30 -2.28 6.42 6.32
N ALA A 31 -3.54 6.26 5.90
CA ALA A 31 -4.19 4.96 5.74
C ALA A 31 -3.32 3.97 4.93
N ILE A 32 -2.61 4.46 3.93
CA ILE A 32 -1.80 3.61 3.05
C ILE A 32 -0.51 3.12 3.70
N GLU A 33 0.05 3.92 4.62
CA GLU A 33 1.21 3.43 5.37
C GLU A 33 0.82 2.18 6.19
N LEU A 34 -0.38 2.21 6.80
CA LEU A 34 -0.98 1.03 7.42
C LEU A 34 -1.18 -0.09 6.42
N LEU A 35 -1.73 0.16 5.23
CA LEU A 35 -1.96 -0.86 4.19
C LEU A 35 -0.67 -1.68 3.95
N SER A 36 0.46 -1.05 3.64
CA SER A 36 1.72 -1.76 3.38
C SER A 36 2.24 -2.52 4.63
N SER A 37 2.08 -1.90 5.80
CA SER A 37 2.49 -2.51 7.06
C SER A 37 1.67 -3.80 7.31
N GLU A 38 0.36 -3.71 7.05
CA GLU A 38 -0.67 -4.72 7.26
C GLU A 38 -0.50 -5.89 6.30
N ILE A 39 -0.42 -5.61 4.99
CA ILE A 39 -0.22 -6.66 3.99
C ILE A 39 1.05 -7.46 4.27
N ASN A 40 2.15 -6.78 4.62
CA ASN A 40 3.38 -7.53 4.93
C ASN A 40 3.30 -8.29 6.27
N ASP A 41 2.53 -7.82 7.25
CA ASP A 41 2.34 -8.54 8.52
C ASP A 41 1.58 -9.87 8.27
N ILE A 42 0.71 -9.90 7.27
CA ILE A 42 -0.04 -11.13 6.91
C ILE A 42 0.82 -12.01 6.00
N GLU A 43 1.48 -11.40 5.01
CA GLU A 43 2.25 -12.11 3.96
C GLU A 43 3.51 -12.81 4.49
N THR A 44 4.32 -12.08 5.25
CA THR A 44 5.63 -12.54 5.77
C THR A 44 5.71 -12.53 7.31
N GLY A 45 4.98 -11.63 7.98
CA GLY A 45 4.82 -11.66 9.44
C GLY A 45 3.99 -12.85 9.95
N THR A 46 3.19 -13.47 9.06
CA THR A 46 2.36 -14.65 9.30
C THR A 46 1.35 -14.50 10.46
N LYS A 47 0.66 -13.36 10.50
CA LYS A 47 -0.55 -13.14 11.32
C LYS A 47 -1.65 -14.17 10.98
N ASN A 48 -2.48 -14.54 11.95
CA ASN A 48 -3.54 -15.54 11.80
C ASN A 48 -4.81 -15.12 12.55
N VAL A 49 -5.91 -14.92 11.80
CA VAL A 49 -7.25 -14.52 12.29
C VAL A 49 -8.31 -14.84 11.22
N ASP A 50 -9.58 -14.79 11.61
CA ASP A 50 -10.77 -14.80 10.74
C ASP A 50 -10.82 -13.56 9.81
N GLY A 51 -11.93 -13.34 9.09
CA GLY A 51 -12.14 -12.26 8.11
C GLY A 51 -11.85 -10.82 8.55
N THR A 52 -11.55 -10.56 9.83
CA THR A 52 -11.08 -9.29 10.37
C THR A 52 -9.96 -8.70 9.50
N THR A 53 -8.79 -9.32 9.44
CA THR A 53 -7.63 -8.77 8.70
C THR A 53 -7.86 -8.73 7.19
N TYR A 54 -8.55 -9.74 6.65
CA TYR A 54 -9.00 -9.77 5.25
C TYR A 54 -9.79 -8.52 4.92
N LYS A 55 -10.80 -8.22 5.72
CA LYS A 55 -11.69 -7.10 5.55
C LYS A 55 -10.96 -5.77 5.71
N LYS A 56 -10.08 -5.59 6.71
CA LYS A 56 -9.18 -4.41 6.77
C LYS A 56 -8.39 -4.26 5.46
N LEU A 57 -7.75 -5.31 4.97
CA LEU A 57 -6.85 -5.28 3.80
C LEU A 57 -7.60 -5.03 2.49
N VAL A 58 -8.80 -5.57 2.34
CA VAL A 58 -9.63 -5.40 1.15
C VAL A 58 -10.45 -4.10 1.19
N THR A 59 -10.79 -3.58 2.39
CA THR A 59 -11.45 -2.28 2.53
C THR A 59 -10.51 -1.10 2.20
N LEU A 60 -9.22 -1.25 2.54
CA LEU A 60 -8.13 -0.30 2.21
C LEU A 60 -8.24 0.13 0.75
N TYR A 61 -8.15 -0.83 -0.18
CA TYR A 61 -8.27 -0.56 -1.62
C TYR A 61 -9.71 -0.18 -2.01
N ASP A 62 -10.70 -0.81 -1.38
CA ASP A 62 -12.13 -0.52 -1.65
C ASP A 62 -12.49 0.96 -1.46
N ARG A 63 -11.68 1.75 -0.70
CA ARG A 63 -11.80 3.22 -0.70
C ARG A 63 -10.62 3.99 -1.26
N PHE A 64 -9.41 3.50 -1.13
CA PHE A 64 -8.22 4.17 -1.70
C PHE A 64 -8.23 4.19 -3.25
N ARG A 65 -8.35 3.03 -3.91
CA ARG A 65 -8.28 2.88 -5.37
C ARG A 65 -9.48 3.52 -6.08
N PHE A 66 -10.62 3.43 -5.41
CA PHE A 66 -11.92 3.98 -5.83
C PHE A 66 -12.16 5.46 -5.50
N GLU A 67 -12.13 5.85 -4.21
CA GLU A 67 -12.71 7.10 -3.71
C GLU A 67 -11.69 8.20 -3.36
N ASN A 68 -10.65 7.83 -2.62
CA ASN A 68 -9.63 8.71 -2.01
C ASN A 68 -8.27 8.65 -2.74
N GLY B 1 12.92 15.31 -15.21
CA GLY B 1 12.39 13.98 -14.85
C GLY B 1 12.60 12.98 -15.98
N SER B 2 11.57 12.19 -16.32
CA SER B 2 11.55 11.25 -17.45
C SER B 2 12.72 10.24 -17.49
N HIS B 3 13.11 9.72 -16.33
CA HIS B 3 14.15 8.68 -16.21
C HIS B 3 13.69 7.34 -16.82
N MET B 4 14.62 6.43 -17.11
CA MET B 4 14.30 5.02 -17.39
C MET B 4 13.81 4.36 -16.09
N ARG B 5 12.54 3.95 -16.04
CA ARG B 5 11.89 3.31 -14.88
C ARG B 5 11.81 1.81 -15.09
N MET B 6 12.00 1.02 -14.04
CA MET B 6 11.99 -0.44 -14.15
C MET B 6 10.90 -1.00 -13.23
N SER B 7 9.64 -0.71 -13.57
CA SER B 7 8.49 -1.02 -12.74
C SER B 7 8.47 -2.49 -12.29
N LEU B 8 8.61 -2.65 -10.97
CA LEU B 8 8.60 -3.88 -10.19
C LEU B 8 9.54 -4.96 -10.70
N ILE B 9 10.84 -4.75 -10.49
CA ILE B 9 11.90 -5.76 -10.71
C ILE B 9 11.77 -6.95 -9.74
N GLY B 10 11.26 -6.68 -8.52
CA GLY B 10 11.18 -7.61 -7.39
C GLY B 10 12.29 -7.46 -6.33
N GLU B 11 13.19 -6.48 -6.50
CA GLU B 11 14.15 -6.03 -5.47
C GLU B 11 14.26 -4.50 -5.43
N ARG B 12 14.57 -3.89 -6.59
CA ARG B 12 14.65 -2.43 -6.81
C ARG B 12 15.59 -1.69 -5.86
N PHE B 13 16.72 -2.32 -5.56
CA PHE B 13 17.51 -2.01 -4.39
C PHE B 13 18.65 -1.03 -4.66
N THR B 14 18.49 0.21 -4.17
CA THR B 14 19.43 1.34 -4.18
C THR B 14 20.05 1.68 -5.56
N GLU B 15 20.96 0.87 -6.08
CA GLU B 15 21.42 0.93 -7.48
C GLU B 15 20.28 0.59 -8.47
N GLU B 16 19.31 -0.24 -8.05
CA GLU B 16 18.14 -0.67 -8.81
C GLU B 16 16.88 0.12 -8.43
N GLU B 17 17.03 1.12 -7.56
CA GLU B 17 15.93 2.01 -7.11
C GLU B 17 15.38 2.95 -8.18
N GLN B 18 15.98 3.08 -9.38
CA GLN B 18 15.58 4.07 -10.43
C GLN B 18 14.06 4.15 -10.69
N LYS B 19 13.36 3.04 -10.44
CA LYS B 19 11.91 2.95 -10.33
C LYS B 19 11.31 3.96 -9.32
N LEU B 20 11.61 3.75 -8.06
CA LEU B 20 11.10 4.45 -6.88
C LEU B 20 11.65 5.88 -6.85
N LEU B 21 12.90 6.02 -7.30
CA LEU B 21 13.63 7.23 -7.67
C LEU B 21 12.82 8.08 -8.64
N LEU B 22 12.28 7.53 -9.73
CA LEU B 22 11.57 8.42 -10.66
C LEU B 22 10.24 8.84 -10.04
N ASN B 23 9.62 7.86 -9.41
CA ASN B 23 8.35 7.94 -8.70
C ASN B 23 8.32 8.85 -7.46
N ILE B 24 9.47 9.28 -6.92
CA ILE B 24 9.56 10.40 -5.96
C ILE B 24 10.04 11.70 -6.60
N LEU B 25 10.80 11.62 -7.70
CA LEU B 25 11.38 12.79 -8.39
C LEU B 25 10.33 13.60 -9.18
N ILE B 26 9.26 12.94 -9.68
CA ILE B 26 8.15 13.60 -10.40
C ILE B 26 7.16 14.33 -9.46
N ASN B 27 6.11 14.91 -10.05
CA ASN B 27 5.14 15.81 -9.41
C ASN B 27 4.30 15.19 -8.27
N HIS B 28 4.12 13.87 -8.26
CA HIS B 28 3.44 13.12 -7.18
C HIS B 28 4.13 11.79 -6.85
N GLU B 29 3.98 11.30 -5.62
CA GLU B 29 4.57 10.04 -5.16
C GLU B 29 3.86 8.81 -5.79
N TYR B 30 4.65 7.89 -6.36
CA TYR B 30 4.16 6.65 -6.99
C TYR B 30 4.72 5.40 -6.28
N ALA B 31 5.01 4.29 -7.00
CA ALA B 31 5.03 2.88 -6.57
C ALA B 31 3.79 2.36 -5.80
N ILE B 32 3.31 3.13 -4.83
CA ILE B 32 2.37 2.68 -3.78
C ILE B 32 0.92 2.56 -4.29
N GLU B 33 0.53 3.38 -5.27
CA GLU B 33 -0.75 3.18 -5.96
C GLU B 33 -0.80 1.78 -6.60
N LEU B 34 0.33 1.35 -7.18
CA LEU B 34 0.53 -0.01 -7.67
C LEU B 34 0.42 -1.01 -6.53
N LEU B 35 1.07 -0.80 -5.38
CA LEU B 35 0.98 -1.68 -4.20
C LEU B 35 -0.49 -2.04 -3.87
N SER B 36 -1.38 -1.06 -3.68
CA SER B 36 -2.79 -1.33 -3.36
C SER B 36 -3.52 -2.05 -4.51
N SER B 37 -3.25 -1.63 -5.75
CA SER B 37 -3.84 -2.26 -6.93
C SER B 37 -3.41 -3.75 -7.05
N GLU B 38 -2.14 -4.00 -6.76
CA GLU B 38 -1.44 -5.29 -6.84
C GLU B 38 -1.95 -6.25 -5.76
N ILE B 39 -1.91 -5.83 -4.49
CA ILE B 39 -2.36 -6.68 -3.38
C ILE B 39 -3.82 -7.09 -3.58
N ASN B 40 -4.69 -6.16 -4.00
CA ASN B 40 -6.09 -6.53 -4.22
C ASN B 40 -6.30 -7.39 -5.49
N ASP B 41 -5.48 -7.25 -6.53
CA ASP B 41 -5.62 -8.09 -7.73
C ASP B 41 -5.25 -9.55 -7.43
N ILE B 42 -4.37 -9.77 -6.44
CA ILE B 42 -4.01 -11.12 -5.97
C ILE B 42 -5.04 -11.64 -4.96
N GLU B 43 -5.48 -10.78 -4.04
CA GLU B 43 -6.41 -11.13 -2.95
C GLU B 43 -7.83 -11.48 -3.43
N THR B 44 -8.41 -10.59 -4.23
CA THR B 44 -9.81 -10.67 -4.69
C THR B 44 -9.93 -10.74 -6.22
N GLY B 45 -9.02 -10.10 -6.96
CA GLY B 45 -8.91 -10.26 -8.42
C GLY B 45 -8.52 -11.69 -8.85
N THR B 46 -7.96 -12.47 -7.91
CA THR B 46 -7.61 -13.90 -8.05
C THR B 46 -6.64 -14.18 -9.22
N LYS B 47 -5.61 -13.34 -9.36
CA LYS B 47 -4.40 -13.68 -10.14
C LYS B 47 -3.73 -14.95 -9.59
N ASN B 48 -3.07 -15.73 -10.46
CA ASN B 48 -2.39 -16.98 -10.09
C ASN B 48 -1.06 -17.12 -10.84
N VAL B 49 0.05 -17.21 -10.09
CA VAL B 49 1.44 -17.35 -10.56
C VAL B 49 2.34 -17.86 -9.41
N ASP B 50 3.56 -18.27 -9.72
CA ASP B 50 4.66 -18.54 -8.79
C ASP B 50 5.12 -17.24 -8.05
N GLY B 51 6.22 -17.29 -7.29
CA GLY B 51 6.76 -16.20 -6.47
C GLY B 51 6.99 -14.85 -7.14
N THR B 52 6.80 -14.72 -8.45
CA THR B 52 6.80 -13.46 -9.20
C THR B 52 5.95 -12.39 -8.50
N THR B 53 4.62 -12.55 -8.44
CA THR B 53 3.73 -11.51 -7.88
C THR B 53 3.92 -11.32 -6.37
N TYR B 54 4.20 -12.41 -5.66
CA TYR B 54 4.58 -12.40 -4.24
C TYR B 54 5.75 -11.45 -4.01
N LYS B 55 6.83 -11.65 -4.78
CA LYS B 55 8.03 -10.87 -4.68
C LYS B 55 7.81 -9.41 -5.05
N LYS B 56 7.07 -9.09 -6.11
CA LYS B 56 6.63 -7.71 -6.40
C LYS B 56 5.91 -7.07 -5.20
N LEU B 57 4.93 -7.73 -4.59
CA LEU B 57 4.15 -7.10 -3.53
C LEU B 57 4.80 -7.10 -2.14
N VAL B 58 5.76 -8.00 -1.90
CA VAL B 58 6.59 -7.99 -0.68
C VAL B 58 7.83 -7.09 -0.83
N THR B 59 8.34 -6.88 -2.06
CA THR B 59 9.40 -5.88 -2.30
C THR B 59 8.88 -4.43 -2.13
N LEU B 60 7.61 -4.22 -2.49
CA LEU B 60 6.91 -2.93 -2.29
C LEU B 60 7.16 -2.40 -0.87
N TYR B 61 6.81 -3.17 0.16
CA TYR B 61 7.07 -2.80 1.56
C TYR B 61 8.58 -2.85 1.89
N ASP B 62 9.31 -3.84 1.33
CA ASP B 62 10.75 -4.01 1.54
C ASP B 62 11.57 -2.75 1.18
N ARG B 63 11.03 -1.80 0.38
CA ARG B 63 11.59 -0.43 0.34
C ARG B 63 10.67 0.73 0.72
N PHE B 64 9.36 0.62 0.60
CA PHE B 64 8.45 1.68 1.09
C PHE B 64 8.51 1.88 2.61
N ARG B 65 8.33 0.81 3.41
CA ARG B 65 8.26 0.83 4.88
C ARG B 65 9.60 1.14 5.54
N PHE B 66 10.65 0.74 4.84
CA PHE B 66 12.06 0.87 5.22
C PHE B 66 12.78 2.15 4.74
N GLU B 67 12.79 2.42 3.44
CA GLU B 67 13.76 3.30 2.77
C GLU B 67 13.19 4.57 2.11
N ASN B 68 11.97 4.47 1.56
CA ASN B 68 11.27 5.54 0.83
C ASN B 68 9.94 5.95 1.51
N GLY A 1 -15.27 21.58 16.55
CA GLY A 1 -14.71 20.34 17.12
C GLY A 1 -13.25 20.14 16.73
N SER A 2 -12.80 18.90 16.67
CA SER A 2 -11.42 18.50 16.35
C SER A 2 -11.35 17.16 15.58
N HIS A 3 -10.22 16.90 14.92
CA HIS A 3 -10.00 15.68 14.13
C HIS A 3 -9.84 14.44 15.04
N MET A 4 -10.34 13.29 14.59
CA MET A 4 -10.27 11.98 15.26
C MET A 4 -9.92 10.89 14.24
N ARG A 5 -9.48 9.71 14.69
CA ARG A 5 -9.11 8.57 13.81
C ARG A 5 -9.69 7.24 14.28
N MET A 6 -10.00 6.37 13.31
CA MET A 6 -10.57 5.04 13.56
C MET A 6 -9.75 3.87 13.00
N SER A 7 -8.52 4.14 12.59
CA SER A 7 -7.57 3.23 11.93
C SER A 7 -8.17 2.39 10.79
N LEU A 8 -8.62 1.15 10.99
CA LEU A 8 -9.16 0.31 9.91
C LEU A 8 -10.57 -0.17 10.27
N ILE A 9 -11.59 0.60 9.86
CA ILE A 9 -13.01 0.25 10.04
C ILE A 9 -13.40 -0.91 9.09
N GLY A 10 -12.81 -0.91 7.89
CA GLY A 10 -13.19 -1.81 6.77
C GLY A 10 -14.12 -1.15 5.73
N GLU A 11 -14.50 0.12 5.94
CA GLU A 11 -15.24 0.95 4.98
C GLU A 11 -14.52 2.30 4.86
N ARG A 12 -14.60 3.13 5.90
CA ARG A 12 -14.03 4.48 5.96
C ARG A 12 -14.51 5.43 4.84
N PHE A 13 -15.75 5.23 4.41
CA PHE A 13 -16.47 6.05 3.42
C PHE A 13 -16.52 7.53 3.82
N THR A 14 -16.86 8.44 2.91
CA THR A 14 -16.86 9.91 3.11
C THR A 14 -17.32 10.43 4.50
N GLU A 15 -18.38 9.87 5.11
CA GLU A 15 -18.82 10.23 6.47
C GLU A 15 -17.95 9.61 7.59
N GLU A 16 -17.44 8.39 7.36
CA GLU A 16 -16.50 7.64 8.19
C GLU A 16 -15.03 7.90 7.85
N GLU A 17 -14.76 8.88 6.98
CA GLU A 17 -13.44 9.19 6.43
C GLU A 17 -12.49 9.86 7.44
N GLN A 18 -12.96 10.26 8.63
CA GLN A 18 -12.17 10.99 9.64
C GLN A 18 -10.76 10.40 9.86
N LYS A 19 -10.65 9.08 9.70
CA LYS A 19 -9.38 8.36 9.55
C LYS A 19 -8.41 9.01 8.55
N LEU A 20 -8.79 8.96 7.28
CA LEU A 20 -8.02 9.36 6.10
C LEU A 20 -7.83 10.89 6.10
N LEU A 21 -8.88 11.58 6.54
CA LEU A 21 -8.99 12.99 6.89
C LEU A 21 -7.91 13.40 7.89
N LEU A 22 -7.72 12.63 8.97
CA LEU A 22 -6.76 13.08 9.98
C LEU A 22 -5.35 12.85 9.43
N ASN A 23 -5.17 11.68 8.83
CA ASN A 23 -3.95 11.20 8.20
C ASN A 23 -3.41 12.06 7.05
N ILE A 24 -4.27 12.78 6.33
CA ILE A 24 -3.85 13.80 5.37
C ILE A 24 -3.64 15.17 6.01
N LEU A 25 -4.40 15.52 7.06
CA LEU A 25 -4.34 16.83 7.71
C LEU A 25 -3.02 17.01 8.49
N ILE A 26 -2.53 15.95 9.14
CA ILE A 26 -1.36 15.99 10.04
C ILE A 26 -0.07 16.54 9.42
N ASN A 27 0.38 15.93 8.31
CA ASN A 27 1.59 16.23 7.57
C ASN A 27 1.36 15.90 6.08
N HIS A 28 1.10 14.63 5.76
CA HIS A 28 0.69 14.22 4.40
C HIS A 28 -0.04 12.86 4.32
N GLU A 29 0.46 11.81 4.99
CA GLU A 29 -0.04 10.44 4.82
C GLU A 29 0.27 9.55 6.04
N TYR A 30 -0.60 8.57 6.33
CA TYR A 30 -0.34 7.53 7.36
C TYR A 30 -1.07 6.19 7.11
N ALA A 31 -2.34 6.20 6.68
CA ALA A 31 -3.11 5.08 6.17
C ALA A 31 -2.28 4.04 5.37
N ILE A 32 -1.40 4.49 4.48
CA ILE A 32 -0.55 3.60 3.67
C ILE A 32 0.56 2.90 4.47
N GLU A 33 1.10 3.54 5.50
CA GLU A 33 1.96 2.84 6.48
C GLU A 33 1.22 1.65 7.08
N LEU A 34 -0.08 1.84 7.37
CA LEU A 34 -0.95 0.77 7.83
C LEU A 34 -1.08 -0.32 6.77
N LEU A 35 -1.35 0.04 5.50
CA LEU A 35 -1.50 -0.93 4.41
C LEU A 35 -0.29 -1.88 4.31
N SER A 36 0.93 -1.35 4.22
CA SER A 36 2.13 -2.17 4.04
C SER A 36 2.42 -3.04 5.28
N SER A 37 2.20 -2.47 6.47
CA SER A 37 2.35 -3.23 7.71
C SER A 37 1.32 -4.39 7.76
N GLU A 38 0.09 -4.11 7.32
CA GLU A 38 -1.06 -5.02 7.32
C GLU A 38 -0.84 -6.17 6.33
N ILE A 39 -0.58 -5.84 5.06
CA ILE A 39 -0.38 -6.85 4.02
C ILE A 39 0.75 -7.80 4.40
N ASN A 40 1.87 -7.27 4.92
CA ASN A 40 2.96 -8.17 5.31
C ASN A 40 2.65 -8.98 6.60
N ASP A 41 1.82 -8.46 7.51
CA ASP A 41 1.41 -9.23 8.70
C ASP A 41 0.51 -10.42 8.31
N ILE A 42 -0.18 -10.34 7.17
CA ILE A 42 -0.94 -11.47 6.61
C ILE A 42 -0.03 -12.38 5.78
N GLU A 43 0.79 -11.80 4.91
CA GLU A 43 1.62 -12.53 3.93
C GLU A 43 2.72 -13.38 4.56
N THR A 44 3.45 -12.77 5.52
CA THR A 44 4.57 -13.40 6.23
C THR A 44 4.37 -13.45 7.75
N GLY A 45 3.68 -12.47 8.35
CA GLY A 45 3.31 -12.52 9.77
C GLY A 45 2.30 -13.64 10.10
N THR A 46 1.60 -14.14 9.07
CA THR A 46 0.63 -15.25 9.13
C THR A 46 -0.52 -15.02 10.12
N LYS A 47 -1.12 -13.81 10.08
CA LYS A 47 -2.47 -13.57 10.62
C LYS A 47 -3.52 -14.36 9.83
N ASN A 48 -4.53 -14.91 10.50
CA ASN A 48 -5.64 -15.66 9.91
C ASN A 48 -6.98 -15.27 10.58
N VAL A 49 -7.99 -14.95 9.77
CA VAL A 49 -9.36 -14.57 10.17
C VAL A 49 -10.32 -14.71 8.97
N ASP A 50 -11.62 -14.64 9.24
CA ASP A 50 -12.70 -14.38 8.28
C ASP A 50 -12.54 -13.04 7.50
N GLY A 51 -13.56 -12.61 6.76
CA GLY A 51 -13.55 -11.40 5.90
C GLY A 51 -13.13 -10.08 6.53
N THR A 52 -12.91 -10.00 7.84
CA THR A 52 -12.32 -8.84 8.51
C THR A 52 -11.04 -8.38 7.81
N THR A 53 -9.97 -9.20 7.78
CA THR A 53 -8.68 -8.76 7.22
C THR A 53 -8.74 -8.54 5.70
N TYR A 54 -9.51 -9.37 5.00
CA TYR A 54 -9.83 -9.20 3.58
C TYR A 54 -10.37 -7.79 3.33
N LYS A 55 -11.42 -7.43 4.07
CA LYS A 55 -12.08 -6.15 3.98
C LYS A 55 -11.16 -4.98 4.34
N LYS A 56 -10.35 -5.05 5.41
CA LYS A 56 -9.34 -4.02 5.73
C LYS A 56 -8.38 -3.79 4.53
N LEU A 57 -7.84 -4.86 3.95
CA LEU A 57 -6.87 -4.80 2.86
C LEU A 57 -7.48 -4.33 1.54
N VAL A 58 -8.70 -4.78 1.23
CA VAL A 58 -9.40 -4.40 0.00
C VAL A 58 -10.04 -3.01 0.10
N THR A 59 -10.40 -2.55 1.32
CA THR A 59 -10.90 -1.18 1.53
C THR A 59 -9.78 -0.14 1.39
N LEU A 60 -8.56 -0.50 1.81
CA LEU A 60 -7.35 0.34 1.66
C LEU A 60 -7.28 0.89 0.23
N TYR A 61 -7.24 0.01 -0.77
CA TYR A 61 -7.22 0.43 -2.19
C TYR A 61 -8.56 1.03 -2.63
N ASP A 62 -9.68 0.49 -2.13
CA ASP A 62 -11.03 1.00 -2.47
C ASP A 62 -11.19 2.49 -2.13
N ARG A 63 -10.35 3.08 -1.26
CA ARG A 63 -10.24 4.56 -1.13
C ARG A 63 -8.91 5.19 -1.53
N PHE A 64 -7.77 4.53 -1.33
CA PHE A 64 -6.47 5.06 -1.76
C PHE A 64 -6.34 5.23 -3.30
N ARG A 65 -6.64 4.18 -4.08
CA ARG A 65 -6.50 4.15 -5.55
C ARG A 65 -7.50 5.05 -6.26
N PHE A 66 -8.68 5.12 -5.66
CA PHE A 66 -9.87 5.85 -6.14
C PHE A 66 -10.00 7.31 -5.65
N GLU A 67 -10.06 7.53 -4.33
CA GLU A 67 -10.62 8.75 -3.70
C GLU A 67 -9.59 9.70 -3.09
N ASN A 68 -8.64 9.15 -2.33
CA ASN A 68 -7.64 9.84 -1.51
C ASN A 68 -6.20 9.52 -1.96
N GLY B 1 17.74 15.63 -12.16
CA GLY B 1 17.32 15.13 -13.49
C GLY B 1 18.06 13.87 -13.89
N SER B 2 17.64 13.26 -15.01
CA SER B 2 18.26 12.05 -15.62
C SER B 2 18.32 10.82 -14.69
N HIS B 3 17.34 10.68 -13.79
CA HIS B 3 17.23 9.56 -12.84
C HIS B 3 16.80 8.27 -13.56
N MET B 4 17.33 7.13 -13.14
CA MET B 4 17.00 5.79 -13.67
C MET B 4 16.03 5.05 -12.74
N ARG B 5 15.18 4.18 -13.31
CA ARG B 5 14.18 3.38 -12.57
C ARG B 5 14.02 1.99 -13.14
N MET B 6 13.81 1.01 -12.25
CA MET B 6 13.69 -0.41 -12.61
C MET B 6 12.33 -1.05 -12.27
N SER B 7 11.31 -0.21 -12.10
CA SER B 7 9.98 -0.53 -11.60
C SER B 7 9.93 -1.59 -10.48
N LEU B 8 9.61 -2.85 -10.74
CA LEU B 8 9.52 -3.90 -9.74
C LEU B 8 10.41 -5.10 -10.08
N ILE B 9 11.64 -5.04 -9.59
CA ILE B 9 12.64 -6.12 -9.65
C ILE B 9 12.26 -7.27 -8.70
N GLY B 10 11.60 -6.96 -7.58
CA GLY B 10 11.41 -7.92 -6.46
C GLY B 10 12.52 -7.90 -5.39
N GLU B 11 13.44 -6.93 -5.43
CA GLU B 11 14.48 -6.69 -4.41
C GLU B 11 14.70 -5.19 -4.14
N ARG B 12 15.31 -4.49 -5.10
CA ARG B 12 15.42 -3.02 -5.15
C ARG B 12 16.15 -2.36 -3.97
N PHE B 13 17.28 -2.90 -3.53
CA PHE B 13 17.98 -2.41 -2.34
C PHE B 13 19.45 -2.04 -2.53
N THR B 14 19.80 -0.90 -1.91
CA THR B 14 21.07 -0.18 -1.92
C THR B 14 21.63 0.08 -3.33
N GLU B 15 22.28 -0.91 -3.94
CA GLU B 15 22.70 -0.86 -5.34
C GLU B 15 21.52 -0.85 -6.32
N GLU B 16 20.37 -1.44 -5.93
CA GLU B 16 19.18 -1.59 -6.77
C GLU B 16 18.03 -0.66 -6.35
N GLU B 17 18.24 0.19 -5.35
CA GLU B 17 17.25 1.16 -4.84
C GLU B 17 16.90 2.30 -5.81
N GLN B 18 17.65 2.52 -6.91
CA GLN B 18 17.42 3.66 -7.85
C GLN B 18 15.94 3.88 -8.23
N LYS B 19 15.17 2.80 -8.23
CA LYS B 19 13.71 2.81 -8.25
C LYS B 19 13.08 3.75 -7.21
N LEU B 20 13.24 3.40 -5.94
CA LEU B 20 12.62 4.03 -4.78
C LEU B 20 13.21 5.42 -4.56
N LEU B 21 14.50 5.52 -4.83
CA LEU B 21 15.34 6.72 -4.99
C LEU B 21 14.68 7.71 -5.95
N LEU B 22 14.25 7.27 -7.14
CA LEU B 22 13.72 8.26 -8.10
C LEU B 22 12.38 8.72 -7.56
N ASN B 23 11.59 7.73 -7.19
CA ASN B 23 10.23 7.87 -6.70
C ASN B 23 10.08 8.72 -5.43
N ILE B 24 11.06 8.75 -4.53
CA ILE B 24 11.06 9.68 -3.37
C ILE B 24 11.65 11.05 -3.73
N LEU B 25 12.56 11.11 -4.70
CA LEU B 25 13.21 12.37 -5.10
C LEU B 25 12.29 13.27 -5.95
N ILE B 26 11.34 12.70 -6.69
CA ILE B 26 10.32 13.43 -7.47
C ILE B 26 9.11 13.91 -6.62
N ASN B 27 8.12 14.51 -7.30
CA ASN B 27 6.98 15.21 -6.70
C ASN B 27 6.03 14.35 -5.83
N HIS B 28 5.91 13.04 -6.09
CA HIS B 28 5.13 12.10 -5.26
C HIS B 28 5.76 10.70 -5.17
N GLU B 29 5.55 10.02 -4.05
CA GLU B 29 6.17 8.73 -3.68
C GLU B 29 5.55 7.55 -4.45
N TYR B 30 6.03 7.32 -5.67
CA TYR B 30 5.33 6.52 -6.68
C TYR B 30 5.24 5.01 -6.40
N ALA B 31 6.31 4.35 -5.94
CA ALA B 31 6.34 2.96 -5.47
C ALA B 31 5.08 2.52 -4.68
N ILE B 32 4.57 3.38 -3.80
CA ILE B 32 3.37 3.12 -3.00
C ILE B 32 2.10 2.95 -3.85
N GLU B 33 1.92 3.80 -4.88
CA GLU B 33 0.85 3.67 -5.88
C GLU B 33 0.85 2.25 -6.46
N LEU B 34 2.06 1.78 -6.76
CA LEU B 34 2.30 0.42 -7.22
C LEU B 34 1.88 -0.60 -6.15
N LEU B 35 2.27 -0.43 -4.87
CA LEU B 35 1.92 -1.34 -3.78
C LEU B 35 0.40 -1.58 -3.72
N SER B 36 -0.42 -0.53 -3.64
CA SER B 36 -1.87 -0.68 -3.49
C SER B 36 -2.51 -1.32 -4.74
N SER B 37 -2.04 -0.88 -5.92
CA SER B 37 -2.51 -1.44 -7.18
C SER B 37 -2.16 -2.94 -7.28
N GLU B 38 -0.95 -3.30 -6.85
CA GLU B 38 -0.38 -4.65 -6.87
C GLU B 38 -1.12 -5.58 -5.92
N ILE B 39 -1.21 -5.21 -4.63
CA ILE B 39 -1.87 -6.05 -3.63
C ILE B 39 -3.31 -6.33 -4.00
N ASN B 40 -4.05 -5.32 -4.48
CA ASN B 40 -5.44 -5.58 -4.88
C ASN B 40 -5.55 -6.40 -6.19
N ASP B 41 -4.60 -6.27 -7.13
CA ASP B 41 -4.63 -7.07 -8.36
C ASP B 41 -4.35 -8.55 -8.08
N ILE B 42 -3.65 -8.88 -6.99
CA ILE B 42 -3.44 -10.26 -6.54
C ILE B 42 -4.64 -10.75 -5.72
N GLU B 43 -5.09 -9.93 -4.76
CA GLU B 43 -6.10 -10.34 -3.77
C GLU B 43 -7.52 -10.47 -4.35
N THR B 44 -7.92 -9.50 -5.18
CA THR B 44 -9.24 -9.46 -5.84
C THR B 44 -9.16 -9.49 -7.37
N GLY B 45 -8.10 -8.95 -7.98
CA GLY B 45 -7.84 -9.08 -9.42
C GLY B 45 -7.44 -10.50 -9.86
N THR B 46 -7.06 -11.35 -8.89
CA THR B 46 -6.70 -12.78 -9.05
C THR B 46 -5.63 -13.08 -10.11
N LYS B 47 -4.57 -12.25 -10.16
CA LYS B 47 -3.28 -12.62 -10.80
C LYS B 47 -2.74 -13.93 -10.21
N ASN B 48 -2.13 -14.77 -11.05
CA ASN B 48 -1.69 -16.14 -10.69
C ASN B 48 -0.32 -16.46 -11.31
N VAL B 49 0.68 -16.73 -10.46
CA VAL B 49 2.08 -17.07 -10.79
C VAL B 49 2.76 -17.70 -9.56
N ASP B 50 3.96 -18.26 -9.75
CA ASP B 50 4.90 -18.66 -8.69
C ASP B 50 5.37 -17.44 -7.84
N GLY B 51 6.39 -17.62 -6.98
CA GLY B 51 6.92 -16.62 -6.05
C GLY B 51 7.30 -15.25 -6.62
N THR B 52 7.28 -15.06 -7.93
CA THR B 52 7.44 -13.75 -8.59
C THR B 52 6.56 -12.68 -7.95
N THR B 53 5.23 -12.81 -8.02
CA THR B 53 4.31 -11.76 -7.52
C THR B 53 4.29 -11.65 -5.99
N TYR B 54 4.46 -12.79 -5.30
CA TYR B 54 4.70 -12.83 -3.85
C TYR B 54 5.87 -11.93 -3.49
N LYS B 55 7.00 -12.15 -4.14
CA LYS B 55 8.22 -11.41 -3.95
C LYS B 55 8.05 -9.93 -4.26
N LYS B 56 7.37 -9.56 -5.36
CA LYS B 56 7.07 -8.13 -5.64
C LYS B 56 6.34 -7.45 -4.46
N LEU B 57 5.26 -8.02 -3.96
CA LEU B 57 4.47 -7.34 -2.92
C LEU B 57 5.03 -7.49 -1.50
N VAL B 58 5.82 -8.54 -1.23
CA VAL B 58 6.57 -8.65 0.04
C VAL B 58 7.85 -7.82 0.02
N THR B 59 8.43 -7.53 -1.15
CA THR B 59 9.57 -6.59 -1.27
C THR B 59 9.15 -5.13 -1.08
N LEU B 60 7.90 -4.81 -1.47
CA LEU B 60 7.31 -3.48 -1.20
C LEU B 60 7.52 -3.13 0.28
N TYR B 61 7.05 -3.96 1.20
CA TYR B 61 7.28 -3.72 2.66
C TYR B 61 8.75 -3.87 3.04
N ASP B 62 9.46 -4.84 2.44
CA ASP B 62 10.88 -5.09 2.71
C ASP B 62 11.75 -3.83 2.55
N ARG B 63 11.33 -2.85 1.73
CA ARG B 63 12.00 -1.52 1.73
C ARG B 63 11.14 -0.30 2.06
N PHE B 64 9.82 -0.35 1.97
CA PHE B 64 8.95 0.75 2.39
C PHE B 64 8.86 0.89 3.93
N ARG B 65 8.62 -0.22 4.66
CA ARG B 65 8.46 -0.23 6.12
C ARG B 65 9.78 0.03 6.84
N PHE B 66 10.85 -0.42 6.21
CA PHE B 66 12.24 -0.38 6.70
C PHE B 66 13.12 0.77 6.16
N GLU B 67 13.38 0.83 4.85
CA GLU B 67 14.53 1.56 4.26
C GLU B 67 14.21 2.95 3.66
N ASN B 68 13.06 3.09 3.01
CA ASN B 68 12.56 4.28 2.31
C ASN B 68 11.27 4.83 2.96
N GLY A 1 -13.01 23.30 16.26
CA GLY A 1 -13.17 21.85 16.55
C GLY A 1 -11.91 21.06 16.25
N SER A 2 -12.01 19.73 16.24
CA SER A 2 -10.90 18.79 15.99
C SER A 2 -11.37 17.50 15.29
N HIS A 3 -10.42 16.72 14.77
CA HIS A 3 -10.65 15.45 14.06
C HIS A 3 -9.95 14.27 14.78
N MET A 4 -10.55 13.09 14.66
CA MET A 4 -10.17 11.85 15.37
C MET A 4 -10.09 10.68 14.37
N ARG A 5 -9.41 9.58 14.73
CA ARG A 5 -9.15 8.43 13.85
C ARG A 5 -9.73 7.11 14.38
N MET A 6 -10.07 6.22 13.45
CA MET A 6 -10.61 4.88 13.74
C MET A 6 -9.78 3.72 13.14
N SER A 7 -8.54 4.03 12.77
CA SER A 7 -7.55 3.17 12.11
C SER A 7 -8.11 2.31 10.97
N LEU A 8 -8.49 1.06 11.19
CA LEU A 8 -9.02 0.17 10.14
C LEU A 8 -10.32 -0.49 10.60
N ILE A 9 -11.43 0.18 10.32
CA ILE A 9 -12.81 -0.32 10.56
C ILE A 9 -13.14 -1.47 9.61
N GLY A 10 -12.58 -1.42 8.38
CA GLY A 10 -12.88 -2.36 7.29
C GLY A 10 -13.97 -1.86 6.33
N GLU A 11 -14.41 -0.60 6.50
CA GLU A 11 -15.26 0.15 5.59
C GLU A 11 -14.70 1.56 5.46
N ARG A 12 -14.85 2.38 6.51
CA ARG A 12 -14.44 3.80 6.56
C ARG A 12 -15.05 4.64 5.41
N PHE A 13 -16.31 4.35 5.11
CA PHE A 13 -17.13 5.06 4.11
C PHE A 13 -17.29 6.54 4.44
N THR A 14 -17.80 7.37 3.51
CA THR A 14 -17.91 8.85 3.64
C THR A 14 -18.29 9.41 5.03
N GLU A 15 -19.25 8.82 5.75
CA GLU A 15 -19.60 9.23 7.13
C GLU A 15 -18.62 8.73 8.21
N GLU A 16 -18.03 7.55 7.98
CA GLU A 16 -16.96 6.91 8.78
C GLU A 16 -15.54 7.23 8.26
N GLU A 17 -15.40 8.21 7.37
CA GLU A 17 -14.15 8.58 6.69
C GLU A 17 -13.15 9.34 7.58
N GLN A 18 -13.55 9.77 8.79
CA GLN A 18 -12.74 10.58 9.73
C GLN A 18 -11.28 10.12 9.85
N LYS A 19 -11.05 8.82 9.68
CA LYS A 19 -9.75 8.19 9.47
C LYS A 19 -8.95 8.83 8.32
N LEU A 20 -9.43 8.66 7.10
CA LEU A 20 -8.81 9.06 5.84
C LEU A 20 -8.76 10.59 5.75
N LEU A 21 -9.80 11.24 6.26
CA LEU A 21 -9.87 12.68 6.49
C LEU A 21 -8.72 13.08 7.40
N LEU A 22 -8.53 12.43 8.57
CA LEU A 22 -7.68 13.08 9.57
C LEU A 22 -6.25 13.03 9.01
N ASN A 23 -5.95 11.86 8.44
CA ASN A 23 -4.74 11.46 7.74
C ASN A 23 -4.35 12.33 6.55
N ILE A 24 -5.27 12.84 5.73
CA ILE A 24 -4.91 13.82 4.69
C ILE A 24 -4.71 15.22 5.28
N LEU A 25 -5.39 15.55 6.38
CA LEU A 25 -5.38 16.87 7.00
C LEU A 25 -4.08 17.13 7.81
N ILE A 26 -3.45 16.07 8.34
CA ILE A 26 -2.15 16.09 9.03
C ILE A 26 -0.96 16.06 8.02
N ASN A 27 0.08 15.26 8.28
CA ASN A 27 1.26 15.04 7.45
C ASN A 27 1.00 14.35 6.08
N HIS A 28 -0.27 14.22 5.67
CA HIS A 28 -0.80 13.65 4.42
C HIS A 28 -0.66 12.11 4.27
N GLU A 29 -1.67 11.51 3.63
CA GLU A 29 -1.67 10.14 3.08
C GLU A 29 -1.25 9.01 4.05
N TYR A 30 -1.55 9.15 5.35
CA TYR A 30 -1.09 8.19 6.37
C TYR A 30 -1.74 6.81 6.29
N ALA A 31 -2.97 6.67 5.78
CA ALA A 31 -3.63 5.37 5.58
C ALA A 31 -2.76 4.36 4.81
N ILE A 32 -1.95 4.84 3.87
CA ILE A 32 -1.05 4.01 3.07
C ILE A 32 0.06 3.37 3.93
N GLU A 33 0.54 4.08 4.96
CA GLU A 33 1.51 3.55 5.92
C GLU A 33 0.98 2.25 6.56
N LEU A 34 -0.29 2.29 6.97
CA LEU A 34 -1.04 1.12 7.42
C LEU A 34 -1.13 0.08 6.31
N LEU A 35 -1.47 0.42 5.06
CA LEU A 35 -1.57 -0.54 3.94
C LEU A 35 -0.30 -1.40 3.81
N SER A 36 0.88 -0.79 3.67
CA SER A 36 2.13 -1.57 3.47
C SER A 36 2.50 -2.39 4.72
N SER A 37 2.31 -1.79 5.90
CA SER A 37 2.54 -2.49 7.16
C SER A 37 1.61 -3.72 7.29
N GLU A 38 0.35 -3.55 6.91
CA GLU A 38 -0.74 -4.53 6.98
C GLU A 38 -0.48 -5.68 6.02
N ILE A 39 -0.31 -5.38 4.73
CA ILE A 39 -0.11 -6.42 3.71
C ILE A 39 1.11 -7.28 4.01
N ASN A 40 2.21 -6.66 4.47
CA ASN A 40 3.35 -7.49 4.90
C ASN A 40 3.11 -8.25 6.21
N ASP A 41 2.26 -7.76 7.12
CA ASP A 41 1.87 -8.51 8.33
C ASP A 41 1.06 -9.78 7.98
N ILE A 42 0.35 -9.81 6.84
CA ILE A 42 -0.24 -11.06 6.31
C ILE A 42 0.84 -11.90 5.61
N GLU A 43 1.59 -11.31 4.67
CA GLU A 43 2.46 -12.04 3.73
C GLU A 43 3.67 -12.71 4.40
N THR A 44 4.29 -11.98 5.32
CA THR A 44 5.46 -12.43 6.09
C THR A 44 5.23 -12.41 7.61
N GLY A 45 4.38 -11.52 8.14
CA GLY A 45 4.01 -11.55 9.56
C GLY A 45 3.10 -12.74 9.94
N THR A 46 2.50 -13.39 8.94
CA THR A 46 1.62 -14.57 9.04
C THR A 46 0.46 -14.40 10.02
N LYS A 47 -0.23 -13.24 9.95
CA LYS A 47 -1.57 -13.06 10.53
C LYS A 47 -2.54 -14.14 10.01
N ASN A 48 -3.41 -14.62 10.88
CA ASN A 48 -4.39 -15.69 10.60
C ASN A 48 -5.68 -15.45 11.40
N VAL A 49 -6.79 -15.22 10.69
CA VAL A 49 -8.13 -14.87 11.21
C VAL A 49 -9.17 -15.08 10.09
N ASP A 50 -10.46 -14.98 10.43
CA ASP A 50 -11.59 -14.85 9.49
C ASP A 50 -11.48 -13.54 8.66
N GLY A 51 -12.51 -13.18 7.89
CA GLY A 51 -12.56 -12.02 6.99
C GLY A 51 -12.19 -10.65 7.54
N THR A 52 -11.92 -10.50 8.84
CA THR A 52 -11.34 -9.30 9.45
C THR A 52 -10.12 -8.80 8.67
N THR A 53 -9.01 -9.54 8.65
CA THR A 53 -7.74 -9.07 8.03
C THR A 53 -7.86 -8.88 6.51
N TYR A 54 -8.62 -9.77 5.87
CA TYR A 54 -9.03 -9.67 4.47
C TYR A 54 -9.68 -8.31 4.20
N LYS A 55 -10.74 -8.01 4.95
CA LYS A 55 -11.52 -6.80 4.82
C LYS A 55 -10.71 -5.55 5.09
N LYS A 56 -9.86 -5.48 6.13
CA LYS A 56 -8.89 -4.37 6.31
C LYS A 56 -8.08 -4.12 5.02
N LEU A 57 -7.39 -5.13 4.49
CA LEU A 57 -6.47 -4.86 3.38
C LEU A 57 -7.14 -4.74 2.01
N VAL A 58 -8.31 -5.33 1.82
CA VAL A 58 -9.12 -5.13 0.61
C VAL A 58 -9.91 -3.81 0.68
N THR A 59 -10.25 -3.31 1.88
CA THR A 59 -10.85 -1.97 2.02
C THR A 59 -9.84 -0.87 1.68
N LEU A 60 -8.55 -1.08 2.01
CA LEU A 60 -7.48 -0.13 1.67
C LEU A 60 -7.57 0.28 0.20
N TYR A 61 -7.59 -0.68 -0.72
CA TYR A 61 -7.77 -0.38 -2.17
C TYR A 61 -9.18 0.09 -2.49
N ASP A 62 -10.21 -0.47 -1.83
CA ASP A 62 -11.61 -0.06 -2.03
C ASP A 62 -11.83 1.46 -1.81
N ARG A 63 -10.93 2.15 -1.08
CA ARG A 63 -10.93 3.63 -1.02
C ARG A 63 -9.71 4.31 -1.64
N PHE A 64 -8.52 3.75 -1.48
CA PHE A 64 -7.30 4.33 -2.05
C PHE A 64 -7.31 4.42 -3.59
N ARG A 65 -7.65 3.33 -4.29
CA ARG A 65 -7.63 3.23 -5.76
C ARG A 65 -8.76 4.02 -6.43
N PHE A 66 -9.89 4.05 -5.73
CA PHE A 66 -11.14 4.67 -6.15
C PHE A 66 -11.36 6.14 -5.71
N GLU A 67 -11.33 6.41 -4.40
CA GLU A 67 -11.92 7.60 -3.76
C GLU A 67 -10.92 8.68 -3.30
N ASN A 68 -9.82 8.26 -2.68
CA ASN A 68 -8.86 9.14 -1.99
C ASN A 68 -7.96 9.93 -2.96
N GLY B 1 20.79 13.11 -17.42
CA GLY B 1 19.66 12.46 -16.74
C GLY B 1 19.60 10.98 -17.06
N SER B 2 19.63 10.11 -16.04
CA SER B 2 19.77 8.65 -16.17
C SER B 2 18.73 7.86 -15.33
N HIS B 3 17.59 8.49 -15.01
CA HIS B 3 16.63 8.01 -14.00
C HIS B 3 15.57 7.02 -14.54
N MET B 4 15.68 6.57 -15.79
CA MET B 4 14.65 5.80 -16.51
C MET B 4 14.09 4.64 -15.68
N ARG B 5 12.77 4.64 -15.44
CA ARG B 5 12.10 3.80 -14.43
C ARG B 5 12.17 2.31 -14.74
N MET B 6 12.25 1.50 -13.69
CA MET B 6 12.20 0.04 -13.81
C MET B 6 11.05 -0.47 -12.93
N SER B 7 9.83 -0.18 -13.39
CA SER B 7 8.61 -0.51 -12.64
C SER B 7 8.61 -1.97 -12.14
N LEU B 8 8.54 -2.11 -10.81
CA LEU B 8 8.51 -3.33 -9.99
C LEU B 8 9.30 -4.54 -10.52
N ILE B 9 10.63 -4.41 -10.42
CA ILE B 9 11.63 -5.47 -10.64
C ILE B 9 11.46 -6.62 -9.65
N GLY B 10 11.05 -6.31 -8.40
CA GLY B 10 11.07 -7.24 -7.26
C GLY B 10 12.26 -7.06 -6.29
N GLU B 11 13.17 -6.12 -6.57
CA GLU B 11 14.25 -5.69 -5.64
C GLU B 11 14.26 -4.17 -5.53
N ARG B 12 14.63 -3.49 -6.62
CA ARG B 12 14.75 -2.01 -6.72
C ARG B 12 15.54 -1.36 -5.58
N PHE B 13 16.59 -2.06 -5.13
CA PHE B 13 17.50 -1.67 -4.04
C PHE B 13 18.30 -0.40 -4.37
N THR B 14 19.06 0.17 -3.44
CA THR B 14 19.75 1.49 -3.58
C THR B 14 20.38 1.82 -4.95
N GLU B 15 21.07 0.88 -5.62
CA GLU B 15 21.61 1.09 -6.98
C GLU B 15 20.55 0.94 -8.09
N GLU B 16 19.58 0.05 -7.90
CA GLU B 16 18.40 -0.19 -8.75
C GLU B 16 17.18 0.68 -8.35
N GLU B 17 17.38 1.66 -7.47
CA GLU B 17 16.32 2.51 -6.88
C GLU B 17 15.69 3.51 -7.87
N GLN B 18 16.27 3.72 -9.06
CA GLN B 18 15.79 4.68 -10.08
C GLN B 18 14.28 4.66 -10.32
N LYS B 19 13.65 3.52 -10.09
CA LYS B 19 12.20 3.38 -9.93
C LYS B 19 11.61 4.36 -8.91
N LEU B 20 11.93 4.16 -7.64
CA LEU B 20 11.41 4.89 -6.50
C LEU B 20 11.93 6.33 -6.50
N LEU B 21 13.19 6.50 -6.92
CA LEU B 21 13.80 7.78 -7.21
C LEU B 21 12.95 8.51 -8.24
N LEU B 22 12.59 7.89 -9.38
CA LEU B 22 12.09 8.75 -10.45
C LEU B 22 10.69 9.22 -10.03
N ASN B 23 9.97 8.28 -9.44
CA ASN B 23 8.67 8.43 -8.81
C ASN B 23 8.60 9.51 -7.72
N ILE B 24 9.60 9.69 -6.84
CA ILE B 24 9.60 10.82 -5.90
C ILE B 24 10.04 12.14 -6.54
N LEU B 25 10.84 12.07 -7.61
CA LEU B 25 11.41 13.23 -8.29
C LEU B 25 10.38 13.97 -9.17
N ILE B 26 9.43 13.23 -9.77
CA ILE B 26 8.32 13.78 -10.58
C ILE B 26 7.20 14.40 -9.73
N ASN B 27 6.07 14.74 -10.40
CA ASN B 27 4.92 15.49 -9.87
C ASN B 27 4.41 15.03 -8.49
N HIS B 28 4.30 13.71 -8.28
CA HIS B 28 3.97 13.09 -6.99
C HIS B 28 4.49 11.64 -6.93
N GLU B 29 4.66 11.13 -5.70
CA GLU B 29 5.04 9.73 -5.42
C GLU B 29 4.08 8.72 -6.07
N TYR B 30 4.62 7.59 -6.56
CA TYR B 30 3.90 6.70 -7.47
C TYR B 30 4.04 5.19 -7.21
N ALA B 31 5.16 4.71 -6.64
CA ALA B 31 5.34 3.29 -6.31
C ALA B 31 4.16 2.71 -5.48
N ILE B 32 3.63 3.53 -4.57
CA ILE B 32 2.49 3.22 -3.72
C ILE B 32 1.22 2.87 -4.53
N GLU B 33 0.98 3.59 -5.63
CA GLU B 33 -0.18 3.32 -6.49
C GLU B 33 -0.13 1.88 -7.04
N LEU B 34 1.09 1.47 -7.44
CA LEU B 34 1.36 0.11 -7.84
C LEU B 34 1.17 -0.86 -6.68
N LEU B 35 1.57 -0.53 -5.44
CA LEU B 35 1.35 -1.41 -4.27
C LEU B 35 -0.13 -1.75 -4.10
N SER B 36 -1.02 -0.76 -3.97
CA SER B 36 -2.44 -1.02 -3.69
C SER B 36 -3.11 -1.76 -4.86
N SER B 37 -2.73 -1.38 -6.08
CA SER B 37 -3.20 -2.06 -7.29
C SER B 37 -2.77 -3.54 -7.28
N GLU B 38 -1.50 -3.80 -6.94
CA GLU B 38 -0.88 -5.13 -6.94
C GLU B 38 -1.49 -6.02 -5.87
N ILE B 39 -1.53 -5.55 -4.62
CA ILE B 39 -2.06 -6.35 -3.51
C ILE B 39 -3.51 -6.76 -3.74
N ASN B 40 -4.33 -5.84 -4.26
CA ASN B 40 -5.69 -6.26 -4.63
C ASN B 40 -5.72 -7.17 -5.88
N ASP B 41 -4.75 -7.09 -6.79
CA ASP B 41 -4.62 -8.05 -7.89
C ASP B 41 -4.30 -9.48 -7.40
N ILE B 42 -3.62 -9.66 -6.26
CA ILE B 42 -3.51 -10.99 -5.62
C ILE B 42 -4.84 -11.35 -4.93
N GLU B 43 -5.34 -10.45 -4.06
CA GLU B 43 -6.41 -10.75 -3.10
C GLU B 43 -7.77 -11.03 -3.77
N THR B 44 -8.09 -10.24 -4.78
CA THR B 44 -9.33 -10.35 -5.58
C THR B 44 -9.08 -10.53 -7.08
N GLY B 45 -7.99 -9.96 -7.64
CA GLY B 45 -7.69 -10.14 -9.07
C GLY B 45 -7.25 -11.56 -9.43
N THR B 46 -6.82 -12.32 -8.42
CA THR B 46 -6.30 -13.70 -8.51
C THR B 46 -5.09 -13.83 -9.46
N LYS B 47 -4.04 -13.05 -9.21
CA LYS B 47 -2.67 -13.34 -9.69
C LYS B 47 -2.30 -14.79 -9.36
N ASN B 48 -1.70 -15.49 -10.32
CA ASN B 48 -1.48 -16.94 -10.30
C ASN B 48 -0.08 -17.29 -10.86
N VAL B 49 0.93 -17.25 -9.98
CA VAL B 49 2.35 -17.45 -10.30
C VAL B 49 3.13 -17.93 -9.06
N ASP B 50 4.36 -18.39 -9.28
CA ASP B 50 5.42 -18.59 -8.29
C ASP B 50 5.80 -17.30 -7.53
N GLY B 51 6.93 -17.32 -6.78
CA GLY B 51 7.43 -16.19 -5.97
C GLY B 51 7.59 -14.84 -6.64
N THR B 52 7.40 -14.71 -7.95
CA THR B 52 7.35 -13.44 -8.67
C THR B 52 6.42 -12.43 -7.99
N THR B 53 5.11 -12.69 -7.93
CA THR B 53 4.13 -11.72 -7.38
C THR B 53 4.29 -11.50 -5.87
N TYR B 54 4.67 -12.57 -5.14
CA TYR B 54 5.06 -12.53 -3.73
C TYR B 54 6.16 -11.49 -3.54
N LYS B 55 7.26 -11.65 -4.29
CA LYS B 55 8.41 -10.80 -4.25
C LYS B 55 8.08 -9.37 -4.62
N LYS B 56 7.29 -9.11 -5.67
CA LYS B 56 6.84 -7.75 -6.00
C LYS B 56 6.17 -7.07 -4.79
N LEU B 57 5.18 -7.69 -4.16
CA LEU B 57 4.46 -7.00 -3.08
C LEU B 57 5.19 -6.99 -1.73
N VAL B 58 6.03 -7.99 -1.46
CA VAL B 58 6.88 -7.99 -0.25
C VAL B 58 8.09 -7.06 -0.41
N THR B 59 8.52 -6.77 -1.65
CA THR B 59 9.57 -5.77 -1.90
C THR B 59 9.04 -4.33 -1.75
N LEU B 60 7.77 -4.11 -2.12
CA LEU B 60 7.11 -2.80 -1.88
C LEU B 60 7.35 -2.35 -0.44
N TYR B 61 7.02 -3.18 0.56
CA TYR B 61 7.33 -2.86 1.98
C TYR B 61 8.83 -2.89 2.29
N ASP B 62 9.59 -3.82 1.67
CA ASP B 62 11.04 -3.93 1.85
C ASP B 62 11.76 -2.59 1.57
N ARG B 63 11.19 -1.67 0.77
CA ARG B 63 11.70 -0.28 0.71
C ARG B 63 10.74 0.83 1.13
N PHE B 64 9.42 0.68 1.05
CA PHE B 64 8.48 1.72 1.48
C PHE B 64 8.50 1.93 3.00
N ARG B 65 8.47 0.85 3.80
CA ARG B 65 8.45 0.87 5.26
C ARG B 65 9.80 1.27 5.87
N PHE B 66 10.86 0.86 5.18
CA PHE B 66 12.27 1.03 5.55
C PHE B 66 12.99 2.26 4.96
N GLU B 67 13.10 2.36 3.63
CA GLU B 67 14.11 3.17 2.93
C GLU B 67 13.61 4.47 2.27
N ASN B 68 12.44 4.42 1.64
CA ASN B 68 11.86 5.49 0.81
C ASN B 68 11.30 6.67 1.64
N GLY A 1 -7.64 21.88 15.59
CA GLY A 1 -8.89 21.34 16.14
C GLY A 1 -8.78 19.86 16.50
N SER A 2 -9.75 19.34 17.25
CA SER A 2 -9.83 17.92 17.66
C SER A 2 -10.52 17.07 16.59
N HIS A 3 -9.98 15.88 16.32
CA HIS A 3 -10.47 14.93 15.31
C HIS A 3 -10.47 13.49 15.87
N MET A 4 -11.45 12.69 15.45
CA MET A 4 -11.61 11.28 15.85
C MET A 4 -11.10 10.32 14.76
N ARG A 5 -10.59 9.15 15.15
CA ARG A 5 -10.12 8.10 14.23
C ARG A 5 -10.56 6.71 14.68
N MET A 6 -10.89 5.85 13.71
CA MET A 6 -11.41 4.50 13.97
C MET A 6 -10.58 3.37 13.31
N SER A 7 -9.33 3.68 13.01
CA SER A 7 -8.35 2.87 12.27
C SER A 7 -8.87 2.07 11.07
N LEU A 8 -9.33 0.83 11.22
CA LEU A 8 -9.83 -0.01 10.11
C LEU A 8 -11.21 -0.58 10.46
N ILE A 9 -12.27 0.12 10.05
CA ILE A 9 -13.66 -0.30 10.26
C ILE A 9 -14.06 -1.41 9.26
N GLY A 10 -13.54 -1.31 8.03
CA GLY A 10 -13.87 -2.19 6.89
C GLY A 10 -14.89 -1.60 5.90
N GLU A 11 -15.35 -0.36 6.11
CA GLU A 11 -16.13 0.42 5.13
C GLU A 11 -15.63 1.87 5.10
N ARG A 12 -15.70 2.56 6.25
CA ARG A 12 -15.23 3.95 6.44
C ARG A 12 -15.90 4.97 5.51
N PHE A 13 -17.21 4.83 5.33
CA PHE A 13 -17.95 5.45 4.25
C PHE A 13 -18.60 6.79 4.64
N THR A 14 -17.98 7.89 4.20
CA THR A 14 -18.41 9.30 4.31
C THR A 14 -18.75 9.79 5.73
N GLU A 15 -19.84 9.31 6.33
CA GLU A 15 -20.15 9.48 7.75
C GLU A 15 -19.19 8.68 8.67
N GLU A 16 -18.57 7.61 8.15
CA GLU A 16 -17.56 6.78 8.83
C GLU A 16 -16.13 7.08 8.34
N GLU A 17 -15.97 8.05 7.43
CA GLU A 17 -14.68 8.45 6.88
C GLU A 17 -13.73 9.16 7.87
N GLN A 18 -14.19 9.55 9.08
CA GLN A 18 -13.41 10.36 10.05
C GLN A 18 -11.95 9.89 10.23
N LYS A 19 -11.72 8.60 10.07
CA LYS A 19 -10.40 7.98 9.89
C LYS A 19 -9.53 8.68 8.84
N LEU A 20 -9.95 8.55 7.59
CA LEU A 20 -9.26 8.98 6.37
C LEU A 20 -9.23 10.51 6.33
N LEU A 21 -10.32 11.11 6.78
CA LEU A 21 -10.54 12.52 7.10
C LEU A 21 -9.45 13.05 8.03
N LEU A 22 -9.12 12.35 9.13
CA LEU A 22 -8.16 12.94 10.07
C LEU A 22 -6.79 12.88 9.41
N ASN A 23 -6.51 11.69 8.89
CA ASN A 23 -5.28 11.33 8.21
C ASN A 23 -4.93 12.23 7.00
N ILE A 24 -5.90 12.67 6.20
CA ILE A 24 -5.64 13.61 5.09
C ILE A 24 -5.56 15.07 5.57
N LEU A 25 -6.28 15.41 6.66
CA LEU A 25 -6.29 16.77 7.20
C LEU A 25 -5.01 17.13 7.97
N ILE A 26 -4.32 16.14 8.56
CA ILE A 26 -3.00 16.30 9.21
C ILE A 26 -1.82 16.32 8.21
N ASN A 27 -0.59 16.24 8.75
CA ASN A 27 0.69 16.39 8.04
C ASN A 27 0.86 15.48 6.80
N HIS A 28 0.40 14.22 6.87
CA HIS A 28 0.51 13.23 5.80
C HIS A 28 -0.60 12.17 5.88
N GLU A 29 -1.06 11.71 4.72
CA GLU A 29 -2.18 10.79 4.43
C GLU A 29 -1.97 9.36 5.00
N TYR A 30 -2.02 9.26 6.33
CA TYR A 30 -1.49 8.13 7.10
C TYR A 30 -2.03 6.74 6.70
N ALA A 31 -3.34 6.59 6.42
CA ALA A 31 -4.04 5.35 6.10
C ALA A 31 -3.26 4.35 5.22
N ILE A 32 -2.55 4.81 4.20
CA ILE A 32 -1.84 3.93 3.28
C ILE A 32 -0.57 3.31 3.92
N GLU A 33 0.05 4.02 4.87
CA GLU A 33 1.14 3.45 5.66
C GLU A 33 0.65 2.21 6.44
N LEU A 34 -0.55 2.32 7.05
CA LEU A 34 -1.24 1.19 7.66
C LEU A 34 -1.48 0.10 6.62
N LEU A 35 -2.03 0.40 5.43
CA LEU A 35 -2.28 -0.56 4.33
C LEU A 35 -1.07 -1.47 4.08
N SER A 36 0.14 -0.93 3.86
CA SER A 36 1.34 -1.73 3.58
C SER A 36 1.80 -2.55 4.80
N SER A 37 1.74 -1.91 5.99
CA SER A 37 2.04 -2.62 7.23
C SER A 37 1.09 -3.82 7.44
N GLU A 38 -0.18 -3.62 7.07
CA GLU A 38 -1.30 -4.55 7.25
C GLU A 38 -1.25 -5.68 6.24
N ILE A 39 -1.11 -5.40 4.93
CA ILE A 39 -0.98 -6.45 3.91
C ILE A 39 0.19 -7.38 4.23
N ASN A 40 1.33 -6.82 4.67
CA ASN A 40 2.45 -7.67 5.04
C ASN A 40 2.25 -8.41 6.38
N ASP A 41 1.46 -7.87 7.32
CA ASP A 41 1.11 -8.61 8.54
C ASP A 41 0.23 -9.84 8.22
N ILE A 42 -0.50 -9.83 7.09
CA ILE A 42 -1.24 -11.01 6.61
C ILE A 42 -0.30 -11.94 5.82
N GLU A 43 0.45 -11.39 4.88
CA GLU A 43 1.28 -12.17 3.92
C GLU A 43 2.41 -12.94 4.60
N THR A 44 3.14 -12.26 5.48
CA THR A 44 4.34 -12.78 6.16
C THR A 44 4.23 -12.73 7.70
N GLY A 45 3.48 -11.78 8.27
CA GLY A 45 3.11 -11.80 9.70
C GLY A 45 2.14 -12.93 10.07
N THR A 46 1.46 -13.50 9.06
CA THR A 46 0.51 -14.63 9.15
C THR A 46 -0.65 -14.42 10.15
N LYS A 47 -1.22 -13.21 10.18
CA LYS A 47 -2.58 -12.97 10.72
C LYS A 47 -3.61 -13.81 9.95
N ASN A 48 -4.59 -14.37 10.66
CA ASN A 48 -5.59 -15.30 10.11
C ASN A 48 -7.01 -15.04 10.67
N VAL A 49 -7.98 -14.84 9.77
CA VAL A 49 -9.41 -14.59 10.03
C VAL A 49 -10.21 -14.81 8.74
N ASP A 50 -11.54 -14.85 8.83
CA ASP A 50 -12.48 -14.77 7.69
C ASP A 50 -12.46 -13.38 7.00
N GLY A 51 -13.50 -13.02 6.25
CA GLY A 51 -13.54 -11.81 5.41
C GLY A 51 -13.30 -10.47 6.09
N THR A 52 -13.18 -10.41 7.41
CA THR A 52 -12.75 -9.23 8.15
C THR A 52 -11.47 -8.64 7.56
N THR A 53 -10.35 -9.38 7.51
CA THR A 53 -9.07 -8.82 7.04
C THR A 53 -9.06 -8.53 5.54
N TYR A 54 -9.71 -9.40 4.74
CA TYR A 54 -9.98 -9.16 3.33
C TYR A 54 -10.61 -7.79 3.13
N LYS A 55 -11.71 -7.55 3.85
CA LYS A 55 -12.47 -6.34 3.83
C LYS A 55 -11.66 -5.13 4.28
N LYS A 56 -10.88 -5.19 5.36
CA LYS A 56 -9.92 -4.11 5.75
C LYS A 56 -9.01 -3.72 4.57
N LEU A 57 -8.32 -4.66 3.94
CA LEU A 57 -7.31 -4.35 2.93
C LEU A 57 -7.90 -4.04 1.54
N VAL A 58 -9.12 -4.50 1.23
CA VAL A 58 -9.84 -4.08 0.01
C VAL A 58 -10.64 -2.79 0.22
N THR A 59 -11.04 -2.45 1.45
CA THR A 59 -11.66 -1.13 1.72
C THR A 59 -10.63 0.01 1.62
N LEU A 60 -9.38 -0.28 2.04
CA LEU A 60 -8.22 0.62 1.90
C LEU A 60 -8.18 1.22 0.48
N TYR A 61 -8.15 0.37 -0.55
CA TYR A 61 -8.14 0.83 -1.96
C TYR A 61 -9.50 1.31 -2.47
N ASP A 62 -10.58 0.76 -1.92
CA ASP A 62 -11.95 1.23 -2.22
C ASP A 62 -12.12 2.72 -1.87
N ARG A 63 -11.30 3.29 -0.96
CA ARG A 63 -11.24 4.76 -0.76
C ARG A 63 -9.98 5.45 -1.27
N PHE A 64 -8.81 4.86 -1.10
CA PHE A 64 -7.54 5.47 -1.54
C PHE A 64 -7.46 5.74 -3.05
N ARG A 65 -7.79 4.74 -3.87
CA ARG A 65 -7.68 4.76 -5.34
C ARG A 65 -8.69 5.73 -5.97
N PHE A 66 -9.87 5.70 -5.37
CA PHE A 66 -11.12 6.29 -5.85
C PHE A 66 -11.47 7.67 -5.25
N GLU A 67 -11.58 7.78 -3.93
CA GLU A 67 -12.19 8.91 -3.21
C GLU A 67 -11.20 9.93 -2.64
N ASN A 68 -10.13 9.45 -2.00
CA ASN A 68 -9.17 10.25 -1.25
C ASN A 68 -8.25 11.12 -2.14
N GLY B 1 14.30 17.80 -13.21
CA GLY B 1 15.15 16.62 -12.90
C GLY B 1 14.43 15.33 -13.23
N SER B 2 15.07 14.46 -14.02
CA SER B 2 14.49 13.19 -14.54
C SER B 2 15.50 12.04 -14.52
N HIS B 3 15.01 10.81 -14.48
CA HIS B 3 15.81 9.57 -14.46
C HIS B 3 15.05 8.39 -15.10
N MET B 4 15.76 7.33 -15.47
CA MET B 4 15.19 6.03 -15.87
C MET B 4 14.53 5.32 -14.67
N ARG B 5 13.44 4.59 -14.91
CA ARG B 5 12.68 3.82 -13.90
C ARG B 5 12.58 2.35 -14.28
N MET B 6 12.59 1.47 -13.28
CA MET B 6 12.41 0.03 -13.52
C MET B 6 11.23 -0.48 -12.70
N SER B 7 10.03 -0.14 -13.17
CA SER B 7 8.77 -0.43 -12.48
C SER B 7 8.68 -1.89 -11.99
N LEU B 8 8.57 -2.05 -10.66
CA LEU B 8 8.47 -3.28 -9.86
C LEU B 8 9.21 -4.52 -10.38
N ILE B 9 10.54 -4.45 -10.25
CA ILE B 9 11.51 -5.55 -10.50
C ILE B 9 11.30 -6.76 -9.57
N GLY B 10 10.85 -6.52 -8.32
CA GLY B 10 10.83 -7.54 -7.25
C GLY B 10 11.97 -7.43 -6.21
N GLU B 11 12.81 -6.39 -6.28
CA GLU B 11 13.90 -6.13 -5.32
C GLU B 11 14.11 -4.62 -5.06
N ARG B 12 14.61 -3.91 -6.07
CA ARG B 12 14.68 -2.44 -6.18
C ARG B 12 15.48 -1.70 -5.09
N PHE B 13 16.67 -2.19 -4.73
CA PHE B 13 17.45 -1.64 -3.63
C PHE B 13 18.88 -1.21 -3.97
N THR B 14 19.23 -0.02 -3.47
CA THR B 14 20.49 0.74 -3.63
C THR B 14 20.93 0.89 -5.09
N GLU B 15 21.60 -0.12 -5.66
CA GLU B 15 21.92 -0.18 -7.09
C GLU B 15 20.65 -0.28 -7.97
N GLU B 16 19.58 -0.88 -7.45
CA GLU B 16 18.31 -1.11 -8.17
C GLU B 16 17.19 -0.15 -7.72
N GLU B 17 17.47 0.77 -6.79
CA GLU B 17 16.50 1.77 -6.30
C GLU B 17 16.01 2.78 -7.35
N GLN B 18 16.63 2.92 -8.53
CA GLN B 18 16.29 3.96 -9.52
C GLN B 18 14.78 4.13 -9.78
N LYS B 19 14.02 3.06 -9.60
CA LYS B 19 12.55 3.06 -9.53
C LYS B 19 12.00 4.08 -8.51
N LEU B 20 12.30 3.84 -7.24
CA LEU B 20 11.80 4.58 -6.07
C LEU B 20 12.41 5.99 -6.05
N LEU B 21 13.66 6.07 -6.50
CA LEU B 21 14.47 7.24 -6.81
C LEU B 21 13.77 8.13 -7.83
N LEU B 22 13.21 7.56 -8.91
CA LEU B 22 12.58 8.45 -9.91
C LEU B 22 11.27 8.96 -9.32
N ASN B 23 10.54 8.04 -8.71
CA ASN B 23 9.25 8.26 -8.07
C ASN B 23 9.26 9.28 -6.92
N ILE B 24 10.38 9.48 -6.22
CA ILE B 24 10.56 10.60 -5.27
C ILE B 24 11.09 11.88 -5.94
N LEU B 25 11.86 11.75 -7.03
CA LEU B 25 12.40 12.87 -7.80
C LEU B 25 11.29 13.64 -8.56
N ILE B 26 10.21 12.96 -8.94
CA ILE B 26 9.00 13.53 -9.57
C ILE B 26 7.98 14.03 -8.51
N ASN B 27 6.68 13.90 -8.78
CA ASN B 27 5.52 14.27 -7.93
C ASN B 27 5.37 13.47 -6.60
N HIS B 28 6.44 12.81 -6.15
CA HIS B 28 6.59 12.00 -4.93
C HIS B 28 5.82 10.66 -4.90
N GLU B 29 6.36 9.71 -4.12
CA GLU B 29 5.74 8.47 -3.60
C GLU B 29 4.99 7.55 -4.57
N TYR B 30 5.25 7.61 -5.88
CA TYR B 30 4.44 6.89 -6.89
C TYR B 30 4.44 5.36 -6.73
N ALA B 31 5.54 4.77 -6.24
CA ALA B 31 5.62 3.34 -5.93
C ALA B 31 4.44 2.81 -5.09
N ILE B 32 3.92 3.64 -4.18
CA ILE B 32 2.86 3.26 -3.25
C ILE B 32 1.48 3.18 -3.95
N GLU B 33 1.23 4.02 -4.96
CA GLU B 33 0.02 3.93 -5.79
C GLU B 33 -0.09 2.55 -6.46
N LEU B 34 1.05 2.08 -7.00
CA LEU B 34 1.23 0.72 -7.46
C LEU B 34 0.96 -0.26 -6.32
N LEU B 35 1.60 -0.12 -5.14
CA LEU B 35 1.42 -1.04 -4.00
C LEU B 35 -0.06 -1.35 -3.74
N SER B 36 -0.92 -0.35 -3.57
CA SER B 36 -2.34 -0.57 -3.32
C SER B 36 -3.02 -1.26 -4.50
N SER B 37 -2.81 -0.73 -5.71
CA SER B 37 -3.47 -1.34 -6.88
C SER B 37 -3.03 -2.80 -7.07
N GLU B 38 -1.77 -3.09 -6.73
CA GLU B 38 -1.07 -4.37 -6.87
C GLU B 38 -1.55 -5.38 -5.85
N ILE B 39 -1.56 -5.04 -4.55
CA ILE B 39 -2.09 -5.96 -3.53
C ILE B 39 -3.52 -6.36 -3.83
N ASN B 40 -4.32 -5.41 -4.33
CA ASN B 40 -5.68 -5.78 -4.77
C ASN B 40 -5.71 -6.58 -6.08
N ASP B 41 -4.74 -6.43 -6.98
CA ASP B 41 -4.62 -7.31 -8.15
C ASP B 41 -4.39 -8.78 -7.73
N ILE B 42 -3.69 -9.03 -6.62
CA ILE B 42 -3.58 -10.38 -6.04
C ILE B 42 -4.89 -10.75 -5.32
N GLU B 43 -5.38 -9.89 -4.42
CA GLU B 43 -6.48 -10.20 -3.48
C GLU B 43 -7.84 -10.39 -4.14
N THR B 44 -8.18 -9.48 -5.06
CA THR B 44 -9.46 -9.48 -5.81
C THR B 44 -9.26 -9.61 -7.33
N GLY B 45 -8.13 -9.16 -7.90
CA GLY B 45 -7.81 -9.42 -9.31
C GLY B 45 -7.45 -10.88 -9.60
N THR B 46 -7.14 -11.65 -8.54
CA THR B 46 -6.79 -13.08 -8.56
C THR B 46 -5.65 -13.42 -9.53
N LYS B 47 -4.49 -12.77 -9.33
CA LYS B 47 -3.20 -13.15 -9.94
C LYS B 47 -2.91 -14.65 -9.76
N ASN B 48 -2.32 -15.25 -10.79
CA ASN B 48 -2.08 -16.70 -10.91
C ASN B 48 -0.70 -16.97 -11.56
N VAL B 49 0.34 -16.98 -10.72
CA VAL B 49 1.75 -17.14 -11.09
C VAL B 49 2.54 -17.70 -9.89
N ASP B 50 3.78 -18.14 -10.15
CA ASP B 50 4.81 -18.47 -9.14
C ASP B 50 5.22 -17.22 -8.30
N GLY B 51 6.27 -17.32 -7.49
CA GLY B 51 6.77 -16.29 -6.57
C GLY B 51 7.01 -14.89 -7.14
N THR B 52 6.91 -14.67 -8.44
CA THR B 52 6.94 -13.35 -9.08
C THR B 52 6.00 -12.36 -8.38
N THR B 53 4.68 -12.61 -8.39
CA THR B 53 3.70 -11.67 -7.83
C THR B 53 3.77 -11.54 -6.31
N TYR B 54 4.14 -12.64 -5.62
CA TYR B 54 4.47 -12.65 -4.19
C TYR B 54 5.60 -11.68 -3.90
N LYS B 55 6.70 -11.82 -4.63
CA LYS B 55 7.89 -11.03 -4.50
C LYS B 55 7.63 -9.55 -4.80
N LYS B 56 6.86 -9.18 -5.82
CA LYS B 56 6.46 -7.77 -6.05
C LYS B 56 5.69 -7.20 -4.83
N LEU B 57 4.75 -7.98 -4.30
CA LEU B 57 3.91 -7.57 -3.19
C LEU B 57 4.68 -7.43 -1.87
N VAL B 58 5.58 -8.36 -1.60
CA VAL B 58 6.39 -8.38 -0.37
C VAL B 58 7.62 -7.46 -0.47
N THR B 59 8.14 -7.19 -1.68
CA THR B 59 9.22 -6.21 -1.88
C THR B 59 8.74 -4.77 -1.69
N LEU B 60 7.49 -4.48 -2.08
CA LEU B 60 6.90 -3.14 -1.88
C LEU B 60 7.07 -2.69 -0.43
N TYR B 61 6.60 -3.47 0.54
CA TYR B 61 6.79 -3.17 1.98
C TYR B 61 8.26 -3.31 2.41
N ASP B 62 8.99 -4.30 1.85
CA ASP B 62 10.42 -4.51 2.14
C ASP B 62 11.26 -3.25 1.89
N ARG B 63 10.80 -2.32 1.02
CA ARG B 63 11.43 -0.99 0.87
C ARG B 63 10.62 0.14 1.50
N PHE B 64 9.32 0.16 1.32
CA PHE B 64 8.47 1.27 1.79
C PHE B 64 8.43 1.41 3.32
N ARG B 65 8.19 0.32 4.05
CA ARG B 65 8.05 0.28 5.51
C ARG B 65 9.39 0.45 6.22
N PHE B 66 10.43 -0.09 5.59
CA PHE B 66 11.83 -0.08 6.07
C PHE B 66 12.70 1.09 5.58
N GLU B 67 12.94 1.23 4.27
CA GLU B 67 14.05 2.01 3.71
C GLU B 67 13.68 3.43 3.25
N ASN B 68 12.53 3.55 2.60
CA ASN B 68 12.05 4.78 1.95
C ASN B 68 11.58 5.87 2.93
N GLY A 1 -8.33 21.79 12.68
CA GLY A 1 -7.61 21.10 13.77
C GLY A 1 -7.70 19.58 13.63
N SER A 2 -7.68 18.87 14.76
CA SER A 2 -7.80 17.40 14.83
C SER A 2 -9.24 16.88 14.66
N HIS A 3 -9.39 15.57 14.46
CA HIS A 3 -10.67 14.86 14.33
C HIS A 3 -10.63 13.49 15.02
N MET A 4 -11.79 12.84 15.20
CA MET A 4 -11.85 11.40 15.52
C MET A 4 -11.47 10.55 14.30
N ARG A 5 -10.87 9.37 14.55
CA ARG A 5 -10.39 8.42 13.52
C ARG A 5 -10.70 6.99 13.93
N MET A 6 -11.04 6.14 12.97
CA MET A 6 -11.34 4.73 13.24
C MET A 6 -10.45 3.81 12.39
N SER A 7 -9.15 3.82 12.70
CA SER A 7 -8.18 2.98 12.01
C SER A 7 -8.35 1.51 12.48
N LEU A 8 -8.90 0.54 11.74
CA LEU A 8 -9.56 0.47 10.44
C LEU A 8 -10.88 -0.26 10.67
N ILE A 9 -11.95 0.13 9.97
CA ILE A 9 -13.28 -0.47 10.16
C ILE A 9 -13.51 -1.68 9.24
N GLY A 10 -12.96 -1.63 8.02
CA GLY A 10 -13.21 -2.60 6.94
C GLY A 10 -14.29 -2.15 5.94
N GLU A 11 -14.86 -0.94 6.09
CA GLU A 11 -15.71 -0.30 5.08
C GLU A 11 -15.33 1.18 4.94
N ARG A 12 -15.42 1.95 6.04
CA ARG A 12 -15.02 3.36 6.12
C ARG A 12 -15.75 4.29 5.15
N PHE A 13 -17.04 4.07 5.01
CA PHE A 13 -17.84 4.54 3.89
C PHE A 13 -18.51 5.89 4.14
N THR A 14 -17.91 6.96 3.60
CA THR A 14 -18.37 8.36 3.52
C THR A 14 -18.82 9.00 4.85
N GLU A 15 -19.93 8.58 5.46
CA GLU A 15 -20.23 8.87 6.88
C GLU A 15 -19.22 8.18 7.84
N GLU A 16 -18.62 7.07 7.42
CA GLU A 16 -17.60 6.30 8.16
C GLU A 16 -16.17 6.60 7.68
N GLU A 17 -16.02 7.56 6.76
CA GLU A 17 -14.71 7.98 6.22
C GLU A 17 -13.80 8.70 7.23
N GLN A 18 -14.28 9.08 8.43
CA GLN A 18 -13.52 9.89 9.43
C GLN A 18 -12.07 9.41 9.65
N LYS A 19 -11.84 8.11 9.46
CA LYS A 19 -10.54 7.48 9.29
C LYS A 19 -9.64 8.19 8.25
N LEU A 20 -10.02 8.06 6.99
CA LEU A 20 -9.31 8.51 5.80
C LEU A 20 -9.28 10.04 5.74
N LEU A 21 -10.37 10.62 6.22
CA LEU A 21 -10.62 12.03 6.54
C LEU A 21 -9.55 12.57 7.49
N LEU A 22 -9.22 11.89 8.60
CA LEU A 22 -8.24 12.52 9.49
C LEU A 22 -6.87 12.42 8.82
N ASN A 23 -6.65 11.26 8.21
CA ASN A 23 -5.43 10.88 7.53
C ASN A 23 -5.08 11.73 6.29
N ILE A 24 -6.06 12.35 5.62
CA ILE A 24 -5.79 13.40 4.60
C ILE A 24 -5.71 14.80 5.20
N LEU A 25 -6.38 15.05 6.33
CA LEU A 25 -6.41 16.35 7.00
C LEU A 25 -5.07 16.68 7.70
N ILE A 26 -4.32 15.66 8.16
CA ILE A 26 -2.98 15.81 8.77
C ILE A 26 -1.83 15.84 7.73
N ASN A 27 -0.59 15.81 8.25
CA ASN A 27 0.67 15.95 7.51
C ASN A 27 0.84 14.98 6.34
N HIS A 28 0.50 13.69 6.53
CA HIS A 28 0.76 12.60 5.59
C HIS A 28 -0.40 11.58 5.54
N GLU A 29 -0.60 10.94 4.39
CA GLU A 29 -1.74 10.08 4.04
C GLU A 29 -1.70 8.71 4.75
N TYR A 30 -1.98 8.73 6.05
CA TYR A 30 -1.65 7.65 7.00
C TYR A 30 -2.31 6.28 6.74
N ALA A 31 -3.49 6.21 6.10
CA ALA A 31 -4.08 4.94 5.71
C ALA A 31 -3.12 4.05 4.91
N ILE A 32 -2.29 4.64 4.05
CA ILE A 32 -1.33 3.89 3.23
C ILE A 32 -0.16 3.31 4.03
N GLU A 33 0.28 4.01 5.09
CA GLU A 33 1.22 3.44 6.06
C GLU A 33 0.67 2.13 6.65
N LEU A 34 -0.62 2.14 7.01
CA LEU A 34 -1.32 0.93 7.41
C LEU A 34 -1.39 -0.09 6.28
N LEU A 35 -1.72 0.27 5.03
CA LEU A 35 -1.83 -0.71 3.93
C LEU A 35 -0.54 -1.53 3.81
N SER A 36 0.62 -0.88 3.68
CA SER A 36 1.90 -1.60 3.50
C SER A 36 2.29 -2.42 4.74
N SER A 37 2.03 -1.85 5.93
CA SER A 37 2.27 -2.55 7.20
C SER A 37 1.40 -3.83 7.29
N GLU A 38 0.13 -3.69 6.90
CA GLU A 38 -0.94 -4.70 6.96
C GLU A 38 -0.65 -5.83 5.98
N ILE A 39 -0.45 -5.50 4.70
CA ILE A 39 -0.16 -6.50 3.67
C ILE A 39 1.06 -7.32 4.02
N ASN A 40 2.14 -6.68 4.51
CA ASN A 40 3.31 -7.47 4.91
C ASN A 40 3.11 -8.28 6.19
N ASP A 41 2.24 -7.85 7.12
CA ASP A 41 1.93 -8.65 8.31
C ASP A 41 1.17 -9.94 7.94
N ILE A 42 0.42 -9.92 6.83
CA ILE A 42 -0.28 -11.11 6.32
C ILE A 42 0.66 -11.94 5.43
N GLU A 43 1.41 -11.28 4.55
CA GLU A 43 2.28 -11.92 3.54
C GLU A 43 3.48 -12.66 4.14
N THR A 44 4.20 -12.01 5.04
CA THR A 44 5.43 -12.52 5.68
C THR A 44 5.36 -12.57 7.21
N GLY A 45 4.62 -11.66 7.85
CA GLY A 45 4.30 -11.72 9.28
C GLY A 45 3.44 -12.94 9.66
N THR A 46 2.78 -13.55 8.66
CA THR A 46 1.98 -14.78 8.76
C THR A 46 0.86 -14.68 9.80
N LYS A 47 0.11 -13.57 9.76
CA LYS A 47 -1.14 -13.37 10.52
C LYS A 47 -2.21 -14.42 10.22
N ASN A 48 -3.14 -14.57 11.16
CA ASN A 48 -4.20 -15.59 11.11
C ASN A 48 -5.51 -15.07 11.74
N VAL A 49 -6.53 -14.83 10.90
CA VAL A 49 -7.90 -14.43 11.27
C VAL A 49 -8.87 -14.75 10.12
N ASP A 50 -10.17 -14.72 10.42
CA ASP A 50 -11.31 -14.65 9.50
C ASP A 50 -11.28 -13.43 8.57
N GLY A 51 -12.36 -13.17 7.81
CA GLY A 51 -12.50 -12.08 6.84
C GLY A 51 -12.23 -10.66 7.32
N THR A 52 -12.01 -10.42 8.62
CA THR A 52 -11.56 -9.14 9.16
C THR A 52 -10.35 -8.58 8.38
N THR A 53 -9.21 -9.27 8.36
CA THR A 53 -8.00 -8.74 7.69
C THR A 53 -8.12 -8.67 6.18
N TYR A 54 -8.80 -9.65 5.57
CA TYR A 54 -9.18 -9.63 4.15
C TYR A 54 -9.90 -8.33 3.80
N LYS A 55 -10.96 -8.04 4.56
CA LYS A 55 -11.78 -6.87 4.41
C LYS A 55 -11.01 -5.58 4.66
N LYS A 56 -10.17 -5.48 5.71
CA LYS A 56 -9.24 -4.33 5.88
C LYS A 56 -8.37 -4.13 4.62
N LEU A 57 -7.76 -5.17 4.08
CA LEU A 57 -6.82 -5.09 2.95
C LEU A 57 -7.51 -4.76 1.62
N VAL A 58 -8.70 -5.30 1.40
CA VAL A 58 -9.49 -5.03 0.17
C VAL A 58 -10.25 -3.70 0.26
N THR A 59 -10.62 -3.24 1.46
CA THR A 59 -11.24 -1.90 1.64
C THR A 59 -10.23 -0.75 1.43
N LEU A 60 -8.96 -0.99 1.80
CA LEU A 60 -7.83 -0.07 1.58
C LEU A 60 -7.86 0.44 0.14
N TYR A 61 -7.81 -0.47 -0.84
CA TYR A 61 -7.91 -0.12 -2.27
C TYR A 61 -9.30 0.38 -2.66
N ASP A 62 -10.36 -0.23 -2.07
CA ASP A 62 -11.74 0.17 -2.34
C ASP A 62 -11.99 1.68 -2.07
N ARG A 63 -11.15 2.36 -1.26
CA ARG A 63 -11.16 3.83 -1.15
C ARG A 63 -9.92 4.56 -1.66
N PHE A 64 -8.73 3.99 -1.51
CA PHE A 64 -7.49 4.60 -2.03
C PHE A 64 -7.46 4.73 -3.57
N ARG A 65 -7.73 3.63 -4.30
CA ARG A 65 -7.65 3.58 -5.77
C ARG A 65 -8.79 4.36 -6.45
N PHE A 66 -9.93 4.34 -5.79
CA PHE A 66 -11.20 4.97 -6.20
C PHE A 66 -11.38 6.45 -5.77
N GLU A 67 -11.35 6.73 -4.47
CA GLU A 67 -11.91 7.95 -3.86
C GLU A 67 -10.86 8.98 -3.38
N ASN A 68 -9.86 8.49 -2.62
CA ASN A 68 -8.84 9.28 -1.90
C ASN A 68 -7.42 9.00 -2.42
N GLY B 1 12.64 15.99 -16.32
CA GLY B 1 12.86 14.59 -16.75
C GLY B 1 14.18 14.05 -16.20
N SER B 2 15.10 13.65 -17.08
CA SER B 2 16.49 13.22 -16.78
C SER B 2 16.62 12.00 -15.84
N HIS B 3 15.57 11.19 -15.68
CA HIS B 3 15.50 10.00 -14.83
C HIS B 3 14.84 8.83 -15.57
N MET B 4 15.18 7.60 -15.19
CA MET B 4 14.62 6.35 -15.73
C MET B 4 14.01 5.48 -14.62
N ARG B 5 13.05 4.60 -14.97
CA ARG B 5 12.31 3.76 -14.01
C ARG B 5 12.34 2.29 -14.39
N MET B 6 12.44 1.43 -13.36
CA MET B 6 12.41 -0.02 -13.52
C MET B 6 11.30 -0.59 -12.64
N SER B 7 10.07 -0.25 -12.97
CA SER B 7 8.89 -0.56 -12.15
C SER B 7 8.84 -2.05 -11.77
N LEU B 8 8.97 -2.29 -10.46
CA LEU B 8 8.90 -3.56 -9.75
C LEU B 8 9.84 -4.63 -10.30
N ILE B 9 11.15 -4.44 -10.07
CA ILE B 9 12.19 -5.46 -10.27
C ILE B 9 12.07 -6.58 -9.21
N GLY B 10 11.69 -6.20 -7.98
CA GLY B 10 11.55 -7.10 -6.83
C GLY B 10 12.62 -6.96 -5.73
N GLU B 11 13.56 -6.01 -5.85
CA GLU B 11 14.46 -5.58 -4.74
C GLU B 11 14.70 -4.06 -4.75
N ARG B 12 14.98 -3.50 -5.93
CA ARG B 12 15.14 -2.05 -6.20
C ARG B 12 16.01 -1.29 -5.21
N PHE B 13 17.21 -1.80 -4.96
CA PHE B 13 17.94 -1.45 -3.76
C PHE B 13 19.20 -0.62 -4.04
N THR B 14 19.16 0.63 -3.57
CA THR B 14 20.20 1.69 -3.65
C THR B 14 20.74 1.94 -5.06
N GLU B 15 21.55 1.04 -5.62
CA GLU B 15 21.94 1.02 -7.04
C GLU B 15 20.74 0.77 -7.98
N GLU B 16 19.72 0.03 -7.52
CA GLU B 16 18.51 -0.32 -8.29
C GLU B 16 17.27 0.49 -7.85
N GLU B 17 17.47 1.48 -6.97
CA GLU B 17 16.39 2.34 -6.44
C GLU B 17 15.81 3.35 -7.43
N GLN B 18 16.39 3.56 -8.62
CA GLN B 18 15.98 4.56 -9.62
C GLN B 18 14.46 4.63 -9.85
N LYS B 19 13.78 3.50 -9.70
CA LYS B 19 12.33 3.37 -9.59
C LYS B 19 11.72 4.34 -8.55
N LEU B 20 12.05 4.08 -7.30
CA LEU B 20 11.53 4.73 -6.10
C LEU B 20 12.06 6.15 -6.01
N LEU B 21 13.32 6.34 -6.43
CA LEU B 21 13.93 7.64 -6.65
C LEU B 21 13.06 8.42 -7.61
N LEU B 22 12.70 7.88 -8.79
CA LEU B 22 12.20 8.77 -9.84
C LEU B 22 10.84 9.26 -9.33
N ASN B 23 10.08 8.28 -8.85
CA ASN B 23 8.79 8.38 -8.20
C ASN B 23 8.71 9.36 -7.02
N ILE B 24 9.67 9.40 -6.10
CA ILE B 24 9.63 10.40 -5.01
C ILE B 24 10.05 11.80 -5.49
N LEU B 25 10.89 11.86 -6.54
CA LEU B 25 11.43 13.11 -7.06
C LEU B 25 10.43 13.90 -7.94
N ILE B 26 9.52 13.19 -8.64
CA ILE B 26 8.45 13.79 -9.47
C ILE B 26 7.24 14.27 -8.63
N ASN B 27 6.15 14.61 -9.33
CA ASN B 27 4.93 15.24 -8.82
C ASN B 27 4.28 14.51 -7.62
N HIS B 28 4.29 13.17 -7.62
CA HIS B 28 3.69 12.35 -6.56
C HIS B 28 4.39 10.98 -6.40
N GLU B 29 4.36 10.44 -5.18
CA GLU B 29 5.08 9.22 -4.75
C GLU B 29 4.46 7.95 -5.34
N TYR B 30 4.81 7.66 -6.60
CA TYR B 30 4.03 6.77 -7.46
C TYR B 30 4.10 5.27 -7.13
N ALA B 31 5.18 4.76 -6.52
CA ALA B 31 5.30 3.34 -6.16
C ALA B 31 4.09 2.82 -5.34
N ILE B 32 3.53 3.67 -4.47
CA ILE B 32 2.38 3.32 -3.62
C ILE B 32 1.11 3.06 -4.46
N GLU B 33 0.90 3.82 -5.54
CA GLU B 33 -0.25 3.60 -6.43
C GLU B 33 -0.21 2.18 -7.00
N LEU B 34 0.99 1.74 -7.40
CA LEU B 34 1.23 0.36 -7.78
C LEU B 34 0.92 -0.55 -6.62
N LEU B 35 1.43 -0.32 -5.40
CA LEU B 35 1.20 -1.23 -4.26
C LEU B 35 -0.28 -1.58 -4.10
N SER B 36 -1.17 -0.59 -4.01
CA SER B 36 -2.59 -0.86 -3.77
C SER B 36 -3.25 -1.54 -4.98
N SER B 37 -2.91 -1.07 -6.19
CA SER B 37 -3.42 -1.67 -7.43
C SER B 37 -2.99 -3.15 -7.57
N GLU B 38 -1.74 -3.42 -7.20
CA GLU B 38 -1.03 -4.69 -7.31
C GLU B 38 -1.57 -5.71 -6.31
N ILE B 39 -1.59 -5.37 -5.02
CA ILE B 39 -2.11 -6.27 -3.98
C ILE B 39 -3.56 -6.64 -4.26
N ASN B 40 -4.40 -5.68 -4.68
CA ASN B 40 -5.77 -6.04 -5.02
C ASN B 40 -5.91 -6.84 -6.33
N ASP B 41 -5.00 -6.68 -7.30
CA ASP B 41 -5.03 -7.48 -8.54
C ASP B 41 -4.67 -8.95 -8.23
N ILE B 42 -3.91 -9.21 -7.16
CA ILE B 42 -3.64 -10.58 -6.70
C ILE B 42 -4.78 -11.10 -5.81
N GLU B 43 -5.26 -10.27 -4.89
CA GLU B 43 -6.27 -10.64 -3.89
C GLU B 43 -7.65 -10.95 -4.48
N THR B 44 -8.14 -10.06 -5.34
CA THR B 44 -9.47 -10.12 -5.96
C THR B 44 -9.42 -10.17 -7.49
N GLY B 45 -8.40 -9.56 -8.12
CA GLY B 45 -8.14 -9.73 -9.57
C GLY B 45 -7.67 -11.15 -9.94
N THR B 46 -7.18 -11.91 -8.95
CA THR B 46 -6.72 -13.31 -9.05
C THR B 46 -5.66 -13.58 -10.13
N LYS B 47 -4.68 -12.67 -10.26
CA LYS B 47 -3.41 -12.95 -10.96
C LYS B 47 -2.69 -14.15 -10.32
N ASN B 48 -1.98 -14.95 -11.12
CA ASN B 48 -1.32 -16.18 -10.68
C ASN B 48 0.05 -16.39 -11.37
N VAL B 49 1.10 -16.59 -10.56
CA VAL B 49 2.49 -16.87 -10.95
C VAL B 49 3.25 -17.45 -9.73
N ASP B 50 4.47 -17.94 -9.97
CA ASP B 50 5.52 -18.20 -8.95
C ASP B 50 5.89 -16.95 -8.12
N GLY B 51 6.95 -17.03 -7.31
CA GLY B 51 7.43 -15.97 -6.40
C GLY B 51 7.68 -14.59 -7.00
N THR B 52 7.60 -14.42 -8.32
CA THR B 52 7.62 -13.11 -8.98
C THR B 52 6.61 -12.16 -8.33
N THR B 53 5.29 -12.43 -8.39
CA THR B 53 4.31 -11.47 -7.87
C THR B 53 4.43 -11.29 -6.35
N TYR B 54 4.63 -12.39 -5.61
CA TYR B 54 4.92 -12.38 -4.17
C TYR B 54 6.01 -11.35 -3.85
N LYS B 55 7.16 -11.47 -4.53
CA LYS B 55 8.30 -10.62 -4.37
C LYS B 55 8.01 -9.16 -4.71
N LYS B 56 7.27 -8.83 -5.78
CA LYS B 56 6.76 -7.46 -6.02
C LYS B 56 5.98 -6.89 -4.81
N LEU B 57 4.97 -7.61 -4.29
CA LEU B 57 4.12 -7.08 -3.21
C LEU B 57 4.87 -6.96 -1.88
N VAL B 58 5.79 -7.90 -1.58
CA VAL B 58 6.58 -7.86 -0.34
C VAL B 58 7.81 -6.94 -0.46
N THR B 59 8.34 -6.71 -1.66
CA THR B 59 9.40 -5.70 -1.85
C THR B 59 8.86 -4.28 -1.65
N LEU B 60 7.60 -4.04 -2.03
CA LEU B 60 6.93 -2.73 -1.81
C LEU B 60 7.14 -2.28 -0.36
N TYR B 61 6.79 -3.10 0.64
CA TYR B 61 7.05 -2.77 2.06
C TYR B 61 8.54 -2.77 2.37
N ASP B 62 9.29 -3.72 1.80
CA ASP B 62 10.74 -3.85 2.01
C ASP B 62 11.51 -2.56 1.64
N ARG B 63 10.93 -1.64 0.83
CA ARG B 63 11.45 -0.25 0.73
C ARG B 63 10.51 0.85 1.25
N PHE B 64 9.20 0.72 1.22
CA PHE B 64 8.27 1.77 1.65
C PHE B 64 8.25 1.98 3.18
N ARG B 65 8.17 0.88 3.96
CA ARG B 65 8.17 0.89 5.42
C ARG B 65 9.53 1.25 6.01
N PHE B 66 10.57 0.85 5.28
CA PHE B 66 11.99 0.96 5.68
C PHE B 66 12.81 2.09 5.01
N GLU B 67 12.98 2.08 3.69
CA GLU B 67 14.03 2.82 2.95
C GLU B 67 13.63 4.19 2.38
N ASN B 68 12.43 4.27 1.81
CA ASN B 68 11.85 5.42 1.11
C ASN B 68 10.53 5.89 1.76
N GLY A 1 -14.15 16.55 22.08
CA GLY A 1 -13.36 15.61 21.26
C GLY A 1 -13.88 15.57 19.83
N SER A 2 -12.97 15.65 18.86
CA SER A 2 -13.28 15.73 17.41
C SER A 2 -12.35 14.83 16.57
N HIS A 3 -12.82 14.43 15.39
CA HIS A 3 -12.06 13.64 14.38
C HIS A 3 -11.47 12.32 14.93
N MET A 4 -12.16 11.66 15.88
CA MET A 4 -11.64 10.47 16.57
C MET A 4 -11.46 9.30 15.60
N ARG A 5 -10.20 8.95 15.31
CA ARG A 5 -9.81 7.96 14.29
C ARG A 5 -10.22 6.53 14.68
N MET A 6 -10.50 5.70 13.67
CA MET A 6 -10.98 4.32 13.89
C MET A 6 -10.12 3.19 13.31
N SER A 7 -8.88 3.51 12.92
CA SER A 7 -7.92 2.65 12.26
C SER A 7 -8.47 1.85 11.06
N LEU A 8 -8.90 0.58 11.20
CA LEU A 8 -9.40 -0.22 10.08
C LEU A 8 -10.73 -0.88 10.46
N ILE A 9 -11.83 -0.23 10.06
CA ILE A 9 -13.20 -0.71 10.30
C ILE A 9 -13.57 -1.86 9.33
N GLY A 10 -13.13 -1.72 8.07
CA GLY A 10 -13.43 -2.63 6.95
C GLY A 10 -14.39 -2.06 5.89
N GLU A 11 -14.80 -0.79 6.02
CA GLU A 11 -15.48 -0.01 4.95
C GLU A 11 -14.98 1.43 4.94
N ARG A 12 -15.12 2.14 6.07
CA ARG A 12 -14.72 3.54 6.26
C ARG A 12 -15.28 4.50 5.20
N PHE A 13 -16.51 4.24 4.75
CA PHE A 13 -17.27 5.07 3.81
C PHE A 13 -17.43 6.51 4.33
N THR A 14 -17.82 7.47 3.50
CA THR A 14 -17.93 8.92 3.82
C THR A 14 -18.38 9.32 5.25
N GLU A 15 -19.38 8.67 5.85
CA GLU A 15 -19.80 8.94 7.25
C GLU A 15 -18.88 8.30 8.31
N GLU A 16 -18.28 7.17 7.98
CA GLU A 16 -17.26 6.39 8.72
C GLU A 16 -15.82 6.76 8.33
N GLU A 17 -15.64 7.78 7.48
CA GLU A 17 -14.35 8.20 6.91
C GLU A 17 -13.43 8.90 7.92
N GLN A 18 -13.91 9.26 9.13
CA GLN A 18 -13.16 10.05 10.15
C GLN A 18 -11.70 9.58 10.35
N LYS A 19 -11.46 8.30 10.12
CA LYS A 19 -10.15 7.69 9.93
C LYS A 19 -9.28 8.44 8.89
N LEU A 20 -9.67 8.33 7.63
CA LEU A 20 -8.97 8.83 6.43
C LEU A 20 -8.94 10.36 6.45
N LEU A 21 -10.03 10.92 6.92
CA LEU A 21 -10.29 12.31 7.30
C LEU A 21 -9.25 12.82 8.28
N LEU A 22 -8.92 12.08 9.36
CA LEU A 22 -7.99 12.65 10.33
C LEU A 22 -6.59 12.59 9.73
N ASN A 23 -6.31 11.46 9.10
CA ASN A 23 -5.07 11.14 8.41
C ASN A 23 -4.69 12.12 7.29
N ILE A 24 -5.66 12.67 6.55
CA ILE A 24 -5.40 13.76 5.58
C ILE A 24 -5.37 15.15 6.22
N LEU A 25 -6.10 15.35 7.34
CA LEU A 25 -6.18 16.63 8.04
C LEU A 25 -4.87 16.99 8.79
N ILE A 26 -4.15 15.98 9.30
CA ILE A 26 -2.85 16.14 9.98
C ILE A 26 -1.66 16.32 9.00
N ASN A 27 -0.45 16.41 9.57
CA ASN A 27 0.77 16.84 8.88
C ASN A 27 1.28 15.89 7.75
N HIS A 28 1.00 14.59 7.83
CA HIS A 28 1.20 13.64 6.73
C HIS A 28 0.15 12.50 6.71
N GLU A 29 -0.07 11.91 5.54
CA GLU A 29 -0.97 10.77 5.34
C GLU A 29 -0.49 9.51 6.08
N TYR A 30 -1.42 8.65 6.50
CA TYR A 30 -1.14 7.60 7.51
C TYR A 30 -1.85 6.25 7.25
N ALA A 31 -3.09 6.24 6.78
CA ALA A 31 -3.79 5.06 6.25
C ALA A 31 -2.88 4.14 5.39
N ILE A 32 -2.07 4.73 4.50
CA ILE A 32 -1.15 3.98 3.64
C ILE A 32 -0.01 3.33 4.45
N GLU A 33 0.53 4.03 5.45
CA GLU A 33 1.51 3.43 6.37
C GLU A 33 0.92 2.18 7.03
N LEU A 34 -0.37 2.26 7.41
CA LEU A 34 -1.11 1.10 7.89
C LEU A 34 -1.13 0.02 6.82
N LEU A 35 -1.57 0.34 5.58
CA LEU A 35 -1.70 -0.62 4.48
C LEU A 35 -0.42 -1.45 4.31
N SER A 36 0.73 -0.80 4.13
CA SER A 36 1.99 -1.49 3.84
C SER A 36 2.47 -2.35 5.00
N SER A 37 2.37 -1.79 6.23
CA SER A 37 2.69 -2.56 7.44
C SER A 37 1.77 -3.80 7.56
N GLU A 38 0.49 -3.62 7.25
CA GLU A 38 -0.58 -4.59 7.44
C GLU A 38 -0.51 -5.72 6.42
N ILE A 39 -0.40 -5.39 5.13
CA ILE A 39 -0.24 -6.40 4.07
C ILE A 39 1.00 -7.24 4.32
N ASN A 40 2.12 -6.64 4.74
CA ASN A 40 3.29 -7.47 5.05
C ASN A 40 3.12 -8.28 6.35
N ASP A 41 2.32 -7.83 7.32
CA ASP A 41 2.04 -8.61 8.52
C ASP A 41 1.14 -9.84 8.20
N ILE A 42 0.38 -9.81 7.09
CA ILE A 42 -0.35 -10.98 6.60
C ILE A 42 0.57 -11.86 5.74
N GLU A 43 1.30 -11.25 4.82
CA GLU A 43 2.13 -11.94 3.81
C GLU A 43 3.30 -12.73 4.42
N THR A 44 4.07 -12.06 5.29
CA THR A 44 5.25 -12.64 5.98
C THR A 44 5.06 -12.74 7.50
N GLY A 45 4.32 -11.80 8.12
CA GLY A 45 4.01 -11.87 9.56
C GLY A 45 3.02 -12.98 9.94
N THR A 46 2.30 -13.54 8.95
CA THR A 46 1.30 -14.63 9.07
C THR A 46 0.18 -14.36 10.11
N LYS A 47 -0.29 -13.11 10.18
CA LYS A 47 -1.43 -12.65 11.03
C LYS A 47 -2.84 -13.01 10.56
N ASN A 48 -2.85 -13.70 9.44
CA ASN A 48 -4.01 -14.10 8.64
C ASN A 48 -5.14 -14.78 9.48
N VAL A 49 -6.38 -14.32 9.28
CA VAL A 49 -7.62 -14.88 9.87
C VAL A 49 -8.70 -15.11 8.79
N ASP A 50 -9.97 -15.18 9.21
CA ASP A 50 -11.17 -15.07 8.35
C ASP A 50 -11.26 -13.75 7.56
N GLY A 51 -12.35 -13.53 6.81
CA GLY A 51 -12.58 -12.34 5.95
C GLY A 51 -12.44 -10.98 6.59
N THR A 52 -12.34 -10.88 7.93
CA THR A 52 -11.92 -9.66 8.63
C THR A 52 -10.66 -9.07 7.98
N THR A 53 -9.54 -9.78 7.96
CA THR A 53 -8.27 -9.20 7.47
C THR A 53 -8.27 -8.97 5.96
N TYR A 54 -8.90 -9.87 5.20
CA TYR A 54 -9.19 -9.69 3.77
C TYR A 54 -9.87 -8.35 3.54
N LYS A 55 -10.97 -8.11 4.25
CA LYS A 55 -11.77 -6.92 4.17
C LYS A 55 -11.00 -5.66 4.57
N LYS A 56 -10.22 -5.65 5.66
CA LYS A 56 -9.31 -4.53 5.99
C LYS A 56 -8.39 -4.15 4.81
N LEU A 57 -7.68 -5.11 4.24
CA LEU A 57 -6.68 -4.82 3.21
C LEU A 57 -7.27 -4.61 1.80
N VAL A 58 -8.46 -5.14 1.50
CA VAL A 58 -9.20 -4.82 0.27
C VAL A 58 -10.00 -3.51 0.40
N THR A 59 -10.41 -3.12 1.61
CA THR A 59 -11.06 -1.81 1.82
C THR A 59 -10.07 -0.64 1.70
N LEU A 60 -8.79 -0.90 2.06
CA LEU A 60 -7.69 0.06 1.83
C LEU A 60 -7.75 0.63 0.41
N TYR A 61 -7.73 -0.24 -0.60
CA TYR A 61 -7.84 0.19 -2.01
C TYR A 61 -9.24 0.68 -2.36
N ASP A 62 -10.28 0.06 -1.79
CA ASP A 62 -11.68 0.49 -2.01
C ASP A 62 -11.90 1.97 -1.67
N ARG A 63 -11.07 2.58 -0.80
CA ARG A 63 -11.09 4.04 -0.55
C ARG A 63 -9.90 4.79 -1.13
N PHE A 64 -8.69 4.24 -1.05
CA PHE A 64 -7.47 4.89 -1.53
C PHE A 64 -7.46 5.09 -3.06
N ARG A 65 -7.70 4.03 -3.85
CA ARG A 65 -7.62 4.03 -5.32
C ARG A 65 -8.76 4.84 -5.94
N PHE A 66 -9.91 4.77 -5.27
CA PHE A 66 -11.16 5.44 -5.65
C PHE A 66 -11.36 6.86 -5.06
N GLU A 67 -11.44 7.02 -3.74
CA GLU A 67 -12.07 8.19 -3.09
C GLU A 67 -11.10 9.23 -2.51
N ASN A 68 -10.01 8.78 -1.89
CA ASN A 68 -8.98 9.59 -1.23
C ASN A 68 -7.57 9.38 -1.83
N GLY B 1 17.24 17.15 -13.65
CA GLY B 1 15.79 17.27 -13.90
C GLY B 1 15.12 15.91 -13.90
N SER B 2 14.24 15.65 -14.88
CA SER B 2 13.51 14.38 -15.05
C SER B 2 14.42 13.16 -15.28
N HIS B 3 13.91 11.96 -15.00
CA HIS B 3 14.67 10.70 -15.04
C HIS B 3 13.87 9.53 -15.65
N MET B 4 14.53 8.40 -15.89
CA MET B 4 13.89 7.10 -16.18
C MET B 4 13.26 6.47 -14.91
N ARG B 5 12.43 5.44 -15.09
CA ARG B 5 11.76 4.72 -13.99
C ARG B 5 11.55 3.24 -14.30
N MET B 6 11.40 2.44 -13.24
CA MET B 6 10.97 1.04 -13.33
C MET B 6 9.78 0.80 -12.40
N SER B 7 8.59 1.10 -12.90
CA SER B 7 7.28 1.02 -12.23
C SER B 7 7.06 -0.12 -11.21
N LEU B 8 7.53 -1.36 -11.42
CA LEU B 8 8.09 -2.20 -10.35
C LEU B 8 9.05 -3.30 -10.86
N ILE B 9 10.12 -3.54 -10.12
CA ILE B 9 11.16 -4.55 -10.40
C ILE B 9 11.02 -5.81 -9.53
N GLY B 10 10.76 -5.61 -8.23
CA GLY B 10 10.83 -6.66 -7.20
C GLY B 10 12.05 -6.56 -6.25
N GLU B 11 12.87 -5.51 -6.37
CA GLU B 11 13.92 -5.15 -5.40
C GLU B 11 14.01 -3.64 -5.21
N ARG B 12 14.37 -2.91 -6.28
CA ARG B 12 14.54 -1.45 -6.31
C ARG B 12 15.46 -0.89 -5.21
N PHE B 13 16.49 -1.67 -4.86
CA PHE B 13 17.54 -1.32 -3.89
C PHE B 13 18.34 -0.10 -4.36
N THR B 14 19.20 0.50 -3.52
CA THR B 14 19.96 1.75 -3.80
C THR B 14 20.47 1.95 -5.24
N GLU B 15 21.05 0.94 -5.90
CA GLU B 15 21.50 1.02 -7.31
C GLU B 15 20.34 0.93 -8.34
N GLU B 16 19.29 0.17 -8.02
CA GLU B 16 18.04 0.01 -8.77
C GLU B 16 16.92 0.98 -8.32
N GLU B 17 17.24 1.93 -7.43
CA GLU B 17 16.30 2.88 -6.82
C GLU B 17 15.71 3.92 -7.79
N GLN B 18 16.23 4.02 -9.03
CA GLN B 18 15.82 5.05 -10.03
C GLN B 18 14.29 5.22 -10.16
N LYS B 19 13.56 4.14 -9.87
CA LYS B 19 12.12 4.10 -9.56
C LYS B 19 11.69 5.14 -8.51
N LEU B 20 12.11 4.94 -7.27
CA LEU B 20 11.74 5.69 -6.06
C LEU B 20 12.33 7.10 -6.12
N LEU B 21 13.53 7.18 -6.68
CA LEU B 21 14.26 8.37 -7.13
C LEU B 21 13.39 9.26 -8.02
N LEU B 22 12.74 8.70 -9.06
CA LEU B 22 11.98 9.61 -9.93
C LEU B 22 10.71 10.05 -9.19
N ASN B 23 10.11 9.09 -8.53
CA ASN B 23 8.88 9.19 -7.77
C ASN B 23 8.95 10.14 -6.56
N ILE B 24 10.13 10.41 -6.01
CA ILE B 24 10.36 11.50 -5.03
C ILE B 24 10.78 12.82 -5.67
N LEU B 25 11.44 12.78 -6.84
CA LEU B 25 11.86 13.97 -7.59
C LEU B 25 10.64 14.74 -8.14
N ILE B 26 9.60 14.03 -8.60
CA ILE B 26 8.34 14.62 -9.08
C ILE B 26 7.40 15.12 -7.96
N ASN B 27 6.22 15.62 -8.35
CA ASN B 27 5.28 16.32 -7.47
C ASN B 27 4.68 15.48 -6.32
N HIS B 28 4.49 14.18 -6.54
CA HIS B 28 3.86 13.23 -5.60
C HIS B 28 4.61 11.88 -5.49
N GLU B 29 4.65 11.30 -4.29
CA GLU B 29 5.34 10.06 -3.93
C GLU B 29 4.66 8.82 -4.56
N TYR B 30 4.96 8.58 -5.84
CA TYR B 30 4.11 7.77 -6.73
C TYR B 30 4.12 6.25 -6.49
N ALA B 31 5.22 5.68 -5.95
CA ALA B 31 5.34 4.24 -5.70
C ALA B 31 4.16 3.66 -4.89
N ILE B 32 3.64 4.43 -3.94
CA ILE B 32 2.51 4.07 -3.10
C ILE B 32 1.24 3.78 -3.93
N GLU B 33 0.99 4.55 -4.99
CA GLU B 33 -0.17 4.32 -5.87
C GLU B 33 -0.09 2.91 -6.51
N LEU B 34 1.10 2.52 -6.93
CA LEU B 34 1.39 1.18 -7.39
C LEU B 34 1.22 0.15 -6.27
N LEU B 35 1.57 0.44 -5.01
CA LEU B 35 1.35 -0.46 -3.87
C LEU B 35 -0.13 -0.84 -3.73
N SER B 36 -1.03 0.14 -3.59
CA SER B 36 -2.48 -0.13 -3.41
C SER B 36 -3.08 -0.84 -4.62
N SER B 37 -2.62 -0.45 -5.82
CA SER B 37 -3.03 -1.11 -7.05
C SER B 37 -2.59 -2.60 -7.06
N GLU B 38 -1.34 -2.85 -6.66
CA GLU B 38 -0.69 -4.17 -6.65
C GLU B 38 -1.30 -5.08 -5.58
N ILE B 39 -1.42 -4.62 -4.34
CA ILE B 39 -2.03 -5.40 -3.26
C ILE B 39 -3.45 -5.81 -3.63
N ASN B 40 -4.24 -4.91 -4.23
CA ASN B 40 -5.56 -5.36 -4.70
C ASN B 40 -5.50 -6.29 -5.93
N ASP B 41 -4.45 -6.22 -6.75
CA ASP B 41 -4.20 -7.19 -7.83
C ASP B 41 -3.97 -8.61 -7.28
N ILE B 42 -3.41 -8.76 -6.08
CA ILE B 42 -3.36 -10.06 -5.38
C ILE B 42 -4.70 -10.36 -4.69
N GLU B 43 -5.18 -9.45 -3.85
CA GLU B 43 -6.29 -9.68 -2.91
C GLU B 43 -7.62 -9.99 -3.59
N THR B 44 -7.90 -9.30 -4.70
CA THR B 44 -9.10 -9.47 -5.52
C THR B 44 -8.81 -9.72 -7.01
N GLY B 45 -7.71 -9.16 -7.56
CA GLY B 45 -7.34 -9.39 -8.96
C GLY B 45 -6.88 -10.83 -9.25
N THR B 46 -6.49 -11.57 -8.20
CA THR B 46 -5.96 -12.94 -8.25
C THR B 46 -4.84 -13.13 -9.28
N LYS B 47 -3.85 -12.23 -9.24
CA LYS B 47 -2.59 -12.21 -10.03
C LYS B 47 -2.02 -13.60 -10.34
N ASN B 48 -1.69 -14.31 -9.26
CA ASN B 48 -1.33 -15.73 -9.18
C ASN B 48 -0.18 -16.13 -10.13
N VAL B 49 1.05 -15.81 -9.72
CA VAL B 49 2.32 -16.13 -10.42
C VAL B 49 3.41 -16.53 -9.40
N ASP B 50 4.42 -17.25 -9.86
CA ASP B 50 5.43 -18.00 -9.10
C ASP B 50 6.51 -17.15 -8.41
N GLY B 51 6.04 -16.34 -7.46
CA GLY B 51 6.80 -15.39 -6.63
C GLY B 51 7.02 -14.02 -7.24
N THR B 52 6.73 -13.83 -8.53
CA THR B 52 6.89 -12.51 -9.19
C THR B 52 6.02 -11.48 -8.49
N THR B 53 4.70 -11.69 -8.48
CA THR B 53 3.74 -10.74 -7.87
C THR B 53 3.87 -10.63 -6.35
N TYR B 54 4.25 -11.74 -5.70
CA TYR B 54 4.61 -11.78 -4.27
C TYR B 54 5.74 -10.80 -3.99
N LYS B 55 6.84 -10.93 -4.76
CA LYS B 55 8.01 -10.11 -4.67
C LYS B 55 7.73 -8.64 -4.94
N LYS B 56 6.91 -8.27 -5.94
CA LYS B 56 6.48 -6.87 -6.14
C LYS B 56 5.75 -6.30 -4.89
N LEU B 57 4.85 -7.08 -4.29
CA LEU B 57 4.08 -6.65 -3.12
C LEU B 57 4.94 -6.53 -1.85
N VAL B 58 5.83 -7.50 -1.61
CA VAL B 58 6.69 -7.51 -0.42
C VAL B 58 7.89 -6.57 -0.58
N THR B 59 8.34 -6.29 -1.81
CA THR B 59 9.39 -5.28 -2.05
C THR B 59 8.87 -3.86 -1.81
N LEU B 60 7.60 -3.59 -2.18
CA LEU B 60 6.96 -2.29 -1.88
C LEU B 60 7.18 -1.92 -0.41
N TYR B 61 6.76 -2.77 0.53
CA TYR B 61 6.98 -2.55 1.99
C TYR B 61 8.47 -2.49 2.36
N ASP B 62 9.26 -3.40 1.77
CA ASP B 62 10.68 -3.58 2.06
C ASP B 62 11.50 -2.29 1.80
N ARG B 63 11.03 -1.39 0.92
CA ARG B 63 11.61 -0.02 0.84
C ARG B 63 10.68 1.13 1.21
N PHE B 64 9.36 0.98 1.16
CA PHE B 64 8.41 2.01 1.59
C PHE B 64 8.61 2.40 3.06
N ARG B 65 8.60 1.43 3.98
CA ARG B 65 8.59 1.78 5.41
C ARG B 65 9.97 2.11 5.95
N PHE B 66 10.91 1.33 5.45
CA PHE B 66 12.35 1.41 5.74
C PHE B 66 13.09 2.58 5.05
N GLU B 67 13.12 2.65 3.71
CA GLU B 67 14.15 3.40 2.95
C GLU B 67 13.68 4.69 2.25
N ASN B 68 12.54 4.64 1.58
CA ASN B 68 11.95 5.70 0.74
C ASN B 68 10.50 6.02 1.14
N GLY A 1 -3.69 15.36 18.72
CA GLY A 1 -4.22 15.08 17.37
C GLY A 1 -5.23 16.13 16.93
N SER A 2 -5.18 16.55 15.67
CA SER A 2 -5.99 17.67 15.13
C SER A 2 -7.48 17.35 14.94
N HIS A 3 -7.84 16.06 14.88
CA HIS A 3 -9.22 15.57 14.73
C HIS A 3 -9.39 14.17 15.38
N MET A 4 -10.60 13.61 15.34
CA MET A 4 -10.86 12.20 15.66
C MET A 4 -10.35 11.28 14.54
N ARG A 5 -10.04 10.01 14.88
CA ARG A 5 -9.67 8.96 13.92
C ARG A 5 -10.28 7.62 14.30
N MET A 6 -10.75 6.87 13.30
CA MET A 6 -11.35 5.55 13.51
C MET A 6 -10.64 4.54 12.60
N SER A 7 -9.39 4.24 12.97
CA SER A 7 -8.51 3.41 12.16
C SER A 7 -9.13 2.05 11.81
N LEU A 8 -9.38 1.88 10.51
CA LEU A 8 -9.87 0.70 9.81
C LEU A 8 -11.18 0.13 10.35
N ILE A 9 -12.25 0.89 10.13
CA ILE A 9 -13.66 0.50 10.39
C ILE A 9 -14.07 -0.68 9.46
N GLY A 10 -13.46 -0.76 8.28
CA GLY A 10 -13.83 -1.69 7.20
C GLY A 10 -14.82 -1.09 6.16
N GLU A 11 -15.10 0.21 6.25
CA GLU A 11 -15.79 1.01 5.21
C GLU A 11 -15.12 2.38 5.04
N ARG A 12 -15.18 3.20 6.10
CA ARG A 12 -14.59 4.55 6.17
C ARG A 12 -15.02 5.48 5.01
N PHE A 13 -16.26 5.32 4.58
CA PHE A 13 -16.90 6.11 3.51
C PHE A 13 -16.95 7.60 3.85
N THR A 14 -17.27 8.49 2.90
CA THR A 14 -17.23 9.97 3.03
C THR A 14 -17.67 10.57 4.39
N GLU A 15 -18.74 10.08 5.03
CA GLU A 15 -19.16 10.53 6.37
C GLU A 15 -18.33 9.92 7.52
N GLU A 16 -17.89 8.67 7.34
CA GLU A 16 -16.98 7.90 8.21
C GLU A 16 -15.49 8.07 7.85
N GLU A 17 -15.18 9.02 6.96
CA GLU A 17 -13.83 9.26 6.41
C GLU A 17 -12.84 9.91 7.40
N GLN A 18 -13.29 10.39 8.56
CA GLN A 18 -12.47 11.11 9.58
C GLN A 18 -11.09 10.48 9.82
N LYS A 19 -11.01 9.16 9.67
CA LYS A 19 -9.78 8.37 9.53
C LYS A 19 -8.80 8.95 8.50
N LEU A 20 -9.20 8.84 7.23
CA LEU A 20 -8.44 9.18 6.04
C LEU A 20 -8.27 10.70 5.95
N LEU A 21 -9.30 11.42 6.39
CA LEU A 21 -9.26 12.87 6.60
C LEU A 21 -8.11 13.19 7.56
N LEU A 22 -8.02 12.54 8.73
CA LEU A 22 -7.11 13.12 9.73
C LEU A 22 -5.68 12.89 9.18
N ASN A 23 -5.51 11.69 8.65
CA ASN A 23 -4.32 11.18 8.00
C ASN A 23 -3.83 11.99 6.80
N ILE A 24 -4.70 12.56 5.96
CA ILE A 24 -4.24 13.50 4.89
C ILE A 24 -3.97 14.91 5.42
N LEU A 25 -4.65 15.29 6.51
CA LEU A 25 -4.56 16.63 7.11
C LEU A 25 -3.25 16.84 7.89
N ILE A 26 -2.70 15.77 8.49
CA ILE A 26 -1.40 15.76 9.18
C ILE A 26 -0.19 15.64 8.23
N ASN A 27 1.01 15.52 8.80
CA ASN A 27 2.32 15.54 8.12
C ASN A 27 2.56 14.37 7.13
N HIS A 28 1.91 13.22 7.33
CA HIS A 28 2.09 12.01 6.52
C HIS A 28 0.78 11.24 6.32
N GLU A 29 0.54 10.74 5.10
CA GLU A 29 -0.68 10.04 4.66
C GLU A 29 -0.81 8.63 5.27
N TYR A 30 -1.15 8.60 6.55
CA TYR A 30 -0.93 7.46 7.45
C TYR A 30 -1.76 6.19 7.17
N ALA A 31 -2.92 6.29 6.51
CA ALA A 31 -3.68 5.10 6.11
C ALA A 31 -2.83 4.11 5.29
N ILE A 32 -1.95 4.61 4.42
CA ILE A 32 -1.09 3.80 3.58
C ILE A 32 0.00 3.06 4.42
N GLU A 33 0.56 3.72 5.44
CA GLU A 33 1.50 3.06 6.37
C GLU A 33 0.84 1.81 6.99
N LEU A 34 -0.43 1.94 7.39
CA LEU A 34 -1.23 0.80 7.79
C LEU A 34 -1.34 -0.20 6.65
N LEU A 35 -1.80 0.19 5.45
CA LEU A 35 -2.01 -0.73 4.34
C LEU A 35 -0.80 -1.66 4.14
N SER A 36 0.41 -1.11 4.03
CA SER A 36 1.61 -1.90 3.74
C SER A 36 2.00 -2.81 4.92
N SER A 37 1.96 -2.26 6.13
CA SER A 37 2.20 -3.03 7.36
C SER A 37 1.19 -4.20 7.48
N GLU A 38 -0.06 -3.91 7.15
CA GLU A 38 -1.23 -4.77 7.36
C GLU A 38 -1.23 -5.90 6.33
N ILE A 39 -1.11 -5.59 5.03
CA ILE A 39 -1.03 -6.63 3.98
C ILE A 39 0.14 -7.57 4.23
N ASN A 40 1.31 -7.05 4.62
CA ASN A 40 2.41 -7.97 4.92
C ASN A 40 2.21 -8.76 6.24
N ASP A 41 1.45 -8.23 7.21
CA ASP A 41 1.09 -9.00 8.42
C ASP A 41 0.12 -10.15 8.10
N ILE A 42 -0.67 -10.05 7.02
CA ILE A 42 -1.50 -11.16 6.53
C ILE A 42 -0.64 -12.13 5.68
N GLU A 43 0.12 -11.59 4.73
CA GLU A 43 0.82 -12.38 3.71
C GLU A 43 1.99 -13.21 4.27
N THR A 44 2.83 -12.57 5.10
CA THR A 44 4.00 -13.20 5.75
C THR A 44 3.88 -13.26 7.27
N GLY A 45 3.20 -12.29 7.92
CA GLY A 45 2.91 -12.37 9.37
C GLY A 45 1.89 -13.46 9.73
N THR A 46 1.14 -13.94 8.73
CA THR A 46 0.13 -15.01 8.83
C THR A 46 -1.02 -14.68 9.80
N LYS A 47 -1.45 -13.42 9.85
CA LYS A 47 -2.76 -13.03 10.41
C LYS A 47 -3.89 -13.58 9.54
N ASN A 48 -4.95 -14.09 10.15
CA ASN A 48 -6.19 -14.52 9.49
C ASN A 48 -7.32 -14.68 10.54
N VAL A 49 -8.49 -14.09 10.29
CA VAL A 49 -9.71 -14.23 11.12
C VAL A 49 -10.95 -14.42 10.21
N ASP A 50 -12.14 -14.12 10.71
CA ASP A 50 -13.32 -13.76 9.92
C ASP A 50 -13.07 -12.66 8.86
N GLY A 51 -14.10 -12.28 8.07
CA GLY A 51 -14.01 -11.20 7.08
C GLY A 51 -13.56 -9.83 7.57
N THR A 52 -13.39 -9.62 8.88
CA THR A 52 -12.80 -8.40 9.46
C THR A 52 -11.50 -8.02 8.76
N THR A 53 -10.45 -8.86 8.79
CA THR A 53 -9.14 -8.51 8.22
C THR A 53 -9.17 -8.36 6.69
N TYR A 54 -9.92 -9.23 6.02
CA TYR A 54 -10.24 -9.14 4.59
C TYR A 54 -10.78 -7.76 4.25
N LYS A 55 -11.85 -7.37 4.96
CA LYS A 55 -12.54 -6.12 4.80
C LYS A 55 -11.65 -4.92 5.07
N LYS A 56 -10.83 -4.91 6.13
CA LYS A 56 -9.79 -3.87 6.33
C LYS A 56 -8.88 -3.69 5.09
N LEU A 57 -8.30 -4.75 4.53
CA LEU A 57 -7.33 -4.58 3.43
C LEU A 57 -7.98 -4.36 2.06
N VAL A 58 -9.21 -4.86 1.84
CA VAL A 58 -9.97 -4.56 0.63
C VAL A 58 -10.65 -3.17 0.70
N THR A 59 -10.97 -2.67 1.90
CA THR A 59 -11.51 -1.30 2.06
C THR A 59 -10.42 -0.23 1.85
N LEU A 60 -9.17 -0.55 2.23
CA LEU A 60 -8.00 0.32 1.98
C LEU A 60 -8.05 0.82 0.54
N TYR A 61 -8.05 -0.10 -0.44
CA TYR A 61 -8.16 0.27 -1.87
C TYR A 61 -9.54 0.85 -2.21
N ASP A 62 -10.61 0.29 -1.62
CA ASP A 62 -11.99 0.77 -1.88
C ASP A 62 -12.19 2.26 -1.58
N ARG A 63 -11.30 2.92 -0.79
CA ARG A 63 -11.22 4.40 -0.83
C ARG A 63 -9.88 5.02 -1.20
N PHE A 64 -8.74 4.35 -1.09
CA PHE A 64 -7.45 4.90 -1.54
C PHE A 64 -7.35 5.03 -3.08
N ARG A 65 -7.67 3.96 -3.83
CA ARG A 65 -7.58 3.91 -5.30
C ARG A 65 -8.61 4.84 -5.96
N PHE A 66 -9.74 4.96 -5.29
CA PHE A 66 -10.93 5.73 -5.70
C PHE A 66 -10.98 7.19 -5.23
N GLU A 67 -10.96 7.45 -3.91
CA GLU A 67 -11.42 8.71 -3.30
C GLU A 67 -10.34 9.57 -2.63
N ASN A 68 -9.42 8.94 -1.90
CA ASN A 68 -8.35 9.54 -1.10
C ASN A 68 -6.95 9.23 -1.68
N GLY B 1 16.33 15.66 -14.66
CA GLY B 1 15.20 15.41 -15.59
C GLY B 1 14.62 14.01 -15.41
N SER B 2 14.04 13.46 -16.48
CA SER B 2 13.40 12.13 -16.49
C SER B 2 14.41 10.97 -16.37
N HIS B 3 13.92 9.79 -15.94
CA HIS B 3 14.69 8.55 -15.82
C HIS B 3 13.85 7.32 -16.25
N MET B 4 14.52 6.20 -16.54
CA MET B 4 13.87 4.90 -16.77
C MET B 4 13.25 4.33 -15.47
N ARG B 5 12.13 3.61 -15.59
CA ARG B 5 11.41 2.91 -14.50
C ARG B 5 11.20 1.44 -14.84
N MET B 6 11.10 0.59 -13.83
CA MET B 6 10.90 -0.87 -14.01
C MET B 6 9.66 -1.48 -13.38
N SER B 7 8.75 -0.62 -12.89
CA SER B 7 7.51 -0.96 -12.19
C SER B 7 7.67 -1.96 -11.03
N LEU B 8 7.55 -3.27 -11.23
CA LEU B 8 7.69 -4.27 -10.15
C LEU B 8 8.68 -5.37 -10.56
N ILE B 9 9.95 -5.22 -10.19
CA ILE B 9 10.99 -6.24 -10.41
C ILE B 9 10.84 -7.38 -9.38
N GLY B 10 10.56 -7.01 -8.12
CA GLY B 10 10.52 -7.91 -6.96
C GLY B 10 11.66 -7.70 -5.96
N GLU B 11 12.57 -6.76 -6.21
CA GLU B 11 13.62 -6.31 -5.28
C GLU B 11 13.66 -4.78 -5.25
N ARG B 12 14.23 -4.16 -6.28
CA ARG B 12 14.33 -2.70 -6.47
C ARG B 12 15.07 -1.91 -5.37
N PHE B 13 16.13 -2.50 -4.80
CA PHE B 13 17.07 -1.79 -3.92
C PHE B 13 18.13 -1.01 -4.70
N THR B 14 18.87 -0.10 -4.05
CA THR B 14 19.69 1.01 -4.61
C THR B 14 20.09 1.01 -6.10
N GLU B 15 20.72 -0.04 -6.64
CA GLU B 15 21.11 -0.11 -8.07
C GLU B 15 19.93 -0.41 -9.01
N GLU B 16 18.90 -1.10 -8.49
CA GLU B 16 17.61 -1.45 -9.11
C GLU B 16 16.45 -0.56 -8.62
N GLU B 17 16.70 0.34 -7.65
CA GLU B 17 15.75 1.36 -7.15
C GLU B 17 15.24 2.38 -8.18
N GLN B 18 15.81 2.47 -9.40
CA GLN B 18 15.42 3.46 -10.44
C GLN B 18 13.93 3.65 -10.62
N LYS B 19 13.17 2.59 -10.36
CA LYS B 19 11.72 2.59 -10.16
C LYS B 19 11.26 3.66 -9.16
N LEU B 20 11.64 3.48 -7.91
CA LEU B 20 11.25 4.26 -6.74
C LEU B 20 11.89 5.65 -6.81
N LEU B 21 13.13 5.70 -7.31
CA LEU B 21 13.83 6.93 -7.69
C LEU B 21 12.95 7.71 -8.68
N LEU B 22 12.46 7.07 -9.75
CA LEU B 22 11.89 7.88 -10.84
C LEU B 22 10.59 8.49 -10.29
N ASN B 23 9.83 7.62 -9.63
CA ASN B 23 8.58 7.87 -8.93
C ASN B 23 8.62 8.95 -7.86
N ILE B 24 9.70 9.06 -7.08
CA ILE B 24 9.85 10.20 -6.13
C ILE B 24 10.29 11.49 -6.84
N LEU B 25 11.00 11.36 -7.97
CA LEU B 25 11.57 12.48 -8.71
C LEU B 25 10.52 13.23 -9.57
N ILE B 26 9.49 12.53 -10.06
CA ILE B 26 8.35 13.09 -10.82
C ILE B 26 7.28 13.77 -9.92
N ASN B 27 6.17 14.18 -10.54
CA ASN B 27 5.10 15.00 -9.94
C ASN B 27 4.36 14.35 -8.75
N HIS B 28 4.28 13.02 -8.67
CA HIS B 28 3.64 12.29 -7.56
C HIS B 28 4.32 10.96 -7.24
N GLU B 29 4.36 10.61 -5.95
CA GLU B 29 5.04 9.42 -5.39
C GLU B 29 4.32 8.11 -5.76
N TYR B 30 4.61 7.61 -6.97
CA TYR B 30 3.72 6.68 -7.67
C TYR B 30 3.68 5.25 -7.10
N ALA B 31 4.79 4.63 -6.68
CA ALA B 31 4.91 3.24 -6.24
C ALA B 31 3.76 2.71 -5.35
N ILE B 32 3.26 3.53 -4.42
CA ILE B 32 2.20 3.16 -3.49
C ILE B 32 0.86 2.93 -4.22
N GLU B 33 0.58 3.71 -5.27
CA GLU B 33 -0.59 3.53 -6.12
C GLU B 33 -0.61 2.12 -6.74
N LEU B 34 0.57 1.64 -7.17
CA LEU B 34 0.77 0.28 -7.63
C LEU B 34 0.55 -0.73 -6.49
N LEU B 35 1.04 -0.48 -5.26
CA LEU B 35 0.84 -1.38 -4.10
C LEU B 35 -0.65 -1.66 -3.89
N SER B 36 -1.48 -0.63 -3.71
CA SER B 36 -2.91 -0.81 -3.45
C SER B 36 -3.64 -1.47 -4.64
N SER B 37 -3.23 -1.11 -5.87
CA SER B 37 -3.77 -1.75 -7.06
C SER B 37 -3.46 -3.27 -7.07
N GLU B 38 -2.20 -3.60 -6.74
CA GLU B 38 -1.63 -4.96 -6.76
C GLU B 38 -2.27 -5.84 -5.69
N ILE B 39 -2.24 -5.38 -4.45
CA ILE B 39 -2.83 -6.12 -3.33
C ILE B 39 -4.30 -6.42 -3.59
N ASN B 40 -5.07 -5.45 -4.12
CA ASN B 40 -6.47 -5.73 -4.41
C ASN B 40 -6.69 -6.62 -5.66
N ASP B 41 -5.76 -6.64 -6.62
CA ASP B 41 -5.82 -7.59 -7.74
C ASP B 41 -5.66 -9.03 -7.24
N ILE B 42 -4.90 -9.22 -6.15
CA ILE B 42 -4.75 -10.54 -5.51
C ILE B 42 -5.93 -10.84 -4.58
N GLU B 43 -6.32 -9.86 -3.76
CA GLU B 43 -7.35 -9.99 -2.71
C GLU B 43 -8.76 -10.27 -3.28
N THR B 44 -9.19 -9.45 -4.24
CA THR B 44 -10.56 -9.47 -4.80
C THR B 44 -10.58 -9.64 -6.33
N GLY B 45 -9.52 -9.20 -7.04
CA GLY B 45 -9.28 -9.55 -8.45
C GLY B 45 -8.96 -11.04 -8.68
N THR B 46 -8.67 -11.78 -7.60
CA THR B 46 -8.46 -13.25 -7.56
C THR B 46 -7.42 -13.76 -8.57
N LYS B 47 -6.29 -13.04 -8.67
CA LYS B 47 -5.10 -13.47 -9.41
C LYS B 47 -4.56 -14.84 -8.97
N ASN B 48 -3.84 -15.49 -9.88
CA ASN B 48 -3.29 -16.85 -9.69
C ASN B 48 -1.87 -16.96 -10.30
N VAL B 49 -0.85 -17.07 -9.45
CA VAL B 49 0.57 -17.31 -9.82
C VAL B 49 1.36 -17.83 -8.58
N ASP B 50 2.55 -18.39 -8.83
CA ASP B 50 3.58 -18.70 -7.83
C ASP B 50 4.15 -17.43 -7.15
N GLY B 51 5.26 -17.54 -6.39
CA GLY B 51 5.90 -16.48 -5.60
C GLY B 51 6.21 -15.16 -6.30
N THR B 52 6.03 -15.04 -7.62
CA THR B 52 6.10 -13.79 -8.38
C THR B 52 5.29 -12.69 -7.69
N THR B 53 3.96 -12.82 -7.60
CA THR B 53 3.11 -11.73 -7.05
C THR B 53 3.30 -11.51 -5.55
N TYR B 54 3.52 -12.61 -4.81
CA TYR B 54 3.93 -12.58 -3.41
C TYR B 54 5.12 -11.65 -3.23
N LYS B 55 6.20 -11.89 -4.00
CA LYS B 55 7.41 -11.12 -3.98
C LYS B 55 7.18 -9.68 -4.42
N LYS B 56 6.46 -9.39 -5.50
CA LYS B 56 6.10 -8.00 -5.88
C LYS B 56 5.42 -7.24 -4.72
N LEU B 57 4.42 -7.82 -4.08
CA LEU B 57 3.67 -7.09 -3.05
C LEU B 57 4.32 -7.11 -1.65
N VAL B 58 5.15 -8.10 -1.34
CA VAL B 58 5.97 -8.09 -0.12
C VAL B 58 7.24 -7.25 -0.28
N THR B 59 7.77 -7.10 -1.51
CA THR B 59 8.89 -6.16 -1.76
C THR B 59 8.42 -4.71 -1.64
N LEU B 60 7.18 -4.42 -2.06
CA LEU B 60 6.54 -3.09 -1.85
C LEU B 60 6.77 -2.63 -0.41
N TYR B 61 6.32 -3.42 0.57
CA TYR B 61 6.50 -3.13 2.02
C TYR B 61 7.99 -3.10 2.44
N ASP B 62 8.75 -4.07 1.95
CA ASP B 62 10.16 -4.29 2.29
C ASP B 62 11.07 -3.09 1.93
N ARG B 63 10.62 -2.20 1.02
CA ARG B 63 11.28 -0.90 0.78
C ARG B 63 10.44 0.35 1.06
N PHE B 64 9.13 0.31 0.87
CA PHE B 64 8.22 1.42 1.24
C PHE B 64 8.39 1.85 2.70
N ARG B 65 8.25 0.92 3.67
CA ARG B 65 8.12 1.35 5.08
C ARG B 65 9.45 1.60 5.75
N PHE B 66 10.36 0.72 5.42
CA PHE B 66 11.77 0.72 5.82
C PHE B 66 12.62 1.86 5.19
N GLU B 67 12.64 1.99 3.86
CA GLU B 67 13.70 2.72 3.13
C GLU B 67 13.25 4.03 2.45
N ASN B 68 12.13 3.98 1.72
CA ASN B 68 11.59 5.04 0.87
C ASN B 68 10.22 5.57 1.35
N GLY A 1 -4.60 22.43 11.40
CA GLY A 1 -5.90 21.70 11.38
C GLY A 1 -5.74 20.27 11.86
N SER A 2 -6.68 19.80 12.69
CA SER A 2 -6.70 18.44 13.28
C SER A 2 -8.12 17.89 13.45
N HIS A 3 -8.23 16.56 13.59
CA HIS A 3 -9.50 15.84 13.70
C HIS A 3 -9.31 14.48 14.43
N MET A 4 -10.41 13.87 14.89
CA MET A 4 -10.44 12.48 15.38
C MET A 4 -10.21 11.47 14.23
N ARG A 5 -9.53 10.36 14.54
CA ARG A 5 -9.19 9.26 13.60
C ARG A 5 -9.62 7.90 14.14
N MET A 6 -9.91 6.95 13.25
CA MET A 6 -10.36 5.60 13.63
C MET A 6 -9.48 4.44 13.15
N SER A 7 -8.31 4.75 12.59
CA SER A 7 -7.33 3.84 11.99
C SER A 7 -7.89 2.82 10.97
N LEU A 8 -8.42 1.67 11.35
CA LEU A 8 -8.99 0.70 10.42
C LEU A 8 -10.29 0.07 10.91
N ILE A 9 -11.39 0.72 10.51
CA ILE A 9 -12.77 0.29 10.72
C ILE A 9 -13.12 -0.91 9.82
N GLY A 10 -12.49 -0.99 8.63
CA GLY A 10 -12.83 -1.96 7.58
C GLY A 10 -13.87 -1.49 6.55
N GLU A 11 -14.37 -0.26 6.65
CA GLU A 11 -15.20 0.39 5.62
C GLU A 11 -14.73 1.82 5.37
N ARG A 12 -14.74 2.65 6.43
CA ARG A 12 -14.27 4.06 6.42
C ARG A 12 -14.97 4.95 5.38
N PHE A 13 -16.27 4.76 5.28
CA PHE A 13 -17.09 5.13 4.14
C PHE A 13 -17.68 6.54 4.24
N THR A 14 -17.04 7.51 3.59
CA THR A 14 -17.45 8.92 3.40
C THR A 14 -17.81 9.68 4.70
N GLU A 15 -18.93 9.37 5.34
CA GLU A 15 -19.24 9.77 6.72
C GLU A 15 -18.28 9.14 7.76
N GLU A 16 -17.72 7.95 7.48
CA GLU A 16 -16.73 7.29 8.33
C GLU A 16 -15.29 7.47 7.81
N GLU A 17 -15.11 8.33 6.80
CA GLU A 17 -13.80 8.65 6.20
C GLU A 17 -12.87 9.44 7.14
N GLN A 18 -13.33 9.94 8.29
CA GLN A 18 -12.55 10.81 9.21
C GLN A 18 -11.10 10.36 9.46
N LYS A 19 -10.87 9.05 9.37
CA LYS A 19 -9.56 8.43 9.27
C LYS A 19 -8.67 9.03 8.17
N LEU A 20 -9.08 8.83 6.92
CA LEU A 20 -8.38 9.16 5.69
C LEU A 20 -8.34 10.70 5.51
N LEU A 21 -9.44 11.32 5.93
CA LEU A 21 -9.65 12.76 6.15
C LEU A 21 -8.58 13.34 7.08
N LEU A 22 -8.26 12.69 8.20
CA LEU A 22 -7.25 13.29 9.11
C LEU A 22 -5.87 13.15 8.46
N ASN A 23 -5.66 11.97 7.90
CA ASN A 23 -4.45 11.55 7.21
C ASN A 23 -4.11 12.31 5.92
N ILE A 24 -5.05 13.06 5.34
CA ILE A 24 -4.77 14.08 4.31
C ILE A 24 -4.72 15.51 4.86
N LEU A 25 -5.42 15.79 5.96
CA LEU A 25 -5.49 17.11 6.60
C LEU A 25 -4.18 17.50 7.31
N ILE A 26 -3.43 16.53 7.84
CA ILE A 26 -2.10 16.73 8.46
C ILE A 26 -0.97 16.98 7.43
N ASN A 27 0.25 17.17 7.93
CA ASN A 27 1.42 17.62 7.15
C ASN A 27 1.93 16.62 6.08
N HIS A 28 1.69 15.32 6.27
CA HIS A 28 2.01 14.25 5.30
C HIS A 28 0.82 13.31 5.05
N GLU A 29 0.80 12.64 3.90
CA GLU A 29 -0.21 11.61 3.58
C GLU A 29 -0.04 10.34 4.43
N TYR A 30 -1.12 9.62 4.72
CA TYR A 30 -1.09 8.37 5.52
C TYR A 30 -2.10 7.31 5.02
N ALA A 31 -2.83 6.58 5.89
CA ALA A 31 -3.42 5.26 5.72
C ALA A 31 -2.50 4.13 5.19
N ILE A 32 -1.65 4.43 4.23
CA ILE A 32 -0.85 3.44 3.49
C ILE A 32 0.27 2.80 4.31
N GLU A 33 0.83 3.49 5.30
CA GLU A 33 1.76 2.85 6.25
C GLU A 33 1.07 1.68 6.95
N LEU A 34 -0.21 1.87 7.30
CA LEU A 34 -1.06 0.82 7.85
C LEU A 34 -1.28 -0.30 6.82
N LEU A 35 -1.64 0.03 5.57
CA LEU A 35 -1.85 -0.94 4.47
C LEU A 35 -0.65 -1.87 4.30
N SER A 36 0.56 -1.33 4.11
CA SER A 36 1.77 -2.12 3.87
C SER A 36 2.16 -2.99 5.08
N SER A 37 2.04 -2.41 6.28
CA SER A 37 2.27 -3.14 7.52
C SER A 37 1.27 -4.30 7.67
N GLU A 38 -0.01 -4.06 7.36
CA GLU A 38 -1.12 -5.01 7.47
C GLU A 38 -0.94 -6.18 6.49
N ILE A 39 -0.79 -5.86 5.21
CA ILE A 39 -0.66 -6.89 4.17
C ILE A 39 0.53 -7.80 4.43
N ASN A 40 1.68 -7.24 4.83
CA ASN A 40 2.83 -8.11 5.15
C ASN A 40 2.67 -8.87 6.47
N ASP A 41 1.90 -8.36 7.45
CA ASP A 41 1.66 -9.08 8.70
C ASP A 41 0.77 -10.32 8.45
N ILE A 42 -0.04 -10.30 7.39
CA ILE A 42 -0.77 -11.48 6.93
C ILE A 42 0.12 -12.37 6.04
N GLU A 43 0.81 -11.77 5.07
CA GLU A 43 1.59 -12.50 4.05
C GLU A 43 2.77 -13.29 4.61
N THR A 44 3.55 -12.65 5.48
CA THR A 44 4.77 -13.23 6.11
C THR A 44 4.70 -13.25 7.65
N GLY A 45 4.03 -12.28 8.28
CA GLY A 45 3.80 -12.29 9.73
C GLY A 45 2.85 -13.41 10.21
N THR A 46 2.08 -13.99 9.28
CA THR A 46 1.17 -15.13 9.48
C THR A 46 0.10 -14.88 10.56
N LYS A 47 -0.51 -13.69 10.55
CA LYS A 47 -1.81 -13.44 11.20
C LYS A 47 -2.91 -14.33 10.59
N ASN A 48 -3.92 -14.68 11.38
CA ASN A 48 -5.05 -15.53 10.96
C ASN A 48 -6.35 -15.12 11.68
N VAL A 49 -7.40 -14.87 10.91
CA VAL A 49 -8.74 -14.43 11.35
C VAL A 49 -9.77 -14.68 10.23
N ASP A 50 -11.06 -14.56 10.56
CA ASP A 50 -12.19 -14.45 9.61
C ASP A 50 -12.09 -13.17 8.74
N GLY A 51 -13.15 -12.81 8.00
CA GLY A 51 -13.21 -11.67 7.07
C GLY A 51 -12.79 -10.30 7.58
N THR A 52 -12.51 -10.13 8.87
CA THR A 52 -11.92 -8.90 9.44
C THR A 52 -10.70 -8.43 8.64
N THR A 53 -9.61 -9.21 8.58
CA THR A 53 -8.37 -8.76 7.89
C THR A 53 -8.52 -8.66 6.37
N TYR A 54 -9.29 -9.58 5.78
CA TYR A 54 -9.72 -9.51 4.38
C TYR A 54 -10.32 -8.14 4.09
N LYS A 55 -11.33 -7.77 4.87
CA LYS A 55 -12.04 -6.52 4.77
C LYS A 55 -11.13 -5.32 5.00
N LYS A 56 -10.28 -5.32 6.02
CA LYS A 56 -9.30 -4.23 6.23
C LYS A 56 -8.44 -4.01 4.97
N LEU A 57 -7.82 -5.04 4.42
CA LEU A 57 -6.90 -4.83 3.30
C LEU A 57 -7.59 -4.63 1.94
N VAL A 58 -8.78 -5.19 1.74
CA VAL A 58 -9.59 -4.92 0.54
C VAL A 58 -10.27 -3.53 0.61
N THR A 59 -10.57 -3.01 1.81
CA THR A 59 -11.10 -1.65 1.96
C THR A 59 -10.03 -0.58 1.70
N LEU A 60 -8.78 -0.87 2.07
CA LEU A 60 -7.63 0.02 1.83
C LEU A 60 -7.60 0.47 0.36
N TYR A 61 -7.60 -0.49 -0.58
CA TYR A 61 -7.68 -0.17 -2.02
C TYR A 61 -9.06 0.37 -2.43
N ASP A 62 -10.14 -0.15 -1.81
CA ASP A 62 -11.51 0.31 -2.08
C ASP A 62 -11.67 1.84 -1.85
N ARG A 63 -10.78 2.48 -1.07
CA ARG A 63 -10.71 3.96 -1.01
C ARG A 63 -9.45 4.58 -1.63
N PHE A 64 -8.29 3.98 -1.45
CA PHE A 64 -7.03 4.52 -1.98
C PHE A 64 -6.99 4.57 -3.52
N ARG A 65 -7.39 3.50 -4.21
CA ARG A 65 -7.33 3.38 -5.68
C ARG A 65 -8.45 4.16 -6.38
N PHE A 66 -9.61 4.18 -5.72
CA PHE A 66 -10.85 4.81 -6.19
C PHE A 66 -11.05 6.29 -5.79
N GLU A 67 -11.04 6.60 -4.48
CA GLU A 67 -11.59 7.83 -3.91
C GLU A 67 -10.55 8.90 -3.52
N ASN A 68 -9.49 8.47 -2.84
CA ASN A 68 -8.49 9.33 -2.20
C ASN A 68 -7.58 10.07 -3.21
N GLY B 1 23.23 12.02 -16.52
CA GLY B 1 22.76 10.72 -16.00
C GLY B 1 21.33 10.41 -16.46
N SER B 2 20.74 9.34 -15.92
CA SER B 2 19.39 8.86 -16.25
C SER B 2 18.71 8.16 -15.06
N HIS B 3 17.37 8.16 -15.04
CA HIS B 3 16.53 7.61 -13.98
C HIS B 3 15.56 6.53 -14.51
N MET B 4 16.01 5.65 -15.41
CA MET B 4 15.17 4.61 -16.00
C MET B 4 14.66 3.63 -14.93
N ARG B 5 13.34 3.47 -14.81
CA ARG B 5 12.67 2.71 -13.75
C ARG B 5 12.63 1.21 -14.03
N MET B 6 12.62 0.38 -12.97
CA MET B 6 12.44 -1.06 -13.09
C MET B 6 11.31 -1.54 -12.18
N SER B 7 10.07 -1.33 -12.63
CA SER B 7 8.87 -1.74 -11.88
C SER B 7 8.92 -3.22 -11.47
N LEU B 8 8.98 -3.44 -10.15
CA LEU B 8 8.95 -4.68 -9.40
C LEU B 8 9.90 -5.78 -9.89
N ILE B 9 11.20 -5.58 -9.64
CA ILE B 9 12.26 -6.59 -9.79
C ILE B 9 12.08 -7.75 -8.79
N GLY B 10 11.53 -7.45 -7.61
CA GLY B 10 11.41 -8.38 -6.47
C GLY B 10 12.53 -8.24 -5.41
N GLU B 11 13.40 -7.24 -5.56
CA GLU B 11 14.38 -6.81 -4.55
C GLU B 11 14.45 -5.28 -4.48
N ARG B 12 14.86 -4.65 -5.58
CA ARG B 12 15.04 -3.18 -5.73
C ARG B 12 15.81 -2.53 -4.57
N PHE B 13 16.84 -3.23 -4.10
CA PHE B 13 17.74 -2.80 -3.03
C PHE B 13 18.51 -1.53 -3.42
N THR B 14 19.22 -0.87 -2.50
CA THR B 14 19.90 0.43 -2.69
C THR B 14 20.56 0.69 -4.07
N GLU B 15 21.30 -0.27 -4.65
CA GLU B 15 21.88 -0.13 -6.01
C GLU B 15 20.84 -0.32 -7.14
N GLU B 16 19.87 -1.21 -6.92
CA GLU B 16 18.73 -1.52 -7.80
C GLU B 16 17.49 -0.66 -7.49
N GLU B 17 17.65 0.38 -6.66
CA GLU B 17 16.59 1.28 -6.19
C GLU B 17 16.05 2.22 -7.28
N GLN B 18 16.68 2.30 -8.47
CA GLN B 18 16.31 3.24 -9.57
C GLN B 18 14.80 3.31 -9.85
N LYS B 19 14.10 2.21 -9.58
CA LYS B 19 12.64 2.13 -9.44
C LYS B 19 12.06 3.21 -8.51
N LEU B 20 12.35 3.07 -7.22
CA LEU B 20 11.83 3.86 -6.10
C LEU B 20 12.38 5.29 -6.17
N LEU B 21 13.62 5.39 -6.61
CA LEU B 21 14.37 6.58 -7.02
C LEU B 21 13.61 7.38 -8.07
N LEU B 22 13.07 6.73 -9.12
CA LEU B 22 12.39 7.53 -10.14
C LEU B 22 11.06 8.01 -9.57
N ASN B 23 10.39 7.08 -8.91
CA ASN B 23 9.08 7.25 -8.30
C ASN B 23 9.03 8.32 -7.19
N ILE B 24 10.12 8.55 -6.47
CA ILE B 24 10.25 9.68 -5.51
C ILE B 24 10.72 10.99 -6.19
N LEU B 25 11.52 10.89 -7.26
CA LEU B 25 12.02 12.05 -8.01
C LEU B 25 10.88 12.77 -8.76
N ILE B 26 9.90 12.04 -9.30
CA ILE B 26 8.73 12.59 -10.01
C ILE B 26 7.63 13.15 -9.08
N ASN B 27 6.53 13.60 -9.68
CA ASN B 27 5.43 14.33 -9.05
C ASN B 27 4.62 13.53 -7.99
N HIS B 28 4.57 12.20 -8.10
CA HIS B 28 3.81 11.31 -7.21
C HIS B 28 4.57 10.00 -6.90
N GLU B 29 4.48 9.54 -5.65
CA GLU B 29 5.20 8.38 -5.10
C GLU B 29 4.66 7.04 -5.64
N TYR B 30 4.98 6.75 -6.91
CA TYR B 30 4.27 5.79 -7.74
C TYR B 30 4.31 4.33 -7.27
N ALA B 31 5.43 3.87 -6.69
CA ALA B 31 5.56 2.57 -6.04
C ALA B 31 4.39 2.21 -5.12
N ILE B 32 3.92 3.15 -4.30
CA ILE B 32 2.78 2.94 -3.40
C ILE B 32 1.47 2.71 -4.18
N GLU B 33 1.28 3.44 -5.27
CA GLU B 33 0.16 3.18 -6.20
C GLU B 33 0.23 1.74 -6.72
N LEU B 34 1.44 1.27 -7.02
CA LEU B 34 1.67 -0.13 -7.38
C LEU B 34 1.28 -1.05 -6.23
N LEU B 35 1.70 -0.78 -4.99
CA LEU B 35 1.39 -1.61 -3.82
C LEU B 35 -0.11 -1.87 -3.68
N SER B 36 -0.94 -0.82 -3.64
CA SER B 36 -2.38 -1.02 -3.41
C SER B 36 -3.05 -1.72 -4.61
N SER B 37 -2.62 -1.34 -5.82
CA SER B 37 -3.08 -1.98 -7.05
C SER B 37 -2.72 -3.50 -7.06
N GLU B 38 -1.50 -3.81 -6.63
CA GLU B 38 -0.89 -5.13 -6.60
C GLU B 38 -1.60 -6.02 -5.57
N ILE B 39 -1.68 -5.58 -4.31
CA ILE B 39 -2.31 -6.37 -3.26
C ILE B 39 -3.75 -6.70 -3.60
N ASN B 40 -4.50 -5.75 -4.17
CA ASN B 40 -5.86 -6.09 -4.61
C ASN B 40 -5.90 -6.98 -5.87
N ASP B 41 -4.88 -6.94 -6.75
CA ASP B 41 -4.76 -7.89 -7.85
C ASP B 41 -4.61 -9.35 -7.33
N ILE B 42 -3.95 -9.56 -6.19
CA ILE B 42 -3.89 -10.89 -5.57
C ILE B 42 -5.22 -11.20 -4.86
N GLU B 43 -5.73 -10.29 -4.03
CA GLU B 43 -6.87 -10.53 -3.14
C GLU B 43 -8.20 -10.76 -3.87
N THR B 44 -8.45 -9.93 -4.88
CA THR B 44 -9.70 -9.93 -5.67
C THR B 44 -9.48 -10.05 -7.18
N GLY B 45 -8.32 -9.63 -7.72
CA GLY B 45 -7.95 -9.92 -9.12
C GLY B 45 -7.66 -11.40 -9.37
N THR B 46 -7.36 -12.16 -8.30
CA THR B 46 -7.06 -13.60 -8.31
C THR B 46 -5.86 -13.97 -9.19
N LYS B 47 -4.77 -13.19 -9.08
CA LYS B 47 -3.45 -13.52 -9.64
C LYS B 47 -2.94 -14.86 -9.07
N ASN B 48 -2.25 -15.65 -9.89
CA ASN B 48 -1.77 -17.00 -9.54
C ASN B 48 -0.44 -17.32 -10.23
N VAL B 49 0.60 -17.58 -9.42
CA VAL B 49 1.99 -17.89 -9.82
C VAL B 49 2.74 -18.47 -8.59
N ASP B 50 3.95 -18.95 -8.80
CA ASP B 50 4.99 -19.19 -7.77
C ASP B 50 5.35 -17.92 -6.97
N GLY B 51 6.41 -17.96 -6.16
CA GLY B 51 6.88 -16.86 -5.29
C GLY B 51 7.13 -15.51 -5.96
N THR B 52 7.05 -15.39 -7.28
CA THR B 52 7.09 -14.11 -8.02
C THR B 52 6.12 -13.09 -7.40
N THR B 53 4.80 -13.32 -7.41
CA THR B 53 3.83 -12.31 -6.94
C THR B 53 3.94 -12.02 -5.44
N TYR B 54 4.22 -13.07 -4.64
CA TYR B 54 4.56 -12.99 -3.22
C TYR B 54 5.71 -12.00 -3.01
N LYS B 55 6.83 -12.23 -3.70
CA LYS B 55 8.03 -11.45 -3.63
C LYS B 55 7.83 -10.01 -4.07
N LYS B 56 7.13 -9.71 -5.17
CA LYS B 56 6.76 -8.33 -5.54
C LYS B 56 6.00 -7.59 -4.41
N LEU B 57 5.01 -8.23 -3.78
CA LEU B 57 4.23 -7.51 -2.77
C LEU B 57 4.85 -7.49 -1.36
N VAL B 58 5.71 -8.45 -1.03
CA VAL B 58 6.49 -8.43 0.23
C VAL B 58 7.78 -7.60 0.09
N THR B 59 8.35 -7.48 -1.11
CA THR B 59 9.47 -6.55 -1.36
C THR B 59 9.00 -5.09 -1.26
N LEU B 60 7.76 -4.81 -1.71
CA LEU B 60 7.12 -3.49 -1.54
C LEU B 60 7.33 -2.99 -0.10
N TYR B 61 6.83 -3.73 0.89
CA TYR B 61 6.95 -3.39 2.32
C TYR B 61 8.42 -3.35 2.78
N ASP B 62 9.20 -4.34 2.31
CA ASP B 62 10.60 -4.57 2.70
C ASP B 62 11.53 -3.40 2.36
N ARG B 63 11.16 -2.52 1.39
CA ARG B 63 11.78 -1.18 1.31
C ARG B 63 10.85 0.00 1.64
N PHE B 64 9.55 -0.07 1.38
CA PHE B 64 8.62 1.04 1.62
C PHE B 64 8.67 1.56 3.06
N ARG B 65 8.55 0.67 4.06
CA ARG B 65 8.39 1.12 5.45
C ARG B 65 9.70 1.39 6.16
N PHE B 66 10.62 0.49 5.86
CA PHE B 66 12.02 0.50 6.28
C PHE B 66 12.90 1.60 5.65
N GLU B 67 12.98 1.69 4.31
CA GLU B 67 14.08 2.34 3.59
C GLU B 67 13.74 3.62 2.79
N ASN B 68 12.67 3.56 1.99
CA ASN B 68 12.24 4.62 1.08
C ASN B 68 10.77 5.06 1.27
N GLY A 1 -12.74 23.45 13.37
CA GLY A 1 -13.54 22.20 13.49
C GLY A 1 -12.66 21.00 13.76
N SER A 2 -13.08 20.11 14.65
CA SER A 2 -12.35 18.88 15.04
C SER A 2 -12.55 17.75 14.02
N HIS A 3 -11.59 16.82 13.97
CA HIS A 3 -11.61 15.61 13.12
C HIS A 3 -11.46 14.35 13.99
N MET A 4 -12.13 13.27 13.59
CA MET A 4 -12.06 11.93 14.19
C MET A 4 -11.64 10.91 13.13
N ARG A 5 -11.19 9.72 13.54
CA ARG A 5 -10.71 8.65 12.64
C ARG A 5 -11.24 7.29 13.04
N MET A 6 -11.52 6.44 12.06
CA MET A 6 -11.95 5.06 12.29
C MET A 6 -11.04 4.09 11.52
N SER A 7 -9.78 4.01 11.94
CA SER A 7 -8.82 3.08 11.35
C SER A 7 -9.12 1.65 11.85
N LEU A 8 -9.72 0.70 11.11
CA LEU A 8 -10.29 0.64 9.78
C LEU A 8 -11.67 -0.02 9.93
N ILE A 9 -12.66 0.41 9.14
CA ILE A 9 -14.02 -0.15 9.21
C ILE A 9 -14.21 -1.29 8.20
N GLY A 10 -13.53 -1.22 7.06
CA GLY A 10 -13.74 -2.09 5.89
C GLY A 10 -14.68 -1.50 4.82
N GLU A 11 -15.02 -0.20 4.94
CA GLU A 11 -15.77 0.59 3.94
C GLU A 11 -15.22 2.02 3.85
N ARG A 12 -15.47 2.83 4.90
CA ARG A 12 -14.95 4.19 5.12
C ARG A 12 -15.20 5.19 3.97
N PHE A 13 -16.45 5.37 3.59
CA PHE A 13 -16.83 6.32 2.54
C PHE A 13 -17.95 7.29 2.93
N THR A 14 -18.03 8.42 2.20
CA THR A 14 -18.66 9.71 2.56
C THR A 14 -18.84 10.01 4.06
N GLU A 15 -19.91 9.55 4.69
CA GLU A 15 -20.22 9.76 6.11
C GLU A 15 -19.25 8.99 7.05
N GLU A 16 -18.54 7.99 6.51
CA GLU A 16 -17.56 7.15 7.19
C GLU A 16 -16.13 7.40 6.67
N GLU A 17 -15.93 8.34 5.74
CA GLU A 17 -14.60 8.70 5.19
C GLU A 17 -13.66 9.33 6.22
N GLN A 18 -14.14 9.80 7.38
CA GLN A 18 -13.36 10.50 8.43
C GLN A 18 -12.01 9.86 8.74
N LYS A 19 -11.91 8.55 8.55
CA LYS A 19 -10.66 7.79 8.46
C LYS A 19 -9.65 8.47 7.52
N LEU A 20 -9.94 8.38 6.22
CA LEU A 20 -9.10 8.84 5.13
C LEU A 20 -9.02 10.36 5.11
N LEU A 21 -10.13 11.02 5.46
CA LEU A 21 -10.20 12.46 5.68
C LEU A 21 -9.15 12.82 6.74
N LEU A 22 -9.11 12.14 7.91
CA LEU A 22 -8.33 12.75 8.98
C LEU A 22 -6.86 12.61 8.56
N ASN A 23 -6.57 11.41 8.05
CA ASN A 23 -5.31 10.98 7.47
C ASN A 23 -4.76 11.86 6.34
N ILE A 24 -5.55 12.30 5.37
CA ILE A 24 -5.04 13.20 4.31
C ILE A 24 -4.87 14.64 4.81
N LEU A 25 -5.63 15.03 5.84
CA LEU A 25 -5.63 16.38 6.39
C LEU A 25 -4.43 16.63 7.33
N ILE A 26 -3.96 15.60 8.03
CA ILE A 26 -2.73 15.63 8.85
C ILE A 26 -1.44 15.55 8.00
N ASN A 27 -0.29 15.45 8.67
CA ASN A 27 1.06 15.54 8.08
C ASN A 27 1.40 14.46 7.03
N HIS A 28 0.84 13.24 7.13
CA HIS A 28 1.04 12.15 6.17
C HIS A 28 -0.24 11.31 5.97
N GLU A 29 -0.46 10.83 4.74
CA GLU A 29 -1.63 10.05 4.27
C GLU A 29 -1.66 8.61 4.83
N TYR A 30 -1.89 8.54 6.14
CA TYR A 30 -1.66 7.38 7.01
C TYR A 30 -2.39 6.08 6.63
N ALA A 31 -3.52 6.12 5.93
CA ALA A 31 -4.20 4.91 5.46
C ALA A 31 -3.27 3.94 4.72
N ILE A 32 -2.36 4.46 3.89
CA ILE A 32 -1.42 3.63 3.14
C ILE A 32 -0.36 2.94 4.02
N GLU A 33 0.02 3.54 5.15
CA GLU A 33 0.88 2.87 6.13
C GLU A 33 0.21 1.58 6.64
N LEU A 34 -1.10 1.66 6.93
CA LEU A 34 -1.91 0.50 7.26
C LEU A 34 -2.01 -0.47 6.08
N LEU A 35 -2.13 -0.02 4.83
CA LEU A 35 -2.23 -0.90 3.66
C LEU A 35 -1.00 -1.83 3.57
N SER A 36 0.22 -1.29 3.60
CA SER A 36 1.44 -2.10 3.50
C SER A 36 1.64 -3.02 4.73
N SER A 37 1.28 -2.49 5.91
CA SER A 37 1.31 -3.29 7.13
C SER A 37 0.33 -4.48 7.05
N GLU A 38 -0.89 -4.22 6.57
CA GLU A 38 -2.00 -5.17 6.44
C GLU A 38 -1.67 -6.26 5.42
N ILE A 39 -1.26 -5.87 4.22
CA ILE A 39 -0.95 -6.83 3.15
C ILE A 39 0.17 -7.77 3.57
N ASN A 40 1.21 -7.25 4.24
CA ASN A 40 2.23 -8.15 4.78
C ASN A 40 1.74 -8.99 5.98
N ASP A 41 0.75 -8.53 6.75
CA ASP A 41 0.07 -9.35 7.78
C ASP A 41 -0.63 -10.59 7.17
N ILE A 42 -1.13 -10.49 5.94
CA ILE A 42 -1.63 -11.66 5.20
C ILE A 42 -0.46 -12.49 4.63
N GLU A 43 0.45 -11.86 3.89
CA GLU A 43 1.45 -12.55 3.07
C GLU A 43 2.49 -13.32 3.89
N THR A 44 2.94 -12.70 4.98
CA THR A 44 3.97 -13.25 5.89
C THR A 44 3.52 -13.29 7.35
N GLY A 45 2.64 -12.39 7.80
CA GLY A 45 2.12 -12.41 9.18
C GLY A 45 1.19 -13.60 9.46
N THR A 46 0.71 -14.27 8.40
CA THR A 46 -0.23 -15.41 8.44
C THR A 46 -1.45 -15.11 9.31
N LYS A 47 -2.14 -14.01 8.98
CA LYS A 47 -3.28 -13.40 9.69
C LYS A 47 -4.23 -14.36 10.41
N ASN A 48 -4.79 -15.32 9.67
CA ASN A 48 -5.77 -16.33 10.11
C ASN A 48 -6.99 -15.71 10.84
N VAL A 49 -7.81 -14.99 10.06
CA VAL A 49 -9.13 -14.46 10.43
C VAL A 49 -10.09 -14.58 9.24
N ASP A 50 -11.40 -14.48 9.50
CA ASP A 50 -12.47 -14.38 8.50
C ASP A 50 -12.38 -13.07 7.67
N GLY A 51 -13.38 -12.77 6.83
CA GLY A 51 -13.42 -11.63 5.90
C GLY A 51 -13.11 -10.23 6.42
N THR A 52 -12.94 -10.05 7.73
CA THR A 52 -12.43 -8.82 8.35
C THR A 52 -11.19 -8.29 7.63
N THR A 53 -10.06 -9.00 7.67
CA THR A 53 -8.78 -8.51 7.12
C THR A 53 -8.78 -8.46 5.59
N TYR A 54 -9.50 -9.39 4.95
CA TYR A 54 -9.80 -9.37 3.52
C TYR A 54 -10.42 -8.05 3.12
N LYS A 55 -11.53 -7.69 3.79
CA LYS A 55 -12.29 -6.49 3.57
C LYS A 55 -11.47 -5.24 3.85
N LYS A 56 -10.72 -5.18 4.96
CA LYS A 56 -9.74 -4.08 5.20
C LYS A 56 -8.77 -3.93 4.02
N LEU A 57 -8.17 -5.00 3.52
CA LEU A 57 -7.16 -4.97 2.45
C LEU A 57 -7.76 -4.59 1.09
N VAL A 58 -8.94 -5.11 0.77
CA VAL A 58 -9.61 -4.82 -0.51
C VAL A 58 -10.33 -3.47 -0.49
N THR A 59 -10.76 -2.98 0.69
CA THR A 59 -11.31 -1.62 0.81
C THR A 59 -10.24 -0.53 0.65
N LEU A 60 -9.01 -0.84 1.11
CA LEU A 60 -7.84 0.05 0.97
C LEU A 60 -7.71 0.51 -0.48
N TYR A 61 -7.64 -0.43 -1.44
CA TYR A 61 -7.63 -0.06 -2.88
C TYR A 61 -8.98 0.52 -3.32
N ASP A 62 -10.10 -0.02 -2.82
CA ASP A 62 -11.44 0.44 -3.19
C ASP A 62 -11.65 1.93 -2.92
N ARG A 63 -10.83 2.59 -2.05
CA ARG A 63 -10.80 4.07 -2.00
C ARG A 63 -9.45 4.73 -2.31
N PHE A 64 -8.30 4.08 -2.15
CA PHE A 64 -7.00 4.66 -2.54
C PHE A 64 -6.85 4.79 -4.08
N ARG A 65 -7.14 3.73 -4.84
CA ARG A 65 -7.00 3.68 -6.30
C ARG A 65 -8.03 4.55 -7.01
N PHE A 66 -9.21 4.62 -6.40
CA PHE A 66 -10.39 5.36 -6.87
C PHE A 66 -10.56 6.80 -6.34
N GLU A 67 -10.72 6.98 -5.02
CA GLU A 67 -11.37 8.16 -4.41
C GLU A 67 -10.44 9.17 -3.70
N ASN A 68 -9.46 8.66 -2.94
CA ASN A 68 -8.52 9.41 -2.11
C ASN A 68 -7.04 9.12 -2.51
N GLY B 1 22.43 11.64 -10.70
CA GLY B 1 22.20 11.44 -12.15
C GLY B 1 21.78 10.01 -12.46
N SER B 2 21.42 9.75 -13.73
CA SER B 2 21.06 8.42 -14.26
C SER B 2 19.93 7.71 -13.48
N HIS B 3 18.85 8.44 -13.19
CA HIS B 3 17.70 7.98 -12.38
C HIS B 3 16.74 7.03 -13.14
N MET B 4 17.27 6.07 -13.91
CA MET B 4 16.48 5.15 -14.73
C MET B 4 15.73 4.14 -13.86
N ARG B 5 14.47 4.44 -13.54
CA ARG B 5 13.60 3.65 -12.63
C ARG B 5 13.47 2.20 -13.05
N MET B 6 13.37 1.29 -12.06
CA MET B 6 13.11 -0.13 -12.32
C MET B 6 11.86 -0.59 -11.57
N SER B 7 10.70 -0.18 -12.10
CA SER B 7 9.41 -0.63 -11.58
C SER B 7 9.11 -2.04 -12.10
N LEU B 8 9.24 -3.16 -11.38
CA LEU B 8 9.67 -3.50 -10.03
C LEU B 8 10.61 -4.70 -10.15
N ILE B 9 11.70 -4.74 -9.38
CA ILE B 9 12.71 -5.82 -9.48
C ILE B 9 12.37 -7.01 -8.55
N GLY B 10 11.76 -6.72 -7.39
CA GLY B 10 11.53 -7.69 -6.31
C GLY B 10 12.61 -7.68 -5.22
N GLU B 11 13.51 -6.69 -5.25
CA GLU B 11 14.46 -6.36 -4.17
C GLU B 11 14.57 -4.84 -4.04
N ARG B 12 15.11 -4.18 -5.08
CA ARG B 12 15.36 -2.73 -5.15
C ARG B 12 16.11 -2.17 -3.93
N PHE B 13 17.08 -2.94 -3.44
CA PHE B 13 17.96 -2.61 -2.32
C PHE B 13 18.79 -1.34 -2.57
N THR B 14 19.47 -0.78 -1.57
CA THR B 14 20.16 0.54 -1.63
C THR B 14 20.90 0.88 -2.95
N GLU B 15 21.65 -0.04 -3.57
CA GLU B 15 22.30 0.18 -4.89
C GLU B 15 21.34 0.07 -6.09
N GLU B 16 20.30 -0.78 -5.96
CA GLU B 16 19.20 -0.99 -6.91
C GLU B 16 17.96 -0.12 -6.57
N GLU B 17 18.09 0.83 -5.65
CA GLU B 17 17.00 1.70 -5.17
C GLU B 17 16.48 2.70 -6.21
N GLN B 18 17.17 2.89 -7.35
CA GLN B 18 16.82 3.89 -8.40
C GLN B 18 15.32 3.94 -8.75
N LYS B 19 14.63 2.82 -8.58
CA LYS B 19 13.17 2.71 -8.52
C LYS B 19 12.53 3.75 -7.58
N LEU B 20 12.76 3.56 -6.29
CA LEU B 20 12.21 4.31 -5.16
C LEU B 20 12.76 5.75 -5.17
N LEU B 21 14.01 5.86 -5.60
CA LEU B 21 14.79 7.08 -5.85
C LEU B 21 14.15 7.92 -6.94
N LEU B 22 13.67 7.33 -8.06
CA LEU B 22 13.10 8.19 -9.11
C LEU B 22 11.72 8.64 -8.61
N ASN B 23 11.01 7.70 -8.00
CA ASN B 23 9.71 7.88 -7.42
C ASN B 23 9.63 8.94 -6.30
N ILE B 24 10.67 9.14 -5.47
CA ILE B 24 10.73 10.28 -4.55
C ILE B 24 11.22 11.58 -5.21
N LEU B 25 12.04 11.48 -6.26
CA LEU B 25 12.62 12.62 -6.95
C LEU B 25 11.60 13.40 -7.83
N ILE B 26 10.60 12.71 -8.39
CA ILE B 26 9.52 13.31 -9.21
C ILE B 26 8.39 13.97 -8.38
N ASN B 27 7.32 14.37 -9.08
CA ASN B 27 6.17 15.16 -8.58
C ASN B 27 5.57 14.66 -7.25
N HIS B 28 5.39 13.34 -7.11
CA HIS B 28 4.94 12.68 -5.88
C HIS B 28 5.46 11.23 -5.80
N GLU B 29 5.45 10.68 -4.58
CA GLU B 29 5.84 9.28 -4.31
C GLU B 29 4.93 8.28 -5.04
N TYR B 30 5.50 7.20 -5.58
CA TYR B 30 4.84 6.38 -6.62
C TYR B 30 4.85 4.86 -6.38
N ALA B 31 5.87 4.27 -5.72
CA ALA B 31 5.93 2.83 -5.44
C ALA B 31 4.63 2.31 -4.78
N ILE B 32 4.04 3.11 -3.91
CA ILE B 32 2.78 2.81 -3.21
C ILE B 32 1.62 2.61 -4.19
N GLU B 33 1.55 3.40 -5.26
CA GLU B 33 0.49 3.26 -6.26
C GLU B 33 0.51 1.86 -6.89
N LEU B 34 1.72 1.40 -7.20
CA LEU B 34 1.95 0.03 -7.63
C LEU B 34 1.54 -0.97 -6.56
N LEU B 35 1.85 -0.75 -5.27
CA LEU B 35 1.48 -1.69 -4.20
C LEU B 35 -0.03 -1.94 -4.16
N SER B 36 -0.86 -0.90 -4.09
CA SER B 36 -2.31 -1.05 -3.96
C SER B 36 -2.94 -1.65 -5.23
N SER B 37 -2.41 -1.23 -6.39
CA SER B 37 -2.82 -1.81 -7.68
C SER B 37 -2.49 -3.32 -7.72
N GLU B 38 -1.29 -3.69 -7.26
CA GLU B 38 -0.75 -5.04 -7.27
C GLU B 38 -1.49 -5.96 -6.30
N ILE B 39 -1.63 -5.55 -5.04
CA ILE B 39 -2.32 -6.35 -4.03
C ILE B 39 -3.76 -6.64 -4.43
N ASN B 40 -4.46 -5.64 -5.00
CA ASN B 40 -5.80 -5.94 -5.54
C ASN B 40 -5.76 -6.79 -6.83
N ASP B 41 -4.69 -6.73 -7.63
CA ASP B 41 -4.52 -7.62 -8.78
C ASP B 41 -4.35 -9.10 -8.36
N ILE B 42 -3.88 -9.37 -7.14
CA ILE B 42 -3.92 -10.71 -6.53
C ILE B 42 -5.31 -10.99 -5.94
N GLU B 43 -5.83 -10.10 -5.08
CA GLU B 43 -7.03 -10.36 -4.26
C GLU B 43 -8.32 -10.52 -5.08
N THR B 44 -8.46 -9.68 -6.10
CA THR B 44 -9.62 -9.67 -7.02
C THR B 44 -9.23 -9.86 -8.49
N GLY B 45 -8.04 -9.41 -8.93
CA GLY B 45 -7.57 -9.68 -10.30
C GLY B 45 -7.23 -11.17 -10.55
N THR B 46 -6.88 -11.89 -9.47
CA THR B 46 -6.54 -13.32 -9.42
C THR B 46 -5.37 -13.69 -10.33
N LYS B 47 -4.40 -12.78 -10.39
CA LYS B 47 -3.25 -12.82 -11.29
C LYS B 47 -2.24 -13.92 -10.90
N ASN B 48 -1.85 -13.95 -9.61
CA ASN B 48 -1.15 -15.03 -8.89
C ASN B 48 -0.28 -15.98 -9.75
N VAL B 49 0.79 -15.44 -10.35
CA VAL B 49 1.81 -16.23 -11.11
C VAL B 49 2.74 -17.00 -10.16
N ASP B 50 3.90 -17.42 -10.67
CA ASP B 50 5.09 -17.79 -9.88
C ASP B 50 5.51 -16.74 -8.82
N GLY B 51 6.50 -17.06 -7.97
CA GLY B 51 7.03 -16.16 -6.93
C GLY B 51 7.48 -14.77 -7.36
N THR B 52 7.53 -14.47 -8.65
CA THR B 52 7.67 -13.12 -9.19
C THR B 52 6.71 -12.15 -8.50
N THR B 53 5.40 -12.34 -8.62
CA THR B 53 4.43 -11.35 -8.12
C THR B 53 4.33 -11.33 -6.59
N TYR B 54 4.55 -12.50 -5.96
CA TYR B 54 4.73 -12.62 -4.51
C TYR B 54 5.85 -11.71 -4.03
N LYS B 55 7.04 -11.88 -4.65
CA LYS B 55 8.22 -11.14 -4.34
C LYS B 55 8.07 -9.64 -4.59
N LYS B 56 7.45 -9.19 -5.68
CA LYS B 56 7.07 -7.77 -5.87
C LYS B 56 6.25 -7.25 -4.67
N LEU B 57 5.19 -7.96 -4.28
CA LEU B 57 4.24 -7.52 -3.24
C LEU B 57 4.84 -7.55 -1.83
N VAL B 58 5.69 -8.53 -1.54
CA VAL B 58 6.37 -8.64 -0.24
C VAL B 58 7.63 -7.75 -0.16
N THR B 59 8.27 -7.45 -1.29
CA THR B 59 9.39 -6.48 -1.30
C THR B 59 8.91 -5.03 -1.05
N LEU B 60 7.71 -4.70 -1.55
CA LEU B 60 7.06 -3.40 -1.30
C LEU B 60 7.15 -3.04 0.18
N TYR B 61 6.62 -3.90 1.06
CA TYR B 61 6.71 -3.68 2.54
C TYR B 61 8.15 -3.84 3.06
N ASP B 62 8.92 -4.79 2.49
CA ASP B 62 10.32 -5.03 2.87
C ASP B 62 11.20 -3.76 2.74
N ARG B 63 10.76 -2.74 1.97
CA ARG B 63 11.37 -1.39 2.02
C ARG B 63 10.49 -0.26 2.52
N PHE B 64 9.23 -0.27 2.13
CA PHE B 64 8.25 0.76 2.54
C PHE B 64 8.08 0.84 4.08
N ARG B 65 7.87 -0.29 4.77
CA ARG B 65 7.64 -0.36 6.22
C ARG B 65 8.91 -0.15 7.03
N PHE B 66 10.01 -0.66 6.47
CA PHE B 66 11.36 -0.64 7.05
C PHE B 66 12.18 0.64 6.80
N GLU B 67 12.44 0.98 5.52
CA GLU B 67 13.49 1.95 5.13
C GLU B 67 12.95 3.32 4.70
N ASN B 68 11.96 3.33 3.81
CA ASN B 68 11.45 4.50 3.09
C ASN B 68 9.95 4.77 3.35
N GLY A 1 -5.94 23.25 13.61
CA GLY A 1 -6.30 22.23 14.62
C GLY A 1 -6.14 20.82 14.07
N SER A 2 -6.92 19.87 14.60
CA SER A 2 -6.88 18.44 14.25
C SER A 2 -8.27 17.78 14.36
N HIS A 3 -8.39 16.52 13.93
CA HIS A 3 -9.62 15.71 13.98
C HIS A 3 -9.35 14.32 14.59
N MET A 4 -10.41 13.64 15.07
CA MET A 4 -10.35 12.24 15.49
C MET A 4 -10.11 11.29 14.32
N ARG A 5 -9.42 10.16 14.58
CA ARG A 5 -9.11 9.08 13.63
C ARG A 5 -9.52 7.72 14.21
N MET A 6 -9.87 6.78 13.33
CA MET A 6 -10.32 5.43 13.74
C MET A 6 -9.46 4.26 13.24
N SER A 7 -8.31 4.58 12.65
CA SER A 7 -7.36 3.65 12.03
C SER A 7 -7.98 2.70 11.00
N LEU A 8 -8.42 1.48 11.33
CA LEU A 8 -9.03 0.57 10.33
C LEU A 8 -10.33 -0.03 10.84
N ILE A 9 -11.44 0.54 10.40
CA ILE A 9 -12.82 0.12 10.74
C ILE A 9 -13.28 -1.06 9.88
N GLY A 10 -12.86 -1.07 8.61
CA GLY A 10 -13.23 -2.09 7.60
C GLY A 10 -14.30 -1.64 6.58
N GLU A 11 -14.77 -0.38 6.63
CA GLU A 11 -15.58 0.26 5.56
C GLU A 11 -15.21 1.74 5.35
N ARG A 12 -15.04 2.48 6.47
CA ARG A 12 -14.61 3.88 6.56
C ARG A 12 -15.30 4.87 5.62
N PHE A 13 -16.62 4.80 5.56
CA PHE A 13 -17.37 5.29 4.43
C PHE A 13 -18.17 6.56 4.71
N THR A 14 -17.70 7.68 4.14
CA THR A 14 -18.26 9.05 4.17
C THR A 14 -18.56 9.59 5.58
N GLU A 15 -19.57 9.07 6.27
CA GLU A 15 -19.81 9.30 7.70
C GLU A 15 -18.71 8.67 8.59
N GLU A 16 -18.06 7.59 8.13
CA GLU A 16 -16.97 6.90 8.86
C GLU A 16 -15.58 7.20 8.25
N GLU A 17 -15.51 8.16 7.32
CA GLU A 17 -14.28 8.57 6.62
C GLU A 17 -13.26 9.35 7.48
N GLN A 18 -13.62 9.82 8.68
CA GLN A 18 -12.79 10.67 9.56
C GLN A 18 -11.33 10.25 9.67
N LYS A 19 -11.08 8.95 9.55
CA LYS A 19 -9.76 8.34 9.37
C LYS A 19 -8.99 8.95 8.19
N LEU A 20 -9.52 8.76 6.99
CA LEU A 20 -8.95 9.11 5.69
C LEU A 20 -8.95 10.63 5.53
N LEU A 21 -9.98 11.27 6.06
CA LEU A 21 -10.06 12.73 6.26
C LEU A 21 -8.86 13.18 7.08
N LEU A 22 -8.60 12.56 8.24
CA LEU A 22 -7.67 13.21 9.18
C LEU A 22 -6.29 13.14 8.53
N ASN A 23 -6.01 11.95 8.00
CA ASN A 23 -4.82 11.55 7.27
C ASN A 23 -4.52 12.40 6.03
N ILE A 24 -5.51 12.82 5.25
CA ILE A 24 -5.26 13.78 4.14
C ILE A 24 -5.10 15.23 4.63
N LEU A 25 -5.72 15.56 5.77
CA LEU A 25 -5.73 16.90 6.33
C LEU A 25 -4.39 17.26 7.03
N ILE A 26 -3.70 16.25 7.59
CA ILE A 26 -2.34 16.38 8.16
C ILE A 26 -1.23 16.41 7.09
N ASN A 27 0.03 16.40 7.54
CA ASN A 27 1.23 16.64 6.73
C ASN A 27 1.47 15.65 5.55
N HIS A 28 1.03 14.39 5.66
CA HIS A 28 1.03 13.42 4.55
C HIS A 28 -0.08 12.36 4.69
N GLU A 29 -0.55 11.82 3.57
CA GLU A 29 -1.61 10.80 3.54
C GLU A 29 -1.15 9.46 4.14
N TYR A 30 -1.65 9.16 5.34
CA TYR A 30 -1.08 8.14 6.21
C TYR A 30 -1.70 6.73 6.08
N ALA A 31 -2.96 6.59 5.62
CA ALA A 31 -3.65 5.32 5.48
C ALA A 31 -2.82 4.24 4.74
N ILE A 32 -2.02 4.66 3.76
CA ILE A 32 -1.16 3.77 2.96
C ILE A 32 -0.07 3.08 3.83
N GLU A 33 0.49 3.77 4.82
CA GLU A 33 1.45 3.14 5.77
C GLU A 33 0.83 1.90 6.41
N LEU A 34 -0.45 2.01 6.80
CA LEU A 34 -1.23 0.91 7.32
C LEU A 34 -1.42 -0.18 6.27
N LEU A 35 -1.78 0.15 5.01
CA LEU A 35 -1.91 -0.83 3.93
C LEU A 35 -0.67 -1.72 3.80
N SER A 36 0.51 -1.11 3.63
CA SER A 36 1.74 -1.86 3.35
C SER A 36 2.17 -2.73 4.54
N SER A 37 2.01 -2.16 5.75
CA SER A 37 2.27 -2.89 6.97
C SER A 37 1.31 -4.10 7.10
N GLU A 38 0.03 -3.88 6.81
CA GLU A 38 -1.07 -4.85 6.92
C GLU A 38 -0.87 -6.01 5.93
N ILE A 39 -0.69 -5.70 4.66
CA ILE A 39 -0.52 -6.72 3.61
C ILE A 39 0.71 -7.58 3.86
N ASN A 40 1.83 -6.98 4.31
CA ASN A 40 2.97 -7.82 4.69
C ASN A 40 2.76 -8.61 6.00
N ASP A 41 1.89 -8.15 6.91
CA ASP A 41 1.47 -8.94 8.07
C ASP A 41 0.69 -10.21 7.64
N ILE A 42 -0.03 -10.16 6.52
CA ILE A 42 -0.64 -11.38 5.95
C ILE A 42 0.41 -12.21 5.21
N GLU A 43 1.24 -11.60 4.36
CA GLU A 43 2.16 -12.31 3.47
C GLU A 43 3.30 -13.03 4.21
N THR A 44 3.97 -12.30 5.10
CA THR A 44 5.13 -12.78 5.87
C THR A 44 4.90 -12.79 7.39
N GLY A 45 4.02 -11.93 7.92
CA GLY A 45 3.59 -12.02 9.33
C GLY A 45 2.68 -13.23 9.60
N THR A 46 2.12 -13.82 8.54
CA THR A 46 1.17 -14.96 8.53
C THR A 46 -0.09 -14.75 9.38
N LYS A 47 -0.59 -13.50 9.42
CA LYS A 47 -1.88 -13.16 10.04
C LYS A 47 -3.03 -13.82 9.28
N ASN A 48 -3.95 -14.43 10.02
CA ASN A 48 -5.12 -15.18 9.54
C ASN A 48 -6.20 -15.17 10.65
N VAL A 49 -7.33 -14.49 10.43
CA VAL A 49 -8.43 -14.37 11.40
C VAL A 49 -9.81 -14.52 10.73
N ASP A 50 -10.88 -14.27 11.50
CA ASP A 50 -12.31 -14.34 11.17
C ASP A 50 -12.85 -13.32 10.12
N GLY A 51 -12.05 -13.02 9.11
CA GLY A 51 -12.31 -12.00 8.08
C GLY A 51 -12.00 -10.56 8.50
N THR A 52 -11.67 -10.31 9.77
CA THR A 52 -11.32 -8.96 10.23
C THR A 52 -10.10 -8.42 9.49
N THR A 53 -8.94 -9.09 9.55
CA THR A 53 -7.71 -8.61 8.87
C THR A 53 -7.83 -8.59 7.34
N TYR A 54 -8.59 -9.54 6.78
CA TYR A 54 -9.01 -9.56 5.37
C TYR A 54 -9.74 -8.27 5.01
N LYS A 55 -10.83 -7.99 5.72
CA LYS A 55 -11.67 -6.83 5.53
C LYS A 55 -10.90 -5.53 5.70
N LYS A 56 -10.03 -5.37 6.69
CA LYS A 56 -9.11 -4.22 6.82
C LYS A 56 -8.29 -4.03 5.51
N LEU A 57 -7.60 -5.05 5.00
CA LEU A 57 -6.73 -4.85 3.84
C LEU A 57 -7.45 -4.77 2.49
N VAL A 58 -8.64 -5.37 2.37
CA VAL A 58 -9.46 -5.24 1.16
C VAL A 58 -10.27 -3.94 1.19
N THR A 59 -10.60 -3.39 2.37
CA THR A 59 -11.21 -2.06 2.47
C THR A 59 -10.22 -0.96 2.08
N LEU A 60 -8.93 -1.16 2.37
CA LEU A 60 -7.86 -0.22 1.97
C LEU A 60 -8.02 0.17 0.50
N TYR A 61 -8.01 -0.80 -0.41
CA TYR A 61 -8.23 -0.54 -1.84
C TYR A 61 -9.66 -0.07 -2.11
N ASP A 62 -10.65 -0.66 -1.42
CA ASP A 62 -12.06 -0.29 -1.59
C ASP A 62 -12.33 1.20 -1.35
N ARG A 63 -11.43 1.95 -0.67
CA ARG A 63 -11.42 3.43 -0.74
C ARG A 63 -10.21 4.05 -1.45
N PHE A 64 -8.99 3.54 -1.31
CA PHE A 64 -7.79 4.13 -1.91
C PHE A 64 -7.86 4.18 -3.45
N ARG A 65 -8.35 3.10 -4.09
CA ARG A 65 -8.47 2.96 -5.54
C ARG A 65 -9.69 3.69 -6.11
N PHE A 66 -10.76 3.69 -5.33
CA PHE A 66 -12.09 4.23 -5.69
C PHE A 66 -12.46 5.61 -5.09
N GLU A 67 -12.58 5.70 -3.76
CA GLU A 67 -13.13 6.86 -3.02
C GLU A 67 -12.20 8.08 -2.95
N ASN A 68 -10.94 7.82 -2.63
CA ASN A 68 -9.90 8.81 -2.29
C ASN A 68 -9.30 9.50 -3.54
N GLY B 1 19.11 15.19 -17.08
CA GLY B 1 19.10 13.78 -17.55
C GLY B 1 17.70 13.19 -17.53
N SER B 2 17.47 12.15 -18.34
CA SER B 2 16.21 11.40 -18.41
C SER B 2 16.09 10.32 -17.32
N HIS B 3 14.86 9.89 -17.02
CA HIS B 3 14.54 8.92 -15.96
C HIS B 3 13.63 7.80 -16.52
N MET B 4 14.09 6.55 -16.39
CA MET B 4 13.42 5.34 -16.88
C MET B 4 12.67 4.61 -15.76
N ARG B 5 11.72 3.73 -16.08
CA ARG B 5 10.97 2.91 -15.12
C ARG B 5 10.92 1.44 -15.50
N MET B 6 10.91 0.56 -14.50
CA MET B 6 10.85 -0.89 -14.67
C MET B 6 9.65 -1.58 -14.00
N SER B 7 8.67 -0.79 -13.56
CA SER B 7 7.47 -1.16 -12.81
C SER B 7 7.72 -2.11 -11.62
N LEU B 8 7.60 -3.43 -11.74
CA LEU B 8 7.78 -4.36 -10.61
C LEU B 8 8.82 -5.43 -10.97
N ILE B 9 10.11 -5.13 -10.74
CA ILE B 9 11.19 -6.11 -10.91
C ILE B 9 11.09 -7.23 -9.87
N GLY B 10 10.69 -6.87 -8.63
CA GLY B 10 10.72 -7.75 -7.46
C GLY B 10 11.91 -7.49 -6.51
N GLU B 11 12.76 -6.49 -6.80
CA GLU B 11 13.80 -5.97 -5.88
C GLU B 11 13.84 -4.43 -5.94
N ARG B 12 14.12 -3.88 -7.12
CA ARG B 12 14.20 -2.42 -7.43
C ARG B 12 15.14 -1.63 -6.50
N PHE B 13 16.30 -2.21 -6.23
CA PHE B 13 17.12 -1.88 -5.06
C PHE B 13 18.30 -0.97 -5.41
N THR B 14 18.22 0.29 -4.97
CA THR B 14 19.21 1.38 -5.11
C THR B 14 19.76 1.61 -6.53
N GLU B 15 20.60 0.71 -7.04
CA GLU B 15 21.01 0.65 -8.45
C GLU B 15 19.83 0.35 -9.39
N GLU B 16 18.83 -0.43 -8.94
CA GLU B 16 17.62 -0.77 -9.70
C GLU B 16 16.40 0.06 -9.27
N GLU B 17 16.61 1.08 -8.43
CA GLU B 17 15.56 1.97 -7.90
C GLU B 17 14.92 2.92 -8.94
N GLN B 18 15.47 3.05 -10.17
CA GLN B 18 15.00 4.04 -11.18
C GLN B 18 13.47 4.11 -11.32
N LYS B 19 12.80 2.99 -11.08
CA LYS B 19 11.36 2.88 -10.87
C LYS B 19 10.81 3.90 -9.86
N LEU B 20 11.19 3.73 -8.61
CA LEU B 20 10.72 4.46 -7.43
C LEU B 20 11.21 5.90 -7.51
N LEU B 21 12.43 6.07 -8.00
CA LEU B 21 13.10 7.29 -8.42
C LEU B 21 12.24 8.10 -9.39
N LEU B 22 11.66 7.48 -10.42
CA LEU B 22 10.90 8.28 -11.38
C LEU B 22 9.58 8.69 -10.73
N ASN B 23 8.97 7.72 -10.08
CA ASN B 23 7.70 7.81 -9.38
C ASN B 23 7.68 8.85 -8.27
N ILE B 24 8.76 8.99 -7.51
CA ILE B 24 8.89 10.07 -6.50
C ILE B 24 9.26 11.42 -7.11
N LEU B 25 9.98 11.43 -8.25
CA LEU B 25 10.37 12.65 -8.94
C LEU B 25 9.20 13.37 -9.64
N ILE B 26 8.20 12.62 -10.11
CA ILE B 26 6.99 13.17 -10.77
C ILE B 26 5.87 13.60 -9.78
N ASN B 27 4.70 13.92 -10.34
CA ASN B 27 3.52 14.50 -9.68
C ASN B 27 2.99 13.71 -8.47
N HIS B 28 3.05 12.37 -8.53
CA HIS B 28 2.53 11.46 -7.51
C HIS B 28 3.34 10.16 -7.39
N GLU B 29 3.46 9.63 -6.18
CA GLU B 29 4.26 8.45 -5.79
C GLU B 29 3.64 7.13 -6.31
N TYR B 30 3.73 6.94 -7.63
CA TYR B 30 2.95 5.98 -8.41
C TYR B 30 3.09 4.50 -8.00
N ALA B 31 4.28 4.06 -7.59
CA ALA B 31 4.55 2.78 -6.96
C ALA B 31 3.46 2.32 -5.96
N ILE B 32 3.00 3.22 -5.09
CA ILE B 32 1.96 2.92 -4.09
C ILE B 32 0.60 2.63 -4.74
N GLU B 33 0.26 3.37 -5.80
CA GLU B 33 -0.92 3.07 -6.61
C GLU B 33 -0.85 1.65 -7.18
N LEU B 34 0.36 1.25 -7.64
CA LEU B 34 0.62 -0.13 -8.02
C LEU B 34 0.36 -1.07 -6.85
N LEU B 35 0.87 -0.80 -5.64
CA LEU B 35 0.70 -1.66 -4.46
C LEU B 35 -0.78 -1.99 -4.20
N SER B 36 -1.66 -0.98 -4.06
CA SER B 36 -3.07 -1.23 -3.74
C SER B 36 -3.80 -1.95 -4.89
N SER B 37 -3.49 -1.57 -6.13
CA SER B 37 -4.06 -2.23 -7.31
C SER B 37 -3.63 -3.71 -7.37
N GLU B 38 -2.35 -3.97 -7.07
CA GLU B 38 -1.69 -5.28 -7.08
C GLU B 38 -2.27 -6.19 -5.99
N ILE B 39 -2.24 -5.75 -4.74
CA ILE B 39 -2.74 -6.54 -3.62
C ILE B 39 -4.19 -6.94 -3.81
N ASN B 40 -5.04 -6.01 -4.29
CA ASN B 40 -6.43 -6.40 -4.56
C ASN B 40 -6.59 -7.31 -5.79
N ASP B 41 -5.70 -7.22 -6.79
CA ASP B 41 -5.73 -8.16 -7.93
C ASP B 41 -5.37 -9.59 -7.49
N ILE B 42 -4.61 -9.75 -6.39
CA ILE B 42 -4.34 -11.08 -5.79
C ILE B 42 -5.48 -11.49 -4.86
N GLU B 43 -5.91 -10.59 -3.97
CA GLU B 43 -6.87 -10.88 -2.89
C GLU B 43 -8.29 -11.20 -3.38
N THR B 44 -8.75 -10.42 -4.35
CA THR B 44 -10.10 -10.55 -4.97
C THR B 44 -10.06 -10.75 -6.49
N GLY B 45 -9.08 -10.18 -7.19
CA GLY B 45 -8.88 -10.45 -8.62
C GLY B 45 -8.45 -11.90 -8.92
N THR B 46 -7.92 -12.59 -7.90
CA THR B 46 -7.50 -14.00 -7.92
C THR B 46 -6.45 -14.34 -9.00
N LYS B 47 -5.43 -13.49 -9.13
CA LYS B 47 -4.17 -13.84 -9.81
C LYS B 47 -3.49 -15.04 -9.12
N ASN B 48 -2.84 -15.92 -9.89
CA ASN B 48 -2.20 -17.14 -9.41
C ASN B 48 -0.90 -17.45 -10.16
N VAL B 49 0.20 -17.59 -9.42
CA VAL B 49 1.58 -17.88 -9.89
C VAL B 49 2.43 -18.34 -8.69
N ASP B 50 3.65 -18.85 -8.95
CA ASP B 50 4.71 -19.07 -7.96
C ASP B 50 5.25 -17.74 -7.38
N GLY B 51 6.43 -17.74 -6.74
CA GLY B 51 6.99 -16.60 -5.99
C GLY B 51 7.12 -15.26 -6.69
N THR B 52 6.87 -15.19 -8.00
CA THR B 52 6.73 -13.94 -8.75
C THR B 52 5.81 -12.95 -8.03
N THR B 53 4.51 -13.24 -7.87
CA THR B 53 3.56 -12.27 -7.29
C THR B 53 3.81 -12.00 -5.80
N TYR B 54 4.22 -13.05 -5.07
CA TYR B 54 4.71 -12.95 -3.69
C TYR B 54 5.77 -11.86 -3.57
N LYS B 55 6.82 -11.98 -4.40
CA LYS B 55 7.95 -11.09 -4.46
C LYS B 55 7.58 -9.67 -4.87
N LYS B 56 6.76 -9.45 -5.90
CA LYS B 56 6.25 -8.09 -6.24
C LYS B 56 5.53 -7.42 -5.04
N LEU B 57 4.68 -8.17 -4.34
CA LEU B 57 3.89 -7.66 -3.21
C LEU B 57 4.74 -7.40 -1.97
N VAL B 58 5.66 -8.30 -1.65
CA VAL B 58 6.54 -8.16 -0.47
C VAL B 58 7.69 -7.19 -0.73
N THR B 59 8.15 -7.04 -1.98
CA THR B 59 9.14 -6.01 -2.34
C THR B 59 8.55 -4.59 -2.22
N LEU B 60 7.25 -4.43 -2.59
CA LEU B 60 6.54 -3.15 -2.42
C LEU B 60 6.76 -2.58 -1.01
N TYR B 61 6.36 -3.32 0.02
CA TYR B 61 6.54 -2.91 1.44
C TYR B 61 8.03 -2.79 1.82
N ASP B 62 8.82 -3.77 1.35
CA ASP B 62 10.25 -3.91 1.68
C ASP B 62 11.10 -2.72 1.21
N ARG B 63 10.62 -1.90 0.24
CA ARG B 63 11.16 -0.54 0.06
C ARG B 63 10.23 0.60 0.43
N PHE B 64 8.91 0.51 0.27
CA PHE B 64 7.98 1.61 0.56
C PHE B 64 8.16 2.16 1.99
N ARG B 65 8.13 1.27 3.01
CA ARG B 65 8.02 1.75 4.41
C ARG B 65 9.36 2.12 5.02
N PHE B 66 10.30 1.26 4.70
CA PHE B 66 11.73 1.38 5.00
C PHE B 66 12.42 2.57 4.31
N GLU B 67 12.28 2.68 2.98
CA GLU B 67 13.02 3.63 2.12
C GLU B 67 12.13 4.64 1.38
N ASN B 68 11.61 4.22 0.23
CA ASN B 68 10.81 4.98 -0.73
C ASN B 68 9.98 4.08 -1.65
#